data_8S9J
#
_entry.id   8S9J
#
_cell.length_a   313.042
_cell.length_b   313.042
_cell.length_c   185.672
_cell.angle_alpha   90.00
_cell.angle_beta   90.00
_cell.angle_gamma   90.00
#
_symmetry.space_group_name_H-M   'I 41 2 2'
#
loop_
_entity.id
_entity.type
_entity.pdbx_description
1 polymer 'Fluorophosphonate-binding serine hydrolase A'
2 non-polymer 'SULFATE ION'
3 water water
#
_entity_poly.entity_id   1
_entity_poly.type   'polypeptide(L)'
_entity_poly.pdbx_seq_one_letter_code
;GPGMKINTTGGQIHGITQDGLDIFLGIPYAEPPVHDNRFKHSTLKTQWSEPIDATEIQPIPPQPDNKLEDFFSSQSTTFT
EHEDCLYLNIWKQHNDQTKKPVIIYFYGGSFENGHGTAELYQPAHLVQNNDIIVITCNYRLGALGYLDWSYFNKDFHSNN
GLSDQINVIKWVHQFIESFGGDANNITLMGQSAGSMSILTLLKIPDIEPYFHKVVLLSGALRLDTLESARNKAQHFQKMM
LDYLDTDDVTSLSTNDILMLMAKLKQSRGPSKGLDLIYAPIKTDYIQNNYPTTKPIFACYTKDEGDIYITSEQKKLSPQR
FIDIMELNDIPLKYEDVQTAKQQSLAITHCYFKQPMKQFLQQLNIQDSNAQLWLAEFAWHDTSSAHYRSAYHILDMVFWF
GNLQILAAHQYPTTAHLKFLSRQMQNDLANFAKSGKMPWPMYHNERRYYRTYQ
;
_entity_poly.pdbx_strand_id   A,B,C,D,E,F,G
#
# COMPACT_ATOMS: atom_id res chain seq x y z
N PRO A 2 4.72 3.41 47.77
CA PRO A 2 4.37 2.26 46.93
C PRO A 2 4.34 0.95 47.71
N GLY A 3 5.29 0.76 48.62
CA GLY A 3 5.33 -0.45 49.40
C GLY A 3 4.16 -0.54 50.35
N MET A 4 3.76 -1.78 50.65
CA MET A 4 2.65 -2.04 51.56
C MET A 4 3.02 -3.14 52.55
N LYS A 5 2.99 -2.80 53.85
CA LYS A 5 3.44 -3.69 54.90
C LYS A 5 2.26 -4.36 55.58
N ILE A 6 2.37 -5.68 55.80
CA ILE A 6 1.36 -6.48 56.48
C ILE A 6 2.03 -7.15 57.67
N ASN A 7 1.45 -6.98 58.86
CA ASN A 7 2.01 -7.59 60.07
C ASN A 7 1.24 -8.86 60.41
N THR A 8 1.96 -9.93 60.66
CA THR A 8 1.36 -11.21 61.05
C THR A 8 2.01 -11.66 62.33
N THR A 9 1.46 -12.74 62.90
CA THR A 9 2.10 -13.46 63.98
C THR A 9 3.40 -14.13 63.55
N GLY A 10 3.68 -14.22 62.25
CA GLY A 10 4.91 -14.83 61.76
C GLY A 10 5.98 -13.81 61.40
N GLY A 11 5.58 -12.57 61.29
CA GLY A 11 6.48 -11.52 60.89
C GLY A 11 5.81 -10.64 59.86
N GLN A 12 6.61 -9.79 59.24
CA GLN A 12 6.15 -8.82 58.27
C GLN A 12 6.11 -9.45 56.88
N ILE A 13 5.26 -8.87 56.02
CA ILE A 13 5.18 -9.20 54.61
C ILE A 13 5.06 -7.90 53.82
N HIS A 14 5.92 -7.72 52.82
CA HIS A 14 6.04 -6.49 52.04
C HIS A 14 5.59 -6.75 50.61
N GLY A 15 4.42 -6.23 50.24
CA GLY A 15 3.95 -6.24 48.88
C GLY A 15 4.02 -4.87 48.24
N ILE A 16 3.26 -4.69 47.16
CA ILE A 16 3.23 -3.44 46.42
C ILE A 16 1.79 -2.93 46.36
N THR A 17 1.63 -1.61 46.41
CA THR A 17 0.35 -0.98 46.12
C THR A 17 0.45 -0.36 44.74
N GLN A 18 -0.49 -0.73 43.86
CA GLN A 18 -0.50 -0.25 42.49
C GLN A 18 -1.92 -0.24 41.96
N ASP A 19 -2.36 0.90 41.45
CA ASP A 19 -3.59 0.96 40.66
C ASP A 19 -4.77 0.45 41.47
N GLY A 20 -4.82 0.81 42.76
CA GLY A 20 -5.93 0.39 43.60
C GLY A 20 -5.82 -1.01 44.20
N LEU A 21 -4.74 -1.73 43.94
CA LEU A 21 -4.59 -3.08 44.49
C LEU A 21 -3.40 -3.14 45.42
N ASP A 22 -3.48 -4.07 46.36
CA ASP A 22 -2.33 -4.55 47.10
C ASP A 22 -1.98 -5.91 46.51
N ILE A 23 -0.76 -6.05 46.02
CA ILE A 23 -0.34 -7.26 45.33
C ILE A 23 0.86 -7.82 46.09
N PHE A 24 0.78 -9.08 46.46
CA PHE A 24 1.85 -9.77 47.18
C PHE A 24 2.24 -11.00 46.36
N LEU A 25 3.49 -11.03 45.89
CA LEU A 25 3.99 -12.11 45.05
C LEU A 25 5.06 -12.93 45.76
N GLY A 26 4.99 -14.25 45.63
CA GLY A 26 6.05 -15.09 46.12
C GLY A 26 6.22 -15.15 47.63
N ILE A 27 5.11 -15.31 48.34
CA ILE A 27 5.13 -15.59 49.78
C ILE A 27 5.47 -17.06 50.00
N PRO A 28 6.57 -17.40 50.66
CA PRO A 28 6.84 -18.83 50.92
C PRO A 28 5.89 -19.32 51.98
N TYR A 29 5.00 -20.25 51.62
CA TYR A 29 4.05 -20.75 52.61
C TYR A 29 4.52 -22.00 53.33
N ALA A 30 5.52 -22.70 52.80
CA ALA A 30 6.02 -23.93 53.39
C ALA A 30 7.52 -24.04 53.15
N GLU A 31 8.17 -24.88 53.94
CA GLU A 31 9.60 -25.05 53.80
C GLU A 31 9.93 -25.53 52.39
N PRO A 32 11.06 -25.12 51.85
CA PRO A 32 11.44 -25.57 50.52
C PRO A 32 11.66 -27.09 50.51
N PRO A 33 10.97 -27.81 49.61
CA PRO A 33 11.15 -29.27 49.50
C PRO A 33 12.46 -29.63 48.80
N VAL A 34 13.57 -29.24 49.42
CA VAL A 34 14.93 -29.52 48.98
C VAL A 34 15.70 -30.05 50.18
N HIS A 35 16.87 -30.63 49.89
CA HIS A 35 17.78 -31.21 50.89
C HIS A 35 17.00 -32.24 51.70
N ASP A 36 17.01 -32.18 53.03
CA ASP A 36 16.33 -33.20 53.80
C ASP A 36 14.81 -33.17 53.64
N ASN A 37 14.24 -32.09 53.08
CA ASN A 37 12.80 -32.06 52.84
C ASN A 37 12.42 -32.51 51.44
N ARG A 38 13.39 -32.79 50.57
CA ARG A 38 13.09 -33.30 49.25
C ARG A 38 12.30 -34.60 49.37
N PHE A 39 11.33 -34.79 48.49
CA PHE A 39 10.53 -36.00 48.38
C PHE A 39 9.58 -36.24 49.57
N LYS A 40 9.36 -35.26 50.43
CA LYS A 40 8.49 -35.46 51.58
C LYS A 40 7.32 -34.49 51.56
N HIS A 41 6.28 -34.83 52.31
CA HIS A 41 5.20 -33.88 52.54
C HIS A 41 5.79 -32.57 53.08
N SER A 42 5.19 -31.45 52.67
CA SER A 42 5.80 -30.19 53.03
C SER A 42 5.46 -29.81 54.48
N THR A 43 6.31 -28.96 55.04
CA THR A 43 6.17 -28.45 56.38
C THR A 43 5.70 -27.00 56.25
N LEU A 44 4.57 -26.68 56.90
CA LEU A 44 3.99 -25.34 56.87
C LEU A 44 4.96 -24.31 57.45
N LYS A 45 5.08 -23.16 56.79
CA LYS A 45 5.88 -22.07 57.31
C LYS A 45 4.98 -21.11 58.08
N THR A 46 5.27 -20.93 59.37
CA THR A 46 4.52 -19.99 60.18
C THR A 46 5.39 -18.92 60.82
N GLN A 47 6.69 -18.92 60.56
CA GLN A 47 7.53 -17.95 61.24
C GLN A 47 8.73 -17.60 60.38
N TRP A 48 9.05 -16.32 60.30
CA TRP A 48 10.22 -15.86 59.56
C TRP A 48 10.91 -14.76 60.34
N SER A 49 12.24 -14.82 60.38
CA SER A 49 13.03 -13.94 61.23
C SER A 49 13.43 -12.65 60.53
N GLU A 50 13.13 -12.51 59.24
CA GLU A 50 13.28 -11.31 58.42
C GLU A 50 11.99 -11.10 57.65
N PRO A 51 11.63 -9.86 57.35
CA PRO A 51 10.39 -9.64 56.60
C PRO A 51 10.41 -10.39 55.28
N ILE A 52 9.25 -10.87 54.88
CA ILE A 52 9.15 -11.56 53.60
C ILE A 52 9.01 -10.52 52.49
N ASP A 53 9.92 -10.56 51.54
CA ASP A 53 9.84 -9.70 50.38
C ASP A 53 8.83 -10.30 49.41
N ALA A 54 7.66 -9.70 49.31
CA ALA A 54 6.62 -10.20 48.42
C ALA A 54 6.44 -9.33 47.18
N THR A 55 7.55 -8.83 46.62
CA THR A 55 7.47 -7.96 45.45
C THR A 55 7.84 -8.64 44.14
N GLU A 56 8.24 -9.92 44.17
CA GLU A 56 8.71 -10.55 42.94
C GLU A 56 8.08 -11.92 42.76
N ILE A 57 7.83 -12.27 41.50
CA ILE A 57 7.46 -13.64 41.19
C ILE A 57 8.63 -14.54 41.55
N GLN A 58 8.33 -15.65 42.17
CA GLN A 58 9.29 -16.64 42.63
C GLN A 58 9.19 -17.88 41.75
N PRO A 59 10.08 -18.86 41.92
CA PRO A 59 10.13 -19.95 40.93
C PRO A 59 8.92 -20.85 40.96
N ILE A 60 8.77 -21.57 39.85
CA ILE A 60 7.60 -22.39 39.60
C ILE A 60 8.08 -23.84 39.62
N PRO A 61 7.18 -24.81 39.75
CA PRO A 61 7.63 -26.21 39.83
C PRO A 61 8.33 -26.63 38.53
N PRO A 62 9.43 -27.36 38.61
CA PRO A 62 10.06 -27.87 37.39
C PRO A 62 9.08 -28.72 36.59
N GLN A 63 9.09 -28.54 35.27
CA GLN A 63 8.03 -29.12 34.45
C GLN A 63 8.47 -29.17 33.01
N PRO A 64 7.93 -30.09 32.22
CA PRO A 64 8.20 -30.06 30.78
C PRO A 64 7.54 -28.84 30.17
N ASP A 65 7.84 -28.58 28.90
CA ASP A 65 7.30 -27.38 28.29
C ASP A 65 5.80 -27.48 28.17
N ASN A 66 5.11 -26.48 28.70
CA ASN A 66 3.66 -26.46 28.60
C ASN A 66 3.33 -25.97 27.20
N LYS A 67 2.98 -26.91 26.31
CA LYS A 67 2.63 -26.52 24.95
C LYS A 67 1.49 -25.53 24.93
N LEU A 68 0.60 -25.61 25.93
CA LEU A 68 -0.59 -24.80 25.98
C LEU A 68 -0.40 -23.47 26.67
N GLU A 69 0.73 -23.25 27.37
CA GLU A 69 0.88 -21.99 28.09
C GLU A 69 0.94 -20.82 27.12
N ASP A 70 1.78 -20.93 26.08
CA ASP A 70 1.89 -19.86 25.09
C ASP A 70 0.52 -19.48 24.52
N PHE A 71 -0.28 -20.49 24.16
CA PHE A 71 -1.61 -20.22 23.62
C PHE A 71 -2.45 -19.42 24.61
N PHE A 72 -2.44 -19.80 25.88
CA PHE A 72 -3.20 -19.12 26.91
C PHE A 72 -2.42 -18.01 27.58
N SER A 73 -1.64 -17.27 26.81
CA SER A 73 -1.04 -16.04 27.30
C SER A 73 -0.88 -15.08 26.13
N SER A 74 -0.55 -13.83 26.46
CA SER A 74 -0.63 -12.73 25.50
C SER A 74 0.71 -12.03 25.24
N GLN A 75 1.80 -12.56 25.78
CA GLN A 75 3.12 -11.99 25.50
C GLN A 75 4.16 -13.01 25.97
N SER A 76 5.39 -12.83 25.46
CA SER A 76 6.51 -13.71 25.76
C SER A 76 6.95 -13.57 27.22
N THR A 77 7.10 -14.70 27.92
CA THR A 77 7.52 -14.72 29.31
C THR A 77 8.40 -15.94 29.56
N THR A 78 9.30 -15.83 30.53
CA THR A 78 10.06 -16.99 31.00
C THR A 78 10.10 -16.98 32.52
N PHE A 79 9.56 -18.03 33.15
CA PHE A 79 9.59 -18.18 34.60
C PHE A 79 10.71 -19.12 35.00
N THR A 80 11.33 -18.84 36.14
CA THR A 80 12.37 -19.72 36.65
C THR A 80 11.72 -20.95 37.28
N GLU A 81 12.32 -22.11 37.05
CA GLU A 81 11.85 -23.36 37.64
C GLU A 81 12.93 -23.89 38.58
N HIS A 82 12.67 -23.87 39.90
CA HIS A 82 13.51 -24.55 40.88
C HIS A 82 12.65 -25.38 41.82
N GLU A 83 13.24 -26.44 42.38
CA GLU A 83 12.49 -27.25 43.32
C GLU A 83 12.03 -26.41 44.51
N ASP A 84 12.74 -25.32 44.82
CA ASP A 84 12.30 -24.34 45.81
C ASP A 84 11.25 -23.46 45.14
N CYS A 85 9.98 -23.89 45.21
CA CYS A 85 8.90 -23.26 44.45
C CYS A 85 7.58 -23.10 45.21
N LEU A 86 7.54 -23.38 46.51
CA LEU A 86 6.29 -23.36 47.28
C LEU A 86 6.00 -21.92 47.68
N TYR A 87 5.31 -21.20 46.79
CA TYR A 87 5.02 -19.78 46.92
C TYR A 87 3.56 -19.55 46.58
N LEU A 88 2.98 -18.55 47.23
CA LEU A 88 1.61 -18.16 46.95
C LEU A 88 1.57 -16.64 46.75
N ASN A 89 0.53 -16.17 46.08
CA ASN A 89 0.45 -14.76 45.72
C ASN A 89 -0.93 -14.24 46.06
N ILE A 90 -1.03 -12.99 46.51
CA ILE A 90 -2.29 -12.47 46.98
C ILE A 90 -2.62 -11.15 46.28
N TRP A 91 -3.83 -11.06 45.73
CA TRP A 91 -4.36 -9.85 45.12
C TRP A 91 -5.54 -9.39 45.94
N LYS A 92 -5.56 -8.11 46.30
CA LYS A 92 -6.65 -7.57 47.09
C LYS A 92 -6.77 -6.09 46.79
N GLN A 93 -7.98 -5.56 46.93
CA GLN A 93 -8.17 -4.13 46.82
C GLN A 93 -7.50 -3.42 48.00
N HIS A 94 -6.90 -2.27 47.72
CA HIS A 94 -6.30 -1.42 48.75
C HIS A 94 -7.39 -0.55 49.36
N ASN A 95 -7.95 -1.02 50.46
CA ASN A 95 -8.91 -0.27 51.29
C ASN A 95 -8.87 -0.86 52.69
N ASP A 96 -9.76 -0.38 53.57
CA ASP A 96 -9.78 -0.79 54.97
C ASP A 96 -10.85 -1.81 55.30
N GLN A 97 -11.62 -2.29 54.33
CA GLN A 97 -12.62 -3.31 54.62
C GLN A 97 -11.95 -4.60 55.11
N THR A 98 -12.66 -5.32 55.96
CA THR A 98 -12.17 -6.58 56.51
C THR A 98 -13.25 -7.65 56.33
N LYS A 99 -12.95 -8.88 56.75
CA LYS A 99 -13.83 -10.04 56.52
C LYS A 99 -14.15 -10.20 55.03
N LYS A 100 -13.17 -9.95 54.18
CA LYS A 100 -13.40 -10.14 52.75
C LYS A 100 -13.46 -11.63 52.41
N PRO A 101 -14.38 -12.05 51.55
CA PRO A 101 -14.35 -13.42 51.02
C PRO A 101 -13.02 -13.69 50.34
N VAL A 102 -12.52 -14.91 50.53
CA VAL A 102 -11.22 -15.35 50.02
C VAL A 102 -11.44 -16.48 49.03
N ILE A 103 -10.79 -16.39 47.87
CA ILE A 103 -10.76 -17.48 46.89
C ILE A 103 -9.32 -17.97 46.76
N ILE A 104 -9.10 -19.24 47.01
CA ILE A 104 -7.81 -19.89 46.71
C ILE A 104 -7.96 -20.66 45.41
N TYR A 105 -7.06 -20.40 44.46
CA TYR A 105 -7.14 -21.02 43.13
C TYR A 105 -6.10 -22.12 43.02
N PHE A 106 -6.52 -23.26 42.48
CA PHE A 106 -5.61 -24.37 42.17
C PHE A 106 -5.64 -24.63 40.67
N TYR A 107 -4.52 -24.42 39.98
CA TYR A 107 -4.46 -24.63 38.53
C TYR A 107 -4.49 -26.11 38.18
N GLY A 108 -4.87 -26.39 36.93
CA GLY A 108 -4.77 -27.72 36.36
C GLY A 108 -3.48 -27.88 35.57
N GLY A 109 -3.43 -28.96 34.78
CA GLY A 109 -2.24 -29.26 33.98
C GLY A 109 -1.71 -30.67 34.19
N SER A 110 -2.63 -31.63 34.36
CA SER A 110 -2.35 -33.06 34.47
C SER A 110 -1.45 -33.40 35.63
N PHE A 111 -1.33 -32.50 36.60
CA PHE A 111 -0.38 -32.68 37.71
C PHE A 111 1.05 -32.70 37.17
N GLU A 112 1.26 -32.06 35.99
CA GLU A 112 2.56 -31.95 35.31
C GLU A 112 3.01 -30.52 35.11
N ASN A 113 2.15 -29.60 34.72
CA ASN A 113 2.61 -28.24 34.59
C ASN A 113 1.52 -27.30 35.09
N GLY A 114 1.73 -26.02 34.88
CA GLY A 114 0.95 -25.08 35.65
C GLY A 114 1.80 -24.38 36.69
N HIS A 115 1.37 -23.17 37.06
CA HIS A 115 1.96 -22.44 38.18
C HIS A 115 1.04 -21.28 38.51
N GLY A 116 1.14 -20.81 39.76
CA GLY A 116 0.21 -19.80 40.26
C GLY A 116 0.39 -18.44 39.63
N THR A 117 1.53 -18.21 38.97
CA THR A 117 1.88 -16.90 38.41
C THR A 117 1.73 -16.85 36.91
N ALA A 118 1.06 -17.83 36.30
CA ALA A 118 0.77 -17.80 34.88
C ALA A 118 -0.27 -16.72 34.57
N GLU A 119 -0.19 -16.15 33.35
CA GLU A 119 -1.08 -15.04 33.00
C GLU A 119 -2.54 -15.45 33.13
N LEU A 120 -2.84 -16.71 32.78
CA LEU A 120 -4.21 -17.17 32.80
C LEU A 120 -4.80 -17.17 34.21
N TYR A 121 -3.97 -17.25 35.23
CA TYR A 121 -4.44 -17.30 36.59
C TYR A 121 -4.15 -16.04 37.38
N GLN A 122 -3.60 -15.01 36.76
CA GLN A 122 -3.44 -13.74 37.45
C GLN A 122 -4.79 -13.04 37.49
N PRO A 123 -5.36 -12.78 38.72
CA PRO A 123 -6.75 -12.33 38.83
C PRO A 123 -6.90 -10.83 39.00
N ALA A 124 -5.92 -10.01 38.60
CA ALA A 124 -6.00 -8.56 38.82
C ALA A 124 -7.32 -7.98 38.32
N HIS A 125 -7.72 -8.33 37.09
CA HIS A 125 -8.96 -7.77 36.56
C HIS A 125 -10.13 -8.12 37.47
N LEU A 126 -10.11 -9.32 38.06
CA LEU A 126 -11.24 -9.75 38.87
C LEU A 126 -11.28 -9.01 40.20
N VAL A 127 -10.13 -8.85 40.85
CA VAL A 127 -10.13 -8.13 42.12
C VAL A 127 -10.38 -6.65 41.88
N GLN A 128 -10.05 -6.14 40.69
CA GLN A 128 -10.31 -4.73 40.40
C GLN A 128 -11.80 -4.41 40.49
N ASN A 129 -12.66 -5.27 39.98
CA ASN A 129 -14.10 -5.03 39.98
C ASN A 129 -14.85 -5.71 41.13
N ASN A 130 -14.18 -6.46 42.00
CA ASN A 130 -14.92 -7.10 43.08
C ASN A 130 -14.03 -7.17 44.31
N ASP A 131 -14.55 -6.72 45.46
CA ASP A 131 -13.70 -6.54 46.62
C ASP A 131 -13.54 -7.86 47.37
N ILE A 132 -12.92 -8.83 46.69
CA ILE A 132 -12.60 -10.12 47.27
C ILE A 132 -11.09 -10.22 47.32
N ILE A 133 -10.59 -11.26 47.98
CA ILE A 133 -9.16 -11.55 48.06
C ILE A 133 -8.92 -12.82 47.28
N VAL A 134 -8.00 -12.79 46.34
CA VAL A 134 -7.78 -13.93 45.47
C VAL A 134 -6.34 -14.37 45.60
N ILE A 135 -6.15 -15.67 45.82
CA ILE A 135 -4.84 -16.24 46.10
C ILE A 135 -4.55 -17.33 45.09
N THR A 136 -3.37 -17.30 44.49
CA THR A 136 -2.87 -18.36 43.65
C THR A 136 -1.65 -18.94 44.32
N CYS A 137 -1.18 -20.08 43.78
CA CYS A 137 -0.10 -20.79 44.46
C CYS A 137 0.56 -21.74 43.48
N ASN A 138 1.77 -22.18 43.85
CA ASN A 138 2.40 -23.36 43.26
C ASN A 138 2.25 -24.54 44.22
N TYR A 139 1.97 -25.70 43.65
CA TYR A 139 2.15 -26.97 44.35
C TYR A 139 3.05 -27.84 43.50
N ARG A 140 3.79 -28.74 44.16
CA ARG A 140 4.78 -29.55 43.46
C ARG A 140 4.12 -30.37 42.37
N LEU A 141 4.81 -30.54 41.25
CA LEU A 141 4.25 -31.18 40.09
C LEU A 141 5.14 -32.34 39.64
N GLY A 142 4.60 -33.15 38.73
CA GLY A 142 5.44 -34.13 38.12
C GLY A 142 5.76 -35.26 39.08
N ALA A 143 6.83 -35.99 38.74
CA ALA A 143 7.36 -37.01 39.62
C ALA A 143 7.59 -36.45 41.01
N LEU A 144 8.14 -35.24 41.09
CA LEU A 144 8.45 -34.65 42.39
C LEU A 144 7.18 -34.39 43.20
N GLY A 145 6.05 -34.20 42.51
CA GLY A 145 4.80 -34.01 43.20
C GLY A 145 4.02 -35.28 43.54
N TYR A 146 4.12 -36.31 42.70
CA TYR A 146 3.15 -37.40 42.78
C TYR A 146 3.71 -38.80 42.48
N LEU A 147 4.97 -38.94 42.10
CA LEU A 147 5.57 -40.27 42.16
C LEU A 147 5.44 -40.80 43.58
N ASP A 148 5.26 -42.12 43.71
CA ASP A 148 5.28 -42.70 45.05
C ASP A 148 6.73 -42.92 45.45
N TRP A 149 7.34 -41.89 46.04
CA TRP A 149 8.75 -41.97 46.41
C TRP A 149 9.00 -42.98 47.51
N SER A 150 7.99 -43.33 48.31
CA SER A 150 8.21 -44.31 49.36
C SER A 150 8.63 -45.64 48.77
N TYR A 151 8.35 -45.88 47.49
CA TYR A 151 8.93 -47.02 46.77
C TYR A 151 10.44 -47.08 46.95
N PHE A 152 11.09 -45.92 47.15
CA PHE A 152 12.53 -45.85 47.21
C PHE A 152 13.08 -45.67 48.62
N ASN A 153 12.24 -45.28 49.58
CA ASN A 153 12.71 -44.89 50.90
C ASN A 153 11.53 -44.70 51.85
N LYS A 154 11.62 -45.30 53.02
CA LYS A 154 10.49 -45.30 53.93
C LYS A 154 10.21 -43.94 54.53
N ASP A 155 11.14 -42.98 54.45
CA ASP A 155 10.87 -41.62 54.92
C ASP A 155 10.35 -40.69 53.81
N PHE A 156 10.16 -41.19 52.59
CA PHE A 156 9.64 -40.36 51.50
C PHE A 156 8.17 -40.68 51.27
N HIS A 157 7.48 -39.76 50.60
CA HIS A 157 6.03 -39.78 50.55
C HIS A 157 5.49 -39.70 49.15
N SER A 158 4.31 -40.28 48.96
CA SER A 158 3.50 -40.00 47.80
C SER A 158 2.65 -38.75 48.08
N ASN A 159 1.89 -38.32 47.06
CA ASN A 159 0.89 -37.24 47.24
C ASN A 159 1.54 -35.96 47.77
N ASN A 160 2.76 -35.66 47.33
CA ASN A 160 3.45 -34.49 47.88
C ASN A 160 2.76 -33.19 47.43
N GLY A 161 2.46 -33.08 46.15
CA GLY A 161 1.74 -31.91 45.67
C GLY A 161 0.41 -31.73 46.39
N LEU A 162 -0.20 -32.83 46.82
CA LEU A 162 -1.47 -32.71 47.52
C LEU A 162 -1.25 -32.20 48.93
N SER A 163 -0.17 -32.68 49.58
CA SER A 163 0.26 -32.09 50.85
C SER A 163 0.58 -30.60 50.70
N ASP A 164 1.12 -30.19 49.55
CA ASP A 164 1.40 -28.77 49.35
C ASP A 164 0.10 -27.95 49.32
N GLN A 165 -0.94 -28.50 48.71
CA GLN A 165 -2.21 -27.80 48.63
C GLN A 165 -2.86 -27.69 50.00
N ILE A 166 -2.69 -28.70 50.84
CA ILE A 166 -3.13 -28.60 52.22
C ILE A 166 -2.43 -27.44 52.91
N ASN A 167 -1.12 -27.29 52.67
CA ASN A 167 -0.42 -26.26 53.43
C ASN A 167 -0.80 -24.85 52.96
N VAL A 168 -1.16 -24.68 51.68
CA VAL A 168 -1.68 -23.38 51.23
C VAL A 168 -2.91 -23.00 52.03
N ILE A 169 -3.81 -23.95 52.23
CA ILE A 169 -5.05 -23.68 52.95
C ILE A 169 -4.76 -23.41 54.43
N LYS A 170 -3.82 -24.14 55.03
CA LYS A 170 -3.52 -23.91 56.43
C LYS A 170 -2.85 -22.57 56.64
N TRP A 171 -1.97 -22.16 55.71
CA TRP A 171 -1.36 -20.84 55.79
C TRP A 171 -2.40 -19.74 55.69
N VAL A 172 -3.35 -19.87 54.77
CA VAL A 172 -4.40 -18.87 54.62
C VAL A 172 -5.24 -18.82 55.89
N HIS A 173 -5.62 -20.00 56.36
CA HIS A 173 -6.33 -20.09 57.62
C HIS A 173 -5.64 -19.29 58.72
N GLN A 174 -4.31 -19.31 58.72
CA GLN A 174 -3.53 -18.78 59.82
C GLN A 174 -3.28 -17.28 59.70
N PHE A 175 -3.09 -16.77 58.46
CA PHE A 175 -2.64 -15.40 58.23
C PHE A 175 -3.59 -14.52 57.41
N ILE A 176 -4.59 -15.08 56.73
CA ILE A 176 -5.28 -14.25 55.73
C ILE A 176 -6.04 -13.12 56.41
N GLU A 177 -6.44 -13.28 57.67
N GLU A 177 -6.42 -13.29 57.67
CA GLU A 177 -7.16 -12.22 58.36
CA GLU A 177 -7.14 -12.24 58.38
C GLU A 177 -6.30 -10.97 58.52
C GLU A 177 -6.29 -10.98 58.49
N SER A 178 -4.97 -11.12 58.50
CA SER A 178 -4.08 -9.96 58.54
C SER A 178 -4.14 -9.15 57.25
N PHE A 179 -4.79 -9.68 56.22
CA PHE A 179 -4.93 -9.02 54.93
C PHE A 179 -6.34 -8.51 54.71
N GLY A 180 -7.20 -8.56 55.73
CA GLY A 180 -8.60 -8.23 55.56
C GLY A 180 -9.49 -9.39 55.15
N GLY A 181 -8.95 -10.63 55.08
CA GLY A 181 -9.76 -11.74 54.63
C GLY A 181 -10.59 -12.33 55.74
N ASP A 182 -11.68 -12.99 55.37
CA ASP A 182 -12.51 -13.72 56.33
C ASP A 182 -12.07 -15.18 56.34
N ALA A 183 -11.27 -15.56 57.34
CA ALA A 183 -10.85 -16.97 57.38
C ALA A 183 -12.02 -17.92 57.59
N ASN A 184 -13.21 -17.44 57.96
CA ASN A 184 -14.43 -18.24 58.01
C ASN A 184 -15.14 -18.33 56.66
N ASN A 185 -14.59 -17.78 55.59
CA ASN A 185 -15.28 -17.77 54.30
C ASN A 185 -14.31 -18.00 53.15
N ILE A 186 -13.68 -19.16 53.14
CA ILE A 186 -12.67 -19.53 52.15
C ILE A 186 -13.36 -20.34 51.06
N THR A 187 -13.21 -19.89 49.83
CA THR A 187 -13.62 -20.64 48.66
C THR A 187 -12.39 -21.27 48.01
N LEU A 188 -12.44 -22.57 47.76
CA LEU A 188 -11.47 -23.20 46.88
C LEU A 188 -12.05 -23.25 45.48
N MET A 189 -11.26 -22.82 44.49
CA MET A 189 -11.67 -22.82 43.08
C MET A 189 -10.62 -23.55 42.27
N GLY A 190 -11.06 -24.44 41.39
CA GLY A 190 -10.12 -25.29 40.68
C GLY A 190 -10.61 -25.62 39.29
N GLN A 191 -9.64 -25.83 38.41
CA GLN A 191 -9.92 -26.16 37.02
C GLN A 191 -9.11 -27.41 36.68
N SER A 192 -9.77 -28.43 36.13
CA SER A 192 -9.14 -29.67 35.67
C SER A 192 -8.46 -30.30 36.87
N ALA A 193 -7.16 -30.62 36.82
CA ALA A 193 -6.52 -31.22 37.99
C ALA A 193 -6.67 -30.38 39.26
N GLY A 194 -6.87 -29.07 39.13
CA GLY A 194 -7.18 -28.26 40.30
C GLY A 194 -8.54 -28.60 40.84
N SER A 195 -9.50 -28.84 39.95
CA SER A 195 -10.80 -29.30 40.40
C SER A 195 -10.68 -30.68 41.04
N MET A 196 -9.92 -31.58 40.41
N MET A 196 -9.94 -31.60 40.42
CA MET A 196 -9.72 -32.91 40.97
CA MET A 196 -9.77 -32.93 41.02
C MET A 196 -9.06 -32.85 42.34
C MET A 196 -9.12 -32.81 42.40
N SER A 197 -8.22 -31.84 42.57
CA SER A 197 -7.53 -31.72 43.86
C SER A 197 -8.49 -31.31 44.96
N ILE A 198 -9.43 -30.41 44.63
CA ILE A 198 -10.42 -29.95 45.60
C ILE A 198 -11.38 -31.08 45.94
N LEU A 199 -11.84 -31.82 44.93
CA LEU A 199 -12.63 -33.04 45.22
C LEU A 199 -11.91 -33.95 46.21
N THR A 200 -10.57 -34.03 46.11
CA THR A 200 -9.79 -34.84 47.06
C THR A 200 -9.70 -34.19 48.43
N LEU A 201 -9.43 -32.88 48.49
CA LEU A 201 -9.37 -32.21 49.78
C LEU A 201 -10.69 -32.27 50.52
N LEU A 202 -11.81 -32.30 49.78
CA LEU A 202 -13.14 -32.42 50.41
C LEU A 202 -13.25 -33.68 51.24
N LYS A 203 -12.60 -34.76 50.81
CA LYS A 203 -12.70 -36.07 51.44
C LYS A 203 -11.54 -36.33 52.39
N ILE A 204 -10.80 -35.29 52.75
CA ILE A 204 -9.77 -35.43 53.79
C ILE A 204 -10.26 -34.71 55.04
N PRO A 205 -10.75 -35.42 56.04
CA PRO A 205 -11.40 -34.74 57.18
C PRO A 205 -10.52 -33.74 57.88
N ASP A 206 -9.22 -33.94 57.91
N ASP A 206 -9.21 -33.98 57.94
CA ASP A 206 -8.33 -33.04 58.63
CA ASP A 206 -8.31 -33.02 58.59
C ASP A 206 -8.25 -31.65 57.99
C ASP A 206 -8.47 -31.62 58.02
N ILE A 207 -8.52 -31.52 56.69
CA ILE A 207 -8.46 -30.23 56.02
C ILE A 207 -9.87 -29.72 55.67
N GLU A 208 -10.81 -30.63 55.40
CA GLU A 208 -12.18 -30.29 54.98
C GLU A 208 -12.82 -29.10 55.71
N PRO A 209 -12.74 -28.96 57.03
CA PRO A 209 -13.36 -27.80 57.69
C PRO A 209 -12.59 -26.50 57.54
N TYR A 210 -11.45 -26.48 56.85
CA TYR A 210 -10.75 -25.21 56.71
C TYR A 210 -11.32 -24.34 55.59
N PHE A 211 -12.15 -24.89 54.71
CA PHE A 211 -12.76 -24.08 53.66
C PHE A 211 -14.27 -24.31 53.66
N HIS A 212 -15.00 -23.45 52.96
CA HIS A 212 -16.44 -23.34 53.13
C HIS A 212 -17.26 -23.29 51.84
N LYS A 213 -16.65 -23.08 50.68
CA LYS A 213 -17.35 -23.17 49.40
C LYS A 213 -16.35 -23.71 48.39
N VAL A 214 -16.87 -24.32 47.31
CA VAL A 214 -15.98 -24.79 46.25
C VAL A 214 -16.54 -24.39 44.89
N VAL A 215 -15.62 -24.14 43.96
CA VAL A 215 -15.92 -23.88 42.55
C VAL A 215 -15.11 -24.89 41.74
N LEU A 216 -15.83 -25.75 41.01
CA LEU A 216 -15.23 -26.86 40.25
C LEU A 216 -15.43 -26.64 38.76
N LEU A 217 -14.35 -26.30 38.06
CA LEU A 217 -14.36 -26.12 36.62
C LEU A 217 -13.70 -27.32 35.95
N SER A 218 -14.48 -28.03 35.11
CA SER A 218 -14.00 -29.00 34.11
C SER A 218 -13.06 -30.04 34.71
N GLY A 219 -13.51 -30.72 35.76
CA GLY A 219 -12.67 -31.72 36.40
C GLY A 219 -13.51 -32.67 37.23
N ALA A 220 -13.04 -33.91 37.33
CA ALA A 220 -13.67 -34.91 38.18
C ALA A 220 -12.56 -35.73 38.82
N LEU A 221 -12.94 -36.64 39.72
CA LEU A 221 -12.00 -37.26 40.63
C LEU A 221 -11.60 -38.63 40.08
N ARG A 222 -10.35 -38.77 39.66
CA ARG A 222 -9.84 -40.07 39.22
C ARG A 222 -8.57 -40.35 40.01
N LEU A 223 -8.73 -40.75 41.27
CA LEU A 223 -7.57 -41.08 42.10
C LEU A 223 -6.86 -42.30 41.55
N ASP A 224 -5.54 -42.24 41.52
CA ASP A 224 -4.72 -43.41 41.23
C ASP A 224 -4.78 -44.40 42.40
N THR A 225 -4.41 -45.63 42.10
CA THR A 225 -4.35 -46.64 43.16
C THR A 225 -2.90 -46.82 43.60
N LEU A 226 -2.74 -47.33 44.82
CA LEU A 226 -1.39 -47.58 45.33
C LEU A 226 -0.63 -48.56 44.45
N GLU A 227 -1.33 -49.56 43.89
CA GLU A 227 -0.63 -50.56 43.08
C GLU A 227 -0.25 -49.99 41.71
N SER A 228 -1.08 -49.12 41.15
CA SER A 228 -0.72 -48.44 39.91
C SER A 228 0.46 -47.49 40.14
N ALA A 229 0.47 -46.78 41.27
CA ALA A 229 1.58 -45.89 41.58
C ALA A 229 2.88 -46.67 41.76
N ARG A 230 2.80 -47.82 42.41
CA ARG A 230 3.96 -48.68 42.57
C ARG A 230 4.52 -49.11 41.22
N ASN A 231 3.63 -49.49 40.28
CA ASN A 231 4.12 -49.90 38.97
C ASN A 231 4.74 -48.74 38.23
N LYS A 232 4.20 -47.52 38.36
CA LYS A 232 4.83 -46.37 37.71
C LYS A 232 6.15 -46.02 38.38
N ALA A 233 6.24 -46.18 39.70
CA ALA A 233 7.53 -46.00 40.34
C ALA A 233 8.52 -47.06 39.84
N GLN A 234 8.03 -48.29 39.68
CA GLN A 234 8.85 -49.37 39.13
C GLN A 234 9.45 -48.98 37.78
N HIS A 235 8.61 -48.41 36.88
CA HIS A 235 9.12 -48.05 35.55
C HIS A 235 10.04 -46.84 35.61
N PHE A 236 9.74 -45.90 36.51
CA PHE A 236 10.66 -44.79 36.77
C PHE A 236 12.05 -45.29 37.14
N GLN A 237 12.10 -46.29 38.02
CA GLN A 237 13.39 -46.87 38.39
C GLN A 237 14.07 -47.55 37.21
N LYS A 238 13.28 -48.11 36.27
CA LYS A 238 13.88 -48.64 35.05
C LYS A 238 14.48 -47.55 34.18
N MET A 239 13.79 -46.41 34.05
CA MET A 239 14.37 -45.28 33.33
C MET A 239 15.64 -44.81 34.02
N MET A 240 15.61 -44.72 35.37
CA MET A 240 16.80 -44.41 36.16
C MET A 240 17.97 -45.30 35.78
N LEU A 241 17.77 -46.62 35.83
CA LEU A 241 18.83 -47.55 35.52
C LEU A 241 19.25 -47.43 34.06
N ASP A 242 18.27 -47.43 33.15
CA ASP A 242 18.55 -47.50 31.72
C ASP A 242 19.35 -46.31 31.24
N TYR A 243 18.99 -45.10 31.68
CA TYR A 243 19.53 -43.87 31.11
C TYR A 243 20.61 -43.23 31.97
N LEU A 244 20.58 -43.47 33.28
CA LEU A 244 21.53 -42.82 34.19
C LEU A 244 22.35 -43.79 35.02
N ASP A 245 22.03 -45.08 35.03
CA ASP A 245 22.83 -46.08 35.73
C ASP A 245 22.93 -45.81 37.23
N THR A 246 21.81 -45.44 37.85
CA THR A 246 21.74 -45.38 39.31
C THR A 246 20.38 -45.86 39.79
N ASP A 247 20.31 -46.22 41.07
CA ASP A 247 19.05 -46.37 41.80
C ASP A 247 19.01 -45.46 43.02
N ASP A 248 19.84 -44.42 43.03
CA ASP A 248 19.88 -43.45 44.13
C ASP A 248 19.09 -42.20 43.73
N VAL A 249 17.80 -42.16 44.08
CA VAL A 249 16.98 -40.99 43.71
C VAL A 249 17.55 -39.71 44.32
N THR A 250 18.20 -39.79 45.49
CA THR A 250 18.76 -38.58 46.11
C THR A 250 19.92 -37.99 45.32
N SER A 251 20.59 -38.79 44.50
CA SER A 251 21.62 -38.23 43.62
C SER A 251 21.03 -37.58 42.38
N LEU A 252 19.73 -37.79 42.11
CA LEU A 252 19.15 -37.26 40.89
C LEU A 252 19.12 -35.74 40.93
N SER A 253 19.49 -35.12 39.81
CA SER A 253 19.38 -33.69 39.71
C SER A 253 17.98 -33.31 39.20
N THR A 254 17.62 -32.03 39.35
CA THR A 254 16.32 -31.59 38.85
C THR A 254 16.16 -31.93 37.38
N ASN A 255 17.15 -31.55 36.56
CA ASN A 255 17.10 -31.90 35.15
C ASN A 255 17.06 -33.42 34.93
N ASP A 256 17.74 -34.20 35.79
CA ASP A 256 17.64 -35.65 35.69
C ASP A 256 16.19 -36.13 35.81
N ILE A 257 15.45 -35.65 36.81
CA ILE A 257 14.06 -36.07 36.97
C ILE A 257 13.22 -35.64 35.77
N LEU A 258 13.46 -34.44 35.25
CA LEU A 258 12.71 -33.99 34.08
C LEU A 258 13.00 -34.88 32.88
N MET A 259 14.26 -35.30 32.70
CA MET A 259 14.55 -36.19 31.59
C MET A 259 13.89 -37.54 31.81
N LEU A 260 14.00 -38.09 33.03
CA LEU A 260 13.38 -39.38 33.32
C LEU A 260 11.87 -39.35 33.13
N MET A 261 11.19 -38.29 33.60
CA MET A 261 9.75 -38.19 33.33
C MET A 261 9.48 -38.19 31.83
N ALA A 262 10.29 -37.45 31.07
CA ALA A 262 10.06 -37.38 29.64
C ALA A 262 10.19 -38.77 28.99
N LYS A 263 11.17 -39.57 29.43
CA LYS A 263 11.28 -40.93 28.92
C LYS A 263 10.04 -41.73 29.29
N LEU A 264 9.60 -41.62 30.55
CA LEU A 264 8.47 -42.41 31.04
C LEU A 264 7.22 -42.14 30.22
N LYS A 265 6.92 -40.86 29.99
CA LYS A 265 5.78 -40.50 29.13
C LYS A 265 5.98 -41.04 27.71
N GLN A 266 7.18 -40.87 27.15
CA GLN A 266 7.44 -41.39 25.82
C GLN A 266 7.19 -42.90 25.75
N SER A 267 7.53 -43.65 26.82
CA SER A 267 7.31 -45.09 26.77
C SER A 267 5.85 -45.49 27.02
N ARG A 268 5.06 -44.65 27.69
CA ARG A 268 3.67 -45.00 27.84
C ARG A 268 2.85 -44.64 26.60
N GLY A 269 3.34 -43.72 25.76
CA GLY A 269 2.67 -43.36 24.53
C GLY A 269 1.88 -42.08 24.68
N PRO A 270 1.47 -41.50 23.57
CA PRO A 270 0.80 -40.19 23.59
C PRO A 270 -0.61 -40.27 24.17
N SER A 271 -1.05 -39.16 24.79
CA SER A 271 -2.34 -39.13 25.48
C SER A 271 -3.01 -37.76 25.53
N LYS A 272 -2.33 -36.72 25.03
CA LYS A 272 -2.86 -35.35 25.04
C LYS A 272 -3.13 -34.88 26.46
N GLY A 273 -2.41 -35.43 27.43
CA GLY A 273 -2.62 -35.11 28.82
C GLY A 273 -3.70 -35.89 29.50
N LEU A 274 -4.31 -36.86 28.82
CA LEU A 274 -5.41 -37.61 29.44
C LEU A 274 -4.90 -38.75 30.33
N ASP A 275 -3.72 -39.27 30.04
CA ASP A 275 -3.09 -40.29 30.90
C ASP A 275 -2.51 -39.59 32.11
N LEU A 276 -3.10 -39.79 33.28
CA LEU A 276 -2.58 -39.14 34.49
C LEU A 276 -1.45 -39.99 35.05
N ILE A 277 -0.27 -39.80 34.46
CA ILE A 277 0.93 -40.46 34.96
C ILE A 277 1.20 -40.07 36.41
N TYR A 278 0.96 -38.81 36.74
CA TYR A 278 1.17 -38.27 38.08
C TYR A 278 -0.19 -37.79 38.57
N ALA A 279 -0.62 -38.29 39.73
CA ALA A 279 -1.95 -37.98 40.22
C ALA A 279 -2.02 -38.26 41.71
N PRO A 280 -2.97 -37.66 42.42
CA PRO A 280 -3.21 -38.06 43.81
C PRO A 280 -3.53 -39.54 43.86
N ILE A 281 -3.04 -40.22 44.90
CA ILE A 281 -3.29 -41.65 45.10
C ILE A 281 -4.28 -41.85 46.24
N LYS A 282 -5.20 -42.79 46.07
CA LYS A 282 -6.14 -43.11 47.14
C LYS A 282 -5.39 -43.72 48.31
N THR A 283 -5.59 -43.15 49.49
CA THR A 283 -4.94 -43.57 50.73
C THR A 283 -6.00 -43.65 51.82
N ASP A 284 -5.57 -44.09 53.00
CA ASP A 284 -6.48 -44.26 54.14
C ASP A 284 -7.04 -42.94 54.64
N TYR A 285 -6.31 -41.84 54.47
CA TYR A 285 -6.82 -40.57 54.97
C TYR A 285 -7.75 -39.85 53.98
N ILE A 286 -7.96 -40.41 52.79
CA ILE A 286 -8.95 -39.91 51.86
C ILE A 286 -10.21 -40.76 52.01
N GLN A 287 -11.33 -40.15 52.35
CA GLN A 287 -12.49 -41.00 52.62
C GLN A 287 -13.31 -41.28 51.36
N ASN A 288 -14.31 -42.15 51.54
CA ASN A 288 -15.12 -42.62 50.43
C ASN A 288 -16.15 -41.60 49.96
N ASN A 289 -16.71 -40.80 50.86
CA ASN A 289 -17.84 -39.91 50.54
C ASN A 289 -17.52 -38.46 50.87
N TYR A 290 -18.27 -37.55 50.20
CA TYR A 290 -18.10 -36.11 50.28
C TYR A 290 -18.99 -35.54 51.39
N PRO A 291 -18.57 -34.44 51.99
CA PRO A 291 -19.49 -33.67 52.83
C PRO A 291 -20.38 -32.81 51.94
N THR A 292 -21.49 -32.37 52.50
CA THR A 292 -22.48 -31.61 51.74
C THR A 292 -22.72 -30.24 52.32
N THR A 293 -21.90 -29.81 53.28
CA THR A 293 -22.11 -28.54 53.97
C THR A 293 -21.70 -27.33 53.14
N LYS A 294 -20.94 -27.55 52.09
CA LYS A 294 -20.44 -26.40 51.38
C LYS A 294 -21.21 -26.19 50.08
N PRO A 295 -21.60 -24.95 49.79
CA PRO A 295 -22.16 -24.65 48.46
C PRO A 295 -21.18 -25.03 47.36
N ILE A 296 -21.69 -25.65 46.31
CA ILE A 296 -20.88 -26.09 45.19
C ILE A 296 -21.36 -25.41 43.91
N PHE A 297 -20.44 -24.80 43.19
CA PHE A 297 -20.68 -24.32 41.84
C PHE A 297 -19.81 -25.12 40.89
N ALA A 298 -20.42 -25.93 40.02
CA ALA A 298 -19.68 -26.73 39.06
C ALA A 298 -19.96 -26.20 37.66
N CYS A 299 -18.94 -26.26 36.80
CA CYS A 299 -19.07 -25.78 35.41
C CYS A 299 -18.23 -26.67 34.52
N TYR A 300 -18.73 -26.99 33.34
CA TYR A 300 -17.93 -27.56 32.27
C TYR A 300 -18.05 -26.66 31.05
N THR A 301 -17.19 -26.86 30.06
CA THR A 301 -17.34 -26.16 28.79
C THR A 301 -18.00 -27.06 27.76
N LYS A 302 -18.64 -26.42 26.78
CA LYS A 302 -19.54 -27.12 25.87
C LYS A 302 -18.80 -28.09 24.97
N ASP A 303 -17.61 -27.72 24.49
CA ASP A 303 -16.84 -28.60 23.61
C ASP A 303 -15.46 -28.91 24.20
N GLU A 304 -15.43 -29.40 25.45
CA GLU A 304 -14.18 -29.70 26.16
C GLU A 304 -13.11 -30.30 25.26
N GLY A 305 -13.44 -31.43 24.64
CA GLY A 305 -12.47 -32.23 23.90
C GLY A 305 -11.75 -31.51 22.78
N ASP A 306 -12.34 -30.45 22.21
CA ASP A 306 -11.80 -29.88 20.99
C ASP A 306 -10.38 -29.36 21.14
N ILE A 307 -9.94 -29.02 22.35
CA ILE A 307 -8.54 -28.64 22.52
C ILE A 307 -7.67 -29.86 22.81
N TYR A 308 -8.27 -31.02 23.09
CA TYR A 308 -7.48 -32.23 23.18
C TYR A 308 -7.26 -32.84 21.79
N ILE A 309 -8.25 -32.75 20.92
CA ILE A 309 -8.25 -33.39 19.62
C ILE A 309 -8.58 -32.32 18.57
N THR A 310 -7.56 -31.53 18.18
CA THR A 310 -7.79 -30.31 17.42
C THR A 310 -7.96 -30.54 15.92
N SER A 311 -7.63 -31.71 15.40
CA SER A 311 -7.73 -31.93 13.96
C SER A 311 -7.66 -33.44 13.68
N GLU A 312 -8.11 -33.82 12.49
CA GLU A 312 -7.99 -35.21 12.08
C GLU A 312 -6.54 -35.66 12.04
N GLN A 313 -5.62 -34.72 11.80
CA GLN A 313 -4.22 -35.06 11.73
C GLN A 313 -3.58 -35.18 13.10
N LYS A 314 -4.17 -34.55 14.13
CA LYS A 314 -3.58 -34.58 15.46
C LYS A 314 -4.40 -35.44 16.43
N LYS A 315 -5.19 -36.36 15.92
CA LYS A 315 -5.91 -37.24 16.84
C LYS A 315 -4.95 -38.31 17.36
N LEU A 316 -5.46 -39.07 18.32
CA LEU A 316 -4.76 -40.27 18.79
C LEU A 316 -5.13 -41.45 17.91
N SER A 317 -4.29 -42.48 17.94
CA SER A 317 -4.61 -43.67 17.17
C SER A 317 -5.76 -44.40 17.87
N PRO A 318 -6.66 -45.00 17.11
CA PRO A 318 -7.89 -45.55 17.72
C PRO A 318 -7.64 -46.48 18.91
N GLN A 319 -6.68 -47.40 18.79
CA GLN A 319 -6.46 -48.33 19.89
C GLN A 319 -5.79 -47.63 21.07
N ARG A 320 -4.92 -46.66 20.81
CA ARG A 320 -4.33 -45.90 21.90
C ARG A 320 -5.42 -45.18 22.69
N PHE A 321 -6.33 -44.51 21.99
CA PHE A 321 -7.40 -43.76 22.64
C PHE A 321 -8.19 -44.64 23.59
N ILE A 322 -8.66 -45.79 23.10
CA ILE A 322 -9.39 -46.75 23.91
C ILE A 322 -8.59 -47.14 25.15
N ASP A 323 -7.28 -47.35 24.99
CA ASP A 323 -6.44 -47.69 26.13
C ASP A 323 -6.46 -46.57 27.18
N ILE A 324 -6.25 -45.33 26.73
CA ILE A 324 -6.34 -44.15 27.60
C ILE A 324 -7.64 -44.17 28.41
N MET A 325 -8.76 -44.18 27.69
CA MET A 325 -10.03 -44.06 28.38
C MET A 325 -10.28 -45.24 29.30
N GLU A 326 -9.70 -46.40 29.00
CA GLU A 326 -9.82 -47.55 29.89
C GLU A 326 -9.06 -47.32 31.20
N LEU A 327 -7.85 -46.76 31.14
CA LEU A 327 -7.20 -46.43 32.41
C LEU A 327 -7.96 -45.35 33.17
N ASN A 328 -8.95 -44.72 32.54
CA ASN A 328 -9.86 -43.79 33.20
C ASN A 328 -11.26 -44.38 33.36
N ASP A 329 -11.38 -45.72 33.33
CA ASP A 329 -12.65 -46.43 33.52
C ASP A 329 -13.75 -45.92 32.60
N ILE A 330 -13.37 -45.56 31.37
CA ILE A 330 -14.30 -45.20 30.31
C ILE A 330 -14.22 -46.28 29.24
N PRO A 331 -15.17 -47.21 29.20
CA PRO A 331 -15.14 -48.25 28.15
C PRO A 331 -15.67 -47.69 26.84
N LEU A 332 -14.90 -47.90 25.77
CA LEU A 332 -15.29 -47.45 24.44
C LEU A 332 -14.85 -48.49 23.43
N LYS A 333 -15.50 -48.48 22.27
CA LYS A 333 -15.21 -49.43 21.21
C LYS A 333 -14.45 -48.83 20.05
N TYR A 334 -13.80 -49.72 19.30
CA TYR A 334 -12.90 -49.30 18.23
C TYR A 334 -13.65 -48.54 17.15
N GLU A 335 -14.82 -49.05 16.76
CA GLU A 335 -15.56 -48.44 15.67
C GLU A 335 -16.05 -47.03 16.00
N ASP A 336 -16.20 -46.69 17.28
CA ASP A 336 -16.74 -45.41 17.68
C ASP A 336 -15.69 -44.34 17.93
N VAL A 337 -14.39 -44.63 17.78
CA VAL A 337 -13.38 -43.64 18.12
C VAL A 337 -12.41 -43.44 16.95
N GLN A 338 -12.87 -43.67 15.73
CA GLN A 338 -11.99 -43.55 14.57
C GLN A 338 -11.62 -42.09 14.31
N THR A 339 -12.60 -41.19 14.33
CA THR A 339 -12.40 -39.84 13.84
C THR A 339 -12.03 -38.87 14.95
N ALA A 340 -11.41 -37.76 14.54
CA ALA A 340 -11.18 -36.65 15.44
C ALA A 340 -12.46 -36.28 16.16
N LYS A 341 -13.54 -36.09 15.41
CA LYS A 341 -14.78 -35.63 16.01
C LYS A 341 -15.26 -36.62 17.08
N GLN A 342 -15.10 -37.92 16.81
CA GLN A 342 -15.55 -38.92 17.77
C GLN A 342 -14.77 -38.82 19.08
N GLN A 343 -13.46 -38.63 18.98
CA GLN A 343 -12.64 -38.58 20.18
C GLN A 343 -12.90 -37.29 20.96
N SER A 344 -13.00 -36.17 20.26
CA SER A 344 -13.35 -34.95 20.97
C SER A 344 -14.63 -35.14 21.76
N LEU A 345 -15.71 -35.59 21.10
CA LEU A 345 -16.98 -35.79 21.78
C LEU A 345 -16.83 -36.78 22.94
N ALA A 346 -16.09 -37.87 22.74
CA ALA A 346 -15.97 -38.84 23.81
C ALA A 346 -15.29 -38.23 25.02
N ILE A 347 -14.34 -37.32 24.80
CA ILE A 347 -13.69 -36.67 25.94
C ILE A 347 -14.69 -35.77 26.65
N THR A 348 -15.29 -34.85 25.90
CA THR A 348 -16.34 -33.97 26.40
C THR A 348 -17.37 -34.71 27.23
N HIS A 349 -17.94 -35.79 26.73
CA HIS A 349 -19.06 -36.49 27.40
C HIS A 349 -18.58 -37.44 28.50
N CYS A 350 -17.67 -38.36 28.17
CA CYS A 350 -17.32 -39.37 29.16
C CYS A 350 -16.30 -38.86 30.18
N TYR A 351 -15.39 -38.00 29.76
CA TYR A 351 -14.35 -37.56 30.68
C TYR A 351 -14.76 -36.39 31.58
N PHE A 352 -15.66 -35.51 31.10
CA PHE A 352 -16.07 -34.33 31.87
C PHE A 352 -17.56 -34.29 32.18
N LYS A 353 -18.45 -34.24 31.18
CA LYS A 353 -19.86 -33.97 31.45
C LYS A 353 -20.46 -35.03 32.37
N GLN A 354 -20.49 -36.29 31.92
CA GLN A 354 -21.18 -37.32 32.69
C GLN A 354 -20.60 -37.54 34.08
N PRO A 355 -19.27 -37.56 34.28
CA PRO A 355 -18.77 -37.66 35.67
C PRO A 355 -19.23 -36.52 36.57
N MET A 356 -19.20 -35.28 36.08
CA MET A 356 -19.64 -34.16 36.92
C MET A 356 -21.14 -34.21 37.20
N LYS A 357 -21.96 -34.46 36.17
CA LYS A 357 -23.37 -34.69 36.43
C LYS A 357 -23.58 -35.75 37.53
N GLN A 358 -22.81 -36.85 37.49
CA GLN A 358 -23.02 -37.90 38.48
C GLN A 358 -22.57 -37.44 39.86
N PHE A 359 -21.49 -36.66 39.92
CA PHE A 359 -21.07 -36.11 41.20
C PHE A 359 -22.17 -35.26 41.81
N LEU A 360 -22.81 -34.39 41.01
CA LEU A 360 -23.86 -33.54 41.58
C LEU A 360 -25.10 -34.34 41.96
N GLN A 361 -25.50 -35.30 41.13
CA GLN A 361 -26.72 -36.03 41.41
C GLN A 361 -26.60 -36.85 42.69
N GLN A 362 -25.44 -37.46 42.91
CA GLN A 362 -25.27 -38.24 44.13
C GLN A 362 -25.30 -37.34 45.36
N LEU A 363 -24.71 -36.15 45.27
CA LEU A 363 -24.74 -35.24 46.40
C LEU A 363 -26.18 -34.84 46.74
N ASN A 364 -26.99 -34.51 45.73
CA ASN A 364 -28.41 -34.26 45.97
C ASN A 364 -29.07 -35.43 46.67
N ILE A 365 -28.89 -36.65 46.14
CA ILE A 365 -29.49 -37.83 46.77
C ILE A 365 -29.02 -37.98 48.20
N GLN A 366 -27.75 -37.68 48.47
CA GLN A 366 -27.22 -37.83 49.82
C GLN A 366 -27.79 -36.76 50.75
N ASP A 367 -28.19 -35.60 50.22
CA ASP A 367 -28.52 -34.47 51.07
C ASP A 367 -29.57 -33.57 50.41
N SER A 368 -30.70 -33.43 51.11
CA SER A 368 -31.86 -32.68 50.62
C SER A 368 -31.61 -31.20 50.59
N ASN A 369 -30.72 -30.71 51.45
CA ASN A 369 -30.44 -29.29 51.61
C ASN A 369 -29.18 -28.87 50.88
N ALA A 370 -28.63 -29.75 50.03
CA ALA A 370 -27.40 -29.45 49.30
C ALA A 370 -27.63 -28.28 48.38
N GLN A 371 -26.63 -27.40 48.31
CA GLN A 371 -26.67 -26.16 47.54
C GLN A 371 -25.73 -26.33 46.33
N LEU A 372 -26.29 -26.71 45.19
CA LEU A 372 -25.49 -27.02 44.01
C LEU A 372 -25.96 -26.21 42.81
N TRP A 373 -25.02 -25.65 42.05
CA TRP A 373 -25.29 -25.01 40.76
C TRP A 373 -24.37 -25.57 39.67
N LEU A 374 -24.92 -25.72 38.48
CA LEU A 374 -24.18 -26.15 37.30
C LEU A 374 -24.29 -25.07 36.23
N ALA A 375 -23.21 -24.93 35.45
CA ALA A 375 -23.18 -24.01 34.31
C ALA A 375 -22.42 -24.68 33.18
N GLU A 376 -22.75 -24.29 31.96
CA GLU A 376 -22.02 -24.72 30.77
C GLU A 376 -21.50 -23.47 30.08
N PHE A 377 -20.17 -23.38 29.97
CA PHE A 377 -19.57 -22.28 29.23
C PHE A 377 -19.59 -22.62 27.76
N ALA A 378 -20.30 -21.83 26.95
CA ALA A 378 -20.51 -22.14 25.55
C ALA A 378 -20.11 -21.02 24.59
N TRP A 379 -19.51 -19.93 25.08
CA TRP A 379 -19.04 -18.90 24.16
C TRP A 379 -18.06 -19.50 23.16
N HIS A 380 -18.09 -18.97 21.94
CA HIS A 380 -17.23 -19.35 20.82
C HIS A 380 -17.64 -18.47 19.64
N ASP A 381 -16.79 -18.48 18.60
CA ASP A 381 -17.09 -17.79 17.35
C ASP A 381 -16.58 -18.69 16.24
N THR A 382 -17.49 -19.36 15.52
CA THR A 382 -17.08 -20.28 14.48
C THR A 382 -16.32 -19.59 13.37
N SER A 383 -16.45 -18.28 13.21
CA SER A 383 -15.76 -17.61 12.12
C SER A 383 -14.33 -17.22 12.48
N SER A 384 -13.91 -17.46 13.73
CA SER A 384 -12.57 -17.09 14.16
C SER A 384 -11.55 -18.14 13.73
N ALA A 385 -10.29 -17.79 13.91
CA ALA A 385 -9.21 -18.73 13.65
C ALA A 385 -8.95 -19.64 14.84
N HIS A 386 -9.12 -19.15 16.07
CA HIS A 386 -8.65 -19.90 17.25
C HIS A 386 -9.68 -20.12 18.34
N TYR A 387 -10.89 -19.57 18.23
CA TYR A 387 -11.93 -19.74 19.26
C TYR A 387 -13.21 -20.28 18.62
N ARG A 388 -13.03 -21.34 17.84
CA ARG A 388 -14.10 -21.91 17.03
C ARG A 388 -15.12 -22.71 17.84
N SER A 389 -14.75 -23.24 19.01
CA SER A 389 -15.70 -23.94 19.87
C SER A 389 -15.36 -23.64 21.33
N ALA A 390 -16.29 -23.95 22.25
CA ALA A 390 -16.03 -23.74 23.67
C ALA A 390 -15.27 -24.95 24.25
N TYR A 391 -13.94 -24.91 24.15
CA TYR A 391 -13.11 -26.03 24.60
C TYR A 391 -12.56 -25.83 26.01
N HIS A 392 -12.04 -26.93 26.55
CA HIS A 392 -11.38 -26.99 27.85
C HIS A 392 -10.43 -25.80 28.03
N ILE A 393 -10.45 -25.25 29.26
CA ILE A 393 -9.62 -24.15 29.76
C ILE A 393 -10.15 -22.78 29.34
N LEU A 394 -10.79 -22.69 28.16
CA LEU A 394 -11.18 -21.38 27.63
C LEU A 394 -12.01 -20.53 28.61
N ASP A 395 -12.80 -21.15 29.49
CA ASP A 395 -13.65 -20.34 30.38
C ASP A 395 -12.83 -19.53 31.37
N MET A 396 -11.65 -20.05 31.77
CA MET A 396 -10.77 -19.30 32.67
C MET A 396 -10.36 -17.95 32.10
N VAL A 397 -10.24 -17.81 30.77
CA VAL A 397 -10.00 -16.48 30.22
C VAL A 397 -11.11 -15.53 30.68
N PHE A 398 -12.34 -16.02 30.73
CA PHE A 398 -13.46 -15.17 31.11
C PHE A 398 -13.60 -15.03 32.61
N TRP A 399 -13.42 -16.13 33.37
CA TRP A 399 -13.62 -16.05 34.82
C TRP A 399 -12.72 -14.99 35.43
N PHE A 400 -11.50 -14.86 34.93
CA PHE A 400 -10.55 -13.89 35.48
C PHE A 400 -10.43 -12.64 34.61
N GLY A 401 -11.27 -12.50 33.59
CA GLY A 401 -11.24 -11.31 32.76
C GLY A 401 -9.92 -11.05 32.05
N ASN A 402 -9.25 -12.09 31.58
CA ASN A 402 -8.01 -11.90 30.84
C ASN A 402 -8.25 -11.98 29.33
N LEU A 403 -9.22 -11.16 28.87
CA LEU A 403 -9.58 -11.09 27.46
C LEU A 403 -8.39 -10.76 26.57
N GLN A 404 -7.36 -10.09 27.10
CA GLN A 404 -6.19 -9.83 26.26
C GLN A 404 -5.60 -11.10 25.65
N ILE A 405 -5.85 -12.26 26.26
CA ILE A 405 -5.31 -13.50 25.70
C ILE A 405 -5.93 -13.78 24.33
N LEU A 406 -7.25 -13.57 24.20
CA LEU A 406 -7.88 -13.72 22.90
C LEU A 406 -7.33 -12.72 21.90
N ALA A 407 -7.16 -11.45 22.32
CA ALA A 407 -6.66 -10.43 21.40
C ALA A 407 -5.24 -10.73 20.87
N ALA A 408 -4.46 -11.54 21.59
CA ALA A 408 -3.14 -11.93 21.12
C ALA A 408 -3.20 -13.06 20.12
N HIS A 409 -4.40 -13.59 19.88
CA HIS A 409 -4.65 -14.68 18.95
C HIS A 409 -5.79 -14.32 18.01
N GLN A 410 -5.65 -13.13 17.40
CA GLN A 410 -6.53 -12.53 16.42
C GLN A 410 -8.03 -12.63 16.72
N TYR A 411 -8.39 -12.51 18.00
CA TYR A 411 -9.78 -12.23 18.36
C TYR A 411 -9.84 -10.96 19.20
N PRO A 412 -10.11 -9.81 18.60
CA PRO A 412 -10.16 -8.56 19.39
C PRO A 412 -11.32 -8.56 20.37
N THR A 413 -11.13 -7.79 21.43
CA THR A 413 -12.19 -7.67 22.42
C THR A 413 -13.33 -6.84 21.87
N THR A 414 -14.55 -7.24 22.21
CA THR A 414 -15.77 -6.60 21.78
C THR A 414 -16.68 -6.41 22.99
N ALA A 415 -17.71 -5.57 22.81
CA ALA A 415 -18.66 -5.30 23.87
C ALA A 415 -19.21 -6.58 24.48
N HIS A 416 -19.63 -7.51 23.64
CA HIS A 416 -20.19 -8.75 24.16
C HIS A 416 -19.18 -9.50 25.02
N LEU A 417 -17.92 -9.60 24.58
CA LEU A 417 -16.90 -10.27 25.37
C LEU A 417 -16.70 -9.60 26.71
N LYS A 418 -16.61 -8.26 26.72
CA LYS A 418 -16.39 -7.55 27.96
C LYS A 418 -17.55 -7.79 28.93
N PHE A 419 -18.78 -7.72 28.42
CA PHE A 419 -19.97 -7.92 29.26
C PHE A 419 -20.02 -9.34 29.81
N LEU A 420 -19.87 -10.34 28.93
CA LEU A 420 -20.00 -11.73 29.36
C LEU A 420 -18.96 -12.09 30.41
N SER A 421 -17.71 -11.66 30.19
CA SER A 421 -16.66 -11.93 31.18
C SER A 421 -16.95 -11.22 32.49
N ARG A 422 -17.36 -9.96 32.41
CA ARG A 422 -17.58 -9.16 33.61
C ARG A 422 -18.71 -9.77 34.44
N GLN A 423 -19.77 -10.25 33.77
CA GLN A 423 -20.83 -10.98 34.47
C GLN A 423 -20.27 -12.23 35.15
N MET A 424 -19.44 -13.00 34.44
CA MET A 424 -18.89 -14.22 35.03
C MET A 424 -18.02 -13.90 36.23
N GLN A 425 -17.20 -12.86 36.13
CA GLN A 425 -16.47 -12.38 37.28
C GLN A 425 -17.40 -12.07 38.45
N ASN A 426 -18.51 -11.37 38.18
CA ASN A 426 -19.44 -11.02 39.25
C ASN A 426 -20.07 -12.26 39.85
N ASP A 427 -20.53 -13.18 39.00
CA ASP A 427 -21.11 -14.43 39.48
C ASP A 427 -20.12 -15.15 40.38
N LEU A 428 -18.86 -15.21 39.96
CA LEU A 428 -17.86 -15.90 40.76
C LEU A 428 -17.67 -15.19 42.09
N ALA A 429 -17.44 -13.87 42.06
CA ALA A 429 -17.18 -13.16 43.30
C ALA A 429 -18.40 -13.19 44.23
N ASN A 430 -19.60 -13.01 43.68
CA ASN A 430 -20.81 -13.08 44.47
C ASN A 430 -21.02 -14.47 45.06
N PHE A 431 -20.59 -15.51 44.36
CA PHE A 431 -20.69 -16.86 44.92
C PHE A 431 -19.81 -16.97 46.16
N ALA A 432 -18.54 -16.56 46.03
CA ALA A 432 -17.66 -16.47 47.19
C ALA A 432 -18.30 -15.70 48.34
N LYS A 433 -19.09 -14.68 48.03
CA LYS A 433 -19.70 -13.90 49.11
C LYS A 433 -20.92 -14.58 49.69
N SER A 434 -21.86 -15.05 48.86
CA SER A 434 -23.15 -15.50 49.34
C SER A 434 -23.44 -16.98 49.14
N GLY A 435 -22.56 -17.74 48.48
CA GLY A 435 -22.86 -19.14 48.27
C GLY A 435 -24.03 -19.42 47.34
N LYS A 436 -24.42 -18.47 46.49
CA LYS A 436 -25.53 -18.70 45.57
C LYS A 436 -25.20 -18.16 44.19
N MET A 437 -25.83 -18.74 43.18
CA MET A 437 -25.72 -18.28 41.79
C MET A 437 -27.05 -17.69 41.35
N PRO A 438 -27.08 -16.82 40.33
CA PRO A 438 -28.34 -16.16 39.98
C PRO A 438 -29.23 -16.97 39.04
N TRP A 439 -29.27 -18.29 39.20
CA TRP A 439 -30.14 -19.14 38.41
C TRP A 439 -30.55 -20.31 39.30
N PRO A 440 -31.45 -21.16 38.84
CA PRO A 440 -31.93 -22.23 39.72
C PRO A 440 -30.83 -23.21 40.12
N MET A 441 -30.92 -23.67 41.38
CA MET A 441 -30.11 -24.78 41.85
C MET A 441 -30.27 -25.97 40.94
N TYR A 442 -29.21 -26.77 40.84
CA TYR A 442 -29.28 -28.03 40.13
C TYR A 442 -29.90 -29.07 41.04
N HIS A 443 -31.05 -29.58 40.63
CA HIS A 443 -31.71 -30.70 41.28
C HIS A 443 -31.89 -31.79 40.24
N ASN A 444 -32.08 -33.02 40.72
CA ASN A 444 -31.96 -34.19 39.84
C ASN A 444 -33.15 -34.35 38.90
N GLU A 445 -34.22 -33.61 39.09
CA GLU A 445 -35.36 -33.76 38.21
C GLU A 445 -35.27 -32.80 37.02
N ARG A 446 -35.01 -31.53 37.27
CA ARG A 446 -34.95 -30.55 36.19
C ARG A 446 -33.57 -30.33 35.62
N ARG A 447 -32.52 -30.56 36.42
CA ARG A 447 -31.13 -30.41 35.96
C ARG A 447 -30.87 -29.03 35.36
N TYR A 448 -31.48 -27.98 35.93
CA TYR A 448 -31.27 -26.64 35.41
C TYR A 448 -29.79 -26.29 35.44
N TYR A 449 -29.33 -25.60 34.38
CA TYR A 449 -27.98 -25.07 34.32
C TYR A 449 -27.98 -23.74 33.58
N ARG A 450 -27.02 -22.89 33.95
CA ARG A 450 -26.79 -21.64 33.24
C ARG A 450 -25.92 -21.93 32.01
N THR A 451 -26.28 -21.39 30.85
CA THR A 451 -25.40 -21.49 29.68
C THR A 451 -24.83 -20.11 29.40
N TYR A 452 -23.54 -19.95 29.69
CA TYR A 452 -22.87 -18.68 29.41
C TYR A 452 -22.54 -18.61 27.92
N GLN A 453 -23.02 -17.57 27.23
CA GLN A 453 -22.39 -17.24 25.95
C GLN A 453 -22.67 -15.85 25.49
N PRO B 2 23.07 28.52 -19.09
CA PRO B 2 22.71 27.10 -18.95
C PRO B 2 23.34 26.47 -17.70
N GLY B 3 24.02 27.30 -16.91
CA GLY B 3 24.60 26.82 -15.68
C GLY B 3 23.55 26.23 -14.76
N MET B 4 23.95 25.20 -14.01
CA MET B 4 23.06 24.53 -13.07
C MET B 4 23.79 24.38 -11.73
N LYS B 5 23.31 25.07 -10.71
CA LYS B 5 23.98 25.08 -9.42
C LYS B 5 23.32 24.10 -8.47
N ILE B 6 24.13 23.29 -7.78
CA ILE B 6 23.70 22.41 -6.71
C ILE B 6 24.28 22.93 -5.40
N ASN B 7 23.44 23.02 -4.36
CA ASN B 7 23.90 23.31 -3.01
C ASN B 7 24.18 22.01 -2.27
N THR B 8 25.35 21.89 -1.65
CA THR B 8 25.63 20.75 -0.80
C THR B 8 26.22 21.24 0.53
N THR B 9 26.22 20.34 1.51
CA THR B 9 26.86 20.65 2.80
C THR B 9 28.31 21.08 2.62
N GLY B 10 28.96 20.66 1.55
CA GLY B 10 30.34 21.05 1.35
C GLY B 10 30.53 22.31 0.56
N GLY B 11 29.43 22.87 0.06
CA GLY B 11 29.47 24.04 -0.79
C GLY B 11 28.79 23.77 -2.12
N GLN B 12 28.95 24.72 -3.02
CA GLN B 12 28.20 24.75 -4.28
C GLN B 12 28.96 24.02 -5.38
N ILE B 13 28.21 23.42 -6.30
CA ILE B 13 28.75 22.76 -7.48
C ILE B 13 28.00 23.25 -8.70
N HIS B 14 28.74 23.69 -9.73
CA HIS B 14 28.17 24.27 -10.94
C HIS B 14 28.37 23.31 -12.11
N GLY B 15 27.27 22.77 -12.63
CA GLY B 15 27.29 21.97 -13.85
C GLY B 15 26.55 22.62 -14.99
N ILE B 16 26.00 21.82 -15.91
CA ILE B 16 25.43 22.29 -17.16
C ILE B 16 24.08 21.61 -17.37
N THR B 17 23.06 22.39 -17.73
CA THR B 17 21.77 21.86 -18.17
C THR B 17 21.70 21.91 -19.69
N GLN B 18 21.59 20.75 -20.33
CA GLN B 18 21.48 20.70 -21.79
C GLN B 18 20.57 19.53 -22.18
N ASP B 19 19.64 19.81 -23.10
CA ASP B 19 18.74 18.81 -23.65
C ASP B 19 18.14 17.92 -22.55
N GLY B 20 17.68 18.57 -21.47
CA GLY B 20 16.97 17.84 -20.44
C GLY B 20 17.84 17.12 -19.44
N LEU B 21 19.16 17.19 -19.58
CA LEU B 21 20.09 16.59 -18.63
C LEU B 21 20.82 17.69 -17.84
N ASP B 22 21.06 17.42 -16.57
CA ASP B 22 22.09 18.12 -15.83
C ASP B 22 23.35 17.25 -15.87
N ILE B 23 24.47 17.84 -16.27
CA ILE B 23 25.73 17.13 -16.43
C ILE B 23 26.77 17.83 -15.57
N PHE B 24 27.54 17.04 -14.82
CA PHE B 24 28.60 17.58 -13.98
C PHE B 24 29.87 16.82 -14.31
N LEU B 25 30.91 17.56 -14.67
CA LEU B 25 32.17 17.01 -15.13
C LEU B 25 33.27 17.50 -14.21
N GLY B 26 34.11 16.58 -13.75
CA GLY B 26 35.32 16.96 -13.05
C GLY B 26 35.20 17.28 -11.58
N ILE B 27 34.24 16.69 -10.87
CA ILE B 27 34.08 16.92 -9.43
C ILE B 27 35.23 16.25 -8.69
N PRO B 28 36.10 17.01 -8.02
CA PRO B 28 37.16 16.38 -7.21
C PRO B 28 36.59 15.71 -5.98
N TYR B 29 36.56 14.37 -5.93
CA TYR B 29 35.97 13.63 -4.83
C TYR B 29 36.92 13.35 -3.68
N ALA B 30 38.22 13.45 -3.94
CA ALA B 30 39.22 13.19 -2.92
C ALA B 30 40.34 14.20 -3.12
N GLU B 31 41.19 14.31 -2.10
CA GLU B 31 42.29 15.24 -2.17
C GLU B 31 43.34 14.73 -3.15
N PRO B 32 43.85 15.60 -4.02
CA PRO B 32 44.70 15.14 -5.13
C PRO B 32 45.87 14.32 -4.63
N PRO B 33 46.08 13.12 -5.20
CA PRO B 33 47.13 12.20 -4.68
C PRO B 33 48.53 12.57 -5.15
N VAL B 34 48.96 13.78 -4.78
CA VAL B 34 50.27 14.30 -5.16
C VAL B 34 50.99 14.75 -3.90
N HIS B 35 52.24 15.22 -4.10
CA HIS B 35 53.14 15.66 -3.04
C HIS B 35 53.04 14.75 -1.82
N ASP B 36 52.66 15.31 -0.67
CA ASP B 36 52.57 14.48 0.53
C ASP B 36 51.47 13.43 0.43
N ASN B 37 50.47 13.65 -0.41
CA ASN B 37 49.39 12.68 -0.55
C ASN B 37 49.73 11.60 -1.55
N ARG B 38 50.93 11.63 -2.11
CA ARG B 38 51.35 10.68 -3.12
C ARG B 38 51.68 9.34 -2.48
N PHE B 39 51.43 8.27 -3.24
CA PHE B 39 51.67 6.89 -2.82
C PHE B 39 50.83 6.49 -1.61
N LYS B 40 49.80 7.27 -1.25
CA LYS B 40 49.03 7.03 -0.04
C LYS B 40 47.55 6.90 -0.37
N HIS B 41 46.83 6.19 0.50
CA HIS B 41 45.38 6.08 0.36
C HIS B 41 44.78 7.47 0.26
N SER B 42 43.76 7.63 -0.58
CA SER B 42 43.25 8.98 -0.84
C SER B 42 42.33 9.46 0.28
N THR B 43 42.40 10.76 0.53
CA THR B 43 41.57 11.42 1.53
C THR B 43 40.29 11.96 0.90
N LEU B 44 39.15 11.50 1.42
CA LEU B 44 37.86 11.97 0.95
C LEU B 44 37.79 13.48 1.01
N LYS B 45 37.22 14.08 -0.02
CA LYS B 45 37.05 15.52 -0.07
C LYS B 45 35.64 15.82 0.39
N THR B 46 35.53 16.60 1.46
CA THR B 46 34.26 16.92 2.10
C THR B 46 33.87 18.40 2.00
N GLN B 47 34.83 19.32 1.85
CA GLN B 47 34.47 20.73 1.80
C GLN B 47 35.35 21.49 0.83
N TRP B 48 34.81 22.58 0.29
CA TRP B 48 35.54 23.40 -0.67
C TRP B 48 35.22 24.87 -0.41
N SER B 49 36.27 25.70 -0.47
CA SER B 49 36.11 27.14 -0.24
C SER B 49 35.40 27.81 -1.41
N GLU B 50 35.71 27.41 -2.64
CA GLU B 50 34.98 28.05 -3.70
C GLU B 50 34.08 27.07 -4.43
N PRO B 51 32.95 27.55 -4.99
CA PRO B 51 32.11 26.68 -5.81
C PRO B 51 32.93 25.85 -6.77
N ILE B 52 32.61 24.57 -6.84
CA ILE B 52 33.32 23.64 -7.72
C ILE B 52 32.86 23.90 -9.14
N ASP B 53 33.78 24.38 -9.99
CA ASP B 53 33.50 24.43 -11.42
C ASP B 53 33.47 22.99 -11.94
N ALA B 54 32.29 22.54 -12.37
CA ALA B 54 32.09 21.17 -12.80
C ALA B 54 31.65 21.12 -14.25
N THR B 55 32.22 22.01 -15.07
CA THR B 55 31.77 22.17 -16.45
C THR B 55 32.74 21.60 -17.46
N GLU B 56 33.84 21.01 -17.01
CA GLU B 56 34.94 20.65 -17.89
C GLU B 56 35.49 19.30 -17.47
N ILE B 57 35.92 18.51 -18.46
CA ILE B 57 36.56 17.23 -18.16
C ILE B 57 37.91 17.51 -17.53
N GLN B 58 38.21 16.83 -16.44
CA GLN B 58 39.46 17.00 -15.70
C GLN B 58 40.45 15.91 -16.09
N PRO B 59 41.71 16.00 -15.64
CA PRO B 59 42.72 15.03 -16.11
C PRO B 59 42.42 13.61 -15.68
N ILE B 60 43.10 12.67 -16.35
CA ILE B 60 42.89 11.24 -16.17
C ILE B 60 44.16 10.59 -15.65
N PRO B 61 44.13 9.34 -15.20
CA PRO B 61 45.33 8.73 -14.61
C PRO B 61 46.38 8.45 -15.66
N PRO B 62 47.66 8.67 -15.32
CA PRO B 62 48.73 8.34 -16.27
C PRO B 62 48.75 6.85 -16.61
N GLN B 63 48.96 6.55 -17.88
CA GLN B 63 48.81 5.17 -18.34
C GLN B 63 49.51 4.99 -19.67
N PRO B 64 50.04 3.80 -19.96
CA PRO B 64 50.45 3.49 -21.33
C PRO B 64 49.29 3.72 -22.28
N ASP B 65 49.55 3.73 -23.58
CA ASP B 65 48.50 3.97 -24.54
C ASP B 65 47.43 2.89 -24.45
N ASN B 66 46.19 3.30 -24.19
CA ASN B 66 45.06 2.38 -24.23
C ASN B 66 44.83 1.92 -25.67
N LYS B 67 45.23 0.68 -25.96
CA LYS B 67 45.23 0.17 -27.33
C LYS B 67 43.83 0.08 -27.95
N LEU B 68 42.78 0.01 -27.14
CA LEU B 68 41.43 -0.24 -27.63
C LEU B 68 40.54 0.99 -27.61
N GLU B 69 41.01 2.13 -27.10
CA GLU B 69 40.08 3.25 -26.96
C GLU B 69 39.59 3.73 -28.32
N ASP B 70 40.48 3.80 -29.32
CA ASP B 70 40.06 4.22 -30.65
C ASP B 70 38.98 3.29 -31.20
N PHE B 71 39.17 1.98 -31.04
CA PHE B 71 38.13 1.04 -31.45
C PHE B 71 36.80 1.39 -30.83
N PHE B 72 36.79 1.70 -29.53
CA PHE B 72 35.54 1.88 -28.79
C PHE B 72 35.19 3.35 -28.62
N SER B 73 35.34 4.12 -29.70
CA SER B 73 34.90 5.52 -29.71
C SER B 73 34.52 5.89 -31.14
N SER B 74 33.99 7.11 -31.29
CA SER B 74 33.35 7.53 -32.53
C SER B 74 33.82 8.88 -33.01
N GLN B 75 34.73 9.52 -32.30
CA GLN B 75 35.37 10.76 -32.76
C GLN B 75 36.73 10.80 -32.12
N SER B 76 37.63 11.54 -32.74
CA SER B 76 38.91 11.74 -32.10
C SER B 76 38.73 12.67 -30.91
N THR B 77 39.36 12.33 -29.79
CA THR B 77 39.31 13.20 -28.63
C THR B 77 40.70 13.30 -28.04
N THR B 78 40.82 14.15 -27.01
CA THR B 78 42.10 14.40 -26.38
C THR B 78 41.91 14.66 -24.89
N PHE B 79 42.56 13.87 -24.05
CA PHE B 79 42.52 14.03 -22.61
C PHE B 79 43.93 14.27 -22.07
N THR B 80 43.99 14.93 -20.92
CA THR B 80 45.22 15.22 -20.20
C THR B 80 45.45 14.16 -19.11
N GLU B 81 46.70 13.68 -19.00
CA GLU B 81 47.09 12.70 -17.98
C GLU B 81 47.90 13.43 -16.91
N HIS B 82 47.34 13.53 -15.70
CA HIS B 82 48.02 14.07 -14.53
C HIS B 82 47.80 13.14 -13.34
N GLU B 83 48.78 13.10 -12.44
CA GLU B 83 48.58 12.36 -11.20
C GLU B 83 47.41 12.93 -10.43
N ASP B 84 47.22 14.25 -10.50
CA ASP B 84 46.00 14.86 -10.01
C ASP B 84 44.85 14.50 -10.94
N CYS B 85 44.22 13.34 -10.70
CA CYS B 85 43.17 12.83 -11.56
C CYS B 85 41.95 12.32 -10.81
N LEU B 86 41.92 12.40 -9.48
CA LEU B 86 40.77 11.81 -8.77
C LEU B 86 39.52 12.64 -8.97
N TYR B 87 38.79 12.41 -10.07
CA TYR B 87 37.58 13.15 -10.34
C TYR B 87 36.43 12.22 -10.69
N LEU B 88 35.21 12.67 -10.40
CA LEU B 88 34.01 11.95 -10.77
C LEU B 88 33.08 12.86 -11.55
N ASN B 89 32.18 12.22 -12.30
CA ASN B 89 31.24 12.93 -13.15
C ASN B 89 29.83 12.36 -12.96
N ILE B 90 28.84 13.23 -13.12
CA ILE B 90 27.46 12.93 -12.75
C ILE B 90 26.52 13.31 -13.88
N TRP B 91 25.66 12.39 -14.28
CA TRP B 91 24.62 12.66 -15.26
C TRP B 91 23.24 12.45 -14.62
N LYS B 92 22.32 13.37 -14.83
CA LYS B 92 20.99 13.21 -14.30
C LYS B 92 20.01 13.95 -15.20
N GLN B 93 18.76 13.48 -15.19
CA GLN B 93 17.67 14.21 -15.83
C GLN B 93 17.36 15.48 -15.05
N HIS B 94 16.99 16.53 -15.79
CA HIS B 94 16.67 17.84 -15.21
C HIS B 94 15.17 17.87 -14.91
N ASN B 95 14.80 17.46 -13.70
CA ASN B 95 13.41 17.51 -13.27
C ASN B 95 13.40 17.73 -11.75
N ASP B 96 12.22 17.64 -11.16
CA ASP B 96 12.05 17.83 -9.73
C ASP B 96 11.92 16.52 -8.95
N GLN B 97 11.94 15.36 -9.62
CA GLN B 97 11.85 14.07 -8.93
C GLN B 97 13.05 13.85 -8.00
N THR B 98 12.81 13.16 -6.90
CA THR B 98 13.89 12.83 -5.96
C THR B 98 13.86 11.32 -5.71
N LYS B 99 14.81 10.86 -4.88
CA LYS B 99 14.99 9.46 -4.55
C LYS B 99 15.18 8.61 -5.81
N LYS B 100 16.08 9.05 -6.66
CA LYS B 100 16.41 8.33 -7.87
C LYS B 100 17.45 7.25 -7.60
N PRO B 101 17.33 6.06 -8.19
CA PRO B 101 18.40 5.07 -8.08
C PRO B 101 19.70 5.65 -8.63
N VAL B 102 20.81 5.22 -8.05
CA VAL B 102 22.14 5.75 -8.36
C VAL B 102 23.01 4.58 -8.79
N ILE B 103 23.67 4.74 -9.94
CA ILE B 103 24.63 3.75 -10.42
C ILE B 103 26.00 4.40 -10.42
N ILE B 104 26.97 3.72 -9.85
CA ILE B 104 28.36 4.15 -9.95
C ILE B 104 29.09 3.15 -10.82
N TYR B 105 29.70 3.63 -11.90
CA TYR B 105 30.44 2.78 -12.82
C TYR B 105 31.92 2.81 -12.51
N PHE B 106 32.54 1.65 -12.42
CA PHE B 106 34.00 1.49 -12.41
C PHE B 106 34.43 0.78 -13.70
N TYR B 107 35.36 1.40 -14.45
CA TYR B 107 35.80 0.89 -15.74
C TYR B 107 36.82 -0.24 -15.57
N GLY B 108 37.00 -1.01 -16.63
CA GLY B 108 38.02 -2.03 -16.70
C GLY B 108 39.25 -1.54 -17.44
N GLY B 109 40.20 -2.46 -17.64
CA GLY B 109 41.42 -2.08 -18.33
C GLY B 109 42.68 -2.57 -17.66
N SER B 110 42.60 -3.76 -17.04
CA SER B 110 43.73 -4.40 -16.36
C SER B 110 44.35 -3.54 -15.27
N PHE B 111 43.56 -2.62 -14.68
CA PHE B 111 44.04 -1.76 -13.61
C PHE B 111 45.24 -0.94 -14.08
N GLU B 112 45.25 -0.63 -15.37
CA GLU B 112 46.34 0.12 -15.96
C GLU B 112 45.87 1.15 -16.97
N ASN B 113 44.70 0.96 -17.60
CA ASN B 113 44.10 1.89 -18.53
C ASN B 113 42.66 2.21 -18.12
N GLY B 114 42.14 3.31 -18.68
CA GLY B 114 40.76 3.71 -18.50
C GLY B 114 40.64 5.11 -17.91
N HIS B 115 39.42 5.63 -17.99
CA HIS B 115 38.99 6.82 -17.27
C HIS B 115 37.48 6.94 -17.40
N GLY B 116 36.85 7.52 -16.37
CA GLY B 116 35.40 7.64 -16.35
C GLY B 116 34.84 8.54 -17.43
N THR B 117 35.68 9.24 -18.19
CA THR B 117 35.21 10.18 -19.18
C THR B 117 35.38 9.68 -20.61
N ALA B 118 35.80 8.43 -20.79
CA ALA B 118 35.83 7.86 -22.12
C ALA B 118 34.42 7.80 -22.68
N GLU B 119 34.34 7.90 -24.01
CA GLU B 119 33.05 7.89 -24.70
C GLU B 119 32.24 6.65 -24.36
N LEU B 120 32.91 5.51 -24.25
CA LEU B 120 32.27 4.23 -23.99
C LEU B 120 31.67 4.15 -22.59
N TYR B 121 32.01 5.07 -21.69
CA TYR B 121 31.43 5.08 -20.37
C TYR B 121 30.54 6.28 -20.14
N GLN B 122 30.40 7.16 -21.13
CA GLN B 122 29.53 8.31 -20.93
C GLN B 122 28.07 7.86 -21.01
N PRO B 123 27.30 7.99 -19.94
CA PRO B 123 26.01 7.32 -19.85
C PRO B 123 24.84 8.16 -20.30
N ALA B 124 25.11 9.24 -21.04
CA ALA B 124 24.04 10.19 -21.32
C ALA B 124 22.85 9.52 -21.99
N HIS B 125 23.09 8.57 -22.89
CA HIS B 125 21.96 7.89 -23.53
C HIS B 125 21.10 7.14 -22.51
N LEU B 126 21.72 6.34 -21.63
CA LEU B 126 20.97 5.68 -20.55
C LEU B 126 20.08 6.65 -19.79
N VAL B 127 20.60 7.83 -19.46
CA VAL B 127 19.92 8.72 -18.51
C VAL B 127 18.78 9.47 -19.17
N GLN B 128 18.88 9.77 -20.47
CA GLN B 128 17.74 10.38 -21.14
C GLN B 128 16.54 9.45 -21.18
N ASN B 129 16.76 8.15 -21.06
CA ASN B 129 15.67 7.21 -21.21
C ASN B 129 15.16 6.63 -19.91
N ASN B 130 15.97 6.71 -18.86
CA ASN B 130 15.58 6.17 -17.56
C ASN B 130 16.03 7.15 -16.51
N ASP B 131 15.08 7.62 -15.70
CA ASP B 131 15.40 8.66 -14.73
C ASP B 131 16.21 8.05 -13.59
N ILE B 132 17.48 7.79 -13.86
CA ILE B 132 18.40 7.39 -12.82
C ILE B 132 19.56 8.37 -12.86
N ILE B 133 20.40 8.28 -11.84
CA ILE B 133 21.66 9.03 -11.81
C ILE B 133 22.80 8.05 -11.98
N VAL B 134 23.71 8.36 -12.91
CA VAL B 134 24.86 7.52 -13.20
C VAL B 134 26.12 8.35 -13.03
N ILE B 135 27.13 7.75 -12.41
CA ILE B 135 28.35 8.44 -12.05
C ILE B 135 29.52 7.63 -12.54
N THR B 136 30.48 8.29 -13.16
CA THR B 136 31.74 7.66 -13.50
C THR B 136 32.84 8.42 -12.79
N CYS B 137 34.03 7.82 -12.78
CA CYS B 137 35.12 8.32 -11.95
C CYS B 137 36.44 7.92 -12.57
N ASN B 138 37.50 8.57 -12.12
CA ASN B 138 38.85 8.08 -12.26
C ASN B 138 39.28 7.42 -10.95
N TYR B 139 40.07 6.37 -11.07
CA TYR B 139 40.80 5.85 -9.92
C TYR B 139 42.22 5.57 -10.34
N ARG B 140 43.17 5.73 -9.42
CA ARG B 140 44.56 5.60 -9.79
C ARG B 140 44.81 4.25 -10.45
N LEU B 141 45.68 4.24 -11.46
CA LEU B 141 45.95 3.06 -12.27
C LEU B 141 47.45 2.75 -12.32
N GLY B 142 47.77 1.54 -12.75
CA GLY B 142 49.16 1.16 -12.92
C GLY B 142 49.92 1.09 -11.61
N ALA B 143 51.21 1.44 -11.68
CA ALA B 143 52.06 1.34 -10.50
C ALA B 143 51.56 2.27 -9.38
N LEU B 144 51.16 3.48 -9.75
CA LEU B 144 50.70 4.46 -8.77
C LEU B 144 49.47 3.98 -8.01
N GLY B 145 48.68 3.11 -8.62
CA GLY B 145 47.42 2.72 -8.04
C GLY B 145 47.46 1.36 -7.36
N TYR B 146 48.42 0.49 -7.74
CA TYR B 146 48.41 -0.86 -7.21
C TYR B 146 49.78 -1.43 -6.85
N LEU B 147 50.89 -0.73 -7.11
CA LEU B 147 52.16 -1.18 -6.55
C LEU B 147 52.06 -1.17 -5.03
N ASP B 148 52.72 -2.13 -4.39
CA ASP B 148 52.77 -2.15 -2.92
C ASP B 148 53.87 -1.19 -2.48
N TRP B 149 53.51 0.09 -2.36
CA TRP B 149 54.50 1.11 -2.00
C TRP B 149 54.92 1.02 -0.54
N SER B 150 54.15 0.33 0.30
CA SER B 150 54.60 0.12 1.68
C SER B 150 55.94 -0.62 1.70
N TYR B 151 56.24 -1.37 0.64
CA TYR B 151 57.53 -2.05 0.54
C TYR B 151 58.68 -1.07 0.56
N PHE B 152 58.46 0.16 0.10
CA PHE B 152 59.51 1.17 0.03
C PHE B 152 59.58 2.03 1.28
N ASN B 153 58.46 2.18 1.98
CA ASN B 153 58.37 3.10 3.10
C ASN B 153 57.07 2.83 3.85
N LYS B 154 57.15 2.72 5.18
CA LYS B 154 55.99 2.33 5.96
C LYS B 154 54.81 3.27 5.75
N ASP B 155 55.06 4.49 5.30
CA ASP B 155 54.01 5.50 5.22
C ASP B 155 53.31 5.53 3.86
N PHE B 156 53.74 4.69 2.93
CA PHE B 156 53.05 4.53 1.65
C PHE B 156 52.23 3.22 1.68
N HIS B 157 51.23 3.13 0.80
CA HIS B 157 50.20 2.11 0.91
C HIS B 157 49.97 1.36 -0.39
N SER B 158 49.57 0.10 -0.24
CA SER B 158 49.06 -0.70 -1.33
C SER B 158 47.64 -0.26 -1.69
N ASN B 159 47.12 -0.84 -2.78
CA ASN B 159 45.69 -0.78 -3.10
C ASN B 159 45.17 0.67 -3.17
N ASN B 160 46.01 1.55 -3.71
CA ASN B 160 45.67 2.97 -3.73
C ASN B 160 44.42 3.24 -4.56
N GLY B 161 44.38 2.70 -5.79
CA GLY B 161 43.23 2.88 -6.64
C GLY B 161 41.97 2.25 -6.08
N LEU B 162 42.12 1.16 -5.33
CA LEU B 162 40.99 0.63 -4.56
C LEU B 162 40.56 1.60 -3.47
N SER B 163 41.49 2.35 -2.88
CA SER B 163 41.08 3.32 -1.87
C SER B 163 40.35 4.50 -2.52
N ASP B 164 40.73 4.83 -3.75
CA ASP B 164 40.04 5.85 -4.53
C ASP B 164 38.60 5.46 -4.79
N GLN B 165 38.39 4.20 -5.21
CA GLN B 165 37.05 3.70 -5.48
C GLN B 165 36.18 3.77 -4.22
N ILE B 166 36.75 3.36 -3.08
CA ILE B 166 36.06 3.52 -1.80
C ILE B 166 35.63 4.97 -1.61
N ASN B 167 36.52 5.90 -1.96
CA ASN B 167 36.23 7.31 -1.74
C ASN B 167 35.18 7.84 -2.71
N VAL B 168 35.05 7.24 -3.90
CA VAL B 168 33.95 7.63 -4.78
C VAL B 168 32.64 7.21 -4.16
N ILE B 169 32.60 5.98 -3.67
CA ILE B 169 31.41 5.50 -2.99
C ILE B 169 31.11 6.39 -1.79
N LYS B 170 32.13 6.71 -1.01
CA LYS B 170 31.88 7.51 0.19
C LYS B 170 31.43 8.91 -0.19
N TRP B 171 31.91 9.43 -1.33
CA TRP B 171 31.53 10.77 -1.77
C TRP B 171 30.06 10.80 -2.17
N VAL B 172 29.65 9.83 -2.98
CA VAL B 172 28.27 9.74 -3.46
C VAL B 172 27.29 9.56 -2.30
N HIS B 173 27.59 8.63 -1.39
CA HIS B 173 26.75 8.48 -0.20
C HIS B 173 26.53 9.81 0.50
N GLN B 174 27.57 10.62 0.60
CA GLN B 174 27.48 11.82 1.40
C GLN B 174 26.78 12.97 0.67
N PHE B 175 26.85 13.05 -0.67
CA PHE B 175 26.34 14.23 -1.35
C PHE B 175 25.24 13.98 -2.36
N ILE B 176 25.02 12.73 -2.80
CA ILE B 176 24.21 12.51 -4.01
C ILE B 176 22.77 12.91 -3.76
N GLU B 177 22.37 13.00 -2.48
CA GLU B 177 21.00 13.36 -2.21
C GLU B 177 20.74 14.80 -2.63
N SER B 178 21.77 15.65 -2.56
CA SER B 178 21.69 17.01 -3.08
C SER B 178 21.38 17.06 -4.57
N PHE B 179 21.62 15.95 -5.28
CA PHE B 179 21.37 15.87 -6.71
C PHE B 179 20.07 15.17 -7.03
N GLY B 180 19.27 14.82 -6.01
CA GLY B 180 18.07 14.04 -6.21
C GLY B 180 18.29 12.55 -6.17
N GLY B 181 19.46 12.12 -5.76
CA GLY B 181 19.71 10.70 -5.64
C GLY B 181 19.20 10.13 -4.33
N ASP B 182 18.90 8.84 -4.38
CA ASP B 182 18.57 8.08 -3.19
C ASP B 182 19.87 7.47 -2.68
N ALA B 183 20.44 8.07 -1.64
CA ALA B 183 21.67 7.58 -1.01
C ALA B 183 21.50 6.19 -0.41
N ASN B 184 20.26 5.68 -0.31
CA ASN B 184 20.00 4.33 0.17
C ASN B 184 19.81 3.31 -0.93
N ASN B 185 20.00 3.70 -2.25
CA ASN B 185 19.81 2.78 -3.38
C ASN B 185 20.94 3.01 -4.39
N ILE B 186 22.13 2.51 -4.04
CA ILE B 186 23.33 2.66 -4.85
C ILE B 186 23.69 1.31 -5.46
N THR B 187 23.70 1.25 -6.78
CA THR B 187 24.18 0.11 -7.54
C THR B 187 25.60 0.37 -8.00
N LEU B 188 26.52 -0.52 -7.67
CA LEU B 188 27.85 -0.47 -8.26
C LEU B 188 27.82 -1.31 -9.53
N MET B 189 28.38 -0.76 -10.62
CA MET B 189 28.40 -1.41 -11.92
C MET B 189 29.81 -1.37 -12.49
N GLY B 190 30.31 -2.52 -12.90
CA GLY B 190 31.71 -2.63 -13.29
C GLY B 190 31.90 -3.72 -14.32
N GLN B 191 32.87 -3.49 -15.20
CA GLN B 191 33.20 -4.45 -16.24
C GLN B 191 34.69 -4.77 -16.17
N SER B 192 35.00 -6.06 -16.33
CA SER B 192 36.34 -6.62 -16.20
C SER B 192 36.99 -6.12 -14.93
N ALA B 193 38.09 -5.37 -15.04
CA ALA B 193 38.75 -4.87 -13.82
C ALA B 193 37.79 -4.08 -12.93
N GLY B 194 36.81 -3.39 -13.53
CA GLY B 194 35.80 -2.72 -12.73
C GLY B 194 34.89 -3.71 -12.03
N SER B 195 34.63 -4.85 -12.64
CA SER B 195 33.83 -5.86 -11.97
C SER B 195 34.64 -6.54 -10.87
N MET B 196 35.91 -6.85 -11.14
N MET B 196 35.91 -6.83 -11.15
CA MET B 196 36.77 -7.38 -10.08
CA MET B 196 36.81 -7.36 -10.13
C MET B 196 36.83 -6.41 -8.91
C MET B 196 36.91 -6.42 -8.95
N SER B 197 36.85 -5.11 -9.20
CA SER B 197 36.93 -4.12 -8.14
C SER B 197 35.72 -4.21 -7.23
N ILE B 198 34.52 -4.25 -7.82
CA ILE B 198 33.30 -4.34 -7.02
C ILE B 198 33.33 -5.60 -6.15
N LEU B 199 33.76 -6.73 -6.71
CA LEU B 199 33.88 -7.96 -5.93
C LEU B 199 34.79 -7.77 -4.72
N THR B 200 35.89 -7.04 -4.89
CA THR B 200 36.73 -6.74 -3.75
C THR B 200 35.96 -5.91 -2.74
N LEU B 201 35.36 -4.81 -3.19
CA LEU B 201 34.63 -3.92 -2.27
C LEU B 201 33.58 -4.68 -1.48
N LEU B 202 32.92 -5.65 -2.11
CA LEU B 202 31.96 -6.47 -1.37
C LEU B 202 32.61 -7.19 -0.19
N LYS B 203 33.90 -7.48 -0.29
CA LYS B 203 34.62 -8.21 0.75
C LYS B 203 35.26 -7.29 1.79
N ILE B 204 34.95 -6.00 1.77
CA ILE B 204 35.51 -5.08 2.74
C ILE B 204 34.36 -4.57 3.62
N PRO B 205 34.31 -5.00 4.88
CA PRO B 205 33.15 -4.70 5.74
C PRO B 205 32.78 -3.22 5.87
N ASP B 206 33.69 -2.28 5.66
CA ASP B 206 33.40 -0.88 5.95
C ASP B 206 32.87 -0.08 4.78
N ILE B 207 33.05 -0.55 3.55
CA ILE B 207 32.40 0.03 2.39
C ILE B 207 31.15 -0.71 2.02
N GLU B 208 31.18 -2.04 2.20
CA GLU B 208 30.05 -2.89 1.85
C GLU B 208 28.69 -2.27 2.16
N PRO B 209 28.40 -1.77 3.37
CA PRO B 209 27.04 -1.25 3.63
C PRO B 209 26.72 0.05 2.88
N TYR B 210 27.66 0.68 2.22
CA TYR B 210 27.32 1.91 1.53
C TYR B 210 26.54 1.69 0.24
N PHE B 211 26.54 0.47 -0.30
CA PHE B 211 25.84 0.22 -1.56
C PHE B 211 25.01 -1.04 -1.40
N HIS B 212 24.06 -1.21 -2.32
CA HIS B 212 22.91 -2.06 -2.10
C HIS B 212 22.63 -3.04 -3.20
N LYS B 213 23.16 -2.83 -4.41
CA LYS B 213 22.99 -3.69 -5.57
C LYS B 213 24.29 -3.69 -6.36
N VAL B 214 24.45 -4.71 -7.19
CA VAL B 214 25.74 -4.97 -7.82
C VAL B 214 25.51 -5.54 -9.22
N VAL B 215 26.26 -5.00 -10.20
CA VAL B 215 26.19 -5.39 -11.60
C VAL B 215 27.60 -5.73 -12.07
N LEU B 216 27.80 -6.96 -12.55
CA LEU B 216 29.11 -7.52 -12.78
C LEU B 216 29.21 -7.98 -14.23
N LEU B 217 29.94 -7.24 -15.05
CA LEU B 217 30.09 -7.57 -16.46
C LEU B 217 31.48 -8.12 -16.69
N SER B 218 31.55 -9.35 -17.17
CA SER B 218 32.78 -9.99 -17.68
C SER B 218 33.97 -9.75 -16.78
N GLY B 219 33.87 -10.24 -15.55
CA GLY B 219 35.00 -10.13 -14.66
C GLY B 219 34.88 -10.97 -13.41
N ALA B 220 35.86 -11.82 -13.15
CA ALA B 220 35.95 -12.59 -11.92
C ALA B 220 37.06 -12.02 -11.05
N LEU B 221 37.06 -12.39 -9.77
CA LEU B 221 37.98 -11.81 -8.81
C LEU B 221 39.30 -12.57 -8.81
N ARG B 222 40.41 -11.83 -8.86
CA ARG B 222 41.74 -12.37 -9.07
C ARG B 222 42.73 -11.59 -8.20
N LEU B 223 42.69 -11.81 -6.89
CA LEU B 223 43.52 -11.05 -5.96
C LEU B 223 44.97 -11.50 -6.02
N ASP B 224 45.88 -10.56 -5.78
CA ASP B 224 47.31 -10.84 -5.77
C ASP B 224 47.75 -11.28 -4.38
N THR B 225 48.74 -12.16 -4.33
CA THR B 225 49.24 -12.66 -3.05
C THR B 225 50.25 -11.67 -2.49
N LEU B 226 50.34 -11.63 -1.15
CA LEU B 226 51.29 -10.71 -0.52
C LEU B 226 52.73 -11.01 -0.93
N GLU B 227 53.04 -12.28 -1.19
CA GLU B 227 54.40 -12.59 -1.62
C GLU B 227 54.61 -12.18 -3.07
N SER B 228 53.58 -12.33 -3.92
CA SER B 228 53.67 -11.86 -5.30
C SER B 228 53.68 -10.33 -5.35
N ALA B 229 52.88 -9.68 -4.49
CA ALA B 229 52.86 -8.23 -4.46
C ALA B 229 54.23 -7.67 -4.09
N ARG B 230 54.81 -8.18 -3.00
CA ARG B 230 56.14 -7.72 -2.63
C ARG B 230 57.19 -8.19 -3.62
N ASN B 231 57.01 -9.35 -4.23
CA ASN B 231 58.01 -9.82 -5.19
C ASN B 231 58.09 -8.86 -6.38
N LYS B 232 56.95 -8.35 -6.84
CA LYS B 232 56.99 -7.38 -7.94
C LYS B 232 57.60 -6.06 -7.48
N ALA B 233 57.35 -5.66 -6.24
CA ALA B 233 57.96 -4.44 -5.75
C ALA B 233 59.46 -4.57 -5.64
N GLN B 234 59.96 -5.75 -5.25
CA GLN B 234 61.41 -5.97 -5.28
C GLN B 234 61.96 -5.77 -6.68
N HIS B 235 61.20 -6.17 -7.69
CA HIS B 235 61.66 -6.05 -9.07
C HIS B 235 61.48 -4.63 -9.60
N PHE B 236 60.43 -3.94 -9.18
CA PHE B 236 60.33 -2.50 -9.48
C PHE B 236 61.54 -1.77 -8.91
N GLN B 237 61.89 -2.07 -7.65
CA GLN B 237 63.09 -1.50 -7.04
C GLN B 237 64.33 -1.82 -7.89
N LYS B 238 64.56 -3.11 -8.18
CA LYS B 238 65.70 -3.50 -9.00
C LYS B 238 65.75 -2.70 -10.28
N MET B 239 64.59 -2.47 -10.91
CA MET B 239 64.57 -1.68 -12.13
C MET B 239 64.75 -0.20 -11.88
N MET B 240 64.31 0.30 -10.74
CA MET B 240 64.54 1.70 -10.43
C MET B 240 66.03 2.01 -10.41
N LEU B 241 66.84 1.06 -9.94
CA LEU B 241 68.28 1.27 -9.89
C LEU B 241 68.92 1.12 -11.27
N ASP B 242 68.77 -0.04 -11.90
CA ASP B 242 69.42 -0.33 -13.18
C ASP B 242 69.17 0.75 -14.23
N TYR B 243 68.10 1.52 -14.10
CA TYR B 243 67.73 2.47 -15.13
C TYR B 243 67.70 3.92 -14.69
N LEU B 244 67.55 4.22 -13.39
CA LEU B 244 67.48 5.61 -12.95
C LEU B 244 68.43 5.97 -11.80
N ASP B 245 69.21 5.03 -11.28
CA ASP B 245 70.21 5.31 -10.23
C ASP B 245 69.57 5.93 -8.98
N THR B 246 68.47 5.33 -8.52
CA THR B 246 67.90 5.80 -7.26
C THR B 246 67.09 4.68 -6.62
N ASP B 247 67.05 4.71 -5.29
CA ASP B 247 66.16 3.87 -4.50
C ASP B 247 65.02 4.67 -3.89
N ASP B 248 64.93 5.95 -4.20
CA ASP B 248 64.03 6.89 -3.53
C ASP B 248 62.84 7.12 -4.47
N VAL B 249 61.67 6.59 -4.10
CA VAL B 249 60.54 6.61 -5.01
C VAL B 249 59.93 8.01 -5.12
N THR B 250 60.13 8.85 -4.11
CA THR B 250 59.56 10.21 -4.12
C THR B 250 60.22 11.13 -5.14
N SER B 251 61.35 10.73 -5.70
CA SER B 251 62.00 11.48 -6.77
C SER B 251 61.54 11.06 -8.16
N LEU B 252 60.77 9.98 -8.28
CA LEU B 252 60.38 9.50 -9.60
C LEU B 252 59.33 10.42 -10.21
N SER B 253 59.68 11.05 -11.32
CA SER B 253 58.68 11.77 -12.09
C SER B 253 57.63 10.78 -12.59
N THR B 254 56.44 11.31 -12.88
CA THR B 254 55.38 10.43 -13.36
C THR B 254 55.84 9.68 -14.60
N ASN B 255 56.73 10.27 -15.40
CA ASN B 255 57.20 9.58 -16.60
C ASN B 255 58.23 8.52 -16.28
N ASP B 256 59.04 8.72 -15.24
CA ASP B 256 59.91 7.65 -14.77
C ASP B 256 59.08 6.40 -14.44
N ILE B 257 57.90 6.60 -13.86
CA ILE B 257 57.07 5.47 -13.46
C ILE B 257 56.42 4.84 -14.69
N LEU B 258 55.77 5.65 -15.53
CA LEU B 258 55.21 5.13 -16.78
C LEU B 258 56.26 4.40 -17.59
N MET B 259 57.48 4.93 -17.61
CA MET B 259 58.55 4.26 -18.34
C MET B 259 58.94 2.96 -17.67
N LEU B 260 59.04 2.97 -16.34
CA LEU B 260 59.43 1.76 -15.63
C LEU B 260 58.38 0.67 -15.79
N MET B 261 57.09 1.04 -15.73
CA MET B 261 56.04 0.07 -16.00
C MET B 261 56.24 -0.61 -17.35
N ALA B 262 56.60 0.16 -18.37
CA ALA B 262 56.80 -0.41 -19.70
C ALA B 262 57.94 -1.42 -19.68
N LYS B 263 59.06 -1.07 -19.03
CA LYS B 263 60.16 -2.02 -18.92
C LYS B 263 59.76 -3.28 -18.16
N LEU B 264 58.83 -3.16 -17.21
CA LEU B 264 58.33 -4.32 -16.48
C LEU B 264 57.40 -5.15 -17.37
N LYS B 265 56.48 -4.49 -18.09
CA LYS B 265 55.57 -5.23 -18.95
C LYS B 265 56.32 -5.94 -20.07
N GLN B 266 57.41 -5.34 -20.54
CA GLN B 266 58.22 -5.96 -21.59
C GLN B 266 59.02 -7.13 -21.04
N SER B 267 59.60 -6.98 -19.85
CA SER B 267 60.31 -8.08 -19.23
C SER B 267 59.40 -9.27 -18.93
N ARG B 268 58.13 -9.04 -18.61
CA ARG B 268 57.24 -10.15 -18.33
C ARG B 268 56.78 -10.83 -19.61
N GLY B 269 56.69 -10.09 -20.71
CA GLY B 269 56.21 -10.61 -21.95
C GLY B 269 54.76 -10.24 -22.18
N PRO B 270 54.33 -10.28 -23.45
CA PRO B 270 52.97 -9.85 -23.77
C PRO B 270 51.92 -10.77 -23.15
N SER B 271 50.68 -10.29 -23.10
CA SER B 271 49.62 -11.00 -22.43
C SER B 271 48.24 -10.57 -22.89
N LYS B 272 48.15 -9.57 -23.76
CA LYS B 272 46.88 -8.99 -24.18
C LYS B 272 46.08 -8.41 -23.01
N GLY B 273 46.75 -8.11 -21.90
CA GLY B 273 46.09 -7.64 -20.71
C GLY B 273 45.63 -8.71 -19.75
N LEU B 274 45.92 -9.99 -20.03
CA LEU B 274 45.57 -11.10 -19.14
C LEU B 274 46.53 -11.26 -17.98
N ASP B 275 47.77 -10.79 -18.11
CA ASP B 275 48.73 -10.77 -17.02
C ASP B 275 48.46 -9.51 -16.21
N LEU B 276 47.79 -9.67 -15.07
CA LEU B 276 47.39 -8.52 -14.25
C LEU B 276 48.58 -8.05 -13.42
N ILE B 277 49.46 -7.29 -14.08
CA ILE B 277 50.68 -6.84 -13.41
C ILE B 277 50.32 -5.99 -12.20
N TYR B 278 49.33 -5.13 -12.37
CA TYR B 278 48.80 -4.29 -11.30
C TYR B 278 47.38 -4.73 -10.98
N ALA B 279 47.13 -5.03 -9.70
CA ALA B 279 45.87 -5.59 -9.26
C ALA B 279 45.71 -5.33 -7.77
N PRO B 280 44.49 -5.33 -7.25
CA PRO B 280 44.33 -5.20 -5.81
C PRO B 280 44.99 -6.39 -5.12
N ILE B 281 45.64 -6.11 -4.00
CA ILE B 281 46.33 -7.13 -3.22
C ILE B 281 45.42 -7.58 -2.07
N LYS B 282 45.49 -8.86 -1.75
CA LYS B 282 44.72 -9.39 -0.64
C LYS B 282 45.34 -8.93 0.67
N THR B 283 44.54 -8.35 1.56
CA THR B 283 45.06 -7.77 2.78
C THR B 283 44.16 -8.15 3.94
N ASP B 284 44.47 -7.59 5.11
CA ASP B 284 43.72 -7.91 6.31
C ASP B 284 42.28 -7.42 6.24
N TYR B 285 42.05 -6.28 5.59
CA TYR B 285 40.73 -5.69 5.57
C TYR B 285 39.84 -6.25 4.47
N ILE B 286 40.27 -7.30 3.78
CA ILE B 286 39.46 -7.98 2.77
C ILE B 286 39.09 -9.36 3.31
N GLN B 287 37.80 -9.68 3.28
CA GLN B 287 37.30 -10.89 3.91
C GLN B 287 37.43 -12.10 2.99
N ASN B 288 37.42 -13.29 3.60
CA ASN B 288 37.47 -14.52 2.82
C ASN B 288 36.16 -14.76 2.08
N ASN B 289 35.04 -14.49 2.72
CA ASN B 289 33.73 -14.81 2.17
C ASN B 289 33.02 -13.55 1.71
N TYR B 290 31.96 -13.77 0.93
CA TYR B 290 31.14 -12.77 0.26
C TYR B 290 29.88 -12.51 1.06
N PRO B 291 29.47 -11.26 1.20
CA PRO B 291 28.12 -10.98 1.72
C PRO B 291 27.12 -11.36 0.64
N THR B 292 25.90 -11.57 1.07
CA THR B 292 24.86 -12.03 0.18
C THR B 292 23.58 -11.21 0.30
N THR B 293 23.67 -10.00 0.85
CA THR B 293 22.51 -9.17 1.13
C THR B 293 22.12 -8.27 -0.03
N LYS B 294 22.81 -8.37 -1.18
CA LYS B 294 22.56 -7.45 -2.27
C LYS B 294 22.13 -8.20 -3.52
N PRO B 295 21.12 -7.71 -4.24
CA PRO B 295 20.78 -8.31 -5.55
C PRO B 295 21.94 -8.20 -6.54
N ILE B 296 22.14 -9.25 -7.32
CA ILE B 296 23.34 -9.39 -8.13
C ILE B 296 22.94 -9.76 -9.55
N PHE B 297 23.20 -8.86 -10.50
CA PHE B 297 23.09 -9.16 -11.92
C PHE B 297 24.50 -9.33 -12.47
N ALA B 298 24.80 -10.52 -12.96
CA ALA B 298 26.10 -10.87 -13.50
C ALA B 298 25.95 -11.25 -14.97
N CYS B 299 26.97 -10.93 -15.77
CA CYS B 299 26.86 -11.05 -17.22
C CYS B 299 28.23 -11.31 -17.84
N TYR B 300 28.20 -11.91 -19.03
CA TYR B 300 29.41 -12.14 -19.83
C TYR B 300 28.98 -12.18 -21.29
N THR B 301 29.96 -12.17 -22.18
CA THR B 301 29.70 -12.21 -23.61
C THR B 301 30.00 -13.60 -24.19
N LYS B 302 29.26 -13.95 -25.25
CA LYS B 302 29.34 -15.30 -25.80
C LYS B 302 30.78 -15.66 -26.18
N ASP B 303 31.48 -14.76 -26.87
CA ASP B 303 32.83 -15.02 -27.37
C ASP B 303 33.86 -14.08 -26.78
N GLU B 304 33.94 -14.05 -25.45
CA GLU B 304 34.82 -13.11 -24.76
C GLU B 304 36.21 -13.03 -25.39
N GLY B 305 36.83 -14.19 -25.68
CA GLY B 305 38.24 -14.21 -26.00
C GLY B 305 38.58 -13.57 -27.33
N ASP B 306 37.58 -13.39 -28.20
CA ASP B 306 37.82 -13.01 -29.59
C ASP B 306 38.48 -11.66 -29.71
N ILE B 307 38.29 -10.75 -28.75
CA ILE B 307 38.97 -9.46 -28.85
C ILE B 307 40.36 -9.53 -28.23
N TYR B 308 40.64 -10.55 -27.42
CA TYR B 308 42.01 -10.68 -26.93
C TYR B 308 42.89 -11.34 -27.98
N ILE B 309 42.41 -12.43 -28.57
CA ILE B 309 43.16 -13.22 -29.53
C ILE B 309 42.40 -13.10 -30.85
N THR B 310 42.81 -12.15 -31.68
CA THR B 310 41.95 -11.73 -32.79
C THR B 310 42.22 -12.50 -34.06
N SER B 311 43.38 -13.14 -34.18
CA SER B 311 43.79 -13.81 -35.42
C SER B 311 44.92 -14.78 -35.09
N GLU B 312 45.33 -15.53 -36.12
CA GLU B 312 46.44 -16.47 -35.97
C GLU B 312 47.77 -15.74 -35.82
N GLN B 313 47.89 -14.55 -36.39
CA GLN B 313 49.17 -13.86 -36.25
C GLN B 313 49.26 -13.09 -34.95
N LYS B 314 48.12 -12.73 -34.35
CA LYS B 314 48.10 -12.05 -33.06
C LYS B 314 47.74 -12.98 -31.91
N LYS B 315 47.90 -14.28 -32.10
CA LYS B 315 47.84 -15.18 -30.97
C LYS B 315 49.16 -15.16 -30.21
N LEU B 316 49.10 -15.61 -28.96
CA LEU B 316 50.30 -15.64 -28.14
C LEU B 316 51.08 -16.93 -28.35
N SER B 317 52.36 -16.87 -28.07
CA SER B 317 53.16 -18.07 -27.98
C SER B 317 52.46 -19.08 -27.06
N PRO B 318 52.32 -20.34 -27.47
CA PRO B 318 51.59 -21.29 -26.62
C PRO B 318 52.19 -21.43 -25.24
N GLN B 319 53.52 -21.43 -25.13
CA GLN B 319 54.18 -21.49 -23.82
C GLN B 319 53.84 -20.25 -23.00
N ARG B 320 53.93 -19.07 -23.61
CA ARG B 320 53.54 -17.86 -22.92
C ARG B 320 52.06 -17.87 -22.55
N PHE B 321 51.23 -18.54 -23.34
CA PHE B 321 49.82 -18.64 -22.99
C PHE B 321 49.62 -19.51 -21.75
N ILE B 322 50.25 -20.69 -21.73
CA ILE B 322 50.19 -21.50 -20.53
C ILE B 322 50.72 -20.70 -19.33
N ASP B 323 51.85 -20.03 -19.53
CA ASP B 323 52.40 -19.16 -18.49
C ASP B 323 51.33 -18.24 -17.90
N ILE B 324 50.66 -17.48 -18.77
CA ILE B 324 49.70 -16.48 -18.31
C ILE B 324 48.54 -17.16 -17.61
N MET B 325 47.89 -18.10 -18.30
CA MET B 325 46.79 -18.85 -17.69
C MET B 325 47.19 -19.45 -16.35
N GLU B 326 48.45 -19.86 -16.24
CA GLU B 326 48.94 -20.39 -14.98
C GLU B 326 48.91 -19.33 -13.88
N LEU B 327 49.41 -18.12 -14.16
CA LEU B 327 49.46 -17.09 -13.13
C LEU B 327 48.08 -16.74 -12.59
N ASN B 328 47.03 -16.93 -13.39
CA ASN B 328 45.67 -16.73 -12.93
C ASN B 328 44.99 -18.04 -12.53
N ASP B 329 45.80 -19.01 -12.10
CA ASP B 329 45.32 -20.28 -11.53
C ASP B 329 44.36 -21.00 -12.47
N ILE B 330 44.80 -21.17 -13.71
CA ILE B 330 44.03 -21.88 -14.73
C ILE B 330 44.96 -22.89 -15.42
N PRO B 331 45.04 -24.13 -14.93
CA PRO B 331 46.04 -25.08 -15.46
C PRO B 331 45.64 -25.65 -16.81
N LEU B 332 46.45 -25.40 -17.83
CA LEU B 332 46.14 -25.80 -19.19
C LEU B 332 47.28 -26.61 -19.77
N LYS B 333 47.03 -27.19 -20.95
CA LYS B 333 47.97 -28.08 -21.61
C LYS B 333 48.39 -27.47 -22.94
N TYR B 334 49.72 -27.38 -23.12
CA TYR B 334 50.34 -26.83 -24.33
C TYR B 334 49.58 -27.14 -25.61
N GLU B 335 49.42 -28.43 -25.90
CA GLU B 335 48.86 -28.86 -27.18
C GLU B 335 47.42 -28.41 -27.38
N ASP B 336 46.68 -28.15 -26.31
CA ASP B 336 45.35 -27.56 -26.40
C ASP B 336 45.38 -26.06 -26.70
N VAL B 337 46.57 -25.47 -26.81
CA VAL B 337 46.70 -24.02 -26.83
C VAL B 337 47.53 -23.58 -28.03
N GLN B 338 47.58 -24.43 -29.05
CA GLN B 338 48.34 -24.08 -30.26
C GLN B 338 47.63 -22.99 -31.04
N THR B 339 46.32 -23.16 -31.23
CA THR B 339 45.52 -22.39 -32.17
C THR B 339 44.94 -21.13 -31.53
N ALA B 340 44.81 -20.07 -32.34
CA ALA B 340 44.15 -18.86 -31.88
C ALA B 340 42.73 -19.15 -31.42
N LYS B 341 41.97 -19.90 -32.22
CA LYS B 341 40.63 -20.31 -31.83
C LYS B 341 40.63 -20.98 -30.45
N GLN B 342 41.58 -21.87 -30.20
CA GLN B 342 41.67 -22.53 -28.90
C GLN B 342 41.88 -21.51 -27.78
N GLN B 343 42.81 -20.59 -28.00
CA GLN B 343 43.15 -19.60 -26.98
C GLN B 343 41.98 -18.68 -26.68
N SER B 344 41.29 -18.24 -27.73
CA SER B 344 40.09 -17.42 -27.54
C SER B 344 39.04 -18.18 -26.71
N LEU B 345 38.80 -19.45 -27.03
CA LEU B 345 37.84 -20.23 -26.25
C LEU B 345 38.33 -20.48 -24.83
N ALA B 346 39.65 -20.62 -24.63
CA ALA B 346 40.15 -20.76 -23.27
C ALA B 346 39.82 -19.53 -22.45
N ILE B 347 40.10 -18.34 -22.99
CA ILE B 347 39.76 -17.12 -22.25
C ILE B 347 38.26 -17.09 -21.92
N THR B 348 37.42 -17.27 -22.93
CA THR B 348 35.98 -17.17 -22.74
C THR B 348 35.51 -18.15 -21.67
N HIS B 349 35.85 -19.43 -21.83
CA HIS B 349 35.37 -20.45 -20.91
C HIS B 349 36.07 -20.37 -19.57
N CYS B 350 37.41 -20.40 -19.59
CA CYS B 350 38.15 -20.50 -18.33
C CYS B 350 38.24 -19.16 -17.61
N TYR B 351 38.54 -18.09 -18.35
CA TYR B 351 38.85 -16.83 -17.68
C TYR B 351 37.60 -16.08 -17.25
N PHE B 352 36.49 -16.16 -18.01
CA PHE B 352 35.30 -15.44 -17.59
C PHE B 352 34.10 -16.35 -17.30
N LYS B 353 33.65 -17.16 -18.26
CA LYS B 353 32.41 -17.92 -18.11
C LYS B 353 32.39 -18.70 -16.80
N GLN B 354 33.37 -19.60 -16.62
CA GLN B 354 33.37 -20.46 -15.43
C GLN B 354 33.43 -19.68 -14.12
N PRO B 355 34.48 -18.91 -13.81
CA PRO B 355 34.62 -18.40 -12.43
C PRO B 355 33.49 -17.50 -12.02
N MET B 356 32.81 -16.84 -12.98
CA MET B 356 31.57 -16.16 -12.63
C MET B 356 30.52 -17.15 -12.19
N LYS B 357 30.42 -18.28 -12.89
CA LYS B 357 29.40 -19.25 -12.55
C LYS B 357 29.68 -19.91 -11.21
N GLN B 358 30.96 -20.22 -10.92
CA GLN B 358 31.30 -20.69 -9.59
C GLN B 358 30.85 -19.69 -8.54
N PHE B 359 31.03 -18.41 -8.83
CA PHE B 359 30.70 -17.36 -7.87
C PHE B 359 29.22 -17.38 -7.53
N LEU B 360 28.36 -17.35 -8.55
CA LEU B 360 26.92 -17.36 -8.28
C LEU B 360 26.51 -18.65 -7.58
N GLN B 361 27.09 -19.79 -7.99
CA GLN B 361 26.75 -21.06 -7.37
C GLN B 361 27.24 -21.11 -5.93
N GLN B 362 28.41 -20.54 -5.67
CA GLN B 362 28.91 -20.42 -4.31
C GLN B 362 27.91 -19.64 -3.45
N LEU B 363 27.44 -18.49 -3.95
CA LEU B 363 26.51 -17.68 -3.19
C LEU B 363 25.16 -18.38 -2.99
N ASN B 364 24.65 -19.04 -4.05
CA ASN B 364 23.39 -19.75 -3.90
C ASN B 364 23.49 -20.87 -2.88
N ILE B 365 24.71 -21.33 -2.58
CA ILE B 365 24.94 -22.32 -1.53
C ILE B 365 25.08 -21.65 -0.17
N GLN B 366 25.59 -20.42 -0.11
CA GLN B 366 25.61 -19.70 1.15
C GLN B 366 24.19 -19.35 1.59
N ASP B 367 23.36 -18.84 0.68
CA ASP B 367 22.17 -18.07 1.04
C ASP B 367 20.99 -18.53 0.19
N SER B 368 20.01 -19.14 0.87
CA SER B 368 18.75 -19.58 0.23
C SER B 368 17.99 -18.41 -0.37
N ASN B 369 18.08 -17.23 0.24
CA ASN B 369 17.37 -16.03 -0.20
C ASN B 369 18.18 -15.16 -1.17
N ALA B 370 19.20 -15.71 -1.82
CA ALA B 370 20.04 -14.89 -2.68
C ALA B 370 19.27 -14.45 -3.92
N GLN B 371 19.49 -13.22 -4.36
CA GLN B 371 18.83 -12.65 -5.53
C GLN B 371 19.87 -12.50 -6.67
N LEU B 372 20.08 -13.60 -7.39
CA LEU B 372 21.09 -13.68 -8.44
C LEU B 372 20.44 -13.74 -9.82
N TRP B 373 21.06 -13.07 -10.81
CA TRP B 373 20.65 -13.21 -12.21
C TRP B 373 21.86 -13.24 -13.13
N LEU B 374 21.79 -14.13 -14.12
CA LEU B 374 22.87 -14.30 -15.08
C LEU B 374 22.35 -13.98 -16.46
N ALA B 375 23.23 -13.41 -17.29
CA ALA B 375 22.91 -13.08 -18.66
C ALA B 375 24.14 -13.29 -19.51
N GLU B 376 23.88 -13.63 -20.77
CA GLU B 376 24.94 -13.78 -21.75
C GLU B 376 24.64 -12.80 -22.86
N PHE B 377 25.59 -11.91 -23.13
CA PHE B 377 25.50 -11.00 -24.27
C PHE B 377 26.07 -11.71 -25.50
N ALA B 378 25.19 -12.00 -26.46
CA ALA B 378 25.52 -12.83 -27.61
C ALA B 378 25.40 -12.10 -28.92
N TRP B 379 25.05 -10.81 -28.91
CA TRP B 379 24.80 -10.13 -30.18
C TRP B 379 26.07 -10.07 -31.00
N HIS B 380 25.91 -10.22 -32.31
CA HIS B 380 27.00 -10.09 -33.27
C HIS B 380 26.40 -10.16 -34.67
N ASP B 381 27.28 -10.09 -35.67
CA ASP B 381 26.89 -10.19 -37.07
C ASP B 381 28.11 -10.66 -37.84
N THR B 382 28.08 -11.92 -38.32
CA THR B 382 29.24 -12.49 -39.00
C THR B 382 29.49 -11.83 -40.35
N SER B 383 28.54 -11.09 -40.88
CA SER B 383 28.75 -10.42 -42.16
C SER B 383 29.47 -9.10 -42.02
N SER B 384 29.82 -8.71 -40.80
CA SER B 384 30.47 -7.43 -40.56
C SER B 384 31.99 -7.60 -40.48
N ALA B 385 32.70 -6.47 -40.63
CA ALA B 385 34.15 -6.48 -40.50
C ALA B 385 34.64 -6.63 -39.05
N HIS B 386 34.01 -5.93 -38.10
CA HIS B 386 34.60 -5.80 -36.76
C HIS B 386 33.73 -6.32 -35.62
N TYR B 387 32.60 -6.97 -35.91
CA TYR B 387 31.64 -7.39 -34.88
C TYR B 387 31.14 -8.79 -35.16
N ARG B 388 32.07 -9.65 -35.57
CA ARG B 388 31.74 -11.00 -36.04
C ARG B 388 31.34 -11.95 -34.92
N SER B 389 31.62 -11.58 -33.67
CA SER B 389 31.32 -12.42 -32.53
C SER B 389 31.07 -11.51 -31.34
N ALA B 390 30.59 -12.10 -30.24
CA ALA B 390 30.23 -11.34 -29.04
C ALA B 390 31.42 -11.36 -28.09
N TYR B 391 32.34 -10.42 -28.33
CA TYR B 391 33.60 -10.42 -27.59
C TYR B 391 33.59 -9.46 -26.40
N HIS B 392 34.61 -9.62 -25.55
CA HIS B 392 34.84 -8.80 -24.37
C HIS B 392 34.69 -7.31 -24.65
N ILE B 393 33.96 -6.62 -23.75
CA ILE B 393 33.74 -5.17 -23.72
C ILE B 393 32.56 -4.76 -24.61
N LEU B 394 32.27 -5.55 -25.65
CA LEU B 394 31.26 -5.14 -26.64
C LEU B 394 29.91 -4.84 -25.99
N ASP B 395 29.55 -5.55 -24.93
CA ASP B 395 28.24 -5.33 -24.32
C ASP B 395 28.08 -3.92 -23.78
N MET B 396 29.17 -3.24 -23.43
CA MET B 396 29.05 -1.92 -22.83
C MET B 396 28.53 -0.89 -23.82
N VAL B 397 28.81 -1.10 -25.12
CA VAL B 397 28.25 -0.23 -26.15
C VAL B 397 26.73 -0.22 -26.00
N PHE B 398 26.16 -1.39 -25.68
CA PHE B 398 24.71 -1.54 -25.63
C PHE B 398 24.11 -1.10 -24.29
N TRP B 399 24.80 -1.37 -23.18
CA TRP B 399 24.25 -1.04 -21.85
C TRP B 399 24.02 0.45 -21.71
N PHE B 400 25.00 1.25 -22.10
CA PHE B 400 24.92 2.71 -22.10
C PHE B 400 24.38 3.27 -23.41
N GLY B 401 24.14 2.41 -24.41
CA GLY B 401 23.53 2.83 -25.65
C GLY B 401 24.38 3.71 -26.54
N ASN B 402 25.69 3.50 -26.57
CA ASN B 402 26.58 4.29 -27.41
C ASN B 402 26.77 3.60 -28.77
N LEU B 403 25.62 3.37 -29.43
CA LEU B 403 25.62 2.66 -30.72
C LEU B 403 26.46 3.37 -31.78
N GLN B 404 26.68 4.68 -31.64
CA GLN B 404 27.51 5.39 -32.60
C GLN B 404 28.93 4.79 -32.68
N ILE B 405 29.42 4.20 -31.58
CA ILE B 405 30.69 3.49 -31.63
C ILE B 405 30.67 2.40 -32.70
N LEU B 406 29.50 1.83 -32.97
CA LEU B 406 29.40 0.87 -34.06
C LEU B 406 29.34 1.59 -35.41
N ALA B 407 28.59 2.69 -35.50
CA ALA B 407 28.47 3.37 -36.79
C ALA B 407 29.78 4.01 -37.21
N ALA B 408 30.59 4.43 -36.25
CA ALA B 408 31.96 4.83 -36.56
C ALA B 408 32.86 3.65 -36.94
N HIS B 409 32.35 2.43 -37.08
CA HIS B 409 33.19 1.30 -37.46
C HIS B 409 32.44 0.39 -38.45
N GLN B 410 31.81 1.01 -39.44
CA GLN B 410 31.24 0.29 -40.58
C GLN B 410 30.11 -0.64 -40.16
N TYR B 411 29.34 -0.25 -39.13
CA TYR B 411 28.12 -0.98 -38.78
C TYR B 411 27.01 0.00 -38.42
N PRO B 412 26.21 0.42 -39.39
CA PRO B 412 25.14 1.38 -39.12
C PRO B 412 24.14 0.80 -38.13
N THR B 413 23.24 1.68 -37.68
CA THR B 413 22.34 1.42 -36.56
C THR B 413 20.97 1.03 -37.11
N THR B 414 20.60 -0.24 -36.94
CA THR B 414 19.36 -0.80 -37.45
C THR B 414 18.31 -0.85 -36.36
N ALA B 415 17.06 -1.03 -36.78
CA ALA B 415 15.95 -1.08 -35.84
C ALA B 415 16.24 -2.06 -34.72
N HIS B 416 16.68 -3.27 -35.08
CA HIS B 416 16.98 -4.28 -34.07
C HIS B 416 18.03 -3.77 -33.10
N LEU B 417 19.04 -3.07 -33.62
CA LEU B 417 20.12 -2.56 -32.79
C LEU B 417 19.58 -1.59 -31.74
N LYS B 418 18.71 -0.67 -32.16
CA LYS B 418 18.14 0.30 -31.22
C LYS B 418 17.30 -0.42 -30.17
N PHE B 419 16.51 -1.41 -30.59
CA PHE B 419 15.61 -2.10 -29.68
C PHE B 419 16.39 -2.92 -28.66
N LEU B 420 17.40 -3.68 -29.10
CA LEU B 420 18.19 -4.47 -28.17
C LEU B 420 18.93 -3.59 -27.15
N SER B 421 19.42 -2.42 -27.57
CA SER B 421 20.08 -1.56 -26.61
C SER B 421 19.09 -0.89 -25.67
N ARG B 422 17.97 -0.39 -26.22
CA ARG B 422 16.97 0.24 -25.39
C ARG B 422 16.46 -0.74 -24.33
N GLN B 423 16.30 -2.03 -24.70
CA GLN B 423 15.86 -3.02 -23.72
C GLN B 423 16.93 -3.30 -22.67
N MET B 424 18.20 -3.40 -23.08
CA MET B 424 19.24 -3.62 -22.08
C MET B 424 19.30 -2.44 -21.11
N GLN B 425 19.09 -1.22 -21.63
CA GLN B 425 19.09 -0.01 -20.81
C GLN B 425 17.99 -0.05 -19.77
N ASN B 426 16.76 -0.39 -20.20
CA ASN B 426 15.65 -0.55 -19.28
C ASN B 426 15.94 -1.63 -18.25
N ASP B 427 16.36 -2.82 -18.70
CA ASP B 427 16.76 -3.86 -17.75
C ASP B 427 17.73 -3.30 -16.71
N LEU B 428 18.78 -2.60 -17.14
CA LEU B 428 19.79 -2.21 -16.17
C LEU B 428 19.24 -1.16 -15.22
N ALA B 429 18.41 -0.24 -15.72
CA ALA B 429 17.83 0.82 -14.89
C ALA B 429 16.67 0.29 -14.05
N ASN B 430 15.88 -0.65 -14.59
CA ASN B 430 14.82 -1.24 -13.78
C ASN B 430 15.42 -2.14 -12.69
N PHE B 431 16.60 -2.71 -12.95
CA PHE B 431 17.33 -3.43 -11.91
C PHE B 431 17.80 -2.48 -10.81
N ALA B 432 18.36 -1.33 -11.20
CA ALA B 432 18.69 -0.30 -10.23
C ALA B 432 17.49 0.07 -9.37
N LYS B 433 16.30 0.16 -9.97
CA LYS B 433 15.08 0.51 -9.25
C LYS B 433 14.62 -0.63 -8.34
N SER B 434 14.48 -1.85 -8.89
CA SER B 434 13.70 -2.90 -8.27
C SER B 434 14.51 -4.11 -7.79
N GLY B 435 15.79 -4.22 -8.14
CA GLY B 435 16.60 -5.35 -7.72
C GLY B 435 16.25 -6.69 -8.35
N LYS B 436 15.42 -6.73 -9.38
CA LYS B 436 15.13 -7.96 -10.07
C LYS B 436 15.36 -7.77 -11.57
N MET B 437 15.35 -8.88 -12.30
CA MET B 437 15.43 -8.89 -13.75
C MET B 437 14.27 -9.67 -14.35
N PRO B 438 13.91 -9.39 -15.62
CA PRO B 438 12.66 -9.94 -16.19
C PRO B 438 12.81 -11.33 -16.77
N TRP B 439 13.56 -12.17 -16.09
CA TRP B 439 13.74 -13.55 -16.51
C TRP B 439 14.10 -14.35 -15.27
N PRO B 440 14.06 -15.68 -15.35
CA PRO B 440 14.18 -16.47 -14.12
C PRO B 440 15.50 -16.22 -13.42
N MET B 441 15.40 -16.02 -12.11
CA MET B 441 16.53 -15.95 -11.21
C MET B 441 17.45 -17.13 -11.47
N TYR B 442 18.74 -16.95 -11.21
CA TYR B 442 19.72 -18.01 -11.46
C TYR B 442 19.81 -18.89 -10.22
N HIS B 443 19.54 -20.18 -10.40
CA HIS B 443 19.62 -21.15 -9.33
C HIS B 443 20.42 -22.36 -9.83
N ASN B 444 20.92 -23.15 -8.90
CA ASN B 444 21.94 -24.14 -9.23
C ASN B 444 21.41 -25.37 -9.99
N GLU B 445 20.11 -25.64 -9.93
CA GLU B 445 19.60 -26.79 -10.69
C GLU B 445 19.46 -26.44 -12.17
N ARG B 446 18.70 -25.40 -12.48
CA ARG B 446 18.28 -25.12 -13.85
C ARG B 446 19.19 -24.12 -14.57
N ARG B 447 19.96 -23.30 -13.83
CA ARG B 447 20.90 -22.32 -14.40
C ARG B 447 20.28 -21.51 -15.54
N TYR B 448 19.10 -20.95 -15.31
CA TYR B 448 18.52 -20.13 -16.38
C TYR B 448 19.28 -18.82 -16.45
N TYR B 449 19.41 -18.30 -17.68
CA TYR B 449 20.07 -17.04 -17.90
C TYR B 449 19.48 -16.45 -19.17
N ARG B 450 19.57 -15.14 -19.26
CA ARG B 450 19.08 -14.40 -20.40
C ARG B 450 20.17 -14.35 -21.47
N THR B 451 19.77 -14.45 -22.74
CA THR B 451 20.69 -14.30 -23.86
C THR B 451 20.21 -13.11 -24.68
N TYR B 452 20.98 -12.05 -24.68
CA TYR B 452 20.66 -10.87 -25.48
C TYR B 452 21.18 -11.08 -26.91
N GLN B 453 20.33 -10.80 -27.89
CA GLN B 453 20.71 -10.96 -29.28
C GLN B 453 19.75 -10.19 -30.18
N PRO C 2 7.05 -27.64 16.44
CA PRO C 2 6.74 -26.21 16.40
C PRO C 2 7.99 -25.36 16.37
N GLY C 3 9.14 -26.02 16.29
CA GLY C 3 10.40 -25.30 16.28
C GLY C 3 10.56 -24.50 15.00
N MET C 4 11.48 -23.55 15.04
CA MET C 4 11.80 -22.76 13.88
C MET C 4 13.32 -22.71 13.76
N LYS C 5 13.86 -23.43 12.78
CA LYS C 5 15.28 -23.48 12.51
C LYS C 5 15.63 -22.42 11.46
N ILE C 6 16.61 -21.57 11.80
CA ILE C 6 17.15 -20.59 10.86
C ILE C 6 18.63 -20.86 10.73
N ASN C 7 19.11 -21.02 9.48
CA ASN C 7 20.53 -21.23 9.20
C ASN C 7 21.18 -19.91 8.82
N THR C 8 22.34 -19.62 9.39
CA THR C 8 23.09 -18.41 9.07
C THR C 8 24.57 -18.77 8.94
N THR C 9 25.37 -17.82 8.41
CA THR C 9 26.79 -18.06 8.27
C THR C 9 27.49 -18.31 9.60
N GLY C 10 26.85 -18.00 10.72
CA GLY C 10 27.47 -18.15 12.01
C GLY C 10 27.02 -19.40 12.72
N GLY C 11 26.02 -20.06 12.16
CA GLY C 11 25.45 -21.26 12.74
C GLY C 11 23.94 -21.18 12.81
N GLN C 12 23.37 -22.20 13.44
CA GLN C 12 21.92 -22.35 13.49
C GLN C 12 21.32 -21.57 14.67
N ILE C 13 20.12 -21.04 14.45
CA ILE C 13 19.31 -20.38 15.47
C ILE C 13 17.98 -21.10 15.56
N HIS C 14 17.54 -21.41 16.78
N HIS C 14 17.54 -21.41 16.79
CA HIS C 14 16.34 -22.22 17.03
CA HIS C 14 16.34 -22.20 17.05
C HIS C 14 15.28 -21.36 17.70
C HIS C 14 15.28 -21.32 17.70
N GLY C 15 14.19 -21.07 16.98
CA GLY C 15 13.08 -20.32 17.52
C GLY C 15 11.78 -21.10 17.67
N ILE C 16 10.67 -20.36 17.73
CA ILE C 16 9.33 -20.91 17.92
C ILE C 16 8.41 -20.43 16.82
N THR C 17 7.45 -21.26 16.43
CA THR C 17 6.42 -20.87 15.47
C THR C 17 5.06 -21.07 16.11
N GLN C 18 4.33 -19.97 16.31
CA GLN C 18 2.98 -20.02 16.86
C GLN C 18 2.19 -18.82 16.35
N ASP C 19 0.88 -19.05 16.16
CA ASP C 19 -0.07 -17.98 15.86
C ASP C 19 0.35 -17.20 14.61
N GLY C 20 1.06 -17.87 13.71
CA GLY C 20 1.48 -17.30 12.45
C GLY C 20 2.78 -16.54 12.50
N LEU C 21 3.46 -16.53 13.64
CA LEU C 21 4.69 -15.79 13.85
C LEU C 21 5.85 -16.75 14.08
N ASP C 22 7.02 -16.35 13.61
CA ASP C 22 8.26 -16.93 14.10
C ASP C 22 8.80 -15.97 15.14
N ILE C 23 9.00 -16.47 16.36
CA ILE C 23 9.51 -15.68 17.46
C ILE C 23 10.88 -16.23 17.83
N PHE C 24 11.87 -15.35 17.94
CA PHE C 24 13.19 -15.71 18.43
C PHE C 24 13.53 -14.79 19.58
N LEU C 25 13.81 -15.36 20.74
CA LEU C 25 14.05 -14.61 21.96
C LEU C 25 15.43 -14.93 22.51
N GLY C 26 16.16 -13.89 22.89
CA GLY C 26 17.46 -14.10 23.50
C GLY C 26 18.53 -14.57 22.54
N ILE C 27 18.63 -13.94 21.39
CA ILE C 27 19.75 -14.15 20.48
C ILE C 27 20.91 -13.31 21.01
N PRO C 28 22.05 -13.92 21.39
CA PRO C 28 23.19 -13.12 21.85
C PRO C 28 23.92 -12.45 20.70
N TYR C 29 23.81 -11.12 20.56
CA TYR C 29 24.38 -10.45 19.41
C TYR C 29 25.83 -10.03 19.61
N ALA C 30 26.33 -10.06 20.85
CA ALA C 30 27.69 -9.63 21.13
C ALA C 30 28.26 -10.56 22.20
N GLU C 31 29.58 -10.56 22.33
CA GLU C 31 30.18 -11.31 23.43
C GLU C 31 29.72 -10.71 24.75
N PRO C 32 29.44 -11.52 25.75
CA PRO C 32 28.90 -10.98 27.02
C PRO C 32 29.90 -10.02 27.65
N PRO C 33 29.45 -8.85 28.13
CA PRO C 33 30.38 -7.85 28.68
C PRO C 33 30.80 -8.16 30.12
N VAL C 34 31.39 -9.34 30.32
CA VAL C 34 31.89 -9.74 31.62
C VAL C 34 33.34 -10.18 31.48
N HIS C 35 34.04 -10.23 32.62
CA HIS C 35 35.43 -10.66 32.72
C HIS C 35 36.28 -9.72 31.85
N ASP C 36 37.08 -10.23 30.90
CA ASP C 36 37.93 -9.34 30.12
C ASP C 36 37.12 -8.37 29.29
N ASN C 37 35.85 -8.67 29.03
CA ASN C 37 35.02 -7.79 28.24
C ASN C 37 34.30 -6.75 29.08
N ARG C 38 34.27 -6.90 30.41
CA ARG C 38 33.61 -5.93 31.29
C ARG C 38 34.26 -4.55 31.14
N PHE C 39 33.41 -3.51 31.12
CA PHE C 39 33.80 -2.10 30.99
C PHE C 39 34.27 -1.71 29.59
N LYS C 40 34.17 -2.58 28.61
CA LYS C 40 34.67 -2.28 27.28
C LYS C 40 33.54 -2.27 26.26
N HIS C 41 33.81 -1.58 25.15
CA HIS C 41 32.93 -1.71 23.99
C HIS C 41 32.71 -3.19 23.67
N SER C 42 31.48 -3.50 23.26
CA SER C 42 31.11 -4.90 23.03
C SER C 42 31.66 -5.40 21.71
N THR C 43 32.05 -6.67 21.69
CA THR C 43 32.47 -7.33 20.47
C THR C 43 31.26 -8.01 19.84
N LEU C 44 31.00 -7.70 18.57
CA LEU C 44 29.92 -8.34 17.82
C LEU C 44 30.16 -9.84 17.72
N LYS C 45 29.11 -10.63 17.89
CA LYS C 45 29.18 -12.07 17.78
C LYS C 45 28.76 -12.49 16.38
N THR C 46 29.67 -13.15 15.64
CA THR C 46 29.40 -13.65 14.30
C THR C 46 29.53 -15.16 14.16
N GLN C 47 30.01 -15.86 15.19
CA GLN C 47 30.21 -17.30 15.13
C GLN C 47 29.72 -17.94 16.42
N TRP C 48 29.11 -19.13 16.29
CA TRP C 48 28.76 -19.91 17.47
C TRP C 48 28.79 -21.40 17.13
N SER C 49 29.37 -22.18 18.04
CA SER C 49 29.51 -23.63 17.86
C SER C 49 28.16 -24.32 17.85
N GLU C 50 27.53 -24.38 19.03
CA GLU C 50 26.23 -25.00 19.17
C GLU C 50 25.15 -24.09 18.63
N PRO C 51 24.07 -24.66 18.10
CA PRO C 51 22.94 -23.83 17.69
C PRO C 51 22.44 -22.99 18.86
N ILE C 52 21.91 -21.81 18.54
CA ILE C 52 21.48 -20.89 19.58
C ILE C 52 20.05 -21.22 19.98
N ASP C 53 19.84 -21.45 21.28
CA ASP C 53 18.48 -21.56 21.81
C ASP C 53 17.86 -20.17 21.85
N ALA C 54 16.91 -19.91 20.96
CA ALA C 54 16.23 -18.63 20.89
C ALA C 54 14.78 -18.78 21.35
N THR C 55 14.53 -19.61 22.38
CA THR C 55 13.19 -19.91 22.86
C THR C 55 12.87 -19.33 24.23
N GLU C 56 13.77 -18.59 24.86
CA GLU C 56 13.52 -18.01 26.17
C GLU C 56 14.03 -16.57 26.26
N ILE C 57 13.32 -15.75 27.05
CA ILE C 57 13.83 -14.43 27.40
C ILE C 57 15.11 -14.58 28.19
N GLN C 58 16.12 -13.85 27.80
CA GLN C 58 17.42 -13.87 28.46
C GLN C 58 17.52 -12.69 29.42
N PRO C 59 18.56 -12.65 30.26
CA PRO C 59 18.65 -11.57 31.24
C PRO C 59 18.64 -10.19 30.62
N ILE C 60 18.20 -9.22 31.43
CA ILE C 60 18.11 -7.82 31.03
C ILE C 60 19.22 -7.06 31.75
N PRO C 61 19.50 -5.80 31.37
CA PRO C 61 20.53 -5.04 32.07
C PRO C 61 20.15 -4.82 33.52
N PRO C 62 21.11 -4.94 34.42
CA PRO C 62 20.83 -4.60 35.84
C PRO C 62 20.44 -3.13 35.93
N GLN C 63 19.31 -2.87 36.59
CA GLN C 63 18.80 -1.51 36.66
C GLN C 63 18.08 -1.33 37.98
N PRO C 64 17.97 -0.09 38.49
CA PRO C 64 17.10 0.12 39.65
C PRO C 64 15.68 -0.25 39.25
N ASP C 65 14.84 -0.42 40.24
CA ASP C 65 13.44 -0.68 39.97
C ASP C 65 12.87 0.50 39.19
N ASN C 66 12.19 0.18 38.08
CA ASN C 66 11.68 1.18 37.18
C ASN C 66 10.20 1.37 37.47
N LYS C 67 9.88 2.53 38.05
CA LYS C 67 8.56 2.74 38.60
C LYS C 67 7.47 2.80 37.53
N LEU C 68 7.85 3.03 36.27
CA LEU C 68 6.87 3.11 35.18
C LEU C 68 6.52 1.77 34.58
N GLU C 69 7.36 0.74 34.73
CA GLU C 69 7.14 -0.52 34.00
C GLU C 69 5.80 -1.14 34.36
N ASP C 70 5.48 -1.20 35.65
CA ASP C 70 4.19 -1.74 36.08
C ASP C 70 3.04 -0.92 35.51
N PHE C 71 3.16 0.42 35.51
CA PHE C 71 2.09 1.22 34.93
C PHE C 71 1.89 0.88 33.44
N PHE C 72 2.98 0.65 32.71
CA PHE C 72 2.83 0.28 31.31
C PHE C 72 2.88 -1.24 31.12
N SER C 73 2.33 -1.98 32.09
CA SER C 73 2.18 -3.43 31.98
C SER C 73 0.73 -3.81 32.19
N SER C 74 0.40 -5.06 31.84
CA SER C 74 -0.94 -5.60 32.04
C SER C 74 -0.97 -6.78 33.02
N GLN C 75 0.16 -7.13 33.63
CA GLN C 75 0.25 -8.26 34.53
C GLN C 75 1.59 -8.15 35.22
N SER C 76 1.71 -8.86 36.35
CA SER C 76 2.98 -8.90 37.07
C SER C 76 3.96 -9.81 36.33
N THR C 77 5.16 -9.31 36.10
CA THR C 77 6.22 -10.10 35.50
C THR C 77 7.48 -9.94 36.34
N THR C 78 8.43 -10.83 36.14
CA THR C 78 9.73 -10.66 36.77
C THR C 78 10.79 -11.10 35.78
N PHE C 79 11.76 -10.24 35.54
CA PHE C 79 12.87 -10.53 34.64
C PHE C 79 14.15 -10.60 35.46
N THR C 80 15.07 -11.44 35.01
CA THR C 80 16.36 -11.63 35.65
C THR C 80 17.37 -10.62 35.11
N GLU C 81 18.21 -10.10 36.01
CA GLU C 81 19.18 -9.07 35.70
C GLU C 81 20.59 -9.61 35.89
N HIS C 82 21.40 -9.58 34.82
N HIS C 82 21.37 -9.64 34.80
CA HIS C 82 22.77 -10.07 34.84
CA HIS C 82 22.77 -9.99 34.84
C HIS C 82 23.56 -9.29 33.80
C HIS C 82 23.52 -9.08 33.88
N GLU C 83 24.83 -8.97 34.11
CA GLU C 83 25.65 -8.22 33.16
C GLU C 83 25.76 -8.95 31.83
N ASP C 84 25.53 -10.27 31.83
CA ASP C 84 25.33 -11.06 30.62
C ASP C 84 23.92 -10.80 30.12
N CYS C 85 23.73 -9.68 29.42
CA CYS C 85 22.42 -9.26 28.96
C CYS C 85 22.38 -8.79 27.50
N LEU C 86 23.42 -9.03 26.70
CA LEU C 86 23.43 -8.47 25.34
C LEU C 86 22.73 -9.44 24.40
N TYR C 87 21.40 -9.29 24.31
CA TYR C 87 20.53 -10.19 23.58
C TYR C 87 19.52 -9.37 22.79
N LEU C 88 19.11 -9.90 21.66
CA LEU C 88 18.09 -9.27 20.82
C LEU C 88 16.97 -10.25 20.58
N ASN C 89 15.83 -9.73 20.13
CA ASN C 89 14.66 -10.57 19.89
C ASN C 89 14.02 -10.19 18.57
N ILE C 90 13.48 -11.18 17.88
CA ILE C 90 13.02 -10.97 16.51
C ILE C 90 11.62 -11.53 16.39
N TRP C 91 10.67 -10.69 15.96
CA TRP C 91 9.34 -11.13 15.60
C TRP C 91 9.14 -10.96 14.10
N LYS C 92 8.50 -11.95 13.47
CA LYS C 92 8.28 -11.93 12.03
C LYS C 92 7.14 -12.89 11.71
N GLN C 93 6.48 -12.65 10.59
CA GLN C 93 5.47 -13.59 10.11
C GLN C 93 6.11 -14.85 9.55
N HIS C 94 5.51 -16.00 9.86
CA HIS C 94 5.92 -17.30 9.32
C HIS C 94 5.33 -17.49 7.92
N ASN C 95 6.10 -17.12 6.90
CA ASN C 95 5.69 -17.25 5.52
C ASN C 95 6.95 -17.33 4.67
N ASP C 96 6.78 -17.42 3.35
CA ASP C 96 7.89 -17.56 2.43
C ASP C 96 8.41 -16.24 1.85
N GLN C 97 7.89 -15.10 2.31
CA GLN C 97 8.30 -13.82 1.73
C GLN C 97 9.71 -13.45 2.18
N THR C 98 10.40 -12.65 1.35
CA THR C 98 11.76 -12.19 1.65
C THR C 98 11.85 -10.68 1.46
N LYS C 99 13.04 -10.13 1.71
CA LYS C 99 13.29 -8.67 1.61
C LYS C 99 12.27 -7.87 2.41
N LYS C 100 12.00 -8.30 3.64
CA LYS C 100 11.02 -7.58 4.46
C LYS C 100 11.66 -6.34 5.09
N PRO C 101 10.93 -5.24 5.19
CA PRO C 101 11.40 -4.11 6.01
C PRO C 101 11.75 -4.56 7.43
N VAL C 102 12.82 -4.01 7.98
CA VAL C 102 13.31 -4.34 9.32
C VAL C 102 13.26 -3.08 10.16
N ILE C 103 12.56 -3.15 11.30
CA ILE C 103 12.58 -2.08 12.30
C ILE C 103 13.40 -2.58 13.47
N ILE C 104 14.42 -1.83 13.83
CA ILE C 104 15.13 -2.09 15.08
C ILE C 104 14.66 -1.05 16.09
N TYR C 105 14.19 -1.52 17.25
CA TYR C 105 13.62 -0.67 18.30
C TYR C 105 14.63 -0.49 19.42
N PHE C 106 14.86 0.76 19.84
CA PHE C 106 15.72 1.08 20.99
C PHE C 106 14.86 1.77 22.04
N TYR C 107 14.74 1.15 23.22
CA TYR C 107 13.88 1.69 24.27
C TYR C 107 14.51 2.92 24.91
N GLY C 108 13.67 3.79 25.44
CA GLY C 108 14.10 4.88 26.28
C GLY C 108 14.16 4.45 27.72
N GLY C 109 14.22 5.43 28.62
CA GLY C 109 14.28 5.13 30.05
C GLY C 109 15.50 5.74 30.71
N SER C 110 15.87 6.93 30.23
CA SER C 110 16.92 7.76 30.83
C SER C 110 18.29 7.10 30.79
N PHE C 111 18.50 6.15 29.87
CA PHE C 111 19.72 5.35 29.84
C PHE C 111 19.99 4.63 31.16
N GLU C 112 18.96 4.46 31.98
CA GLU C 112 19.09 3.80 33.26
C GLU C 112 18.32 2.49 33.34
N ASN C 113 17.06 2.45 32.92
CA ASN C 113 16.35 1.19 32.85
C ASN C 113 15.73 1.00 31.45
N GLY C 114 15.03 -0.12 31.32
CA GLY C 114 14.50 -0.58 30.05
C GLY C 114 15.03 -1.96 29.70
N HIS C 115 14.39 -2.55 28.69
CA HIS C 115 14.81 -3.82 28.12
C HIS C 115 13.86 -4.18 26.99
N GLY C 116 14.38 -4.89 26.00
CA GLY C 116 13.65 -5.16 24.78
C GLY C 116 12.53 -6.17 24.93
N THR C 117 12.39 -6.78 26.09
CA THR C 117 11.36 -7.79 26.33
C THR C 117 10.23 -7.27 27.21
N ALA C 118 10.28 -6.00 27.61
CA ALA C 118 9.15 -5.40 28.31
C ALA C 118 7.89 -5.49 27.45
N GLU C 119 6.76 -5.75 28.11
CA GLU C 119 5.49 -5.84 27.40
C GLU C 119 5.25 -4.64 26.49
N LEU C 120 5.66 -3.45 26.93
CA LEU C 120 5.44 -2.23 26.16
C LEU C 120 6.16 -2.26 24.81
N TYR C 121 7.28 -2.98 24.71
CA TYR C 121 8.07 -3.01 23.49
C TYR C 121 7.93 -4.32 22.73
N GLN C 122 7.04 -5.21 23.16
CA GLN C 122 6.82 -6.44 22.43
C GLN C 122 5.86 -6.18 21.26
N PRO C 123 6.29 -6.47 20.01
CA PRO C 123 5.57 -5.96 18.83
C PRO C 123 4.71 -6.99 18.13
N ALA C 124 4.29 -8.04 18.82
CA ALA C 124 3.63 -9.14 18.13
C ALA C 124 2.30 -8.72 17.51
N HIS C 125 1.58 -7.77 18.10
CA HIS C 125 0.36 -7.27 17.47
C HIS C 125 0.68 -6.55 16.16
N LEU C 126 1.75 -5.77 16.16
CA LEU C 126 2.15 -5.06 14.95
C LEU C 126 2.57 -6.05 13.85
N VAL C 127 3.41 -7.02 14.18
CA VAL C 127 3.90 -7.94 13.16
C VAL C 127 2.77 -8.82 12.65
N GLN C 128 1.81 -9.15 13.52
CA GLN C 128 0.67 -9.95 13.13
C GLN C 128 -0.11 -9.31 11.98
N ASN C 129 -0.24 -7.98 12.00
CA ASN C 129 -0.99 -7.27 10.97
C ASN C 129 -0.14 -6.67 9.85
N ASN C 130 1.19 -6.61 9.99
CA ASN C 130 2.05 -6.03 8.95
C ASN C 130 3.29 -6.90 8.78
N ASP C 131 3.58 -7.30 7.53
CA ASP C 131 4.65 -8.27 7.27
C ASP C 131 5.98 -7.53 7.24
N ILE C 132 6.38 -7.04 8.41
CA ILE C 132 7.70 -6.47 8.60
C ILE C 132 8.37 -7.26 9.71
N ILE C 133 9.68 -7.10 9.84
CA ILE C 133 10.43 -7.75 10.90
C ILE C 133 10.76 -6.71 11.96
N VAL C 134 10.34 -6.93 13.20
CA VAL C 134 10.63 -6.00 14.28
C VAL C 134 11.57 -6.67 15.26
N ILE C 135 12.64 -5.96 15.62
CA ILE C 135 13.69 -6.47 16.48
C ILE C 135 13.81 -5.55 17.68
N THR C 136 13.82 -6.12 18.88
CA THR C 136 14.16 -5.38 20.08
C THR C 136 15.41 -5.98 20.68
N CYS C 137 16.01 -5.25 21.61
CA CYS C 137 17.31 -5.66 22.13
C CYS C 137 17.48 -5.10 23.54
N ASN C 138 18.54 -5.56 24.21
CA ASN C 138 19.07 -4.83 25.35
C ASN C 138 20.41 -4.19 25.00
N TYR C 139 20.68 -3.03 25.57
CA TYR C 139 21.99 -2.43 25.60
C TYR C 139 22.34 -2.08 27.04
N ARG C 140 23.64 -1.98 27.34
CA ARG C 140 24.05 -1.79 28.72
C ARG C 140 23.55 -0.46 29.24
N LEU C 141 23.10 -0.46 30.50
CA LEU C 141 22.46 0.69 31.09
C LEU C 141 23.27 1.22 32.26
N GLY C 142 22.92 2.44 32.67
CA GLY C 142 23.40 2.95 33.94
C GLY C 142 24.90 3.12 33.91
N ALA C 143 25.54 2.83 35.04
CA ALA C 143 26.98 3.06 35.13
C ALA C 143 27.74 2.12 34.19
N LEU C 144 27.25 0.90 34.00
CA LEU C 144 27.92 -0.08 33.15
C LEU C 144 27.84 0.29 31.67
N GLY C 145 26.84 1.09 31.28
CA GLY C 145 26.63 1.44 29.90
C GLY C 145 27.16 2.80 29.53
N TYR C 146 27.20 3.75 30.49
CA TYR C 146 27.44 5.15 30.15
C TYR C 146 28.40 5.92 31.04
N LEU C 147 28.96 5.33 32.10
CA LEU C 147 30.06 5.96 32.82
C LEU C 147 31.32 5.91 31.95
N ASP C 148 32.14 6.96 32.02
CA ASP C 148 33.41 6.97 31.26
C ASP C 148 34.40 6.17 32.08
N TRP C 149 34.42 4.87 31.85
CA TRP C 149 35.32 4.00 32.59
C TRP C 149 36.78 4.21 32.22
N SER C 150 37.08 4.89 31.10
CA SER C 150 38.48 5.11 30.74
C SER C 150 39.22 5.94 31.78
N TYR C 151 38.48 6.62 32.66
CA TYR C 151 39.13 7.39 33.72
C TYR C 151 39.87 6.48 34.68
N PHE C 152 39.32 5.31 34.97
CA PHE C 152 39.97 4.37 35.89
C PHE C 152 41.07 3.54 35.22
N ASN C 153 41.06 3.44 33.88
CA ASN C 153 42.02 2.61 33.15
C ASN C 153 41.84 2.88 31.65
N LYS C 154 42.93 3.26 30.98
CA LYS C 154 42.93 3.54 29.56
C LYS C 154 42.27 2.43 28.75
N ASP C 155 42.19 1.21 29.30
CA ASP C 155 41.59 0.06 28.63
C ASP C 155 40.08 0.04 28.67
N PHE C 156 39.46 0.86 29.51
CA PHE C 156 38.01 0.84 29.65
C PHE C 156 37.41 1.99 28.87
N HIS C 157 36.09 1.95 28.70
CA HIS C 157 35.48 2.75 27.65
C HIS C 157 34.26 3.53 28.11
N SER C 158 34.11 4.70 27.50
CA SER C 158 32.87 5.48 27.47
C SER C 158 31.86 4.83 26.52
N ASN C 159 30.63 5.34 26.56
CA ASN C 159 29.59 5.02 25.57
C ASN C 159 29.46 3.51 25.35
N ASN C 160 29.55 2.74 26.44
CA ASN C 160 29.47 1.29 26.33
C ASN C 160 28.11 0.85 25.81
N GLY C 161 27.03 1.45 26.31
CA GLY C 161 25.71 1.15 25.76
C GLY C 161 25.60 1.50 24.29
N LEU C 162 26.25 2.59 23.86
CA LEU C 162 26.16 3.01 22.45
C LEU C 162 26.81 1.99 21.54
N SER C 163 27.97 1.44 21.94
CA SER C 163 28.58 0.37 21.16
C SER C 163 27.68 -0.86 21.09
N ASP C 164 26.94 -1.15 22.18
CA ASP C 164 25.99 -2.25 22.12
C ASP C 164 24.96 -2.04 21.03
N GLN C 165 24.43 -0.82 20.92
CA GLN C 165 23.41 -0.54 19.91
C GLN C 165 24.01 -0.56 18.51
N ILE C 166 25.25 -0.11 18.37
CA ILE C 166 25.97 -0.24 17.13
C ILE C 166 26.09 -1.71 16.72
N ASN C 167 26.23 -2.61 17.72
CA ASN C 167 26.38 -4.02 17.39
C ASN C 167 25.06 -4.71 17.12
N VAL C 168 23.95 -4.21 17.70
CA VAL C 168 22.64 -4.67 17.27
C VAL C 168 22.48 -4.42 15.79
N ILE C 169 22.79 -3.20 15.35
CA ILE C 169 22.65 -2.85 13.94
C ILE C 169 23.57 -3.73 13.07
N LYS C 170 24.84 -3.87 13.45
CA LYS C 170 25.75 -4.71 12.66
C LYS C 170 25.30 -6.16 12.65
N TRP C 171 24.88 -6.69 13.80
CA TRP C 171 24.34 -8.05 13.83
C TRP C 171 23.21 -8.19 12.82
N VAL C 172 22.32 -7.20 12.77
CA VAL C 172 21.14 -7.31 11.92
C VAL C 172 21.54 -7.21 10.45
N HIS C 173 22.40 -6.24 10.13
CA HIS C 173 22.93 -6.12 8.78
C HIS C 173 23.56 -7.44 8.32
N GLN C 174 24.28 -8.09 9.22
CA GLN C 174 24.95 -9.32 8.85
C GLN C 174 23.96 -10.45 8.61
N PHE C 175 23.00 -10.64 9.52
CA PHE C 175 22.26 -11.89 9.57
C PHE C 175 20.79 -11.82 9.18
N ILE C 176 20.17 -10.64 9.13
CA ILE C 176 18.71 -10.61 9.00
C ILE C 176 18.24 -11.16 7.66
N GLU C 177 19.15 -11.31 6.68
CA GLU C 177 18.79 -11.92 5.40
C GLU C 177 18.28 -13.35 5.57
N SER C 178 18.80 -14.08 6.56
CA SER C 178 18.33 -15.44 6.84
C SER C 178 16.93 -15.49 7.42
N PHE C 179 16.39 -14.37 7.88
CA PHE C 179 15.03 -14.34 8.40
C PHE C 179 14.04 -13.82 7.36
N GLY C 180 14.50 -13.56 6.13
CA GLY C 180 13.69 -12.88 5.13
C GLY C 180 13.64 -11.37 5.23
N GLY C 181 14.51 -10.76 6.03
CA GLY C 181 14.58 -9.31 6.07
C GLY C 181 15.46 -8.74 4.97
N ASP C 182 15.17 -7.49 4.61
CA ASP C 182 15.96 -6.74 3.65
C ASP C 182 17.03 -5.94 4.40
N ALA C 183 18.26 -6.44 4.39
CA ALA C 183 19.34 -5.73 5.08
C ALA C 183 19.62 -4.38 4.49
N ASN C 184 19.14 -4.10 3.27
CA ASN C 184 19.26 -2.77 2.67
C ASN C 184 18.09 -1.87 2.99
N ASN C 185 17.21 -2.24 3.95
CA ASN C 185 16.08 -1.39 4.28
C ASN C 185 15.78 -1.51 5.78
N ILE C 186 16.71 -1.00 6.60
CA ILE C 186 16.61 -1.10 8.04
C ILE C 186 16.15 0.23 8.60
N THR C 187 15.12 0.21 9.41
CA THR C 187 14.60 1.39 10.08
C THR C 187 14.96 1.34 11.56
N LEU C 188 15.49 2.45 12.08
CA LEU C 188 15.75 2.56 13.51
C LEU C 188 14.58 3.31 14.15
N MET C 189 13.98 2.71 15.18
CA MET C 189 12.84 3.29 15.90
C MET C 189 13.20 3.49 17.37
N GLY C 190 13.03 4.71 17.87
CA GLY C 190 13.34 4.98 19.27
C GLY C 190 12.33 5.88 19.94
N GLN C 191 12.14 5.64 21.23
CA GLN C 191 11.33 6.53 22.06
C GLN C 191 12.16 7.08 23.21
N SER C 192 12.15 8.41 23.37
CA SER C 192 12.84 9.12 24.46
C SER C 192 14.34 8.85 24.36
N ALA C 193 14.98 8.30 25.40
CA ALA C 193 16.40 7.97 25.29
C ALA C 193 16.72 7.13 24.06
N GLY C 194 15.80 6.26 23.63
CA GLY C 194 16.03 5.51 22.40
C GLY C 194 16.16 6.42 21.18
N SER C 195 15.36 7.49 21.14
CA SER C 195 15.48 8.44 20.05
C SER C 195 16.81 9.19 20.10
N MET C 196 17.22 9.66 21.28
N MET C 196 17.21 9.63 21.30
CA MET C 196 18.53 10.29 21.41
CA MET C 196 18.51 10.28 21.47
C MET C 196 19.63 9.34 20.94
C MET C 196 19.63 9.35 21.01
N SER C 197 19.47 8.05 21.24
CA SER C 197 20.47 7.09 20.78
C SER C 197 20.52 7.07 19.25
N ILE C 198 19.35 7.06 18.61
CA ILE C 198 19.31 7.12 17.15
C ILE C 198 19.92 8.42 16.64
N LEU C 199 19.61 9.56 17.30
CA LEU C 199 20.17 10.83 16.86
C LEU C 199 21.69 10.86 17.00
N THR C 200 22.24 10.19 18.02
CA THR C 200 23.69 10.02 18.09
C THR C 200 24.17 9.17 16.91
N LEU C 201 23.54 8.01 16.71
CA LEU C 201 24.00 7.07 15.69
C LEU C 201 23.97 7.71 14.30
N LEU C 202 23.00 8.58 14.02
CA LEU C 202 23.03 9.31 12.76
C LEU C 202 24.28 10.15 12.62
N LYS C 203 24.93 10.50 13.72
CA LYS C 203 26.11 11.36 13.67
C LYS C 203 27.41 10.57 13.71
N ILE C 204 27.35 9.24 13.67
CA ILE C 204 28.54 8.41 13.67
C ILE C 204 28.76 7.82 12.28
N PRO C 205 29.67 8.40 11.48
CA PRO C 205 29.82 7.93 10.09
C PRO C 205 30.18 6.45 9.99
N ASP C 206 30.83 5.90 11.02
CA ASP C 206 31.20 4.49 11.02
C ASP C 206 30.01 3.58 10.78
N ILE C 207 28.84 3.93 11.33
CA ILE C 207 27.71 3.02 11.32
C ILE C 207 26.45 3.62 10.69
N GLU C 208 26.39 4.93 10.52
CA GLU C 208 25.30 5.60 9.82
C GLU C 208 24.89 4.90 8.52
N PRO C 209 25.81 4.42 7.66
CA PRO C 209 25.36 3.74 6.42
C PRO C 209 24.62 2.44 6.66
N TYR C 210 24.68 1.86 7.85
CA TYR C 210 24.08 0.55 8.02
C TYR C 210 22.56 0.61 8.09
N PHE C 211 21.95 1.79 8.18
CA PHE C 211 20.49 1.86 8.29
C PHE C 211 19.98 3.00 7.42
N HIS C 212 18.66 3.05 7.22
CA HIS C 212 18.16 3.83 6.08
C HIS C 212 16.95 4.71 6.34
N LYS C 213 16.23 4.54 7.44
CA LYS C 213 15.11 5.39 7.85
C LYS C 213 15.11 5.45 9.38
N VAL C 214 14.59 6.53 9.94
CA VAL C 214 14.50 6.66 11.39
C VAL C 214 13.08 7.08 11.77
N VAL C 215 12.58 6.51 12.87
CA VAL C 215 11.35 6.94 13.52
C VAL C 215 11.76 7.44 14.90
N LEU C 216 11.61 8.73 15.14
CA LEU C 216 12.01 9.37 16.40
C LEU C 216 10.78 9.78 17.19
N LEU C 217 10.56 9.12 18.32
CA LEU C 217 9.41 9.36 19.16
C LEU C 217 9.85 10.13 20.41
N SER C 218 9.36 11.36 20.56
CA SER C 218 9.47 12.13 21.81
C SER C 218 10.89 12.10 22.39
N GLY C 219 11.78 12.76 21.68
CA GLY C 219 13.09 12.94 22.28
C GLY C 219 14.08 13.56 21.35
N ALA C 220 14.90 14.46 21.89
CA ALA C 220 15.94 15.14 21.14
C ALA C 220 17.30 14.82 21.75
N LEU C 221 18.36 15.29 21.09
CA LEU C 221 19.70 14.87 21.43
C LEU C 221 20.26 15.74 22.54
N ARG C 222 20.51 15.14 23.70
CA ARG C 222 21.13 15.79 24.85
C ARG C 222 22.45 15.08 25.17
N LEU C 223 23.50 15.37 24.40
CA LEU C 223 24.81 14.76 24.61
C LEU C 223 25.55 15.35 25.80
N ASP C 224 25.96 14.49 26.72
CA ASP C 224 26.84 14.89 27.81
C ASP C 224 28.19 15.38 27.29
N THR C 225 28.83 16.26 28.06
CA THR C 225 30.17 16.70 27.71
C THR C 225 31.22 15.81 28.36
N LEU C 226 32.45 15.93 27.89
CA LEU C 226 33.53 15.19 28.52
C LEU C 226 33.91 15.77 29.87
N GLU C 227 33.75 17.09 30.05
CA GLU C 227 33.85 17.68 31.38
C GLU C 227 32.87 17.01 32.33
N SER C 228 31.60 17.04 31.97
CA SER C 228 30.56 16.46 32.82
C SER C 228 30.86 15.00 33.10
N ALA C 229 31.19 14.24 32.05
CA ALA C 229 31.45 12.81 32.21
C ALA C 229 32.58 12.56 33.20
N ARG C 230 33.67 13.33 33.08
CA ARG C 230 34.77 13.17 34.02
C ARG C 230 34.31 13.42 35.47
N ASN C 231 33.60 14.53 35.70
CA ASN C 231 33.10 14.80 37.05
C ASN C 231 32.29 13.60 37.56
N LYS C 232 31.35 13.14 36.76
CA LYS C 232 30.54 11.98 37.12
C LYS C 232 31.42 10.79 37.49
N ALA C 233 32.46 10.54 36.68
CA ALA C 233 33.42 9.48 36.96
C ALA C 233 34.15 9.72 38.28
N GLN C 234 34.82 10.89 38.39
CA GLN C 234 35.55 11.23 39.59
C GLN C 234 34.70 11.02 40.83
N HIS C 235 33.44 11.46 40.77
CA HIS C 235 32.51 11.27 41.86
C HIS C 235 32.12 9.80 42.03
N PHE C 236 32.18 8.99 40.97
CA PHE C 236 31.96 7.56 41.14
C PHE C 236 33.09 6.93 41.95
N GLN C 237 34.34 7.31 41.64
CA GLN C 237 35.50 6.87 42.41
C GLN C 237 35.33 7.17 43.90
N LYS C 238 34.86 8.38 44.23
CA LYS C 238 34.66 8.78 45.62
C LYS C 238 33.59 7.95 46.29
N MET C 239 32.50 7.66 45.58
CA MET C 239 31.47 6.78 46.11
C MET C 239 32.02 5.38 46.37
N MET C 240 32.99 4.92 45.57
CA MET C 240 33.61 3.62 45.84
C MET C 240 34.34 3.64 47.18
N LEU C 241 35.14 4.68 47.45
CA LEU C 241 35.81 4.77 48.74
C LEU C 241 34.80 4.83 49.88
N ASP C 242 33.80 5.70 49.75
CA ASP C 242 32.91 6.01 50.86
C ASP C 242 32.12 4.80 51.32
N TYR C 243 31.58 4.02 50.37
CA TYR C 243 30.68 2.93 50.73
C TYR C 243 31.30 1.53 50.64
N LEU C 244 32.46 1.37 50.00
CA LEU C 244 33.05 0.05 49.83
C LEU C 244 34.56 0.02 50.08
N ASP C 245 35.15 1.13 50.55
CA ASP C 245 36.59 1.34 50.74
C ASP C 245 37.41 0.62 49.68
N THR C 246 37.20 0.97 48.41
CA THR C 246 37.95 0.38 47.31
C THR C 246 38.17 1.44 46.23
N ASP C 247 39.32 1.35 45.57
CA ASP C 247 39.60 2.14 44.38
C ASP C 247 39.72 1.27 43.13
N ASP C 248 39.42 -0.02 43.24
CA ASP C 248 39.66 -1.01 42.18
C ASP C 248 38.33 -1.35 41.54
N VAL C 249 38.10 -0.79 40.35
CA VAL C 249 36.79 -0.89 39.73
C VAL C 249 36.44 -2.32 39.37
N THR C 250 37.44 -3.19 39.19
CA THR C 250 37.21 -4.57 38.79
C THR C 250 36.75 -5.46 39.93
N SER C 251 36.95 -5.03 41.18
CA SER C 251 36.46 -5.77 42.33
C SER C 251 34.99 -5.48 42.63
N LEU C 252 34.34 -4.72 41.76
CA LEU C 252 32.96 -4.31 41.96
C LEU C 252 32.03 -5.44 41.53
N SER C 253 31.11 -5.83 42.41
CA SER C 253 30.06 -6.74 41.95
C SER C 253 28.96 -5.93 41.26
N THR C 254 28.06 -6.64 40.56
CA THR C 254 26.90 -5.97 39.97
C THR C 254 26.12 -5.19 41.02
N ASN C 255 25.77 -5.87 42.14
CA ASN C 255 25.03 -5.24 43.22
C ASN C 255 25.77 -4.01 43.72
N ASP C 256 27.08 -4.15 43.94
CA ASP C 256 27.92 -3.01 44.30
C ASP C 256 27.63 -1.81 43.41
N ILE C 257 27.64 -2.03 42.09
CA ILE C 257 27.43 -0.94 41.15
C ILE C 257 26.00 -0.41 41.26
N LEU C 258 25.02 -1.33 41.26
CA LEU C 258 23.63 -0.95 41.48
C LEU C 258 23.48 -0.13 42.75
N MET C 259 24.20 -0.50 43.81
CA MET C 259 24.10 0.28 45.04
C MET C 259 24.71 1.66 44.87
N LEU C 260 25.88 1.73 44.23
CA LEU C 260 26.54 3.03 44.08
C LEU C 260 25.71 3.98 43.23
N MET C 261 25.10 3.48 42.16
CA MET C 261 24.15 4.29 41.39
C MET C 261 23.09 4.88 42.28
N ALA C 262 22.36 4.01 43.00
CA ALA C 262 21.22 4.46 43.76
C ALA C 262 21.60 5.61 44.69
N LYS C 263 22.76 5.50 45.36
CA LYS C 263 23.21 6.56 46.25
C LYS C 263 23.55 7.83 45.46
N LEU C 264 24.13 7.67 44.27
CA LEU C 264 24.36 8.81 43.40
C LEU C 264 23.05 9.52 43.08
N LYS C 265 22.12 8.80 42.47
CA LYS C 265 20.80 9.33 42.18
C LYS C 265 20.13 9.98 43.40
N GLN C 266 20.37 9.44 44.60
CA GLN C 266 19.80 10.08 45.80
C GLN C 266 20.57 11.33 46.22
N SER C 267 21.88 11.34 46.00
CA SER C 267 22.76 12.47 46.30
C SER C 267 22.64 13.61 45.31
N ARG C 268 21.80 13.51 44.29
CA ARG C 268 21.61 14.58 43.34
C ARG C 268 20.20 15.15 43.33
N GLY C 269 19.23 14.46 43.94
CA GLY C 269 17.91 15.00 44.12
C GLY C 269 16.94 14.56 43.05
N PRO C 270 15.65 14.74 43.31
CA PRO C 270 14.63 14.23 42.38
C PRO C 270 14.68 14.93 41.03
N SER C 271 14.45 14.15 39.97
CA SER C 271 14.48 14.71 38.62
C SER C 271 13.37 14.22 37.70
N LYS C 272 12.56 13.25 38.12
CA LYS C 272 11.53 12.63 37.29
C LYS C 272 12.09 12.10 35.98
N GLY C 273 13.40 11.80 35.94
CA GLY C 273 14.05 11.27 34.77
C GLY C 273 14.82 12.28 33.94
N LEU C 274 14.58 13.58 34.15
CA LEU C 274 15.14 14.62 33.28
C LEU C 274 16.62 14.89 33.52
N ASP C 275 17.17 14.48 34.67
CA ASP C 275 18.59 14.62 34.97
C ASP C 275 19.30 13.38 34.45
N LEU C 276 19.94 13.51 33.29
CA LEU C 276 20.57 12.36 32.63
C LEU C 276 21.92 12.06 33.28
N ILE C 277 21.89 11.23 34.33
CA ILE C 277 23.14 10.86 34.98
C ILE C 277 23.99 10.06 34.04
N TYR C 278 23.37 9.20 33.26
CA TYR C 278 24.02 8.38 32.26
C TYR C 278 23.49 8.81 30.91
N ALA C 279 24.38 9.29 30.04
CA ALA C 279 24.04 9.76 28.70
C ALA C 279 25.21 9.47 27.77
N PRO C 280 24.96 9.32 26.48
CA PRO C 280 26.08 9.25 25.53
C PRO C 280 26.97 10.48 25.69
N ILE C 281 28.28 10.28 25.56
CA ILE C 281 29.27 11.33 25.69
C ILE C 281 29.77 11.72 24.31
N LYS C 282 29.81 13.03 24.04
CA LYS C 282 30.30 13.51 22.76
C LYS C 282 31.78 13.19 22.63
N THR C 283 32.15 12.54 21.53
CA THR C 283 33.50 12.06 21.31
C THR C 283 33.99 12.54 19.95
N ASP C 284 35.27 12.27 19.66
CA ASP C 284 35.84 12.65 18.37
C ASP C 284 35.17 11.90 17.21
N TYR C 285 34.54 10.76 17.47
CA TYR C 285 33.91 9.97 16.41
C TYR C 285 32.42 10.24 16.25
N ILE C 286 31.85 11.14 17.05
CA ILE C 286 30.51 11.66 16.83
C ILE C 286 30.67 13.04 16.21
N GLN C 287 30.02 13.27 15.08
CA GLN C 287 30.28 14.48 14.33
C GLN C 287 29.39 15.62 14.83
N ASN C 288 29.54 16.79 14.21
CA ASN C 288 28.76 17.92 14.66
C ASN C 288 27.38 17.97 14.01
N ASN C 289 27.31 17.63 12.72
CA ASN C 289 26.10 17.79 11.93
C ASN C 289 25.43 16.45 11.65
N TYR C 290 24.17 16.54 11.23
CA TYR C 290 23.37 15.37 10.95
C TYR C 290 23.41 15.04 9.47
N PRO C 291 23.09 13.80 9.10
CA PRO C 291 22.93 13.49 7.67
C PRO C 291 21.47 13.48 7.28
N THR C 292 21.18 14.08 6.14
CA THR C 292 19.84 14.15 5.57
C THR C 292 19.57 12.99 4.61
N THR C 293 20.50 12.06 4.49
CA THR C 293 20.41 10.96 3.54
C THR C 293 19.38 9.90 3.93
N LYS C 294 18.47 10.17 4.89
CA LYS C 294 17.45 9.19 5.30
C LYS C 294 16.08 9.81 5.56
N PRO C 295 15.00 9.20 5.07
CA PRO C 295 13.64 9.64 5.46
C PRO C 295 13.45 9.61 6.98
N ILE C 296 12.70 10.57 7.53
CA ILE C 296 12.55 10.71 8.98
C ILE C 296 11.08 10.89 9.34
N PHE C 297 10.61 10.08 10.29
CA PHE C 297 9.33 10.30 10.93
C PHE C 297 9.54 10.66 12.39
N ALA C 298 9.10 11.86 12.75
CA ALA C 298 9.21 12.32 14.12
C ALA C 298 7.82 12.53 14.70
N CYS C 299 7.70 12.31 16.02
CA CYS C 299 6.43 12.38 16.72
C CYS C 299 6.66 12.83 18.16
N TYR C 300 5.70 13.59 18.69
CA TYR C 300 5.63 13.93 20.11
C TYR C 300 4.20 13.75 20.60
N THR C 301 4.03 13.71 21.91
CA THR C 301 2.68 13.65 22.46
C THR C 301 2.25 15.05 22.90
N LYS C 302 0.94 15.29 22.84
CA LYS C 302 0.44 16.64 23.02
C LYS C 302 0.75 17.18 24.42
N ASP C 303 0.77 16.32 25.45
CA ASP C 303 1.00 16.75 26.83
C ASP C 303 2.12 15.95 27.49
N GLU C 304 3.26 15.81 26.79
CA GLU C 304 4.42 15.05 27.26
C GLU C 304 4.62 15.12 28.77
N GLY C 305 4.76 16.33 29.31
CA GLY C 305 5.19 16.56 30.69
C GLY C 305 4.26 16.02 31.76
N ASP C 306 3.03 15.64 31.41
CA ASP C 306 2.06 15.29 32.45
C ASP C 306 2.46 14.05 33.22
N ILE C 307 3.12 13.09 32.58
CA ILE C 307 3.57 11.92 33.33
C ILE C 307 4.86 12.21 34.09
N TYR C 308 5.55 13.31 33.79
CA TYR C 308 6.66 13.72 34.63
C TYR C 308 6.16 14.49 35.85
N ILE C 309 5.31 15.48 35.63
CA ILE C 309 4.79 16.35 36.68
C ILE C 309 3.30 16.07 36.75
N THR C 310 2.93 15.22 37.70
CA THR C 310 1.63 14.57 37.72
C THR C 310 0.61 15.22 38.64
N SER C 311 1.05 16.09 39.56
CA SER C 311 0.14 16.69 40.52
C SER C 311 0.87 17.79 41.28
N GLU C 312 0.16 18.42 42.21
CA GLU C 312 0.79 19.42 43.07
C GLU C 312 1.65 18.76 44.15
N GLN C 313 1.19 17.66 44.73
CA GLN C 313 2.01 16.92 45.68
C GLN C 313 3.34 16.48 45.04
N LYS C 314 3.29 15.93 43.82
CA LYS C 314 4.47 15.41 43.15
C LYS C 314 5.17 16.43 42.27
N LYS C 315 4.84 17.71 42.41
CA LYS C 315 5.58 18.74 41.68
C LYS C 315 7.06 18.68 42.06
N LEU C 316 7.90 19.28 41.22
CA LEU C 316 9.29 19.49 41.54
C LEU C 316 9.46 20.85 42.20
N SER C 317 10.50 20.96 43.02
CA SER C 317 10.79 22.22 43.69
C SER C 317 11.02 23.29 42.63
N PRO C 318 10.33 24.43 42.71
CA PRO C 318 10.51 25.47 41.68
C PRO C 318 11.96 25.82 41.38
N GLN C 319 12.81 25.97 42.40
CA GLN C 319 14.22 26.23 42.09
C GLN C 319 14.89 25.01 41.49
N ARG C 320 14.67 23.83 42.07
CA ARG C 320 15.31 22.61 41.62
C ARG C 320 14.85 22.21 40.22
N PHE C 321 13.63 22.59 39.86
CA PHE C 321 13.19 22.45 38.47
C PHE C 321 14.06 23.27 37.53
N ILE C 322 14.44 24.48 37.94
CA ILE C 322 15.28 25.33 37.10
C ILE C 322 16.67 24.72 36.96
N ASP C 323 17.25 24.28 38.09
CA ASP C 323 18.56 23.64 38.05
C ASP C 323 18.59 22.52 37.01
N ILE C 324 17.55 21.70 36.98
CA ILE C 324 17.53 20.52 36.11
C ILE C 324 17.36 20.93 34.65
N MET C 325 16.43 21.85 34.37
CA MET C 325 16.28 22.32 33.00
C MET C 325 17.45 23.21 32.57
N GLU C 326 18.09 23.89 33.52
CA GLU C 326 19.28 24.65 33.15
C GLU C 326 20.43 23.72 32.77
N LEU C 327 20.47 22.53 33.38
CA LEU C 327 21.44 21.52 32.95
C LEU C 327 21.27 21.20 31.47
N ASN C 328 20.05 20.89 31.05
CA ASN C 328 19.72 20.66 29.66
C ASN C 328 19.61 21.94 28.85
N ASP C 329 20.21 23.03 29.35
CA ASP C 329 20.35 24.29 28.62
C ASP C 329 18.98 24.88 28.25
N ILE C 330 18.02 24.75 29.15
CA ILE C 330 16.75 25.46 29.04
C ILE C 330 16.71 26.54 30.13
N PRO C 331 17.18 27.76 29.86
CA PRO C 331 17.00 28.84 30.83
C PRO C 331 15.52 29.06 31.08
N LEU C 332 15.13 29.06 32.35
CA LEU C 332 13.76 29.32 32.76
C LEU C 332 13.78 30.23 33.98
N LYS C 333 12.65 30.85 34.27
CA LYS C 333 12.54 31.78 35.39
C LYS C 333 11.90 31.12 36.59
N TYR C 334 12.36 31.49 37.78
CA TYR C 334 11.74 31.03 39.01
C TYR C 334 10.23 31.27 38.96
N GLU C 335 9.85 32.54 38.79
CA GLU C 335 8.46 32.98 38.75
C GLU C 335 7.60 32.21 37.74
N ASP C 336 8.22 31.43 36.86
CA ASP C 336 7.49 30.79 35.78
C ASP C 336 7.33 29.29 35.95
N VAL C 337 7.80 28.71 37.06
CA VAL C 337 7.75 27.26 37.24
C VAL C 337 7.24 26.89 38.63
N GLN C 338 6.38 27.73 39.20
CA GLN C 338 5.82 27.46 40.54
C GLN C 338 4.84 26.30 40.55
N THR C 339 4.16 26.07 39.43
CA THR C 339 2.94 25.28 39.39
C THR C 339 3.15 23.97 38.65
N ALA C 340 2.39 22.95 39.06
CA ALA C 340 2.41 21.67 38.39
C ALA C 340 2.12 21.83 36.90
N LYS C 341 1.11 22.63 36.58
CA LYS C 341 0.77 22.86 35.18
C LYS C 341 1.90 23.56 34.45
N GLN C 342 2.56 24.53 35.10
CA GLN C 342 3.68 25.21 34.47
C GLN C 342 4.84 24.25 34.20
N GLN C 343 5.20 23.43 35.20
CA GLN C 343 6.32 22.52 35.01
C GLN C 343 6.05 21.54 33.88
N SER C 344 4.85 20.95 33.87
CA SER C 344 4.47 20.04 32.79
C SER C 344 4.54 20.70 31.42
N LEU C 345 4.10 21.97 31.33
CA LEU C 345 4.17 22.70 30.06
C LEU C 345 5.60 22.97 29.66
N ALA C 346 6.40 23.49 30.60
CA ALA C 346 7.82 23.69 30.31
C ALA C 346 8.44 22.42 29.74
N ILE C 347 8.09 21.27 30.32
CA ILE C 347 8.62 20.01 29.81
C ILE C 347 8.15 19.81 28.37
N THR C 348 6.84 19.76 28.16
CA THR C 348 6.28 19.43 26.86
C THR C 348 6.87 20.28 25.75
N HIS C 349 7.04 21.58 25.99
CA HIS C 349 7.41 22.52 24.93
C HIS C 349 8.90 22.78 24.85
N CYS C 350 9.58 22.91 25.99
CA CYS C 350 11.00 23.22 25.97
C CYS C 350 11.86 21.98 25.89
N TYR C 351 11.42 20.90 26.53
CA TYR C 351 12.21 19.69 26.52
C TYR C 351 11.95 18.82 25.30
N PHE C 352 10.75 18.86 24.70
CA PHE C 352 10.39 17.93 23.63
C PHE C 352 10.02 18.62 22.32
N LYS C 353 8.94 19.38 22.27
CA LYS C 353 8.42 19.86 20.98
C LYS C 353 9.42 20.79 20.28
N GLN C 354 9.85 21.85 20.96
CA GLN C 354 10.75 22.81 20.32
C GLN C 354 12.05 22.18 19.85
N PRO C 355 12.72 21.30 20.62
CA PRO C 355 13.96 20.73 20.10
C PRO C 355 13.76 19.84 18.89
N MET C 356 12.70 19.04 18.83
CA MET C 356 12.52 18.23 17.63
C MET C 356 12.09 19.10 16.46
N LYS C 357 11.29 20.15 16.72
CA LYS C 357 10.90 21.04 15.65
C LYS C 357 12.11 21.77 15.08
N GLN C 358 13.00 22.25 15.94
CA GLN C 358 14.23 22.87 15.44
C GLN C 358 15.09 21.87 14.69
N PHE C 359 15.07 20.61 15.13
CA PHE C 359 15.82 19.56 14.44
C PHE C 359 15.34 19.44 13.00
N LEU C 360 14.03 19.27 12.81
CA LEU C 360 13.51 19.10 11.45
C LEU C 360 13.70 20.36 10.62
N GLN C 361 13.46 21.55 11.20
CA GLN C 361 13.68 22.77 10.45
C GLN C 361 15.14 22.91 10.02
N GLN C 362 16.07 22.45 10.87
CA GLN C 362 17.48 22.46 10.49
C GLN C 362 17.77 21.49 9.34
N LEU C 363 17.15 20.31 9.34
CA LEU C 363 17.35 19.39 8.23
C LEU C 363 16.82 20.00 6.94
N ASN C 364 15.70 20.73 7.02
CA ASN C 364 15.13 21.32 5.82
C ASN C 364 16.02 22.41 5.26
N ILE C 365 16.60 23.25 6.13
CA ILE C 365 17.51 24.30 5.69
C ILE C 365 18.75 23.69 5.07
N GLN C 366 19.19 22.55 5.60
CA GLN C 366 20.41 21.92 5.08
C GLN C 366 20.18 21.16 3.78
N ASP C 367 18.94 20.77 3.48
CA ASP C 367 18.73 19.87 2.33
C ASP C 367 17.31 20.06 1.81
N SER C 368 17.21 20.70 0.65
CA SER C 368 15.91 20.97 0.06
C SER C 368 15.20 19.70 -0.41
N ASN C 369 15.86 18.54 -0.36
CA ASN C 369 15.25 17.27 -0.74
C ASN C 369 14.88 16.41 0.47
N ALA C 370 15.07 16.92 1.68
CA ALA C 370 14.80 16.15 2.91
C ALA C 370 13.37 15.66 2.95
N GLN C 371 13.19 14.43 3.41
CA GLN C 371 11.89 13.77 3.53
C GLN C 371 11.55 13.64 5.01
N LEU C 372 10.81 14.61 5.53
CA LEU C 372 10.52 14.72 6.95
C LEU C 372 9.02 14.76 7.18
N TRP C 373 8.53 13.99 8.17
CA TRP C 373 7.13 14.03 8.60
C TRP C 373 7.06 14.18 10.11
N LEU C 374 6.07 14.95 10.56
CA LEU C 374 5.86 15.22 11.97
C LEU C 374 4.44 14.78 12.32
N ALA C 375 4.30 14.17 13.51
CA ALA C 375 3.00 13.78 14.04
C ALA C 375 2.89 14.25 15.48
N GLU C 376 1.67 14.51 15.91
CA GLU C 376 1.37 14.73 17.32
C GLU C 376 0.37 13.67 17.74
N PHE C 377 0.74 12.88 18.75
CA PHE C 377 -0.16 11.94 19.38
C PHE C 377 -0.96 12.68 20.47
N ALA C 378 -2.27 12.75 20.30
CA ALA C 378 -3.13 13.52 21.18
C ALA C 378 -4.31 12.71 21.71
N TRP C 379 -4.35 11.39 21.50
CA TRP C 379 -5.42 10.60 22.12
C TRP C 379 -5.36 10.72 23.65
N HIS C 380 -6.54 10.81 24.25
CA HIS C 380 -6.69 10.82 25.71
C HIS C 380 -8.18 10.73 26.01
N ASP C 381 -8.49 10.61 27.30
CA ASP C 381 -9.88 10.67 27.73
C ASP C 381 -9.91 11.30 29.12
N THR C 382 -10.42 12.53 29.18
CA THR C 382 -10.47 13.26 30.43
C THR C 382 -11.40 12.60 31.44
N SER C 383 -12.34 11.77 30.97
CA SER C 383 -13.21 11.03 31.87
C SER C 383 -12.54 9.79 32.47
N SER C 384 -11.29 9.52 32.10
CA SER C 384 -10.62 8.34 32.60
C SER C 384 -9.78 8.70 33.82
N ALA C 385 -9.34 7.67 34.54
CA ALA C 385 -8.50 7.89 35.71
C ALA C 385 -7.02 7.98 35.39
N HIS C 386 -6.54 7.27 34.37
CA HIS C 386 -5.11 7.21 34.17
C HIS C 386 -4.66 7.64 32.78
N TYR C 387 -5.56 8.12 31.92
CA TYR C 387 -5.23 8.50 30.55
C TYR C 387 -5.88 9.83 30.20
N ARG C 388 -5.73 10.80 31.10
CA ARG C 388 -6.45 12.05 31.01
C ARG C 388 -5.88 13.02 30.00
N SER C 389 -4.59 12.89 29.67
CA SER C 389 -3.98 13.68 28.61
C SER C 389 -3.10 12.75 27.78
N ALA C 390 -2.50 13.28 26.73
CA ALA C 390 -1.59 12.47 25.90
C ALA C 390 -0.16 12.66 26.42
N TYR C 391 0.16 11.94 27.50
CA TYR C 391 1.47 12.16 28.08
C TYR C 391 2.53 11.29 27.40
N HIS C 392 3.78 11.68 27.64
CA HIS C 392 4.99 10.93 27.29
C HIS C 392 4.84 9.41 27.52
N ILE C 393 5.29 8.64 26.51
CA ILE C 393 5.36 7.17 26.42
C ILE C 393 4.02 6.58 25.96
N LEU C 394 2.91 7.28 26.22
CA LEU C 394 1.58 6.75 25.93
C LEU C 394 1.40 6.33 24.47
N ASP C 395 2.05 7.01 23.53
CA ASP C 395 1.88 6.62 22.13
C ASP C 395 2.44 5.22 21.84
N MET C 396 3.53 4.83 22.53
CA MET C 396 4.06 3.48 22.36
C MET C 396 3.01 2.39 22.57
N VAL C 397 2.04 2.61 23.48
CA VAL C 397 0.96 1.64 23.60
C VAL C 397 0.26 1.44 22.27
N PHE C 398 0.07 2.52 21.52
CA PHE C 398 -0.68 2.41 20.28
C PHE C 398 0.19 1.94 19.12
N TRP C 399 1.42 2.43 19.02
CA TRP C 399 2.32 2.05 17.92
C TRP C 399 2.46 0.53 17.82
N PHE C 400 2.61 -0.16 18.95
CA PHE C 400 2.75 -1.61 18.91
C PHE C 400 1.46 -2.33 19.23
N GLY C 401 0.36 -1.61 19.45
CA GLY C 401 -0.92 -2.29 19.62
C GLY C 401 -1.12 -3.01 20.93
N ASN C 402 -0.45 -2.58 22.00
CA ASN C 402 -0.55 -3.26 23.28
C ASN C 402 -1.62 -2.61 24.16
N LEU C 403 -2.84 -2.52 23.60
CA LEU C 403 -3.94 -1.82 24.27
C LEU C 403 -4.33 -2.47 25.60
N GLN C 404 -4.05 -3.75 25.79
CA GLN C 404 -4.36 -4.42 27.06
C GLN C 404 -3.74 -3.70 28.25
N ILE C 405 -2.65 -2.96 28.01
CA ILE C 405 -2.06 -2.13 29.06
C ILE C 405 -3.08 -1.15 29.60
N LEU C 406 -3.81 -0.47 28.70
CA LEU C 406 -4.87 0.44 29.13
C LEU C 406 -5.99 -0.34 29.82
N ALA C 407 -6.34 -1.50 29.27
CA ALA C 407 -7.42 -2.28 29.86
C ALA C 407 -7.05 -2.73 31.26
N ALA C 408 -5.75 -2.92 31.52
CA ALA C 408 -5.28 -3.30 32.85
C ALA C 408 -5.39 -2.16 33.86
N HIS C 409 -5.70 -0.96 33.40
CA HIS C 409 -5.77 0.21 34.25
C HIS C 409 -7.08 0.94 34.00
N GLN C 410 -8.17 0.19 34.04
CA GLN C 410 -9.54 0.74 34.11
C GLN C 410 -9.96 1.44 32.82
N TYR C 411 -9.40 1.08 31.66
CA TYR C 411 -9.81 1.70 30.40
C TYR C 411 -9.98 0.61 29.35
N PRO C 412 -11.16 0.03 29.25
CA PRO C 412 -11.38 -1.05 28.28
C PRO C 412 -11.14 -0.57 26.85
N THR C 413 -10.85 -1.53 25.97
CA THR C 413 -10.65 -1.21 24.56
C THR C 413 -11.99 -0.89 23.91
N THR C 414 -11.98 0.07 23.00
CA THR C 414 -13.18 0.44 22.26
C THR C 414 -12.87 0.36 20.78
N ALA C 415 -13.93 0.33 19.97
CA ALA C 415 -13.74 0.25 18.53
C ALA C 415 -12.86 1.38 18.02
N HIS C 416 -12.95 2.56 18.64
CA HIS C 416 -12.11 3.67 18.21
C HIS C 416 -10.65 3.47 18.58
N LEU C 417 -10.40 2.95 19.79
CA LEU C 417 -9.04 2.64 20.20
C LEU C 417 -8.38 1.67 19.21
N LYS C 418 -9.09 0.60 18.90
CA LYS C 418 -8.56 -0.43 18.00
C LYS C 418 -8.28 0.16 16.62
N PHE C 419 -9.23 0.95 16.09
CA PHE C 419 -9.01 1.50 14.75
C PHE C 419 -7.83 2.46 14.77
N LEU C 420 -7.70 3.25 15.83
CA LEU C 420 -6.63 4.22 15.89
C LEU C 420 -5.28 3.54 15.98
N SER C 421 -5.14 2.56 16.88
CA SER C 421 -3.89 1.81 17.00
C SER C 421 -3.54 1.11 15.68
N ARG C 422 -4.51 0.44 15.09
CA ARG C 422 -4.32 -0.22 13.80
C ARG C 422 -3.76 0.75 12.76
N GLN C 423 -4.40 1.91 12.60
CA GLN C 423 -3.89 2.90 11.67
C GLN C 423 -2.45 3.27 11.98
N MET C 424 -2.15 3.54 13.25
CA MET C 424 -0.80 3.93 13.63
C MET C 424 0.20 2.80 13.34
N GLN C 425 -0.20 1.55 13.57
CA GLN C 425 0.63 0.44 13.13
C GLN C 425 0.84 0.47 11.62
N ASN C 426 -0.23 0.67 10.86
CA ASN C 426 -0.11 0.66 9.41
C ASN C 426 0.77 1.81 8.94
N ASP C 427 0.60 3.01 9.51
CA ASP C 427 1.44 4.15 9.14
C ASP C 427 2.91 3.83 9.40
N LEU C 428 3.21 3.25 10.56
CA LEU C 428 4.58 2.93 10.93
C LEU C 428 5.19 1.88 10.00
N ALA C 429 4.42 0.80 9.75
CA ALA C 429 4.88 -0.25 8.82
C ALA C 429 4.99 0.27 7.39
N ASN C 430 4.00 1.03 6.94
CA ASN C 430 4.08 1.60 5.60
C ASN C 430 5.26 2.55 5.48
N PHE C 431 5.64 3.18 6.61
CA PHE C 431 6.82 4.04 6.58
C PHE C 431 8.10 3.22 6.45
N ALA C 432 8.18 2.09 7.17
CA ALA C 432 9.34 1.24 6.99
C ALA C 432 9.48 0.79 5.53
N LYS C 433 8.35 0.58 4.85
CA LYS C 433 8.39 0.03 3.50
C LYS C 433 8.67 1.10 2.45
N SER C 434 8.04 2.28 2.57
CA SER C 434 8.04 3.26 1.49
C SER C 434 8.82 4.53 1.78
N GLY C 435 9.00 4.89 3.06
CA GLY C 435 9.62 6.15 3.37
C GLY C 435 8.69 7.34 3.34
N LYS C 436 7.39 7.13 3.25
CA LYS C 436 6.43 8.23 3.21
C LYS C 436 5.32 8.00 4.23
N MET C 437 4.72 9.10 4.67
CA MET C 437 3.48 9.05 5.44
C MET C 437 2.33 9.65 4.64
N PRO C 438 1.06 9.27 4.94
CA PRO C 438 -0.09 9.75 4.18
C PRO C 438 -0.60 11.12 4.63
N TRP C 439 0.32 12.07 4.80
CA TRP C 439 -0.02 13.46 5.07
C TRP C 439 1.17 14.33 4.65
N PRO C 440 0.99 15.66 4.59
CA PRO C 440 2.03 16.50 3.99
C PRO C 440 3.37 16.40 4.72
N MET C 441 4.44 16.50 3.95
CA MET C 441 5.78 16.62 4.51
C MET C 441 5.84 17.83 5.44
N TYR C 442 6.73 17.75 6.43
CA TYR C 442 7.00 18.89 7.30
C TYR C 442 8.00 19.78 6.57
N HIS C 443 7.54 20.93 6.11
CA HIS C 443 8.41 21.95 5.54
C HIS C 443 8.24 23.26 6.32
N ASN C 444 9.21 24.16 6.18
CA ASN C 444 9.43 25.17 7.21
C ASN C 444 8.40 26.29 7.23
N GLU C 445 7.62 26.46 6.16
CA GLU C 445 6.65 27.55 6.11
C GLU C 445 5.36 27.17 6.82
N ARG C 446 4.67 26.17 6.31
CA ARG C 446 3.38 25.76 6.82
C ARG C 446 3.47 24.77 7.99
N ARG C 447 4.56 24.01 8.09
CA ARG C 447 4.82 23.10 9.21
C ARG C 447 3.63 22.20 9.51
N TYR C 448 3.12 21.51 8.49
CA TYR C 448 1.97 20.65 8.74
C TYR C 448 2.37 19.44 9.58
N TYR C 449 1.38 18.90 10.27
CA TYR C 449 1.60 17.67 10.99
C TYR C 449 0.28 16.94 11.12
N ARG C 450 0.38 15.63 11.28
CA ARG C 450 -0.74 14.78 11.61
C ARG C 450 -1.01 14.80 13.12
N THR C 451 -2.28 14.76 13.49
CA THR C 451 -2.73 14.65 14.88
C THR C 451 -3.54 13.37 15.07
N TYR C 452 -2.88 12.31 15.56
CA TYR C 452 -3.59 11.08 15.93
C TYR C 452 -4.45 11.33 17.16
N GLN C 453 -5.76 11.14 17.03
CA GLN C 453 -6.70 11.29 18.16
C GLN C 453 -7.81 10.27 17.96
N GLY D 3 -23.57 -18.49 -8.73
CA GLY D 3 -24.93 -18.20 -8.31
C GLY D 3 -25.09 -17.98 -6.81
N MET D 4 -25.88 -16.96 -6.45
CA MET D 4 -26.07 -16.57 -5.05
C MET D 4 -27.52 -16.15 -4.85
N LYS D 5 -28.31 -16.99 -4.20
CA LYS D 5 -29.74 -16.71 -4.00
C LYS D 5 -29.94 -16.02 -2.65
N ILE D 6 -30.73 -14.96 -2.65
CA ILE D 6 -31.09 -14.26 -1.41
C ILE D 6 -32.60 -14.31 -1.22
N ASN D 7 -33.04 -14.76 -0.04
CA ASN D 7 -34.47 -14.84 0.30
C ASN D 7 -34.90 -13.59 1.07
N THR D 8 -35.88 -12.84 0.53
CA THR D 8 -36.45 -11.68 1.24
C THR D 8 -37.95 -11.87 1.39
N THR D 9 -38.59 -10.90 2.06
CA THR D 9 -40.03 -11.01 2.27
C THR D 9 -40.82 -10.76 0.98
N GLY D 10 -40.25 -9.99 0.06
CA GLY D 10 -40.83 -9.82 -1.25
C GLY D 10 -40.43 -10.87 -2.27
N GLY D 11 -39.62 -11.84 -1.87
CA GLY D 11 -39.20 -12.92 -2.73
C GLY D 11 -37.70 -12.98 -2.89
N GLN D 12 -37.28 -13.78 -3.88
CA GLN D 12 -35.88 -14.15 -4.08
C GLN D 12 -35.15 -13.14 -4.96
N ILE D 13 -33.84 -13.03 -4.74
CA ILE D 13 -32.92 -12.21 -5.54
C ILE D 13 -31.73 -13.10 -5.90
N HIS D 14 -31.43 -13.22 -7.20
CA HIS D 14 -30.32 -14.04 -7.69
C HIS D 14 -29.14 -13.17 -8.05
N GLY D 15 -28.03 -13.31 -7.33
CA GLY D 15 -26.79 -12.67 -7.67
C GLY D 15 -25.72 -13.65 -8.06
N ILE D 16 -24.48 -13.20 -8.01
CA ILE D 16 -23.29 -14.00 -8.33
C ILE D 16 -22.30 -13.89 -7.18
N THR D 17 -21.61 -14.98 -6.92
CA THR D 17 -20.46 -14.99 -6.02
C THR D 17 -19.19 -15.05 -6.87
N GLN D 18 -18.32 -14.06 -6.72
CA GLN D 18 -17.00 -14.12 -7.33
C GLN D 18 -15.96 -13.56 -6.37
N ASP D 19 -14.85 -14.30 -6.24
CA ASP D 19 -13.63 -13.73 -5.67
C ASP D 19 -13.82 -13.31 -4.21
N GLY D 20 -14.67 -14.04 -3.49
CA GLY D 20 -14.99 -13.69 -2.11
C GLY D 20 -16.10 -12.68 -1.95
N LEU D 21 -16.63 -12.14 -3.04
CA LEU D 21 -17.71 -11.17 -2.96
C LEU D 21 -19.01 -11.76 -3.49
N ASP D 22 -20.12 -11.30 -2.92
CA ASP D 22 -21.44 -11.49 -3.50
C ASP D 22 -21.81 -10.18 -4.18
N ILE D 23 -22.18 -10.25 -5.46
CA ILE D 23 -22.50 -9.04 -6.22
C ILE D 23 -23.92 -9.18 -6.74
N PHE D 24 -24.71 -8.14 -6.54
CA PHE D 24 -26.09 -8.12 -7.00
C PHE D 24 -26.26 -6.87 -7.85
N LEU D 25 -26.53 -7.05 -9.14
CA LEU D 25 -26.58 -5.95 -10.10
C LEU D 25 -28.00 -5.76 -10.63
N GLY D 26 -28.42 -4.52 -10.77
CA GLY D 26 -29.70 -4.24 -11.40
C GLY D 26 -30.93 -4.71 -10.65
N ILE D 27 -31.07 -4.32 -9.39
CA ILE D 27 -32.24 -4.69 -8.57
C ILE D 27 -33.29 -3.60 -8.75
N PRO D 28 -34.48 -3.91 -9.29
CA PRO D 28 -35.52 -2.88 -9.40
C PRO D 28 -36.06 -2.53 -8.02
N TYR D 29 -35.80 -1.31 -7.52
CA TYR D 29 -36.23 -0.93 -6.17
C TYR D 29 -37.53 -0.14 -6.17
N ALA D 30 -38.01 0.26 -7.33
CA ALA D 30 -39.27 0.98 -7.43
C ALA D 30 -39.93 0.58 -8.74
N GLU D 31 -41.19 0.98 -8.89
CA GLU D 31 -41.86 0.81 -10.17
C GLU D 31 -41.23 1.71 -11.23
N PRO D 32 -41.07 1.23 -12.46
CA PRO D 32 -40.47 2.08 -13.51
C PRO D 32 -41.27 3.36 -13.71
N PRO D 33 -40.61 4.51 -13.78
CA PRO D 33 -41.32 5.80 -13.93
C PRO D 33 -41.74 6.06 -15.36
N VAL D 34 -42.54 5.14 -15.90
CA VAL D 34 -42.98 5.16 -17.30
C VAL D 34 -44.50 5.12 -17.31
N HIS D 35 -45.07 5.39 -18.49
CA HIS D 35 -46.52 5.33 -18.68
C HIS D 35 -47.27 6.10 -17.60
N ASP D 36 -48.14 5.41 -16.86
CA ASP D 36 -48.97 6.06 -15.85
C ASP D 36 -48.18 6.49 -14.63
N ASN D 37 -46.93 6.07 -14.51
CA ASN D 37 -46.01 6.53 -13.47
C ASN D 37 -45.07 7.62 -13.95
N ARG D 38 -45.02 7.91 -15.24
CA ARG D 38 -44.11 8.93 -15.74
C ARG D 38 -44.46 10.30 -15.15
N PHE D 39 -43.41 11.05 -14.77
CA PHE D 39 -43.47 12.39 -14.16
C PHE D 39 -43.97 12.37 -12.72
N LYS D 40 -43.94 11.23 -12.03
CA LYS D 40 -44.49 11.13 -10.70
C LYS D 40 -43.44 10.61 -9.72
N HIS D 41 -43.67 10.86 -8.43
CA HIS D 41 -42.79 10.26 -7.42
C HIS D 41 -42.83 8.75 -7.55
N SER D 42 -41.66 8.11 -7.44
CA SER D 42 -41.61 6.67 -7.64
C SER D 42 -42.32 5.96 -6.49
N THR D 43 -42.82 4.76 -6.77
CA THR D 43 -43.48 3.91 -5.79
C THR D 43 -42.54 2.80 -5.40
N LEU D 44 -42.27 2.68 -4.10
CA LEU D 44 -41.38 1.63 -3.63
C LEU D 44 -41.90 0.26 -4.08
N LYS D 45 -40.98 -0.61 -4.46
CA LYS D 45 -41.32 -1.97 -4.85
C LYS D 45 -40.98 -2.90 -3.69
N THR D 46 -41.96 -3.67 -3.22
CA THR D 46 -41.74 -4.56 -2.09
C THR D 46 -42.09 -6.01 -2.34
N GLN D 47 -42.74 -6.36 -3.45
CA GLN D 47 -42.97 -7.76 -3.77
C GLN D 47 -42.72 -7.98 -5.25
N TRP D 48 -42.29 -9.20 -5.56
CA TRP D 48 -42.11 -9.63 -6.95
C TRP D 48 -42.53 -11.08 -7.05
N SER D 49 -43.21 -11.42 -8.15
CA SER D 49 -43.70 -12.79 -8.33
C SER D 49 -42.58 -13.75 -8.69
N GLU D 50 -41.70 -13.34 -9.63
CA GLU D 50 -40.56 -14.13 -10.06
C GLU D 50 -39.26 -13.59 -9.46
N PRO D 51 -38.28 -14.44 -9.21
CA PRO D 51 -37.06 -14.00 -8.52
C PRO D 51 -36.33 -12.92 -9.30
N ILE D 52 -35.75 -11.97 -8.58
CA ILE D 52 -35.01 -10.88 -9.21
C ILE D 52 -33.73 -11.45 -9.82
N ASP D 53 -33.63 -11.39 -11.15
CA ASP D 53 -32.35 -11.61 -11.80
C ASP D 53 -31.46 -10.39 -11.58
N ALA D 54 -30.42 -10.55 -10.76
CA ALA D 54 -29.49 -9.47 -10.44
C ALA D 54 -28.10 -9.77 -10.98
N THR D 55 -28.03 -10.35 -12.17
CA THR D 55 -26.77 -10.76 -12.77
C THR D 55 -26.27 -9.79 -13.82
N GLU D 56 -27.05 -8.76 -14.18
CA GLU D 56 -26.75 -7.86 -15.27
C GLU D 56 -26.82 -6.41 -14.78
N ILE D 57 -26.08 -5.55 -15.45
CA ILE D 57 -26.24 -4.10 -15.29
C ILE D 57 -27.48 -3.67 -16.05
N GLN D 58 -28.36 -2.95 -15.38
CA GLN D 58 -29.64 -2.51 -15.91
C GLN D 58 -29.53 -1.09 -16.48
N PRO D 59 -30.56 -0.58 -17.16
CA PRO D 59 -30.42 0.73 -17.81
C PRO D 59 -30.20 1.88 -16.84
N ILE D 60 -29.68 2.98 -17.39
CA ILE D 60 -29.28 4.17 -16.64
C ILE D 60 -30.08 5.35 -17.15
N PRO D 61 -30.22 6.41 -16.37
CA PRO D 61 -31.14 7.49 -16.72
C PRO D 61 -30.75 8.15 -18.01
N PRO D 62 -31.72 8.59 -18.82
CA PRO D 62 -31.38 9.37 -20.00
C PRO D 62 -30.67 10.65 -19.60
N GLN D 63 -29.69 11.04 -20.39
CA GLN D 63 -28.80 12.14 -20.03
C GLN D 63 -27.94 12.50 -21.26
N PRO D 64 -27.45 13.75 -21.31
CA PRO D 64 -26.48 14.11 -22.34
C PRO D 64 -25.17 13.38 -22.11
N ASP D 65 -24.30 13.45 -23.11
CA ASP D 65 -22.98 12.83 -22.98
C ASP D 65 -22.28 13.32 -21.71
N ASN D 66 -21.67 12.39 -21.00
CA ASN D 66 -20.93 12.71 -19.79
C ASN D 66 -19.48 12.88 -20.19
N LYS D 67 -19.06 14.14 -20.33
CA LYS D 67 -17.73 14.46 -20.84
C LYS D 67 -16.61 14.03 -19.91
N LEU D 68 -16.92 13.61 -18.68
CA LEU D 68 -15.92 13.20 -17.73
C LEU D 68 -15.90 11.70 -17.48
N GLU D 69 -16.85 10.93 -18.03
CA GLU D 69 -16.86 9.52 -17.70
C GLU D 69 -15.64 8.82 -18.30
N ASP D 70 -15.26 9.21 -19.51
CA ASP D 70 -14.04 8.67 -20.11
C ASP D 70 -12.83 8.96 -19.24
N PHE D 71 -12.71 10.19 -18.75
CA PHE D 71 -11.54 10.56 -17.94
C PHE D 71 -11.44 9.73 -16.68
N PHE D 72 -12.57 9.43 -16.04
CA PHE D 72 -12.60 8.66 -14.79
C PHE D 72 -12.93 7.19 -15.03
N SER D 73 -12.43 6.62 -16.13
CA SER D 73 -12.69 5.23 -16.47
C SER D 73 -11.43 4.62 -17.06
N SER D 74 -11.30 3.28 -16.97
CA SER D 74 -10.08 2.62 -17.44
C SER D 74 -10.31 1.69 -18.63
N GLN D 75 -11.54 1.62 -19.15
CA GLN D 75 -11.85 0.81 -20.32
C GLN D 75 -12.97 1.51 -21.06
N SER D 76 -13.16 1.11 -22.31
CA SER D 76 -14.34 1.52 -23.05
C SER D 76 -15.56 0.72 -22.58
N THR D 77 -16.69 1.40 -22.44
CA THR D 77 -17.92 0.78 -21.97
C THR D 77 -19.11 1.41 -22.66
N THR D 78 -20.25 0.73 -22.56
CA THR D 78 -21.49 1.19 -23.17
C THR D 78 -22.63 0.82 -22.26
N PHE D 79 -23.33 1.80 -21.74
CA PHE D 79 -24.49 1.57 -20.89
C PHE D 79 -25.74 1.95 -21.68
N THR D 80 -26.84 1.27 -21.37
CA THR D 80 -28.11 1.48 -22.04
C THR D 80 -28.89 2.55 -21.31
N GLU D 81 -29.50 3.47 -22.07
CA GLU D 81 -30.25 4.59 -21.49
C GLU D 81 -31.74 4.40 -21.74
N HIS D 82 -32.53 4.33 -20.66
N HIS D 82 -32.52 4.33 -20.65
CA HIS D 82 -33.99 4.29 -20.79
CA HIS D 82 -33.97 4.24 -20.72
C HIS D 82 -34.61 4.86 -19.51
C HIS D 82 -34.57 4.94 -19.52
N GLU D 83 -35.83 5.36 -19.65
CA GLU D 83 -36.52 6.01 -18.53
C GLU D 83 -36.82 5.01 -17.42
N ASP D 84 -37.08 3.75 -17.78
CA ASP D 84 -37.12 2.66 -16.82
C ASP D 84 -35.69 2.39 -16.33
N CYS D 85 -35.24 3.12 -15.30
CA CYS D 85 -33.85 3.06 -14.88
C CYS D 85 -33.67 3.00 -13.37
N LEU D 86 -34.73 2.72 -12.62
CA LEU D 86 -34.71 2.80 -11.16
C LEU D 86 -34.21 1.47 -10.60
N TYR D 87 -32.89 1.35 -10.51
CA TYR D 87 -32.21 0.13 -10.09
C TYR D 87 -31.05 0.46 -9.16
N LEU D 88 -30.83 -0.42 -8.19
CA LEU D 88 -29.68 -0.35 -7.32
C LEU D 88 -28.83 -1.61 -7.44
N ASN D 89 -27.65 -1.56 -6.85
CA ASN D 89 -26.67 -2.63 -6.93
C ASN D 89 -26.00 -2.82 -5.56
N ILE D 90 -25.70 -4.06 -5.22
CA ILE D 90 -25.20 -4.41 -3.90
C ILE D 90 -23.91 -5.19 -4.05
N TRP D 91 -22.89 -4.82 -3.27
CA TRP D 91 -21.63 -5.55 -3.17
C TRP D 91 -21.36 -5.88 -1.70
N LYS D 92 -21.07 -7.16 -1.41
CA LYS D 92 -20.74 -7.56 -0.06
C LYS D 92 -19.75 -8.72 -0.09
N GLN D 93 -19.01 -8.87 1.01
CA GLN D 93 -18.20 -10.07 1.20
C GLN D 93 -19.08 -11.30 1.34
N HIS D 94 -18.59 -12.42 0.83
CA HIS D 94 -19.30 -13.69 0.92
C HIS D 94 -18.81 -14.42 2.16
N ASN D 95 -19.53 -14.25 3.25
CA ASN D 95 -19.24 -14.93 4.49
C ASN D 95 -20.56 -15.02 5.27
N ASP D 96 -20.48 -15.48 6.51
CA ASP D 96 -21.67 -15.65 7.35
C ASP D 96 -21.92 -14.48 8.29
N GLN D 97 -21.05 -13.48 8.32
CA GLN D 97 -21.21 -12.37 9.25
C GLN D 97 -22.51 -11.62 8.99
N THR D 98 -23.11 -11.09 10.06
CA THR D 98 -24.32 -10.29 9.97
C THR D 98 -24.13 -8.96 10.70
N LYS D 99 -25.15 -8.10 10.61
CA LYS D 99 -25.12 -6.78 11.25
C LYS D 99 -24.00 -5.93 10.66
N LYS D 100 -23.82 -6.00 9.35
CA LYS D 100 -22.75 -5.25 8.69
C LYS D 100 -23.16 -3.79 8.48
N PRO D 101 -22.26 -2.84 8.70
CA PRO D 101 -22.53 -1.46 8.28
C PRO D 101 -22.81 -1.39 6.79
N VAL D 102 -23.70 -0.46 6.42
CA VAL D 102 -24.18 -0.29 5.05
C VAL D 102 -23.89 1.14 4.60
N ILE D 103 -23.31 1.28 3.42
CA ILE D 103 -23.15 2.60 2.80
C ILE D 103 -23.99 2.61 1.53
N ILE D 104 -24.91 3.56 1.44
CA ILE D 104 -25.59 3.88 0.18
C ILE D 104 -24.85 5.07 -0.42
N TYR D 105 -24.49 4.97 -1.69
CA TYR D 105 -23.76 6.03 -2.40
C TYR D 105 -24.67 6.72 -3.40
N PHE D 106 -24.63 8.05 -3.43
CA PHE D 106 -25.35 8.83 -4.42
C PHE D 106 -24.33 9.64 -5.21
N TYR D 107 -24.26 9.42 -6.53
CA TYR D 107 -23.32 10.13 -7.39
C TYR D 107 -23.76 11.59 -7.60
N GLY D 108 -22.80 12.42 -8.02
CA GLY D 108 -23.07 13.77 -8.45
C GLY D 108 -23.19 13.87 -9.95
N GLY D 109 -23.14 15.10 -10.44
CA GLY D 109 -23.27 15.33 -11.88
C GLY D 109 -24.33 16.36 -12.19
N SER D 110 -24.36 17.43 -11.40
CA SER D 110 -25.29 18.54 -11.58
C SER D 110 -26.74 18.09 -11.72
N PHE D 111 -27.08 16.95 -11.13
CA PHE D 111 -28.42 16.36 -11.24
C PHE D 111 -28.81 16.14 -12.68
N GLU D 112 -27.81 16.05 -13.55
CA GLU D 112 -27.99 15.84 -14.98
C GLU D 112 -27.38 14.54 -15.45
N ASN D 113 -26.27 14.14 -14.84
CA ASN D 113 -25.48 13.01 -15.33
C ASN D 113 -25.17 12.06 -14.20
N GLY D 114 -24.76 10.86 -14.60
CA GLY D 114 -24.28 9.85 -13.68
C GLY D 114 -25.16 8.62 -13.68
N HIS D 115 -24.68 7.61 -12.96
CA HIS D 115 -25.39 6.37 -12.73
C HIS D 115 -24.55 5.55 -11.77
N GLY D 116 -25.23 4.75 -10.96
CA GLY D 116 -24.61 3.94 -9.93
C GLY D 116 -23.71 2.84 -10.44
N THR D 117 -23.72 2.57 -11.74
CA THR D 117 -22.96 1.49 -12.32
C THR D 117 -21.70 1.96 -13.02
N ALA D 118 -21.34 3.24 -12.90
CA ALA D 118 -20.10 3.70 -13.51
C ALA D 118 -18.88 3.14 -12.77
N GLU D 119 -17.77 3.00 -13.50
CA GLU D 119 -16.57 2.41 -12.93
C GLU D 119 -16.15 3.15 -11.66
N LEU D 120 -16.26 4.48 -11.67
CA LEU D 120 -15.81 5.30 -10.55
C LEU D 120 -16.61 5.04 -9.27
N TYR D 121 -17.81 4.48 -9.38
CA TYR D 121 -18.65 4.20 -8.22
C TYR D 121 -18.75 2.71 -7.91
N GLN D 122 -17.97 1.86 -8.60
CA GLN D 122 -18.00 0.44 -8.28
C GLN D 122 -17.09 0.17 -7.08
N PRO D 123 -17.63 -0.34 -5.97
CA PRO D 123 -16.90 -0.35 -4.70
C PRO D 123 -16.25 -1.67 -4.33
N ALA D 124 -15.94 -2.53 -5.32
CA ALA D 124 -15.46 -3.89 -5.03
C ALA D 124 -14.16 -3.88 -4.23
N HIS D 125 -13.19 -3.04 -4.62
CA HIS D 125 -11.94 -2.94 -3.87
C HIS D 125 -12.23 -2.61 -2.41
N LEU D 126 -13.09 -1.61 -2.20
CA LEU D 126 -13.45 -1.24 -0.83
C LEU D 126 -14.02 -2.44 -0.09
N VAL D 127 -15.00 -3.12 -0.69
CA VAL D 127 -15.67 -4.23 -0.03
C VAL D 127 -14.72 -5.42 0.14
N GLN D 128 -13.80 -5.64 -0.81
CA GLN D 128 -12.79 -6.68 -0.60
C GLN D 128 -12.03 -6.44 0.69
N ASN D 129 -11.65 -5.19 0.95
CA ASN D 129 -10.74 -4.91 2.04
C ASN D 129 -11.48 -4.63 3.35
N ASN D 130 -12.78 -4.37 3.32
CA ASN D 130 -13.52 -4.04 4.53
C ASN D 130 -14.91 -4.64 4.47
N ASP D 131 -15.31 -5.36 5.52
CA ASP D 131 -16.52 -6.17 5.49
C ASP D 131 -17.76 -5.31 5.77
N ILE D 132 -18.03 -4.40 4.85
CA ILE D 132 -19.26 -3.61 4.83
C ILE D 132 -20.04 -3.98 3.57
N ILE D 133 -21.28 -3.52 3.51
CA ILE D 133 -22.08 -3.64 2.30
C ILE D 133 -22.17 -2.27 1.65
N VAL D 134 -21.77 -2.16 0.40
CA VAL D 134 -21.84 -0.90 -0.31
C VAL D 134 -22.89 -1.01 -1.41
N ILE D 135 -23.78 -0.02 -1.46
CA ILE D 135 -24.91 -0.01 -2.38
C ILE D 135 -24.78 1.22 -3.25
N THR D 136 -24.97 1.05 -4.56
CA THR D 136 -25.10 2.17 -5.49
C THR D 136 -26.47 2.11 -6.16
N CYS D 137 -26.81 3.15 -6.92
CA CYS D 137 -28.16 3.24 -7.47
C CYS D 137 -28.22 4.28 -8.57
N ASN D 138 -29.31 4.26 -9.33
CA ASN D 138 -29.69 5.34 -10.24
C ASN D 138 -30.87 6.08 -9.64
N TYR D 139 -30.96 7.37 -9.96
CA TYR D 139 -32.15 8.14 -9.65
C TYR D 139 -32.38 9.04 -10.86
N ARG D 140 -33.63 9.46 -11.09
CA ARG D 140 -33.93 10.18 -12.33
C ARG D 140 -33.14 11.50 -12.38
N LEU D 141 -32.86 11.94 -13.60
CA LEU D 141 -31.97 13.06 -13.86
C LEU D 141 -32.61 14.03 -14.85
N GLY D 142 -31.94 15.16 -15.04
CA GLY D 142 -32.40 16.19 -15.94
C GLY D 142 -33.85 16.57 -15.69
N ALA D 143 -34.52 16.96 -16.76
CA ALA D 143 -35.91 17.39 -16.66
C ALA D 143 -36.77 16.30 -16.03
N LEU D 144 -36.60 15.06 -16.48
CA LEU D 144 -37.45 13.97 -15.98
C LEU D 144 -37.37 13.83 -14.46
N GLY D 145 -36.23 14.18 -13.86
CA GLY D 145 -36.07 14.00 -12.43
C GLY D 145 -36.32 15.25 -11.60
N TYR D 146 -36.19 16.43 -12.21
CA TYR D 146 -36.23 17.62 -11.37
C TYR D 146 -36.99 18.81 -11.96
N LEU D 147 -37.40 18.81 -13.21
CA LEU D 147 -38.26 19.89 -13.67
C LEU D 147 -39.57 19.84 -12.90
N ASP D 148 -40.07 21.01 -12.49
CA ASP D 148 -41.33 21.05 -11.74
C ASP D 148 -42.43 20.60 -12.69
N TRP D 149 -42.56 19.28 -12.84
CA TRP D 149 -43.55 18.74 -13.77
C TRP D 149 -44.96 19.09 -13.30
N SER D 150 -45.14 19.30 -11.99
CA SER D 150 -46.45 19.69 -11.47
C SER D 150 -46.98 20.95 -12.13
N TYR D 151 -46.11 21.80 -12.69
CA TYR D 151 -46.58 23.01 -13.35
C TYR D 151 -47.49 22.69 -14.51
N PHE D 152 -47.31 21.52 -15.13
CA PHE D 152 -48.07 21.14 -16.32
C PHE D 152 -49.37 20.46 -15.95
N ASN D 153 -49.30 19.42 -15.13
CA ASN D 153 -50.49 18.81 -14.55
C ASN D 153 -50.24 18.62 -13.07
N LYS D 154 -51.26 18.91 -12.26
CA LYS D 154 -51.08 18.74 -10.83
C LYS D 154 -51.02 17.27 -10.43
N ASP D 155 -51.25 16.34 -11.35
CA ASP D 155 -51.03 14.92 -11.12
C ASP D 155 -49.57 14.53 -11.26
N PHE D 156 -48.74 15.41 -11.82
CA PHE D 156 -47.30 15.21 -11.94
C PHE D 156 -46.58 15.94 -10.81
N HIS D 157 -45.33 15.55 -10.57
CA HIS D 157 -44.64 15.98 -9.37
C HIS D 157 -43.28 16.59 -9.68
N SER D 158 -42.82 17.38 -8.72
CA SER D 158 -41.45 17.88 -8.66
C SER D 158 -40.63 16.97 -7.76
N ASN D 159 -39.32 17.17 -7.78
CA ASN D 159 -38.38 16.42 -6.93
C ASN D 159 -38.50 14.92 -7.15
N ASN D 160 -38.77 14.52 -8.40
CA ASN D 160 -38.85 13.10 -8.75
C ASN D 160 -37.57 12.38 -8.39
N GLY D 161 -36.42 12.91 -8.82
CA GLY D 161 -35.14 12.34 -8.41
C GLY D 161 -35.05 12.12 -6.90
N LEU D 162 -35.39 13.16 -6.12
CA LEU D 162 -35.34 13.03 -4.68
C LEU D 162 -36.24 11.90 -4.19
N SER D 163 -37.47 11.84 -4.72
CA SER D 163 -38.35 10.70 -4.43
C SER D 163 -37.71 9.36 -4.77
N ASP D 164 -36.84 9.31 -5.79
CA ASP D 164 -36.19 8.05 -6.12
C ASP D 164 -35.16 7.69 -5.06
N GLN D 165 -34.36 8.66 -4.63
CA GLN D 165 -33.38 8.38 -3.59
C GLN D 165 -34.06 7.94 -2.30
N ILE D 166 -35.20 8.55 -1.96
CA ILE D 166 -35.92 8.16 -0.75
C ILE D 166 -36.28 6.69 -0.82
N ASN D 167 -36.76 6.23 -1.98
CA ASN D 167 -37.17 4.84 -2.14
C ASN D 167 -35.96 3.89 -2.14
N VAL D 168 -34.80 4.34 -2.63
CA VAL D 168 -33.57 3.58 -2.43
C VAL D 168 -33.36 3.34 -0.94
N ILE D 169 -33.45 4.41 -0.15
CA ILE D 169 -33.22 4.28 1.28
C ILE D 169 -34.31 3.43 1.92
N LYS D 170 -35.57 3.60 1.49
CA LYS D 170 -36.64 2.76 2.04
C LYS D 170 -36.41 1.29 1.72
N TRP D 171 -35.99 0.99 0.47
CA TRP D 171 -35.79 -0.39 0.04
C TRP D 171 -34.68 -1.06 0.84
N VAL D 172 -33.57 -0.35 1.06
CA VAL D 172 -32.50 -0.90 1.89
C VAL D 172 -33.02 -1.18 3.30
N HIS D 173 -33.84 -0.30 3.81
CA HIS D 173 -34.39 -0.50 5.15
C HIS D 173 -35.28 -1.74 5.21
N GLN D 174 -36.05 -1.99 4.16
CA GLN D 174 -36.89 -3.17 4.18
C GLN D 174 -36.07 -4.45 4.00
N PHE D 175 -34.97 -4.40 3.23
CA PHE D 175 -34.41 -5.65 2.75
C PHE D 175 -32.95 -5.94 3.09
N ILE D 176 -32.13 -4.94 3.42
CA ILE D 176 -30.69 -5.20 3.51
C ILE D 176 -30.36 -6.19 4.62
N GLU D 177 -31.21 -6.31 5.63
CA GLU D 177 -30.94 -7.28 6.69
C GLU D 177 -30.85 -8.71 6.12
N SER D 178 -31.59 -8.99 5.05
CA SER D 178 -31.50 -10.27 4.36
C SER D 178 -30.14 -10.51 3.70
N PHE D 179 -29.32 -9.47 3.54
CA PHE D 179 -27.99 -9.62 2.95
C PHE D 179 -26.91 -9.65 4.02
N GLY D 180 -27.29 -9.73 5.30
CA GLY D 180 -26.33 -9.59 6.38
C GLY D 180 -26.06 -8.16 6.80
N GLY D 181 -26.88 -7.20 6.36
CA GLY D 181 -26.65 -5.82 6.68
C GLY D 181 -27.35 -5.38 7.93
N ASP D 182 -26.85 -4.29 8.50
CA ASP D 182 -27.42 -3.70 9.69
C ASP D 182 -28.37 -2.57 9.28
N ALA D 183 -29.67 -2.85 9.27
CA ALA D 183 -30.63 -1.81 8.93
C ALA D 183 -30.63 -0.68 9.95
N ASN D 184 -30.02 -0.88 11.12
CA ASN D 184 -29.92 0.17 12.12
C ASN D 184 -28.60 0.95 12.03
N ASN D 185 -27.79 0.72 10.98
CA ASN D 185 -26.53 1.45 10.81
C ASN D 185 -26.30 1.74 9.32
N ILE D 186 -26.99 2.74 8.79
CA ILE D 186 -26.93 3.06 7.37
C ILE D 186 -26.25 4.39 7.20
N THR D 187 -25.13 4.38 6.48
CA THR D 187 -24.39 5.58 6.12
C THR D 187 -24.81 5.98 4.71
N LEU D 188 -25.22 7.22 4.54
CA LEU D 188 -25.38 7.80 3.22
C LEU D 188 -24.06 8.47 2.86
N MET D 189 -23.58 8.18 1.65
CA MET D 189 -22.36 8.79 1.12
C MET D 189 -22.66 9.47 -0.21
N GLY D 190 -22.15 10.68 -0.39
CA GLY D 190 -22.52 11.46 -1.57
C GLY D 190 -21.41 12.40 -1.99
N GLN D 191 -21.30 12.62 -3.29
CA GLN D 191 -20.30 13.53 -3.83
C GLN D 191 -20.99 14.56 -4.73
N SER D 192 -20.66 15.85 -4.53
CA SER D 192 -21.19 16.96 -5.34
C SER D 192 -22.72 16.94 -5.23
N ALA D 193 -23.46 16.81 -6.35
CA ALA D 193 -24.92 16.72 -6.27
C ALA D 193 -25.40 15.58 -5.36
N GLY D 194 -24.68 14.47 -5.30
CA GLY D 194 -25.03 13.43 -4.33
C GLY D 194 -24.92 13.94 -2.89
N SER D 195 -23.90 14.72 -2.61
CA SER D 195 -23.76 15.29 -1.27
C SER D 195 -24.90 16.28 -0.99
N MET D 196 -25.18 17.19 -1.94
N MET D 196 -25.19 17.18 -1.94
CA MET D 196 -26.33 18.07 -1.81
CA MET D 196 -26.33 18.07 -1.80
C MET D 196 -27.61 17.28 -1.59
C MET D 196 -27.62 17.30 -1.61
N SER D 197 -27.76 16.14 -2.28
CA SER D 197 -28.94 15.31 -2.09
C SER D 197 -29.03 14.78 -0.64
N ILE D 198 -27.91 14.31 -0.08
CA ILE D 198 -27.95 13.87 1.31
C ILE D 198 -28.32 15.03 2.20
N LEU D 199 -27.76 16.23 1.92
CA LEU D 199 -28.13 17.40 2.70
C LEU D 199 -29.62 17.67 2.63
N THR D 200 -30.26 17.40 1.47
CA THR D 200 -31.70 17.56 1.38
C THR D 200 -32.45 16.46 2.13
N LEU D 201 -32.00 15.20 2.03
CA LEU D 201 -32.66 14.13 2.75
C LEU D 201 -32.52 14.31 4.26
N LEU D 202 -31.39 14.83 4.73
CA LEU D 202 -31.24 15.14 6.13
C LEU D 202 -32.36 16.04 6.63
N LYS D 203 -32.97 16.82 5.74
CA LYS D 203 -33.94 17.84 6.10
C LYS D 203 -35.38 17.41 5.87
N ILE D 204 -35.63 16.15 5.53
CA ILE D 204 -36.99 15.67 5.26
C ILE D 204 -37.40 14.72 6.38
N PRO D 205 -38.28 15.14 7.29
CA PRO D 205 -38.55 14.32 8.49
C PRO D 205 -39.07 12.92 8.21
N ASP D 206 -39.81 12.72 7.11
CA ASP D 206 -40.29 11.38 6.78
C ASP D 206 -39.12 10.39 6.63
N ILE D 207 -38.01 10.84 6.04
CA ILE D 207 -36.94 9.94 5.59
C ILE D 207 -35.74 9.96 6.51
N GLU D 208 -35.52 11.11 7.18
CA GLU D 208 -34.35 11.29 8.03
C GLU D 208 -34.11 10.15 9.03
N PRO D 209 -35.12 9.55 9.67
CA PRO D 209 -34.82 8.48 10.64
C PRO D 209 -34.23 7.24 10.00
N TYR D 210 -34.37 7.06 8.69
CA TYR D 210 -33.98 5.79 8.10
C TYR D 210 -32.46 5.61 7.98
N PHE D 211 -31.66 6.64 8.22
CA PHE D 211 -30.21 6.49 8.15
C PHE D 211 -29.59 7.21 9.34
N HIS D 212 -28.28 6.97 9.52
CA HIS D 212 -27.67 7.19 10.81
C HIS D 212 -26.31 7.87 10.78
N LYS D 213 -25.67 7.96 9.62
CA LYS D 213 -24.40 8.64 9.50
C LYS D 213 -24.35 9.21 8.10
N VAL D 214 -23.46 10.16 7.90
CA VAL D 214 -23.39 10.87 6.63
C VAL D 214 -21.92 11.11 6.28
N VAL D 215 -21.58 10.89 5.01
CA VAL D 215 -20.27 11.23 4.44
C VAL D 215 -20.51 12.19 3.28
N LEU D 216 -20.06 13.44 3.41
CA LEU D 216 -20.37 14.50 2.43
C LEU D 216 -19.09 14.89 1.69
N LEU D 217 -19.03 14.51 0.41
CA LEU D 217 -17.91 14.85 -0.45
C LEU D 217 -18.27 16.03 -1.34
N SER D 218 -17.50 17.11 -1.21
CA SER D 218 -17.47 18.22 -2.19
C SER D 218 -18.86 18.67 -2.62
N GLY D 219 -19.64 19.16 -1.66
CA GLY D 219 -20.92 19.73 -2.05
C GLY D 219 -21.74 20.31 -0.92
N ALA D 220 -22.25 21.51 -1.11
CA ALA D 220 -23.16 22.18 -0.19
C ALA D 220 -24.54 22.28 -0.84
N LEU D 221 -25.52 22.62 -0.02
CA LEU D 221 -26.93 22.54 -0.42
C LEU D 221 -27.38 23.85 -1.06
N ARG D 222 -27.61 23.82 -2.38
CA ARG D 222 -28.19 24.93 -3.14
C ARG D 222 -29.61 24.53 -3.54
N LEU D 223 -30.58 24.83 -2.70
CA LEU D 223 -31.95 24.44 -2.99
C LEU D 223 -32.56 25.44 -3.97
N ASP D 224 -33.20 24.92 -5.02
CA ASP D 224 -33.90 25.77 -5.96
C ASP D 224 -35.15 26.35 -5.31
N THR D 225 -35.51 27.57 -5.71
CA THR D 225 -36.72 28.19 -5.21
C THR D 225 -37.90 27.79 -6.08
N LEU D 226 -39.08 27.72 -5.47
CA LEU D 226 -40.29 27.47 -6.25
C LEU D 226 -40.46 28.54 -7.33
N GLU D 227 -40.25 29.80 -6.98
CA GLU D 227 -40.33 30.87 -7.98
C GLU D 227 -39.37 30.61 -9.14
N SER D 228 -38.17 30.10 -8.86
CA SER D 228 -37.23 29.82 -9.95
C SER D 228 -37.61 28.55 -10.70
N ALA D 229 -38.28 27.60 -10.03
CA ALA D 229 -38.75 26.41 -10.72
C ALA D 229 -39.87 26.73 -11.69
N ARG D 230 -40.84 27.55 -11.25
CA ARG D 230 -41.96 27.89 -12.12
C ARG D 230 -41.48 28.56 -13.41
N ASN D 231 -40.42 29.36 -13.32
CA ASN D 231 -39.84 29.94 -14.53
C ASN D 231 -39.26 28.86 -15.44
N LYS D 232 -38.45 27.97 -14.89
CA LYS D 232 -37.83 26.95 -15.72
C LYS D 232 -38.87 26.05 -16.37
N ALA D 233 -39.97 25.79 -15.66
CA ALA D 233 -41.10 25.07 -16.27
C ALA D 233 -41.71 25.88 -17.42
N GLN D 234 -41.91 27.18 -17.22
CA GLN D 234 -42.47 28.02 -18.28
C GLN D 234 -41.54 28.07 -19.49
N HIS D 235 -40.23 28.16 -19.25
CA HIS D 235 -39.28 28.13 -20.36
C HIS D 235 -39.33 26.80 -21.07
N PHE D 236 -39.44 25.71 -20.31
CA PHE D 236 -39.68 24.40 -20.91
C PHE D 236 -40.92 24.44 -21.78
N GLN D 237 -42.05 24.86 -21.21
CA GLN D 237 -43.30 24.95 -21.97
C GLN D 237 -43.14 25.74 -23.26
N LYS D 238 -42.59 26.96 -23.16
CA LYS D 238 -42.38 27.78 -24.35
C LYS D 238 -41.53 27.07 -25.39
N MET D 239 -40.63 26.20 -24.95
CA MET D 239 -39.76 25.51 -25.88
C MET D 239 -40.48 24.31 -26.50
N MET D 240 -41.30 23.62 -25.72
CA MET D 240 -42.17 22.60 -26.28
C MET D 240 -42.96 23.15 -27.45
N LEU D 241 -43.67 24.26 -27.21
CA LEU D 241 -44.46 24.84 -28.28
C LEU D 241 -43.57 25.30 -29.43
N ASP D 242 -42.46 25.98 -29.10
CA ASP D 242 -41.59 26.53 -30.13
C ASP D 242 -41.02 25.44 -31.03
N TYR D 243 -40.26 24.51 -30.45
CA TYR D 243 -39.53 23.53 -31.24
C TYR D 243 -40.35 22.29 -31.57
N LEU D 244 -41.52 22.09 -30.95
CA LEU D 244 -42.24 20.83 -31.12
C LEU D 244 -43.74 20.98 -31.32
N ASP D 245 -44.31 22.18 -31.22
CA ASP D 245 -45.74 22.43 -31.44
C ASP D 245 -46.59 21.46 -30.62
N THR D 246 -46.47 21.60 -29.29
CA THR D 246 -47.22 20.77 -28.38
C THR D 246 -47.25 21.45 -27.02
N ASP D 247 -48.40 21.38 -26.35
CA ASP D 247 -48.55 21.83 -24.97
C ASP D 247 -48.67 20.68 -23.98
N ASP D 248 -48.84 19.45 -24.46
CA ASP D 248 -49.11 18.28 -23.62
C ASP D 248 -47.80 17.53 -23.39
N VAL D 249 -47.32 17.54 -22.15
CA VAL D 249 -46.01 17.00 -21.84
C VAL D 249 -45.96 15.48 -22.01
N THR D 250 -47.11 14.78 -21.92
CA THR D 250 -47.13 13.34 -22.13
C THR D 250 -46.81 12.92 -23.55
N SER D 251 -46.82 13.86 -24.52
CA SER D 251 -46.45 13.57 -25.90
C SER D 251 -44.95 13.38 -26.09
N LEU D 252 -44.14 14.05 -25.26
CA LEU D 252 -42.69 14.03 -25.43
C LEU D 252 -42.12 12.62 -25.26
N SER D 253 -41.26 12.22 -26.18
CA SER D 253 -40.44 11.03 -25.99
C SER D 253 -39.20 11.39 -25.18
N THR D 254 -38.45 10.35 -24.78
CA THR D 254 -37.14 10.57 -24.16
C THR D 254 -36.30 11.58 -24.95
N ASN D 255 -36.13 11.32 -26.26
CA ASN D 255 -35.25 12.17 -27.06
C ASN D 255 -35.78 13.60 -27.14
N ASP D 256 -37.10 13.76 -27.17
CA ASP D 256 -37.68 15.10 -27.22
C ASP D 256 -37.30 15.91 -25.98
N ILE D 257 -37.26 15.26 -24.81
CA ILE D 257 -36.94 15.98 -23.58
C ILE D 257 -35.45 16.31 -23.54
N LEU D 258 -34.61 15.32 -23.84
CA LEU D 258 -33.16 15.57 -23.94
C LEU D 258 -32.86 16.70 -24.90
N MET D 259 -33.58 16.76 -26.03
CA MET D 259 -33.33 17.82 -26.99
C MET D 259 -33.78 19.16 -26.45
N LEU D 260 -34.91 19.20 -25.74
CA LEU D 260 -35.29 20.44 -25.06
C LEU D 260 -34.29 20.82 -23.96
N MET D 261 -33.78 19.83 -23.23
CA MET D 261 -32.74 20.12 -22.23
C MET D 261 -31.52 20.77 -22.89
N ALA D 262 -30.95 20.10 -23.90
CA ALA D 262 -29.72 20.57 -24.53
C ALA D 262 -29.89 21.97 -25.09
N LYS D 263 -31.04 22.25 -25.70
CA LYS D 263 -31.33 23.59 -26.17
C LYS D 263 -31.70 24.56 -25.05
N LEU D 264 -31.96 24.07 -23.82
CA LEU D 264 -32.11 24.98 -22.69
C LEU D 264 -30.76 25.36 -22.08
N LYS D 265 -29.90 24.36 -21.87
CA LYS D 265 -28.51 24.61 -21.50
C LYS D 265 -27.89 25.66 -22.43
N GLN D 266 -28.14 25.54 -23.73
CA GLN D 266 -27.55 26.48 -24.68
C GLN D 266 -28.13 27.87 -24.50
N SER D 267 -29.44 27.97 -24.25
CA SER D 267 -30.06 29.28 -24.10
C SER D 267 -29.51 30.03 -22.90
N ARG D 268 -29.27 29.32 -21.80
CA ARG D 268 -28.81 29.96 -20.59
C ARG D 268 -27.34 30.34 -20.68
N GLY D 269 -26.55 29.61 -21.47
CA GLY D 269 -25.12 29.80 -21.55
C GLY D 269 -24.35 28.69 -20.85
N PRO D 270 -23.09 28.51 -21.22
CA PRO D 270 -22.29 27.43 -20.63
C PRO D 270 -21.96 27.72 -19.17
N SER D 271 -21.58 26.66 -18.46
CA SER D 271 -21.32 26.80 -17.04
C SER D 271 -20.30 25.83 -16.47
N LYS D 272 -19.77 24.88 -17.26
CA LYS D 272 -18.94 23.80 -16.74
C LYS D 272 -19.68 23.04 -15.64
N GLY D 273 -21.01 23.05 -15.71
CA GLY D 273 -21.85 22.35 -14.77
C GLY D 273 -22.20 23.13 -13.54
N LEU D 274 -21.86 24.41 -13.46
CA LEU D 274 -22.12 25.14 -12.23
C LEU D 274 -23.52 25.75 -12.19
N ASP D 275 -24.17 25.92 -13.35
CA ASP D 275 -25.55 26.39 -13.43
C ASP D 275 -26.47 25.20 -13.27
N LEU D 276 -26.87 24.94 -12.03
CA LEU D 276 -27.71 23.78 -11.72
C LEU D 276 -29.11 24.06 -12.25
N ILE D 277 -29.26 23.89 -13.57
CA ILE D 277 -30.56 24.05 -14.21
C ILE D 277 -31.59 23.14 -13.57
N TYR D 278 -31.20 21.90 -13.25
CA TYR D 278 -32.02 20.98 -12.49
C TYR D 278 -31.44 20.78 -11.09
N ALA D 279 -32.30 20.77 -10.10
CA ALA D 279 -31.89 20.70 -8.71
C ALA D 279 -33.13 20.45 -7.86
N PRO D 280 -32.97 19.87 -6.67
CA PRO D 280 -34.09 19.83 -5.73
C PRO D 280 -34.60 21.24 -5.45
N ILE D 281 -35.93 21.38 -5.44
CA ILE D 281 -36.58 22.65 -5.13
C ILE D 281 -37.01 22.63 -3.67
N LYS D 282 -36.82 23.77 -3.00
CA LYS D 282 -37.34 23.94 -1.65
C LYS D 282 -38.85 23.78 -1.64
N THR D 283 -39.34 22.75 -0.96
CA THR D 283 -40.76 22.49 -0.82
C THR D 283 -41.21 22.54 0.64
N ASP D 284 -42.41 21.99 0.90
CA ASP D 284 -43.03 22.01 2.22
C ASP D 284 -42.53 20.90 3.14
N TYR D 285 -42.03 19.81 2.59
CA TYR D 285 -41.54 18.74 3.43
C TYR D 285 -40.06 18.89 3.77
N ILE D 286 -39.39 19.90 3.22
CA ILE D 286 -37.97 20.10 3.45
C ILE D 286 -37.80 21.21 4.47
N GLN D 287 -37.32 20.86 5.66
CA GLN D 287 -37.18 21.80 6.77
C GLN D 287 -36.06 22.79 6.53
N ASN D 288 -36.06 23.87 7.33
CA ASN D 288 -35.04 24.90 7.20
C ASN D 288 -33.73 24.55 7.87
N ASN D 289 -33.76 23.76 8.95
CA ASN D 289 -32.53 23.44 9.66
C ASN D 289 -32.28 21.95 9.69
N TYR D 290 -31.00 21.63 9.80
CA TYR D 290 -30.38 20.32 9.82
C TYR D 290 -30.53 19.68 11.19
N PRO D 291 -30.80 18.38 11.26
CA PRO D 291 -30.65 17.68 12.53
C PRO D 291 -29.18 17.33 12.74
N THR D 292 -28.79 17.23 14.01
CA THR D 292 -27.42 16.89 14.35
C THR D 292 -27.33 15.51 14.99
N THR D 293 -28.41 14.73 14.94
CA THR D 293 -28.40 13.41 15.55
C THR D 293 -27.43 12.45 14.87
N LYS D 294 -26.89 12.80 13.69
CA LYS D 294 -26.06 11.88 12.93
C LYS D 294 -24.62 12.35 12.89
N PRO D 295 -23.64 11.46 13.14
CA PRO D 295 -22.24 11.83 12.88
C PRO D 295 -22.02 12.15 11.40
N ILE D 296 -21.20 13.16 11.13
CA ILE D 296 -20.99 13.65 9.77
C ILE D 296 -19.50 13.72 9.51
N PHE D 297 -19.09 13.19 8.37
CA PHE D 297 -17.73 13.36 7.88
C PHE D 297 -17.80 14.08 6.56
N ALA D 298 -17.16 15.24 6.47
CA ALA D 298 -17.16 16.04 5.25
C ALA D 298 -15.76 16.12 4.69
N CYS D 299 -15.66 16.22 3.37
CA CYS D 299 -14.40 16.33 2.67
C CYS D 299 -14.50 17.28 1.49
N TYR D 300 -13.39 17.94 1.19
CA TYR D 300 -13.26 18.71 -0.03
C TYR D 300 -11.85 18.46 -0.55
N THR D 301 -11.65 18.76 -1.84
CA THR D 301 -10.35 18.58 -2.45
C THR D 301 -9.65 19.93 -2.52
N LYS D 302 -8.32 19.90 -2.44
CA LYS D 302 -7.56 21.13 -2.22
C LYS D 302 -7.69 22.11 -3.38
N ASP D 303 -7.91 21.60 -4.61
CA ASP D 303 -7.94 22.40 -5.83
C ASP D 303 -9.20 22.11 -6.65
N GLU D 304 -10.34 21.99 -5.97
CA GLU D 304 -11.62 21.63 -6.59
C GLU D 304 -11.81 22.16 -7.99
N GLY D 305 -11.81 23.50 -8.12
CA GLY D 305 -12.21 24.18 -9.33
C GLY D 305 -11.34 23.90 -10.55
N ASP D 306 -10.24 23.15 -10.38
CA ASP D 306 -9.26 22.96 -11.46
C ASP D 306 -9.77 22.05 -12.56
N ILE D 307 -10.71 21.14 -12.25
CA ILE D 307 -11.31 20.34 -13.31
C ILE D 307 -12.52 21.03 -13.94
N TYR D 308 -13.06 22.09 -13.31
CA TYR D 308 -14.10 22.88 -13.95
C TYR D 308 -13.53 23.84 -14.98
N ILE D 309 -12.43 24.50 -14.65
CA ILE D 309 -11.82 25.53 -15.50
C ILE D 309 -10.38 25.09 -15.70
N THR D 310 -10.10 24.39 -16.82
CA THR D 310 -8.80 23.74 -17.00
C THR D 310 -7.72 24.65 -17.58
N SER D 311 -8.06 25.81 -18.13
CA SER D 311 -7.06 26.59 -18.85
C SER D 311 -7.66 27.94 -19.27
N GLU D 312 -6.77 28.83 -19.71
CA GLU D 312 -7.21 30.14 -20.17
C GLU D 312 -8.19 30.05 -21.34
N GLN D 313 -8.05 29.05 -22.22
CA GLN D 313 -8.91 28.97 -23.39
C GLN D 313 -10.26 28.33 -23.06
N LYS D 314 -10.23 27.15 -22.43
CA LYS D 314 -11.46 26.46 -22.01
C LYS D 314 -12.07 27.06 -20.74
N LYS D 315 -12.09 28.38 -20.61
CA LYS D 315 -12.58 29.01 -19.39
C LYS D 315 -13.95 29.64 -19.66
N LEU D 316 -14.46 30.36 -18.66
CA LEU D 316 -15.69 31.13 -18.81
C LEU D 316 -15.33 32.60 -19.02
N SER D 317 -16.18 33.30 -19.75
CA SER D 317 -15.95 34.73 -19.90
C SER D 317 -16.28 35.41 -18.56
N PRO D 318 -15.54 36.45 -18.20
CA PRO D 318 -15.69 37.08 -16.88
C PRO D 318 -17.12 37.39 -16.47
N GLN D 319 -17.94 37.91 -17.37
CA GLN D 319 -19.30 38.27 -16.95
C GLN D 319 -20.17 37.04 -16.78
N ARG D 320 -19.99 36.03 -17.64
CA ARG D 320 -20.73 34.78 -17.48
C ARG D 320 -20.46 34.17 -16.11
N PHE D 321 -19.19 34.18 -15.67
CA PHE D 321 -18.85 33.63 -14.37
C PHE D 321 -19.56 34.38 -13.25
N ILE D 322 -19.72 35.70 -13.38
CA ILE D 322 -20.34 36.46 -12.30
C ILE D 322 -21.81 36.10 -12.16
N ASP D 323 -22.48 35.85 -13.30
CA ASP D 323 -23.90 35.51 -13.28
C ASP D 323 -24.14 34.13 -12.68
N ILE D 324 -23.37 33.13 -13.11
CA ILE D 324 -23.51 31.79 -12.55
C ILE D 324 -23.36 31.85 -11.04
N MET D 325 -22.26 32.45 -10.57
CA MET D 325 -22.04 32.60 -9.14
C MET D 325 -23.19 33.36 -8.49
N GLU D 326 -23.71 34.40 -9.17
CA GLU D 326 -24.85 35.13 -8.64
C GLU D 326 -26.06 34.22 -8.48
N LEU D 327 -26.33 33.39 -9.50
CA LEU D 327 -27.41 32.42 -9.41
C LEU D 327 -27.25 31.52 -8.19
N ASN D 328 -26.01 31.08 -7.91
CA ASN D 328 -25.72 30.27 -6.73
C ASN D 328 -25.56 31.10 -5.47
N ASP D 329 -25.99 32.36 -5.47
CA ASP D 329 -25.96 33.21 -4.29
C ASP D 329 -24.53 33.44 -3.79
N ILE D 330 -23.64 33.75 -4.72
CA ILE D 330 -22.25 34.03 -4.38
C ILE D 330 -21.84 35.32 -5.09
N PRO D 331 -21.79 36.45 -4.38
CA PRO D 331 -21.30 37.68 -5.03
C PRO D 331 -19.79 37.67 -5.19
N LEU D 332 -19.33 38.12 -6.36
CA LEU D 332 -17.91 38.29 -6.62
C LEU D 332 -17.69 39.58 -7.38
N LYS D 333 -16.43 39.98 -7.51
CA LYS D 333 -16.06 41.18 -8.23
C LYS D 333 -15.41 40.81 -9.55
N TYR D 334 -15.79 41.53 -10.61
CA TYR D 334 -15.25 41.34 -11.96
C TYR D 334 -13.73 41.38 -11.99
N GLU D 335 -13.08 41.93 -10.95
CA GLU D 335 -11.64 41.93 -10.85
C GLU D 335 -11.09 40.54 -10.57
N ASP D 336 -11.81 39.75 -9.76
CA ASP D 336 -11.32 38.49 -9.22
C ASP D 336 -11.89 37.26 -9.92
N VAL D 337 -12.41 37.42 -11.14
CA VAL D 337 -12.96 36.28 -11.88
C VAL D 337 -12.51 36.38 -13.33
N GLN D 338 -11.34 36.98 -13.55
CA GLN D 338 -10.88 37.22 -14.91
C GLN D 338 -10.09 36.03 -15.48
N THR D 339 -9.01 35.63 -14.82
CA THR D 339 -8.19 34.57 -15.38
C THR D 339 -8.73 33.17 -15.06
N ALA D 340 -8.14 32.18 -15.73
CA ALA D 340 -8.52 30.79 -15.49
C ALA D 340 -8.25 30.40 -14.05
N LYS D 341 -7.02 30.63 -13.60
CA LYS D 341 -6.66 30.40 -12.20
C LYS D 341 -7.63 31.09 -11.25
N GLN D 342 -8.00 32.34 -11.56
CA GLN D 342 -8.93 33.08 -10.71
C GLN D 342 -10.26 32.37 -10.65
N GLN D 343 -10.75 31.88 -11.78
CA GLN D 343 -12.05 31.23 -11.77
C GLN D 343 -11.98 29.94 -10.96
N SER D 344 -10.94 29.14 -11.17
CA SER D 344 -10.75 27.92 -10.41
C SER D 344 -10.74 28.18 -8.90
N LEU D 345 -9.90 29.13 -8.47
CA LEU D 345 -9.82 29.46 -7.04
C LEU D 345 -11.19 29.82 -6.49
N ALA D 346 -11.93 30.65 -7.22
CA ALA D 346 -13.23 31.10 -6.73
C ALA D 346 -14.20 29.94 -6.60
N ILE D 347 -14.14 28.99 -7.52
CA ILE D 347 -14.93 27.77 -7.37
C ILE D 347 -14.50 27.03 -6.11
N THR D 348 -13.19 26.88 -5.91
CA THR D 348 -12.73 26.12 -4.75
C THR D 348 -13.16 26.82 -3.47
N HIS D 349 -12.87 28.11 -3.35
CA HIS D 349 -13.14 28.82 -2.11
C HIS D 349 -14.63 28.98 -1.89
N CYS D 350 -15.33 29.57 -2.87
CA CYS D 350 -16.71 30.05 -2.66
C CYS D 350 -17.78 29.00 -2.92
N TYR D 351 -17.59 28.11 -3.89
CA TYR D 351 -18.60 27.12 -4.21
C TYR D 351 -18.55 25.92 -3.29
N PHE D 352 -17.35 25.52 -2.85
CA PHE D 352 -17.17 24.29 -2.08
C PHE D 352 -16.73 24.54 -0.64
N LYS D 353 -15.49 25.03 -0.43
CA LYS D 353 -14.90 25.03 0.91
C LYS D 353 -15.70 25.88 1.89
N GLN D 354 -15.86 27.17 1.58
CA GLN D 354 -16.52 28.08 2.51
C GLN D 354 -17.94 27.60 2.84
N PRO D 355 -18.77 27.16 1.89
CA PRO D 355 -20.10 26.66 2.27
C PRO D 355 -20.04 25.44 3.18
N MET D 356 -19.15 24.50 2.91
CA MET D 356 -19.11 23.29 3.72
C MET D 356 -18.60 23.60 5.12
N LYS D 357 -17.53 24.38 5.22
CA LYS D 357 -17.06 24.84 6.52
C LYS D 357 -18.19 25.48 7.31
N GLN D 358 -18.90 26.44 6.70
CA GLN D 358 -20.01 27.12 7.35
C GLN D 358 -21.05 26.13 7.82
N PHE D 359 -21.32 25.11 7.00
CA PHE D 359 -22.33 24.13 7.36
C PHE D 359 -21.95 23.44 8.66
N LEU D 360 -20.69 23.01 8.76
CA LEU D 360 -20.20 22.38 9.97
C LEU D 360 -20.22 23.37 11.12
N GLN D 361 -19.71 24.59 10.90
CA GLN D 361 -19.65 25.58 11.97
C GLN D 361 -21.03 25.87 12.54
N GLN D 362 -22.09 25.81 11.72
CA GLN D 362 -23.42 26.02 12.29
C GLN D 362 -23.92 24.79 13.05
N LEU D 363 -23.63 23.58 12.60
CA LEU D 363 -24.03 22.41 13.40
C LEU D 363 -23.39 22.46 14.78
N ASN D 364 -22.14 22.92 14.86
CA ASN D 364 -21.47 23.03 16.15
C ASN D 364 -22.20 24.00 17.05
N ILE D 365 -22.60 25.17 16.51
CA ILE D 365 -23.30 26.16 17.33
C ILE D 365 -24.64 25.61 17.78
N GLN D 366 -25.31 24.88 16.90
CA GLN D 366 -26.57 24.25 17.24
C GLN D 366 -26.41 23.16 18.29
N ASP D 367 -25.28 22.43 18.30
CA ASP D 367 -25.17 21.19 19.08
C ASP D 367 -23.74 21.02 19.59
N SER D 368 -23.53 21.36 20.86
CA SER D 368 -22.22 21.21 21.45
C SER D 368 -21.80 19.74 21.58
N ASN D 369 -22.72 18.80 21.34
CA ASN D 369 -22.40 17.38 21.24
C ASN D 369 -22.20 16.92 19.80
N ALA D 370 -22.17 17.84 18.83
CA ALA D 370 -22.10 17.44 17.42
C ALA D 370 -20.88 16.59 17.13
N GLN D 371 -21.04 15.64 16.21
CA GLN D 371 -20.01 14.65 15.85
C GLN D 371 -19.53 14.93 14.43
N LEU D 372 -18.62 15.89 14.29
CA LEU D 372 -18.22 16.38 12.97
C LEU D 372 -16.72 16.15 12.75
N TRP D 373 -16.38 15.74 11.53
CA TRP D 373 -14.99 15.69 11.10
C TRP D 373 -14.84 16.27 9.70
N LEU D 374 -13.73 16.96 9.47
CA LEU D 374 -13.43 17.56 8.19
C LEU D 374 -12.11 17.00 7.67
N ALA D 375 -12.06 16.73 6.37
CA ALA D 375 -10.82 16.36 5.70
C ALA D 375 -10.65 17.15 4.42
N GLU D 376 -9.40 17.34 4.04
CA GLU D 376 -9.04 17.89 2.74
C GLU D 376 -8.27 16.84 1.95
N PHE D 377 -8.74 16.50 0.76
CA PHE D 377 -8.03 15.57 -0.12
C PHE D 377 -7.03 16.37 -0.94
N ALA D 378 -5.73 16.14 -0.72
CA ALA D 378 -4.71 16.98 -1.32
C ALA D 378 -3.72 16.22 -2.19
N TRP D 379 -3.95 14.94 -2.47
CA TRP D 379 -2.97 14.19 -3.26
C TRP D 379 -2.90 14.71 -4.70
N HIS D 380 -1.69 14.73 -5.25
CA HIS D 380 -1.47 15.09 -6.65
C HIS D 380 -0.02 14.84 -7.02
N ASP D 381 0.32 15.16 -8.29
CA ASP D 381 1.68 15.04 -8.78
C ASP D 381 1.86 16.09 -9.87
N THR D 382 2.59 17.16 -9.55
CA THR D 382 2.84 18.21 -10.53
C THR D 382 3.66 17.70 -11.71
N SER D 383 4.33 16.57 -11.57
CA SER D 383 5.08 15.99 -12.67
C SER D 383 4.25 15.07 -13.55
N SER D 384 3.00 14.77 -13.19
CA SER D 384 2.15 13.92 -14.00
C SER D 384 1.65 14.67 -15.23
N ALA D 385 0.93 13.97 -16.10
CA ALA D 385 0.18 14.63 -17.17
C ALA D 385 -1.22 15.05 -16.72
N HIS D 386 -1.91 14.24 -15.92
CA HIS D 386 -3.33 14.44 -15.69
C HIS D 386 -3.74 14.54 -14.23
N TYR D 387 -2.81 14.62 -13.30
CA TYR D 387 -3.15 14.66 -11.88
C TYR D 387 -2.31 15.73 -11.20
N ARG D 388 -2.14 16.85 -11.90
CA ARG D 388 -1.20 17.87 -11.44
C ARG D 388 -1.74 18.64 -10.25
N SER D 389 -3.04 18.59 -10.00
CA SER D 389 -3.58 19.14 -8.77
C SER D 389 -4.71 18.22 -8.25
N ALA D 390 -5.21 18.52 -7.06
CA ALA D 390 -6.23 17.68 -6.42
C ALA D 390 -7.59 18.33 -6.66
N TYR D 391 -8.14 18.05 -7.84
CA TYR D 391 -9.35 18.71 -8.30
C TYR D 391 -10.57 17.89 -7.95
N HIS D 392 -11.73 18.49 -8.14
CA HIS D 392 -13.03 17.87 -7.92
C HIS D 392 -13.10 16.45 -8.48
N ILE D 393 -13.76 15.58 -7.74
CA ILE D 393 -14.10 14.19 -8.10
C ILE D 393 -12.92 13.25 -7.87
N LEU D 394 -11.69 13.78 -7.90
CA LEU D 394 -10.51 12.91 -7.89
C LEU D 394 -10.45 12.05 -6.62
N ASP D 395 -10.86 12.61 -5.48
CA ASP D 395 -10.78 11.83 -4.25
C ASP D 395 -11.61 10.54 -4.35
N MET D 396 -12.72 10.53 -5.09
CA MET D 396 -13.49 9.29 -5.20
C MET D 396 -12.70 8.14 -5.82
N VAL D 397 -11.67 8.44 -6.62
CA VAL D 397 -10.80 7.35 -7.09
C VAL D 397 -10.19 6.64 -5.89
N PHE D 398 -9.81 7.40 -4.88
CA PHE D 398 -9.10 6.84 -3.73
C PHE D 398 -10.08 6.23 -2.74
N TRP D 399 -11.25 6.84 -2.57
CA TRP D 399 -12.20 6.31 -1.59
C TRP D 399 -12.59 4.88 -1.91
N PHE D 400 -12.80 4.59 -3.19
CA PHE D 400 -13.22 3.27 -3.61
C PHE D 400 -12.06 2.43 -4.12
N GLY D 401 -10.84 2.96 -4.07
CA GLY D 401 -9.68 2.21 -4.49
C GLY D 401 -9.62 1.86 -5.97
N ASN D 402 -10.19 2.69 -6.83
CA ASN D 402 -10.12 2.43 -8.27
C ASN D 402 -8.88 3.10 -8.88
N LEU D 403 -7.72 2.71 -8.36
CA LEU D 403 -6.46 3.28 -8.84
C LEU D 403 -6.17 2.88 -10.29
N GLN D 404 -6.81 1.82 -10.79
CA GLN D 404 -6.65 1.54 -12.21
C GLN D 404 -7.02 2.76 -13.04
N ILE D 405 -7.98 3.57 -12.56
CA ILE D 405 -8.42 4.72 -13.34
C ILE D 405 -7.26 5.66 -13.59
N LEU D 406 -6.46 5.93 -12.55
CA LEU D 406 -5.29 6.77 -12.78
C LEU D 406 -4.33 6.09 -13.74
N ALA D 407 -4.23 4.75 -13.69
CA ALA D 407 -3.25 4.05 -14.49
C ALA D 407 -3.57 4.17 -15.97
N ALA D 408 -4.85 4.09 -16.34
CA ALA D 408 -5.32 4.32 -17.71
C ALA D 408 -5.04 5.73 -18.22
N HIS D 409 -4.55 6.63 -17.38
CA HIS D 409 -4.26 8.01 -17.76
C HIS D 409 -2.82 8.35 -17.41
N GLN D 410 -1.96 7.38 -17.76
CA GLN D 410 -0.51 7.43 -17.65
C GLN D 410 -0.04 7.91 -16.29
N TYR D 411 -0.63 7.35 -15.24
CA TYR D 411 -0.09 7.49 -13.89
C TYR D 411 -0.10 6.13 -13.22
N PRO D 412 1.02 5.43 -13.20
CA PRO D 412 1.01 4.05 -12.70
C PRO D 412 0.84 4.01 -11.20
N THR D 413 0.19 2.95 -10.74
CA THR D 413 0.03 2.72 -9.31
C THR D 413 1.40 2.59 -8.65
N THR D 414 1.61 3.34 -7.56
CA THR D 414 2.81 3.24 -6.76
C THR D 414 2.44 2.87 -5.32
N ALA D 415 3.46 2.52 -4.55
CA ALA D 415 3.22 2.03 -3.20
C ALA D 415 2.61 3.11 -2.32
N HIS D 416 2.98 4.38 -2.54
CA HIS D 416 2.34 5.46 -1.82
C HIS D 416 0.87 5.56 -2.20
N LEU D 417 0.55 5.35 -3.48
CA LEU D 417 -0.85 5.44 -3.88
C LEU D 417 -1.67 4.29 -3.33
N LYS D 418 -1.10 3.09 -3.18
CA LYS D 418 -1.87 1.99 -2.60
C LYS D 418 -2.16 2.25 -1.13
N PHE D 419 -1.15 2.75 -0.40
CA PHE D 419 -1.30 3.00 1.03
C PHE D 419 -2.32 4.10 1.28
N LEU D 420 -2.15 5.24 0.60
CA LEU D 420 -3.10 6.33 0.77
C LEU D 420 -4.53 5.86 0.55
N SER D 421 -4.80 5.25 -0.61
CA SER D 421 -6.15 4.82 -0.91
C SER D 421 -6.66 3.79 0.10
N ARG D 422 -5.81 2.85 0.51
CA ARG D 422 -6.27 1.85 1.46
C ARG D 422 -6.62 2.52 2.78
N GLN D 423 -5.85 3.53 3.18
CA GLN D 423 -6.17 4.25 4.41
C GLN D 423 -7.49 4.99 4.31
N MET D 424 -7.73 5.74 3.20
CA MET D 424 -9.00 6.44 3.10
C MET D 424 -10.15 5.45 3.07
N GLN D 425 -9.94 4.32 2.37
CA GLN D 425 -10.85 3.18 2.44
C GLN D 425 -11.13 2.76 3.88
N ASN D 426 -10.07 2.53 4.66
CA ASN D 426 -10.22 2.10 6.05
C ASN D 426 -10.94 3.17 6.86
N ASP D 427 -10.51 4.44 6.71
CA ASP D 427 -11.15 5.55 7.40
C ASP D 427 -12.63 5.59 7.12
N LEU D 428 -13.00 5.37 5.87
CA LEU D 428 -14.40 5.35 5.45
C LEU D 428 -15.16 4.21 6.12
N ALA D 429 -14.70 2.96 5.91
CA ALA D 429 -15.39 1.80 6.47
C ALA D 429 -15.47 1.89 7.99
N ASN D 430 -14.40 2.36 8.62
CA ASN D 430 -14.35 2.47 10.08
C ASN D 430 -15.32 3.54 10.58
N PHE D 431 -15.50 4.62 9.79
CA PHE D 431 -16.53 5.59 10.10
C PHE D 431 -17.91 4.96 10.01
N ALA D 432 -18.17 4.21 8.93
CA ALA D 432 -19.48 3.57 8.80
C ALA D 432 -19.77 2.66 10.00
N LYS D 433 -18.74 2.05 10.58
CA LYS D 433 -18.88 1.15 11.71
C LYS D 433 -18.91 1.87 13.05
N SER D 434 -18.03 2.86 13.28
CA SER D 434 -17.93 3.52 14.58
C SER D 434 -18.53 4.92 14.66
N GLY D 435 -18.58 5.68 13.56
CA GLY D 435 -18.99 7.07 13.61
C GLY D 435 -17.90 8.04 14.03
N LYS D 436 -16.65 7.60 14.10
CA LYS D 436 -15.51 8.45 14.39
C LYS D 436 -14.45 8.31 13.31
N MET D 437 -13.57 9.32 13.22
CA MET D 437 -12.40 9.45 12.39
C MET D 437 -11.15 9.48 13.26
N PRO D 438 -10.03 8.93 12.79
CA PRO D 438 -8.81 8.94 13.61
C PRO D 438 -8.06 10.29 13.63
N TRP D 439 -8.78 11.38 13.76
CA TRP D 439 -8.14 12.68 13.94
C TRP D 439 -9.11 13.59 14.70
N PRO D 440 -8.65 14.78 15.11
CA PRO D 440 -9.50 15.61 15.98
C PRO D 440 -10.79 16.03 15.29
N MET D 441 -11.87 15.99 16.07
CA MET D 441 -13.15 16.53 15.64
C MET D 441 -13.01 17.95 15.14
N TYR D 442 -13.87 18.31 14.21
CA TYR D 442 -13.96 19.70 13.73
C TYR D 442 -14.80 20.49 14.75
N HIS D 443 -14.15 21.41 15.47
CA HIS D 443 -14.85 22.34 16.35
C HIS D 443 -14.50 23.76 15.95
N ASN D 444 -15.40 24.70 16.28
CA ASN D 444 -15.38 26.01 15.63
C ASN D 444 -14.19 26.86 16.01
N GLU D 445 -13.43 26.50 17.04
CA GLU D 445 -12.31 27.33 17.45
C GLU D 445 -11.02 26.88 16.75
N ARG D 446 -10.61 25.65 16.99
CA ARG D 446 -9.38 25.13 16.39
C ARG D 446 -9.58 24.75 14.93
N ARG D 447 -10.76 24.23 14.57
CA ARG D 447 -11.09 23.87 13.18
C ARG D 447 -10.02 22.95 12.57
N TYR D 448 -9.61 21.94 13.32
CA TYR D 448 -8.65 20.97 12.78
C TYR D 448 -9.28 20.20 11.63
N TYR D 449 -8.43 19.72 10.72
CA TYR D 449 -8.87 18.81 9.68
C TYR D 449 -7.72 17.91 9.26
N ARG D 450 -8.07 16.78 8.64
CA ARG D 450 -7.07 15.87 8.10
C ARG D 450 -6.73 16.28 6.66
N THR D 451 -5.44 16.25 6.33
CA THR D 451 -4.99 16.54 4.95
C THR D 451 -4.45 15.24 4.38
N TYR D 452 -5.24 14.59 3.51
CA TYR D 452 -4.86 13.36 2.85
C TYR D 452 -3.90 13.68 1.73
N GLN D 453 -2.69 13.12 1.81
CA GLN D 453 -1.72 13.38 0.75
C GLN D 453 -0.77 12.23 0.58
N PRO E 2 -26.71 23.59 41.42
CA PRO E 2 -27.73 22.53 41.55
C PRO E 2 -28.70 22.48 40.37
N GLY E 3 -28.92 23.60 39.67
CA GLY E 3 -29.73 23.57 38.46
C GLY E 3 -28.97 22.96 37.30
N MET E 4 -29.71 22.34 36.37
CA MET E 4 -29.09 21.82 35.16
C MET E 4 -29.86 22.27 33.93
N LYS E 5 -29.21 23.09 33.11
CA LYS E 5 -29.80 23.67 31.90
C LYS E 5 -29.36 22.88 30.68
N ILE E 6 -30.31 22.35 29.91
CA ILE E 6 -30.04 21.71 28.64
C ILE E 6 -30.53 22.66 27.54
N ASN E 7 -29.68 22.89 26.53
CA ASN E 7 -30.01 23.76 25.41
C ASN E 7 -30.36 22.91 24.21
N THR E 8 -31.61 23.00 23.75
CA THR E 8 -32.05 22.29 22.57
C THR E 8 -32.50 23.29 21.50
N THR E 9 -32.66 22.78 20.28
CA THR E 9 -33.17 23.60 19.19
C THR E 9 -34.56 24.14 19.46
N GLY E 10 -35.26 23.61 20.47
CA GLY E 10 -36.54 24.15 20.89
C GLY E 10 -36.44 25.12 22.04
N GLY E 11 -35.24 25.45 22.47
CA GLY E 11 -35.06 26.25 23.65
C GLY E 11 -34.41 25.47 24.78
N GLN E 12 -34.56 26.00 25.97
CA GLN E 12 -33.85 25.55 27.13
C GLN E 12 -34.78 24.69 27.99
N ILE E 13 -34.20 23.67 28.64
CA ILE E 13 -34.93 22.79 29.56
C ILE E 13 -34.14 22.75 30.87
N HIS E 14 -34.83 23.00 31.98
CA HIS E 14 -34.22 23.31 33.27
C HIS E 14 -34.52 22.16 34.22
N GLY E 15 -33.48 21.38 34.52
CA GLY E 15 -33.64 20.25 35.42
C GLY E 15 -32.78 20.36 36.65
N ILE E 16 -32.48 19.22 37.28
CA ILE E 16 -31.87 19.20 38.60
C ILE E 16 -30.74 18.16 38.63
N THR E 17 -29.58 18.56 39.17
CA THR E 17 -28.47 17.65 39.43
C THR E 17 -28.48 17.25 40.90
N GLN E 18 -28.53 15.94 41.17
CA GLN E 18 -28.46 15.45 42.54
C GLN E 18 -27.74 14.11 42.55
N ASP E 19 -26.74 13.99 43.42
CA ASP E 19 -26.10 12.68 43.67
C ASP E 19 -25.58 12.05 42.37
N GLY E 20 -25.11 12.88 41.44
CA GLY E 20 -24.50 12.36 40.22
C GLY E 20 -25.47 12.10 39.10
N LEU E 21 -26.75 12.35 39.29
CA LEU E 21 -27.74 12.23 38.25
C LEU E 21 -28.28 13.60 37.87
N ASP E 22 -28.50 13.81 36.58
CA ASP E 22 -29.34 14.89 36.09
C ASP E 22 -30.74 14.34 35.93
N ILE E 23 -31.72 15.02 36.50
CA ILE E 23 -33.09 14.52 36.47
C ILE E 23 -33.98 15.63 35.92
N PHE E 24 -34.85 15.25 34.99
CA PHE E 24 -35.75 16.18 34.33
C PHE E 24 -37.15 15.59 34.44
N LEU E 25 -38.05 16.33 35.09
CA LEU E 25 -39.38 15.87 35.42
C LEU E 25 -40.43 16.73 34.74
N GLY E 26 -41.46 16.09 34.20
CA GLY E 26 -42.55 16.80 33.57
C GLY E 26 -42.12 17.70 32.44
N ILE E 27 -41.71 17.11 31.33
CA ILE E 27 -41.37 17.85 30.12
C ILE E 27 -42.55 17.69 29.17
N PRO E 28 -43.23 18.78 28.76
CA PRO E 28 -44.33 18.62 27.81
C PRO E 28 -43.78 18.17 26.47
N TYR E 29 -44.34 17.11 25.92
CA TYR E 29 -43.81 16.59 24.67
C TYR E 29 -44.80 16.69 23.52
N ALA E 30 -46.07 16.91 23.83
CA ALA E 30 -47.10 17.12 22.84
C ALA E 30 -47.99 18.26 23.32
N GLU E 31 -48.78 18.81 22.42
CA GLU E 31 -49.71 19.84 22.87
C GLU E 31 -50.76 19.17 23.77
N PRO E 32 -51.20 19.85 24.83
CA PRO E 32 -52.14 19.26 25.75
C PRO E 32 -53.40 18.81 25.03
N PRO E 33 -53.81 17.56 25.22
CA PRO E 33 -54.96 17.04 24.48
C PRO E 33 -56.29 17.63 24.95
N VAL E 34 -56.29 18.92 25.28
CA VAL E 34 -57.47 19.59 25.83
C VAL E 34 -58.19 20.35 24.72
N HIS E 35 -59.06 21.29 25.12
CA HIS E 35 -59.78 22.23 24.24
C HIS E 35 -60.05 21.75 22.80
N ASP E 36 -59.47 22.41 21.79
CA ASP E 36 -59.67 21.94 20.43
C ASP E 36 -58.85 20.70 20.06
N ASN E 37 -58.02 20.20 20.98
CA ASN E 37 -57.21 19.01 20.73
C ASN E 37 -57.77 17.76 21.38
N ARG E 38 -58.94 17.84 22.00
CA ARG E 38 -59.46 16.70 22.73
C ARG E 38 -60.08 15.70 21.77
N PHE E 39 -60.15 14.45 22.20
CA PHE E 39 -60.36 13.25 21.38
C PHE E 39 -59.49 13.19 20.12
N LYS E 40 -58.35 13.86 20.08
CA LYS E 40 -57.58 13.88 18.84
C LYS E 40 -56.13 13.42 19.06
N HIS E 41 -55.54 12.85 18.00
CA HIS E 41 -54.13 12.47 18.07
C HIS E 41 -53.28 13.67 18.48
N SER E 42 -52.33 13.43 19.36
CA SER E 42 -51.55 14.54 19.90
C SER E 42 -50.61 15.12 18.84
N THR E 43 -50.18 16.35 19.10
CA THR E 43 -49.31 17.11 18.22
C THR E 43 -47.96 17.27 18.90
N LEU E 44 -46.91 16.85 18.21
CA LEU E 44 -45.56 16.98 18.74
C LEU E 44 -45.27 18.43 19.13
N LYS E 45 -44.58 18.59 20.26
CA LYS E 45 -44.11 19.91 20.70
C LYS E 45 -42.63 20.03 20.38
N THR E 46 -42.26 21.04 19.57
CA THR E 46 -40.87 21.20 19.13
C THR E 46 -40.26 22.55 19.46
N GLN E 47 -41.00 23.48 20.08
CA GLN E 47 -40.49 24.81 20.39
C GLN E 47 -41.22 25.37 21.61
N TRP E 48 -40.49 26.14 22.43
CA TRP E 48 -41.07 26.79 23.61
C TRP E 48 -40.43 28.15 23.79
N SER E 49 -41.29 29.19 23.89
CA SER E 49 -40.82 30.56 24.01
C SER E 49 -40.04 30.79 25.30
N GLU E 50 -40.38 30.05 26.35
CA GLU E 50 -39.89 30.19 27.70
C GLU E 50 -39.28 28.86 28.16
N PRO E 51 -38.13 28.90 28.86
CA PRO E 51 -37.48 27.65 29.24
C PRO E 51 -38.43 26.71 29.98
N ILE E 52 -38.37 25.43 29.63
CA ILE E 52 -39.20 24.44 30.29
C ILE E 52 -38.64 24.17 31.68
N ASP E 53 -39.49 24.28 32.67
CA ASP E 53 -39.18 23.92 34.06
C ASP E 53 -39.37 22.42 34.20
N ALA E 54 -38.26 21.67 34.17
CA ALA E 54 -38.30 20.22 34.32
C ALA E 54 -38.02 19.76 35.74
N THR E 55 -38.35 20.58 36.74
CA THR E 55 -37.99 20.25 38.11
C THR E 55 -39.11 19.63 38.91
N GLU E 56 -40.29 19.43 38.32
CA GLU E 56 -41.37 18.90 39.13
C GLU E 56 -42.23 17.93 38.33
N ILE E 57 -42.74 16.93 39.05
CA ILE E 57 -43.70 16.00 38.47
C ILE E 57 -44.96 16.75 38.10
N GLN E 58 -45.48 16.45 36.92
CA GLN E 58 -46.63 17.06 36.28
C GLN E 58 -47.84 16.13 36.32
N PRO E 59 -49.04 16.63 35.97
CA PRO E 59 -50.24 15.79 36.02
C PRO E 59 -50.13 14.48 35.24
N ILE E 60 -50.96 13.52 35.63
CA ILE E 60 -50.95 12.15 35.11
C ILE E 60 -52.33 11.87 34.55
N PRO E 61 -52.48 10.86 33.69
CA PRO E 61 -53.77 10.65 32.99
C PRO E 61 -54.87 10.23 33.97
N PRO E 62 -56.09 10.74 33.78
CA PRO E 62 -57.21 10.35 34.63
C PRO E 62 -57.52 8.86 34.54
N GLN E 63 -57.94 8.27 35.65
CA GLN E 63 -58.07 6.81 35.68
C GLN E 63 -58.78 6.32 36.94
N PRO E 64 -59.50 5.20 36.89
CA PRO E 64 -59.98 4.59 38.12
C PRO E 64 -58.81 4.32 39.04
N ASP E 65 -59.11 4.24 40.32
CA ASP E 65 -58.04 3.99 41.28
C ASP E 65 -57.35 2.67 40.96
N ASN E 66 -56.02 2.68 41.02
CA ASN E 66 -55.21 1.52 40.65
C ASN E 66 -55.02 0.62 41.88
N LYS E 67 -55.67 -0.54 41.86
CA LYS E 67 -55.67 -1.41 43.03
C LYS E 67 -54.25 -1.83 43.44
N LEU E 68 -53.35 -1.96 42.46
CA LEU E 68 -52.02 -2.48 42.71
C LEU E 68 -50.95 -1.42 42.93
N GLU E 69 -51.25 -0.14 42.67
CA GLU E 69 -50.22 0.90 42.84
C GLU E 69 -49.63 0.86 44.24
N ASP E 70 -50.47 0.59 45.25
CA ASP E 70 -50.01 0.58 46.62
C ASP E 70 -49.12 -0.62 46.88
N PHE E 71 -49.57 -1.81 46.47
CA PHE E 71 -48.75 -3.01 46.58
C PHE E 71 -47.34 -2.73 46.08
N PHE E 72 -47.25 -2.09 44.90
CA PHE E 72 -45.99 -1.90 44.20
C PHE E 72 -45.36 -0.54 44.51
N SER E 73 -45.60 -0.04 45.72
CA SER E 73 -45.09 1.23 46.19
C SER E 73 -44.51 1.04 47.58
N SER E 74 -43.66 1.96 48.00
CA SER E 74 -42.97 1.80 49.28
C SER E 74 -43.21 2.94 50.26
N GLN E 75 -43.70 4.09 49.79
CA GLN E 75 -44.00 5.23 50.63
C GLN E 75 -45.26 5.90 50.08
N SER E 76 -45.91 6.69 50.91
CA SER E 76 -47.17 7.32 50.50
C SER E 76 -46.88 8.49 49.56
N THR E 77 -47.58 8.52 48.42
CA THR E 77 -47.44 9.61 47.45
C THR E 77 -48.81 10.01 46.92
N THR E 78 -48.90 11.21 46.36
CA THR E 78 -50.14 11.58 45.69
C THR E 78 -49.84 12.37 44.42
N PHE E 79 -50.59 12.04 43.37
CA PHE E 79 -50.48 12.69 42.08
C PHE E 79 -51.83 13.29 41.70
N THR E 80 -51.78 14.38 40.93
CA THR E 80 -52.99 14.99 40.39
C THR E 80 -53.25 14.49 38.97
N GLU E 81 -54.52 14.16 38.71
CA GLU E 81 -54.94 13.58 37.43
C GLU E 81 -55.65 14.66 36.61
N HIS E 82 -55.06 15.05 35.47
CA HIS E 82 -55.63 16.04 34.56
C HIS E 82 -55.59 15.53 33.12
N GLU E 83 -56.50 16.06 32.30
CA GLU E 83 -56.41 15.85 30.86
C GLU E 83 -55.02 16.17 30.36
N ASP E 84 -54.51 17.33 30.77
CA ASP E 84 -53.18 17.82 30.42
C ASP E 84 -52.15 17.00 31.18
N CYS E 85 -51.82 15.84 30.62
CA CYS E 85 -50.93 14.88 31.26
C CYS E 85 -49.79 14.41 30.35
N LEU E 86 -49.56 15.08 29.22
CA LEU E 86 -48.68 14.54 28.18
C LEU E 86 -47.26 15.01 28.48
N TYR E 87 -46.59 14.28 29.38
CA TYR E 87 -45.29 14.69 29.88
C TYR E 87 -44.38 13.46 29.95
N LEU E 88 -43.07 13.72 29.90
CA LEU E 88 -42.07 12.67 30.00
C LEU E 88 -40.96 13.12 30.94
N ASN E 89 -40.18 12.16 31.40
CA ASN E 89 -39.15 12.40 32.39
C ASN E 89 -37.89 11.68 31.98
N ILE E 90 -36.74 12.31 32.23
CA ILE E 90 -35.45 11.81 31.75
C ILE E 90 -34.52 11.68 32.93
N TRP E 91 -33.86 10.52 33.05
CA TRP E 91 -32.79 10.30 33.99
C TRP E 91 -31.50 9.99 33.23
N LYS E 92 -30.40 10.60 33.66
CA LYS E 92 -29.10 10.33 33.09
C LYS E 92 -28.04 10.62 34.14
N GLN E 93 -26.83 10.12 33.89
CA GLN E 93 -25.70 10.42 34.77
C GLN E 93 -25.13 11.80 34.41
N HIS E 94 -24.68 12.52 35.44
CA HIS E 94 -24.08 13.85 35.24
C HIS E 94 -22.61 13.70 34.87
N ASN E 95 -22.31 13.70 33.58
CA ASN E 95 -20.92 13.65 33.11
C ASN E 95 -20.87 14.21 31.69
N ASP E 96 -19.70 14.09 31.06
CA ASP E 96 -19.47 14.60 29.71
C ASP E 96 -19.53 13.51 28.64
N GLN E 97 -19.92 12.30 29.00
CA GLN E 97 -20.07 11.26 28.00
C GLN E 97 -21.20 11.59 27.03
N THR E 98 -21.14 10.99 25.85
CA THR E 98 -22.06 11.28 24.77
C THR E 98 -22.38 9.98 24.04
N LYS E 99 -23.44 10.02 23.23
CA LYS E 99 -23.89 8.85 22.49
C LYS E 99 -24.24 7.69 23.42
N LYS E 100 -24.75 8.02 24.59
CA LYS E 100 -25.29 7.04 25.51
C LYS E 100 -26.48 6.31 24.88
N PRO E 101 -26.61 5.01 25.10
CA PRO E 101 -27.85 4.34 24.73
C PRO E 101 -29.03 4.92 25.48
N VAL E 102 -30.22 4.78 24.89
CA VAL E 102 -31.42 5.39 25.42
C VAL E 102 -32.52 4.35 25.51
N ILE E 103 -33.19 4.27 26.65
CA ILE E 103 -34.35 3.42 26.81
C ILE E 103 -35.57 4.31 27.06
N ILE E 104 -36.62 4.07 26.30
CA ILE E 104 -37.92 4.67 26.55
C ILE E 104 -38.81 3.58 27.09
N TYR E 105 -39.41 3.83 28.26
CA TYR E 105 -40.25 2.87 28.95
C TYR E 105 -41.73 3.26 28.81
N PHE E 106 -42.55 2.31 28.42
CA PHE E 106 -44.00 2.44 28.38
C PHE E 106 -44.59 1.45 29.39
N TYR E 107 -45.36 1.97 30.35
CA TYR E 107 -45.95 1.17 31.40
C TYR E 107 -47.17 0.41 30.89
N GLY E 108 -47.57 -0.60 31.67
CA GLY E 108 -48.75 -1.37 31.40
C GLY E 108 -49.87 -1.04 32.37
N GLY E 109 -50.88 -1.92 32.38
CA GLY E 109 -52.05 -1.63 33.18
C GLY E 109 -53.33 -1.56 32.37
N SER E 110 -53.42 -2.43 31.37
CA SER E 110 -54.66 -2.66 30.62
C SER E 110 -55.11 -1.41 29.88
N PHE E 111 -54.19 -0.47 29.67
CA PHE E 111 -54.46 0.81 29.03
C PHE E 111 -55.46 1.66 29.80
N GLU E 112 -55.80 1.29 31.04
CA GLU E 112 -56.63 2.14 31.90
C GLU E 112 -55.86 2.81 33.01
N ASN E 113 -54.86 2.15 33.59
CA ASN E 113 -54.08 2.76 34.66
C ASN E 113 -52.62 2.87 34.26
N GLY E 114 -51.88 3.55 35.14
CA GLY E 114 -50.46 3.72 34.92
C GLY E 114 -50.08 5.17 34.77
N HIS E 115 -48.82 5.47 35.11
CA HIS E 115 -48.19 6.74 34.75
C HIS E 115 -46.68 6.53 34.88
N GLY E 116 -45.94 7.37 34.19
CA GLY E 116 -44.50 7.21 34.11
C GLY E 116 -43.75 7.66 35.33
N THR E 117 -44.44 8.31 36.25
CA THR E 117 -43.83 8.80 37.48
C THR E 117 -44.09 7.89 38.68
N ALA E 118 -44.79 6.77 38.50
CA ALA E 118 -44.93 5.80 39.56
C ALA E 118 -43.57 5.22 39.99
N GLU E 119 -43.47 4.85 41.28
CA GLU E 119 -42.18 4.53 41.88
C GLU E 119 -41.55 3.31 41.21
N LEU E 120 -42.40 2.37 40.81
CA LEU E 120 -42.01 1.17 40.09
C LEU E 120 -41.36 1.47 38.75
N TYR E 121 -41.49 2.69 38.22
CA TYR E 121 -40.95 3.08 36.93
C TYR E 121 -39.90 4.17 37.05
N GLN E 122 -39.59 4.62 38.26
CA GLN E 122 -38.51 5.56 38.45
C GLN E 122 -37.19 4.80 38.35
N PRO E 123 -36.35 5.13 37.38
CA PRO E 123 -35.19 4.29 37.09
C PRO E 123 -33.89 4.81 37.68
N ALA E 124 -33.95 5.62 38.75
CA ALA E 124 -32.73 6.23 39.28
C ALA E 124 -31.69 5.18 39.66
N HIS E 125 -32.10 4.05 40.26
CA HIS E 125 -31.14 3.00 40.61
C HIS E 125 -30.42 2.44 39.37
N LEU E 126 -31.18 2.05 38.37
CA LEU E 126 -30.61 1.50 37.15
C LEU E 126 -29.66 2.50 36.49
N VAL E 127 -30.04 3.78 36.45
CA VAL E 127 -29.21 4.77 35.79
C VAL E 127 -27.97 5.08 36.61
N GLN E 128 -28.07 5.02 37.93
CA GLN E 128 -26.91 5.24 38.76
C GLN E 128 -25.82 4.20 38.48
N ASN E 129 -26.21 2.97 38.19
CA ASN E 129 -25.24 1.90 38.01
C ASN E 129 -24.77 1.72 36.57
N ASN E 130 -25.48 2.28 35.58
CA ASN E 130 -25.18 2.05 34.16
C ASN E 130 -25.35 3.34 33.38
N ASP E 131 -24.29 3.77 32.70
CA ASP E 131 -24.37 5.08 32.06
C ASP E 131 -25.29 5.08 30.85
N ILE E 132 -26.57 4.83 31.06
CA ILE E 132 -27.53 5.00 29.99
C ILE E 132 -28.46 6.17 30.33
N ILE E 133 -29.38 6.48 29.42
CA ILE E 133 -30.42 7.46 29.67
C ILE E 133 -31.74 6.73 29.57
N VAL E 134 -32.56 6.84 30.60
CA VAL E 134 -33.85 6.17 30.62
C VAL E 134 -34.90 7.25 30.68
N ILE E 135 -35.99 7.03 29.96
CA ILE E 135 -37.04 8.02 29.78
C ILE E 135 -38.36 7.33 30.04
N THR E 136 -39.18 7.95 30.88
CA THR E 136 -40.56 7.54 31.16
C THR E 136 -41.50 8.65 30.73
N CYS E 137 -42.78 8.30 30.61
CA CYS E 137 -43.75 9.21 30.01
C CYS E 137 -45.15 8.80 30.45
N ASN E 138 -46.12 9.69 30.25
CA ASN E 138 -47.53 9.34 30.32
C ASN E 138 -48.12 9.29 28.92
N TYR E 139 -49.04 8.36 28.71
CA TYR E 139 -49.91 8.36 27.52
C TYR E 139 -51.36 8.27 28.00
N ARG E 140 -52.28 8.76 27.15
CA ARG E 140 -53.70 8.80 27.50
C ARG E 140 -54.31 7.41 27.63
N LEU E 141 -55.17 7.25 28.63
CA LEU E 141 -55.72 5.96 29.04
C LEU E 141 -57.24 5.95 28.95
N GLY E 142 -57.80 4.77 29.21
CA GLY E 142 -59.24 4.62 29.37
C GLY E 142 -60.00 4.90 28.09
N ALA E 143 -61.18 5.55 28.24
CA ALA E 143 -61.95 5.94 27.07
C ALA E 143 -61.21 6.98 26.24
N LEU E 144 -60.58 7.94 26.91
CA LEU E 144 -59.91 9.04 26.24
C LEU E 144 -58.71 8.55 25.42
N GLY E 145 -57.98 7.57 25.94
CA GLY E 145 -56.88 7.02 25.19
C GLY E 145 -57.33 6.15 24.04
N TYR E 146 -58.46 5.43 24.20
CA TYR E 146 -58.69 4.34 23.26
C TYR E 146 -60.14 4.04 22.88
N LEU E 147 -61.08 4.96 23.04
CA LEU E 147 -62.40 4.76 22.45
C LEU E 147 -62.38 5.32 21.02
N ASP E 148 -62.84 4.51 20.05
CA ASP E 148 -63.00 5.02 18.70
C ASP E 148 -63.92 6.19 19.04
N TRP E 149 -63.37 7.39 18.88
CA TRP E 149 -64.12 8.62 19.09
C TRP E 149 -64.56 9.05 17.70
N SER E 150 -63.92 8.53 16.64
CA SER E 150 -64.38 8.82 15.28
C SER E 150 -65.82 8.42 15.03
N TYR E 151 -66.41 7.61 15.92
CA TYR E 151 -67.83 7.28 15.83
C TYR E 151 -68.71 8.51 16.02
N PHE E 152 -68.26 9.47 16.83
CA PHE E 152 -69.07 10.59 17.29
C PHE E 152 -68.82 11.88 16.51
N ASN E 153 -67.72 11.96 15.76
CA ASN E 153 -67.46 13.00 14.78
C ASN E 153 -66.21 12.60 14.01
N LYS E 154 -66.29 12.65 12.68
CA LYS E 154 -65.17 12.29 11.83
C LYS E 154 -63.90 13.08 12.15
N ASP E 155 -64.00 14.17 12.91
CA ASP E 155 -62.81 14.91 13.33
C ASP E 155 -62.10 14.23 14.50
N PHE E 156 -62.76 13.31 15.20
CA PHE E 156 -62.21 12.64 16.36
C PHE E 156 -61.54 11.32 15.99
N HIS E 157 -60.74 10.78 16.91
CA HIS E 157 -59.77 9.74 16.57
C HIS E 157 -59.88 8.50 17.45
N SER E 158 -59.45 7.38 16.89
CA SER E 158 -59.14 6.16 17.61
C SER E 158 -57.69 6.22 18.07
N ASN E 159 -57.24 5.15 18.72
CA ASN E 159 -55.81 4.94 19.00
C ASN E 159 -55.14 6.19 19.57
N ASN E 160 -55.87 6.92 20.40
CA ASN E 160 -55.39 8.22 20.85
C ASN E 160 -54.14 8.07 21.71
N GLY E 161 -54.18 7.18 22.70
CA GLY E 161 -52.99 6.95 23.52
C GLY E 161 -51.80 6.43 22.73
N LEU E 162 -52.04 5.64 21.69
CA LEU E 162 -50.96 5.17 20.83
C LEU E 162 -50.28 6.32 20.11
N SER E 163 -51.03 7.40 19.80
CA SER E 163 -50.45 8.57 19.16
C SER E 163 -49.50 9.31 20.08
N ASP E 164 -49.79 9.34 21.37
CA ASP E 164 -48.87 9.97 22.29
C ASP E 164 -47.60 9.15 22.45
N GLN E 165 -47.72 7.81 22.49
CA GLN E 165 -46.53 6.96 22.51
C GLN E 165 -45.64 7.29 21.31
N ILE E 166 -46.25 7.47 20.13
CA ILE E 166 -45.49 7.82 18.93
C ILE E 166 -44.78 9.16 19.12
N ASN E 167 -45.45 10.10 19.77
CA ASN E 167 -44.86 11.42 19.94
C ASN E 167 -43.75 11.44 20.99
N VAL E 168 -43.80 10.55 22.00
CA VAL E 168 -42.65 10.40 22.88
C VAL E 168 -41.41 10.04 22.07
N ILE E 169 -41.55 9.03 21.20
CA ILE E 169 -40.42 8.57 20.42
C ILE E 169 -39.93 9.68 19.48
N LYS E 170 -40.85 10.40 18.85
CA LYS E 170 -40.45 11.53 18.00
C LYS E 170 -39.75 12.61 18.82
N TRP E 171 -40.22 12.87 20.04
CA TRP E 171 -39.57 13.88 20.87
C TRP E 171 -38.16 13.45 21.23
N VAL E 172 -38.00 12.23 21.76
CA VAL E 172 -36.67 11.72 22.12
C VAL E 172 -35.75 11.76 20.91
N HIS E 173 -36.24 11.27 19.77
CA HIS E 173 -35.44 11.27 18.55
C HIS E 173 -34.91 12.67 18.26
N GLN E 174 -35.75 13.68 18.44
CA GLN E 174 -35.40 15.04 18.07
C GLN E 174 -34.40 15.67 19.04
N PHE E 175 -34.54 15.41 20.34
CA PHE E 175 -33.78 16.17 21.33
C PHE E 175 -32.79 15.37 22.19
N ILE E 176 -32.86 14.04 22.24
CA ILE E 176 -32.09 13.33 23.27
C ILE E 176 -30.58 13.50 23.05
N GLU E 177 -30.17 13.81 21.82
CA GLU E 177 -28.76 14.08 21.56
C GLU E 177 -28.24 15.24 22.42
N SER E 178 -29.06 16.27 22.64
CA SER E 178 -28.69 17.39 23.51
C SER E 178 -28.53 16.97 24.98
N PHE E 179 -29.17 15.87 25.38
CA PHE E 179 -28.97 15.27 26.69
C PHE E 179 -27.78 14.33 26.73
N GLY E 180 -26.98 14.30 25.66
CA GLY E 180 -25.94 13.30 25.54
C GLY E 180 -26.42 11.93 25.11
N GLY E 181 -27.64 11.81 24.58
CA GLY E 181 -28.13 10.53 24.11
C GLY E 181 -27.70 10.21 22.67
N ASP E 182 -27.75 8.91 22.36
CA ASP E 182 -27.54 8.46 20.98
C ASP E 182 -28.91 8.17 20.36
N ALA E 183 -29.45 9.16 19.63
CA ALA E 183 -30.73 8.98 18.96
C ALA E 183 -30.72 7.89 17.90
N ASN E 184 -29.54 7.38 17.52
CA ASN E 184 -29.47 6.21 16.65
C ASN E 184 -29.41 4.89 17.42
N ASN E 185 -29.67 4.89 18.77
CA ASN E 185 -29.64 3.66 19.56
C ASN E 185 -30.72 3.76 20.62
N ILE E 186 -31.97 3.58 20.21
CA ILE E 186 -33.12 3.74 21.08
C ILE E 186 -33.81 2.39 21.27
N THR E 187 -33.86 1.94 22.52
CA THR E 187 -34.59 0.76 22.91
C THR E 187 -35.94 1.20 23.47
N LEU E 188 -37.01 0.56 23.00
CA LEU E 188 -38.31 0.68 23.64
C LEU E 188 -38.45 -0.49 24.62
N MET E 189 -38.83 -0.19 25.85
CA MET E 189 -39.05 -1.20 26.87
C MET E 189 -40.47 -1.09 27.42
N GLY E 190 -41.17 -2.21 27.43
CA GLY E 190 -42.57 -2.20 27.80
C GLY E 190 -42.95 -3.42 28.59
N GLN E 191 -43.86 -3.24 29.55
CA GLN E 191 -44.41 -4.34 30.32
C GLN E 191 -45.91 -4.42 30.07
N SER E 192 -46.40 -5.64 29.83
CA SER E 192 -47.82 -5.88 29.61
C SER E 192 -48.39 -4.95 28.54
N ALA E 193 -49.33 -4.08 28.92
CA ALA E 193 -49.89 -3.13 27.97
C ALA E 193 -48.79 -2.31 27.31
N GLY E 194 -47.73 -2.00 28.06
CA GLY E 194 -46.60 -1.27 27.51
C GLY E 194 -45.80 -2.09 26.52
N SER E 195 -45.80 -3.41 26.68
CA SER E 195 -45.12 -4.24 25.71
C SER E 195 -46.03 -4.46 24.51
N MET E 196 -47.33 -4.58 24.74
CA MET E 196 -48.30 -4.58 23.65
C MET E 196 -48.16 -3.36 22.78
N SER E 197 -47.93 -2.21 23.40
CA SER E 197 -47.78 -0.98 22.62
C SER E 197 -46.58 -1.07 21.68
N ILE E 198 -45.47 -1.63 22.15
CA ILE E 198 -44.26 -1.75 21.34
C ILE E 198 -44.52 -2.70 20.18
N LEU E 199 -45.23 -3.80 20.44
CA LEU E 199 -45.58 -4.71 19.35
C LEU E 199 -46.44 -3.98 18.29
N THR E 200 -47.33 -3.09 18.75
CA THR E 200 -48.05 -2.25 17.82
C THR E 200 -47.11 -1.30 17.10
N LEU E 201 -46.25 -0.58 17.84
CA LEU E 201 -45.38 0.40 17.21
C LEU E 201 -44.45 -0.21 16.15
N LEU E 202 -44.06 -1.47 16.33
CA LEU E 202 -43.21 -2.09 15.32
C LEU E 202 -43.93 -2.28 13.99
N LYS E 203 -45.27 -2.34 14.00
CA LYS E 203 -46.05 -2.55 12.78
C LYS E 203 -46.60 -1.25 12.20
N ILE E 204 -46.09 -0.12 12.65
CA ILE E 204 -46.46 1.17 12.06
C ILE E 204 -45.23 1.70 11.32
N PRO E 205 -45.21 1.60 9.99
CA PRO E 205 -44.01 2.00 9.25
C PRO E 205 -43.63 3.45 9.42
N ASP E 206 -44.58 4.30 9.82
CA ASP E 206 -44.24 5.68 10.13
C ASP E 206 -43.21 5.76 11.27
N ILE E 207 -43.48 5.10 12.39
CA ILE E 207 -42.66 5.25 13.59
C ILE E 207 -41.53 4.21 13.69
N GLU E 208 -41.72 3.03 13.10
CA GLU E 208 -40.76 1.94 13.27
C GLU E 208 -39.30 2.34 13.05
N PRO E 209 -38.92 3.13 12.03
CA PRO E 209 -37.47 3.42 11.86
C PRO E 209 -36.87 4.30 12.94
N TYR E 210 -37.67 4.78 13.90
CA TYR E 210 -37.24 5.73 14.91
C TYR E 210 -36.58 5.08 16.10
N PHE E 211 -36.70 3.77 16.26
CA PHE E 211 -36.04 3.04 17.34
C PHE E 211 -35.41 1.78 16.79
N HIS E 212 -34.61 1.13 17.64
CA HIS E 212 -33.61 0.19 17.18
C HIS E 212 -33.55 -1.11 17.97
N LYS E 213 -34.13 -1.17 19.16
CA LYS E 213 -34.15 -2.38 19.97
C LYS E 213 -35.46 -2.42 20.75
N VAL E 214 -35.90 -3.61 21.16
CA VAL E 214 -37.09 -3.67 22.00
C VAL E 214 -36.90 -4.68 23.13
N VAL E 215 -37.63 -4.44 24.21
CA VAL E 215 -37.68 -5.29 25.38
C VAL E 215 -39.15 -5.46 25.72
N LEU E 216 -39.65 -6.68 25.59
CA LEU E 216 -41.05 -7.00 25.77
C LEU E 216 -41.16 -7.82 27.05
N LEU E 217 -41.77 -7.23 28.08
CA LEU E 217 -41.97 -7.90 29.37
C LEU E 217 -43.44 -8.22 29.55
N SER E 218 -43.76 -9.50 29.59
CA SER E 218 -45.07 -9.98 30.00
C SER E 218 -46.20 -9.38 29.17
N GLY E 219 -46.12 -9.56 27.86
CA GLY E 219 -47.22 -9.13 27.03
C GLY E 219 -47.16 -9.58 25.60
N ALA E 220 -48.33 -9.88 25.04
CA ALA E 220 -48.50 -10.22 23.63
C ALA E 220 -49.48 -9.24 22.99
N LEU E 221 -49.55 -9.27 21.65
CA LEU E 221 -50.42 -8.38 20.90
C LEU E 221 -51.76 -9.07 20.63
N ARG E 222 -52.85 -8.36 20.90
CA ARG E 222 -54.20 -8.81 20.56
C ARG E 222 -55.02 -7.53 20.32
N LEU E 223 -54.97 -7.03 19.09
CA LEU E 223 -55.59 -5.74 18.78
C LEU E 223 -57.11 -5.84 18.72
N ASP E 224 -57.77 -4.78 19.17
CA ASP E 224 -59.20 -4.58 18.96
C ASP E 224 -59.48 -4.35 17.47
N THR E 225 -60.64 -4.81 17.02
CA THR E 225 -61.13 -4.47 15.67
C THR E 225 -61.98 -3.22 15.73
N LEU E 226 -61.98 -2.45 14.64
CA LEU E 226 -62.86 -1.27 14.58
C LEU E 226 -64.32 -1.67 14.70
N GLU E 227 -64.64 -2.91 14.29
CA GLU E 227 -65.96 -3.50 14.54
C GLU E 227 -66.30 -3.48 16.03
N SER E 228 -65.48 -4.13 16.86
CA SER E 228 -65.70 -4.12 18.30
C SER E 228 -65.47 -2.76 18.92
N ALA E 229 -64.72 -1.88 18.26
CA ALA E 229 -64.53 -0.54 18.79
C ALA E 229 -65.76 0.32 18.56
N ARG E 230 -66.44 0.14 17.43
CA ARG E 230 -67.70 0.84 17.18
C ARG E 230 -68.76 0.44 18.20
N ASN E 231 -68.91 -0.87 18.44
CA ASN E 231 -69.86 -1.33 19.46
C ASN E 231 -69.52 -0.75 20.81
N LYS E 232 -68.25 -0.77 21.17
CA LYS E 232 -67.81 -0.16 22.42
C LYS E 232 -68.13 1.32 22.42
N ALA E 233 -68.16 1.93 21.24
CA ALA E 233 -68.72 3.27 21.12
C ALA E 233 -70.24 3.24 21.04
N GLN E 234 -70.80 2.25 20.33
CA GLN E 234 -72.26 2.14 20.22
C GLN E 234 -72.88 1.76 21.56
N HIS E 235 -72.29 0.78 22.27
CA HIS E 235 -72.72 0.55 23.65
C HIS E 235 -72.41 1.75 24.53
N PHE E 236 -71.28 2.41 24.27
CA PHE E 236 -71.01 3.69 24.94
C PHE E 236 -72.11 4.68 24.66
N GLN E 237 -72.50 4.81 23.39
CA GLN E 237 -73.45 5.85 23.00
C GLN E 237 -74.78 5.71 23.71
N LYS E 238 -75.18 4.48 24.04
CA LYS E 238 -76.37 4.31 24.86
C LYS E 238 -76.18 4.91 26.25
N MET E 239 -74.92 5.01 26.70
CA MET E 239 -74.62 5.32 28.09
C MET E 239 -74.60 6.80 28.41
N MET E 240 -74.40 7.69 27.43
CA MET E 240 -74.69 9.10 27.69
C MET E 240 -76.15 9.44 27.46
N LEU E 241 -76.97 8.48 27.03
CA LEU E 241 -78.40 8.68 26.99
C LEU E 241 -79.06 8.18 28.27
N ASP E 242 -78.80 6.92 28.63
CA ASP E 242 -79.42 6.34 29.82
C ASP E 242 -78.94 6.99 31.11
N TYR E 243 -77.80 7.69 31.11
CA TYR E 243 -77.24 8.23 32.34
C TYR E 243 -76.77 9.68 32.26
N LEU E 244 -76.76 10.29 31.07
CA LEU E 244 -76.26 11.64 30.92
C LEU E 244 -77.18 12.56 30.11
N ASP E 245 -78.19 12.01 29.42
CA ASP E 245 -79.15 12.77 28.61
C ASP E 245 -78.47 13.64 27.54
N THR E 246 -77.26 13.25 27.11
CA THR E 246 -76.49 13.94 26.10
C THR E 246 -76.10 12.99 24.98
N ASP E 247 -75.77 13.60 23.83
CA ASP E 247 -75.12 12.95 22.70
C ASP E 247 -73.85 13.70 22.31
N ASP E 248 -73.51 14.73 23.07
CA ASP E 248 -72.41 15.65 22.76
C ASP E 248 -71.20 15.23 23.58
N VAL E 249 -70.26 14.50 22.96
CA VAL E 249 -69.13 13.97 23.72
C VAL E 249 -68.29 15.12 24.30
N THR E 250 -68.30 16.27 23.64
CA THR E 250 -67.54 17.40 24.17
C THR E 250 -68.21 18.01 25.40
N SER E 251 -69.49 17.71 25.62
CA SER E 251 -70.16 18.18 26.83
C SER E 251 -69.64 17.47 28.08
N LEU E 252 -69.01 16.31 27.93
CA LEU E 252 -68.59 15.49 29.06
C LEU E 252 -67.32 16.05 29.69
N SER E 253 -67.35 16.21 31.01
CA SER E 253 -66.19 16.52 31.83
C SER E 253 -65.30 15.27 32.00
N THR E 254 -64.06 15.48 32.45
CA THR E 254 -63.20 14.31 32.67
C THR E 254 -63.84 13.35 33.64
N ASN E 255 -64.42 13.89 34.73
CA ASN E 255 -65.14 13.03 35.66
C ASN E 255 -66.34 12.38 34.98
N ASP E 256 -67.04 13.12 34.13
CA ASP E 256 -68.17 12.51 33.42
C ASP E 256 -67.75 11.22 32.72
N ILE E 257 -66.63 11.26 31.98
CA ILE E 257 -66.17 10.08 31.25
C ILE E 257 -65.74 8.98 32.21
N LEU E 258 -65.05 9.34 33.29
CA LEU E 258 -64.63 8.35 34.28
C LEU E 258 -65.80 7.50 34.75
N MET E 259 -66.95 8.12 35.04
CA MET E 259 -68.12 7.35 35.48
C MET E 259 -68.69 6.47 34.36
N LEU E 260 -68.75 6.97 33.13
CA LEU E 260 -69.24 6.14 32.04
C LEU E 260 -68.42 4.86 31.88
N MET E 261 -67.10 4.93 32.09
CA MET E 261 -66.28 3.73 32.07
C MET E 261 -66.54 2.86 33.29
N ALA E 262 -66.63 3.48 34.48
CA ALA E 262 -67.02 2.74 35.68
C ALA E 262 -68.28 1.92 35.42
N LYS E 263 -69.29 2.53 34.82
CA LYS E 263 -70.50 1.79 34.52
C LYS E 263 -70.26 0.73 33.44
N LEU E 264 -69.48 1.08 32.41
CA LEU E 264 -69.18 0.11 31.35
C LEU E 264 -68.54 -1.14 31.94
N LYS E 265 -67.48 -0.97 32.75
CA LYS E 265 -66.74 -2.13 33.28
C LYS E 265 -67.60 -2.96 34.21
N GLN E 266 -68.38 -2.30 35.07
CA GLN E 266 -69.24 -3.04 35.99
C GLN E 266 -70.32 -3.80 35.25
N SER E 267 -70.87 -3.20 34.19
CA SER E 267 -71.84 -3.92 33.36
C SER E 267 -71.21 -5.16 32.73
N ARG E 268 -70.03 -5.00 32.13
CA ARG E 268 -69.40 -6.09 31.37
C ARG E 268 -69.07 -7.29 32.24
N GLY E 269 -68.92 -7.12 33.55
CA GLY E 269 -68.63 -8.23 34.44
C GLY E 269 -67.17 -8.31 34.83
N PRO E 270 -66.86 -9.10 35.86
CA PRO E 270 -65.48 -9.17 36.36
C PRO E 270 -64.54 -9.80 35.34
N SER E 271 -63.27 -9.44 35.44
CA SER E 271 -62.29 -10.05 34.55
C SER E 271 -60.86 -10.08 35.09
N LYS E 272 -60.63 -9.63 36.32
CA LYS E 272 -59.28 -9.54 36.91
C LYS E 272 -58.30 -8.81 36.01
N GLY E 273 -58.78 -8.06 35.02
CA GLY E 273 -57.92 -7.32 34.12
C GLY E 273 -57.75 -7.94 32.76
N LEU E 274 -58.40 -9.07 32.48
CA LEU E 274 -58.10 -9.85 31.28
C LEU E 274 -58.88 -9.40 30.07
N ASP E 275 -60.14 -9.02 30.27
CA ASP E 275 -60.96 -8.41 29.22
C ASP E 275 -60.50 -6.96 29.02
N LEU E 276 -59.75 -6.71 27.94
CA LEU E 276 -59.16 -5.39 27.71
C LEU E 276 -60.21 -4.48 27.11
N ILE E 277 -60.92 -3.75 27.97
CA ILE E 277 -62.01 -2.90 27.49
C ILE E 277 -61.48 -1.83 26.56
N TYR E 278 -60.42 -1.14 26.98
CA TYR E 278 -59.74 -0.13 26.17
C TYR E 278 -58.42 -0.69 25.66
N ALA E 279 -58.21 -0.65 24.35
CA ALA E 279 -57.04 -1.28 23.73
C ALA E 279 -56.78 -0.61 22.38
N PRO E 280 -55.56 -0.73 21.85
CA PRO E 280 -55.28 -0.20 20.52
C PRO E 280 -56.11 -0.92 19.46
N ILE E 281 -56.72 -0.14 18.58
CA ILE E 281 -57.54 -0.67 17.48
C ILE E 281 -56.62 -0.97 16.30
N LYS E 282 -56.88 -2.07 15.61
CA LYS E 282 -56.13 -2.39 14.40
C LYS E 282 -56.70 -1.58 13.25
N THR E 283 -55.81 -0.87 12.55
CA THR E 283 -56.17 0.12 11.56
C THR E 283 -55.54 -0.20 10.21
N ASP E 284 -55.51 0.80 9.35
CA ASP E 284 -54.79 0.70 8.09
C ASP E 284 -53.35 1.14 8.21
N TYR E 285 -53.01 1.98 9.19
CA TYR E 285 -51.60 2.30 9.31
C TYR E 285 -50.83 1.27 10.13
N ILE E 286 -51.43 0.11 10.42
CA ILE E 286 -50.80 -0.99 11.16
C ILE E 286 -50.82 -2.23 10.27
N GLN E 287 -49.65 -2.86 10.08
CA GLN E 287 -49.52 -3.97 9.17
C GLN E 287 -49.64 -5.32 9.85
N ASN E 288 -49.69 -6.37 9.02
CA ASN E 288 -49.87 -7.73 9.50
C ASN E 288 -48.58 -8.32 10.06
N ASN E 289 -47.44 -7.97 9.50
CA ASN E 289 -46.17 -8.57 9.89
C ASN E 289 -45.28 -7.57 10.62
N TYR E 290 -44.29 -8.12 11.33
CA TYR E 290 -43.28 -7.50 12.16
C TYR E 290 -41.97 -7.32 11.40
N PRO E 291 -41.23 -6.24 11.63
CA PRO E 291 -39.86 -6.16 11.11
C PRO E 291 -38.92 -7.00 11.95
N THR E 292 -37.91 -7.56 11.30
CA THR E 292 -36.96 -8.45 11.95
C THR E 292 -35.60 -7.80 12.15
N THR E 293 -35.46 -6.52 11.84
CA THR E 293 -34.18 -5.82 11.87
C THR E 293 -33.72 -5.44 13.28
N LYS E 294 -34.56 -5.64 14.29
CA LYS E 294 -34.31 -5.10 15.60
C LYS E 294 -34.07 -6.21 16.61
N PRO E 295 -32.98 -6.17 17.37
CA PRO E 295 -32.82 -7.12 18.49
C PRO E 295 -34.03 -7.07 19.41
N ILE E 296 -34.58 -8.23 19.71
CA ILE E 296 -35.68 -8.34 20.67
C ILE E 296 -35.23 -9.18 21.86
N PHE E 297 -35.48 -8.67 23.06
CA PHE E 297 -35.43 -9.44 24.29
C PHE E 297 -36.84 -9.56 24.87
N ALA E 298 -37.28 -10.79 25.13
CA ALA E 298 -38.60 -11.05 25.64
C ALA E 298 -38.50 -11.80 26.97
N CYS E 299 -39.28 -11.35 27.94
CA CYS E 299 -39.26 -11.91 29.29
C CYS E 299 -40.69 -11.99 29.80
N TYR E 300 -40.94 -13.08 30.52
CA TYR E 300 -42.19 -13.28 31.23
C TYR E 300 -41.86 -13.83 32.62
N THR E 301 -42.81 -13.72 33.55
CA THR E 301 -42.64 -14.29 34.89
C THR E 301 -43.13 -15.73 34.95
N LYS E 302 -42.49 -16.53 35.81
CA LYS E 302 -42.82 -17.95 35.88
C LYS E 302 -44.26 -18.18 36.31
N ASP E 303 -44.77 -17.34 37.21
CA ASP E 303 -46.10 -17.53 37.76
C ASP E 303 -47.01 -16.33 37.51
N GLU E 304 -47.03 -15.86 36.25
CA GLU E 304 -47.76 -14.65 35.89
C GLU E 304 -49.12 -14.56 36.58
N GLY E 305 -49.94 -15.58 36.39
CA GLY E 305 -51.35 -15.52 36.75
C GLY E 305 -51.62 -15.34 38.23
N ASP E 306 -50.65 -15.65 39.09
CA ASP E 306 -50.93 -15.73 40.53
C ASP E 306 -51.45 -14.42 41.09
N ILE E 307 -51.10 -13.30 40.47
CA ILE E 307 -51.63 -12.03 40.94
C ILE E 307 -52.99 -11.69 40.34
N TYR E 308 -53.37 -12.33 39.24
CA TYR E 308 -54.75 -12.21 38.76
C TYR E 308 -55.70 -13.03 39.63
N ILE E 309 -55.41 -14.32 39.80
CA ILE E 309 -56.23 -15.22 40.60
C ILE E 309 -55.44 -15.54 41.87
N THR E 310 -55.69 -14.79 42.93
CA THR E 310 -54.82 -14.82 44.10
C THR E 310 -55.15 -15.93 45.08
N SER E 311 -56.34 -16.50 45.04
CA SER E 311 -56.71 -17.53 46.01
C SER E 311 -57.96 -18.23 45.52
N GLU E 312 -58.28 -19.35 46.19
CA GLU E 312 -59.48 -20.07 45.84
C GLU E 312 -60.74 -19.24 46.05
N GLN E 313 -60.71 -18.30 47.00
CA GLN E 313 -61.91 -17.47 47.22
C GLN E 313 -62.08 -16.39 46.17
N LYS E 314 -60.98 -15.83 45.65
CA LYS E 314 -61.04 -14.67 44.77
C LYS E 314 -60.91 -15.05 43.30
N LYS E 315 -61.25 -16.30 42.96
CA LYS E 315 -61.18 -16.79 41.59
C LYS E 315 -62.45 -16.43 40.82
N LEU E 316 -62.41 -16.72 39.52
CA LEU E 316 -63.56 -16.51 38.65
C LEU E 316 -64.38 -17.80 38.55
N SER E 317 -65.68 -17.64 38.31
CA SER E 317 -66.53 -18.81 38.10
C SER E 317 -66.16 -19.50 36.79
N PRO E 318 -66.05 -20.85 36.79
CA PRO E 318 -65.63 -21.59 35.60
C PRO E 318 -66.22 -21.05 34.31
N GLN E 319 -67.54 -20.88 34.28
CA GLN E 319 -68.17 -20.43 33.04
C GLN E 319 -67.66 -19.05 32.63
N ARG E 320 -67.48 -18.15 33.61
CA ARG E 320 -67.05 -16.80 33.27
C ARG E 320 -65.61 -16.80 32.79
N PHE E 321 -64.73 -17.51 33.51
CA PHE E 321 -63.36 -17.64 33.05
C PHE E 321 -63.29 -18.12 31.61
N ILE E 322 -64.11 -19.12 31.26
CA ILE E 322 -64.15 -19.62 29.89
C ILE E 322 -64.51 -18.50 28.92
N ASP E 323 -65.53 -17.71 29.26
CA ASP E 323 -65.96 -16.58 28.44
C ASP E 323 -64.80 -15.62 28.19
N ILE E 324 -64.35 -14.92 29.23
CA ILE E 324 -63.22 -13.98 29.12
C ILE E 324 -62.09 -14.60 28.34
N MET E 325 -61.91 -15.90 28.47
CA MET E 325 -60.80 -16.57 27.81
C MET E 325 -61.03 -16.66 26.31
N GLU E 326 -62.28 -16.88 25.90
CA GLU E 326 -62.57 -16.87 24.47
C GLU E 326 -62.38 -15.48 23.89
N LEU E 327 -62.85 -14.44 24.60
CA LEU E 327 -62.68 -13.07 24.09
C LEU E 327 -61.21 -12.73 23.83
N ASN E 328 -60.27 -13.43 24.46
CA ASN E 328 -58.86 -13.27 24.15
C ASN E 328 -58.36 -14.35 23.19
N ASP E 329 -59.27 -15.00 22.48
CA ASP E 329 -58.94 -16.07 21.52
C ASP E 329 -58.16 -17.18 22.20
N ILE E 330 -58.70 -17.63 23.34
CA ILE E 330 -58.08 -18.70 24.12
C ILE E 330 -59.19 -19.67 24.50
N PRO E 331 -59.32 -20.80 23.81
CA PRO E 331 -60.40 -21.74 24.12
C PRO E 331 -60.05 -22.71 25.23
N LEU E 332 -60.74 -22.63 26.37
CA LEU E 332 -60.52 -23.56 27.46
C LEU E 332 -61.75 -24.42 27.68
N LYS E 333 -61.52 -25.67 28.08
CA LYS E 333 -62.57 -26.63 28.35
C LYS E 333 -62.98 -26.55 29.81
N TYR E 334 -64.30 -26.60 30.06
CA TYR E 334 -64.83 -26.28 31.39
C TYR E 334 -64.17 -27.05 32.52
N GLU E 335 -63.53 -28.19 32.25
CA GLU E 335 -62.99 -28.97 33.35
C GLU E 335 -61.67 -28.40 33.87
N ASP E 336 -60.79 -27.96 32.97
CA ASP E 336 -59.44 -27.52 33.31
C ASP E 336 -59.41 -26.15 33.96
N VAL E 337 -60.53 -25.73 34.53
CA VAL E 337 -60.71 -24.35 34.95
C VAL E 337 -61.44 -24.33 36.30
N GLN E 338 -61.37 -25.45 37.03
CA GLN E 338 -62.10 -25.52 38.30
C GLN E 338 -61.35 -24.79 39.40
N THR E 339 -60.14 -25.26 39.72
CA THR E 339 -59.38 -24.70 40.83
C THR E 339 -58.75 -23.37 40.45
N ALA E 340 -58.31 -22.63 41.48
CA ALA E 340 -57.64 -21.36 41.25
C ALA E 340 -56.23 -21.56 40.68
N LYS E 341 -55.51 -22.59 41.14
CA LYS E 341 -54.26 -22.96 40.51
C LYS E 341 -54.44 -23.15 39.01
N GLN E 342 -55.52 -23.82 38.60
CA GLN E 342 -55.74 -24.09 37.18
C GLN E 342 -56.01 -22.81 36.41
N GLN E 343 -56.81 -21.91 36.98
CA GLN E 343 -57.07 -20.62 36.34
C GLN E 343 -55.80 -19.81 36.24
N SER E 344 -55.06 -19.69 37.34
CA SER E 344 -53.81 -18.95 37.33
C SER E 344 -52.84 -19.51 36.31
N LEU E 345 -52.73 -20.84 36.26
CA LEU E 345 -51.88 -21.49 35.29
C LEU E 345 -52.38 -21.27 33.87
N ALA E 346 -53.70 -21.17 33.70
CA ALA E 346 -54.21 -20.84 32.37
C ALA E 346 -53.79 -19.44 31.94
N ILE E 347 -53.86 -18.45 32.85
CA ILE E 347 -53.34 -17.12 32.50
C ILE E 347 -51.86 -17.22 32.09
N THR E 348 -51.05 -17.84 32.94
CA THR E 348 -49.63 -17.91 32.65
C THR E 348 -49.36 -18.64 31.33
N HIS E 349 -49.98 -19.81 31.15
CA HIS E 349 -49.66 -20.60 29.97
C HIS E 349 -50.23 -19.96 28.70
N CYS E 350 -51.55 -19.73 28.67
CA CYS E 350 -52.24 -19.42 27.43
C CYS E 350 -52.25 -17.93 27.10
N TYR E 351 -52.06 -17.07 28.08
CA TYR E 351 -52.17 -15.63 27.90
C TYR E 351 -50.81 -14.93 27.86
N PHE E 352 -49.76 -15.57 28.34
CA PHE E 352 -48.46 -14.90 28.49
C PHE E 352 -47.31 -15.72 27.89
N LYS E 353 -47.13 -16.95 28.37
CA LYS E 353 -45.99 -17.79 27.96
C LYS E 353 -46.07 -18.15 26.47
N GLN E 354 -47.15 -18.82 26.07
CA GLN E 354 -47.29 -19.33 24.71
C GLN E 354 -47.31 -18.26 23.63
N PRO E 355 -48.10 -17.17 23.73
CA PRO E 355 -48.09 -16.19 22.64
C PRO E 355 -46.76 -15.50 22.50
N MET E 356 -46.00 -15.35 23.58
CA MET E 356 -44.69 -14.73 23.47
C MET E 356 -43.68 -15.67 22.81
N LYS E 357 -43.78 -16.98 23.04
CA LYS E 357 -42.90 -17.90 22.33
C LYS E 357 -43.31 -18.05 20.87
N GLN E 358 -44.62 -17.92 20.60
CA GLN E 358 -45.12 -17.99 19.22
C GLN E 358 -44.58 -16.84 18.40
N PHE E 359 -44.66 -15.63 18.97
CA PHE E 359 -44.09 -14.44 18.33
C PHE E 359 -42.62 -14.65 18.01
N LEU E 360 -41.82 -15.04 19.01
CA LEU E 360 -40.39 -15.28 18.78
C LEU E 360 -40.18 -16.33 17.70
N GLN E 361 -40.92 -17.45 17.75
CA GLN E 361 -40.77 -18.51 16.77
C GLN E 361 -41.12 -18.00 15.37
N GLN E 362 -42.23 -17.27 15.24
CA GLN E 362 -42.60 -16.78 13.92
C GLN E 362 -41.52 -15.85 13.36
N LEU E 363 -40.85 -15.11 14.23
CA LEU E 363 -39.76 -14.24 13.80
C LEU E 363 -38.57 -15.04 13.28
N ASN E 364 -38.22 -16.15 13.96
CA ASN E 364 -37.11 -16.97 13.49
C ASN E 364 -37.41 -17.57 12.12
N ILE E 365 -38.64 -18.02 11.90
CA ILE E 365 -39.03 -18.55 10.59
C ILE E 365 -38.97 -17.44 9.56
N GLN E 366 -39.46 -16.25 9.91
CA GLN E 366 -39.45 -15.15 8.97
C GLN E 366 -38.03 -14.77 8.56
N ASP E 367 -37.05 -14.99 9.44
CA ASP E 367 -35.75 -14.37 9.21
C ASP E 367 -34.66 -15.15 9.94
N SER E 368 -33.73 -15.72 9.17
CA SER E 368 -32.61 -16.49 9.70
C SER E 368 -31.65 -15.65 10.52
N ASN E 369 -31.62 -14.33 10.34
CA ASN E 369 -30.70 -13.44 11.03
C ASN E 369 -31.33 -12.76 12.24
N ALA E 370 -32.54 -13.18 12.63
CA ALA E 370 -33.20 -12.61 13.79
C ALA E 370 -32.31 -12.71 15.03
N GLN E 371 -32.42 -11.71 15.90
CA GLN E 371 -31.61 -11.62 17.11
C GLN E 371 -32.57 -11.60 18.30
N LEU E 372 -32.90 -12.77 18.81
CA LEU E 372 -33.92 -12.94 19.82
C LEU E 372 -33.34 -13.60 21.06
N TRP E 373 -33.71 -13.08 22.24
CA TRP E 373 -33.40 -13.73 23.50
C TRP E 373 -34.65 -13.83 24.36
N LEU E 374 -34.79 -14.95 25.04
CA LEU E 374 -35.93 -15.15 25.91
C LEU E 374 -35.41 -15.43 27.32
N ALA E 375 -36.06 -14.82 28.33
CA ALA E 375 -35.77 -15.11 29.73
C ALA E 375 -37.07 -15.36 30.47
N GLU E 376 -36.94 -16.08 31.60
CA GLU E 376 -38.04 -16.29 32.54
C GLU E 376 -37.62 -15.76 33.91
N PHE E 377 -38.40 -14.84 34.45
CA PHE E 377 -38.16 -14.32 35.79
C PHE E 377 -38.86 -15.24 36.78
N ALA E 378 -38.06 -15.90 37.63
CA ALA E 378 -38.60 -16.92 38.53
C ALA E 378 -38.23 -16.67 39.99
N TRP E 379 -37.77 -15.48 40.35
CA TRP E 379 -37.44 -15.26 41.74
C TRP E 379 -38.73 -15.20 42.55
N HIS E 380 -38.72 -15.85 43.71
CA HIS E 380 -39.83 -15.83 44.65
C HIS E 380 -39.30 -16.34 46.00
N ASP E 381 -40.19 -16.42 46.99
CA ASP E 381 -39.83 -16.97 48.29
C ASP E 381 -41.09 -17.50 48.93
N THR E 382 -41.23 -18.82 48.96
CA THR E 382 -42.48 -19.43 49.45
C THR E 382 -42.72 -19.19 50.93
N SER E 383 -41.74 -18.68 51.67
CA SER E 383 -41.93 -18.40 53.09
C SER E 383 -42.33 -16.96 53.36
N SER E 384 -42.30 -16.11 52.34
CA SER E 384 -42.68 -14.71 52.52
C SER E 384 -44.20 -14.56 52.57
N ALA E 385 -44.64 -13.43 53.13
CA ALA E 385 -46.04 -13.08 53.04
C ALA E 385 -46.44 -12.71 51.61
N HIS E 386 -45.65 -11.88 50.93
CA HIS E 386 -46.21 -11.25 49.74
C HIS E 386 -45.46 -11.55 48.44
N TYR E 387 -44.52 -12.50 48.44
CA TYR E 387 -43.72 -12.81 47.25
C TYR E 387 -43.56 -14.30 47.11
N ARG E 388 -44.68 -15.01 47.17
CA ARG E 388 -44.65 -16.47 47.23
C ARG E 388 -44.40 -17.11 45.87
N SER E 389 -44.61 -16.39 44.78
CA SER E 389 -44.31 -16.91 43.45
C SER E 389 -43.92 -15.75 42.56
N ALA E 390 -43.48 -16.05 41.34
CA ALA E 390 -43.00 -14.99 40.43
C ALA E 390 -44.16 -14.54 39.55
N TYR E 391 -45.01 -13.67 40.10
CA TYR E 391 -46.22 -13.25 39.41
C TYR E 391 -46.01 -11.99 38.57
N HIS E 392 -47.05 -11.64 37.82
CA HIS E 392 -47.04 -10.52 36.89
C HIS E 392 -46.57 -9.24 37.59
N ILE E 393 -45.63 -8.52 36.95
CA ILE E 393 -45.13 -7.20 37.33
C ILE E 393 -43.92 -7.30 38.26
N LEU E 394 -43.78 -8.42 38.97
CA LEU E 394 -42.75 -8.50 40.03
C LEU E 394 -41.34 -8.32 39.48
N ASP E 395 -41.08 -8.79 38.26
CA ASP E 395 -39.75 -8.59 37.68
C ASP E 395 -39.39 -7.11 37.54
N MET E 396 -40.37 -6.23 37.31
CA MET E 396 -40.03 -4.81 37.19
C MET E 396 -39.38 -4.27 38.45
N VAL E 397 -39.80 -4.75 39.63
CA VAL E 397 -39.10 -4.36 40.86
C VAL E 397 -37.60 -4.57 40.68
N PHE E 398 -37.21 -5.69 40.07
CA PHE E 398 -35.79 -6.00 39.87
C PHE E 398 -35.20 -5.28 38.65
N TRP E 399 -35.91 -5.19 37.51
CA TRP E 399 -35.32 -4.56 36.34
C TRP E 399 -34.86 -3.13 36.65
N PHE E 400 -35.61 -2.39 37.45
CA PHE E 400 -35.18 -1.04 37.79
C PHE E 400 -34.50 -0.97 39.16
N GLY E 401 -34.33 -2.09 39.85
CA GLY E 401 -33.69 -2.05 41.16
C GLY E 401 -34.45 -1.35 42.27
N ASN E 402 -35.79 -1.39 42.26
CA ASN E 402 -36.55 -0.75 43.33
C ASN E 402 -36.87 -1.76 44.43
N LEU E 403 -35.82 -2.35 45.00
CA LEU E 403 -35.99 -3.40 46.00
C LEU E 403 -36.65 -2.90 47.28
N GLN E 404 -36.71 -1.57 47.48
N GLN E 404 -36.72 -1.58 47.47
CA GLN E 404 -37.42 -1.02 48.62
CA GLN E 404 -37.43 -1.02 48.62
C GLN E 404 -38.91 -1.34 48.55
C GLN E 404 -38.92 -1.38 48.57
N ILE E 405 -39.45 -1.62 47.37
CA ILE E 405 -40.84 -2.05 47.27
C ILE E 405 -41.03 -3.35 48.07
N LEU E 406 -40.05 -4.26 48.00
CA LEU E 406 -40.15 -5.50 48.78
C LEU E 406 -40.00 -5.21 50.26
N ALA E 407 -39.04 -4.35 50.63
CA ALA E 407 -38.82 -4.03 52.03
C ALA E 407 -40.00 -3.27 52.64
N ALA E 408 -40.88 -2.72 51.82
CA ALA E 408 -42.09 -2.11 52.36
C ALA E 408 -43.22 -3.11 52.51
N HIS E 409 -43.04 -4.34 52.02
CA HIS E 409 -44.04 -5.38 52.24
C HIS E 409 -43.44 -6.59 52.93
N GLN E 410 -42.67 -6.31 53.99
CA GLN E 410 -42.16 -7.33 54.91
C GLN E 410 -41.21 -8.32 54.24
N TYR E 411 -40.50 -7.86 53.20
CA TYR E 411 -39.42 -8.66 52.62
C TYR E 411 -38.15 -7.83 52.52
N PRO E 412 -37.32 -7.86 53.57
CA PRO E 412 -36.08 -7.06 53.57
C PRO E 412 -35.10 -7.50 52.50
N THR E 413 -34.28 -6.55 52.08
CA THR E 413 -33.31 -6.81 51.03
C THR E 413 -32.28 -7.81 51.52
N THR E 414 -31.99 -8.81 50.70
CA THR E 414 -30.93 -9.76 50.96
C THR E 414 -29.82 -9.58 49.95
N ALA E 415 -28.67 -10.19 50.26
CA ALA E 415 -27.54 -10.11 49.34
C ALA E 415 -27.92 -10.71 48.00
N HIS E 416 -28.62 -11.85 48.02
CA HIS E 416 -29.01 -12.48 46.77
C HIS E 416 -29.94 -11.57 45.97
N LEU E 417 -30.84 -10.85 46.65
CA LEU E 417 -31.71 -9.88 45.97
C LEU E 417 -30.90 -8.78 45.31
N LYS E 418 -29.98 -8.15 46.04
CA LYS E 418 -29.17 -7.10 45.46
C LYS E 418 -28.38 -7.60 44.26
N PHE E 419 -27.70 -8.75 44.43
CA PHE E 419 -26.89 -9.30 43.34
C PHE E 419 -27.75 -9.63 42.12
N LEU E 420 -28.92 -10.23 42.35
CA LEU E 420 -29.80 -10.61 41.26
C LEU E 420 -30.34 -9.40 40.51
N SER E 421 -30.87 -8.42 41.25
CA SER E 421 -31.41 -7.22 40.61
C SER E 421 -30.32 -6.47 39.86
N ARG E 422 -29.13 -6.36 40.48
CA ARG E 422 -28.01 -5.68 39.84
C ARG E 422 -27.63 -6.35 38.52
N GLN E 423 -27.62 -7.69 38.49
CA GLN E 423 -27.28 -8.40 37.25
C GLN E 423 -28.35 -8.17 36.19
N MET E 424 -29.61 -8.19 36.59
CA MET E 424 -30.69 -7.91 35.66
C MET E 424 -30.61 -6.50 35.10
N GLN E 425 -30.37 -5.51 35.97
CA GLN E 425 -30.09 -4.17 35.50
C GLN E 425 -28.94 -4.19 34.50
N ASN E 426 -27.88 -4.96 34.81
CA ASN E 426 -26.73 -4.98 33.91
C ASN E 426 -27.10 -5.60 32.55
N ASP E 427 -27.91 -6.66 32.56
CA ASP E 427 -28.37 -7.25 31.31
C ASP E 427 -29.15 -6.23 30.47
N LEU E 428 -30.04 -5.47 31.12
CA LEU E 428 -30.85 -4.50 30.41
C LEU E 428 -29.97 -3.41 29.80
N ALA E 429 -29.05 -2.84 30.61
CA ALA E 429 -28.22 -1.75 30.09
C ALA E 429 -27.24 -2.25 29.03
N ASN E 430 -26.69 -3.47 29.24
CA ASN E 430 -25.81 -4.03 28.24
C ASN E 430 -26.56 -4.38 26.97
N PHE E 431 -27.80 -4.81 27.11
CA PHE E 431 -28.61 -5.05 25.93
C PHE E 431 -28.94 -3.73 25.20
N ALA E 432 -29.24 -2.65 25.94
CA ALA E 432 -29.42 -1.35 25.25
C ALA E 432 -28.17 -1.01 24.45
N LYS E 433 -26.99 -1.29 25.01
CA LYS E 433 -25.74 -0.90 24.38
C LYS E 433 -25.38 -1.84 23.24
N SER E 434 -25.49 -3.16 23.45
CA SER E 434 -24.89 -4.14 22.54
C SER E 434 -25.88 -4.92 21.71
N GLY E 435 -27.16 -4.90 22.02
CA GLY E 435 -28.11 -5.76 21.35
C GLY E 435 -27.98 -7.25 21.64
N LYS E 436 -27.13 -7.68 22.58
CA LYS E 436 -27.03 -9.08 22.94
C LYS E 436 -27.19 -9.26 24.45
N MET E 437 -27.61 -10.49 24.85
CA MET E 437 -27.77 -11.04 26.19
C MET E 437 -26.66 -12.04 26.47
N PRO E 438 -26.22 -12.21 27.74
CA PRO E 438 -25.13 -13.15 28.02
C PRO E 438 -25.57 -14.61 28.12
N TRP E 439 -26.44 -15.07 27.23
CA TRP E 439 -26.85 -16.46 27.22
C TRP E 439 -27.30 -16.77 25.80
N PRO E 440 -27.55 -18.05 25.47
CA PRO E 440 -27.80 -18.39 24.06
C PRO E 440 -29.04 -17.69 23.50
N MET E 441 -28.95 -17.28 22.23
CA MET E 441 -30.08 -16.81 21.43
C MET E 441 -31.22 -17.82 21.46
N TYR E 442 -32.45 -17.32 21.35
CA TYR E 442 -33.64 -18.17 21.24
C TYR E 442 -33.80 -18.65 19.80
N HIS E 443 -33.65 -19.95 19.57
CA HIS E 443 -33.87 -20.54 18.28
C HIS E 443 -34.89 -21.66 18.39
N ASN E 444 -35.55 -21.97 17.26
CA ASN E 444 -36.74 -22.80 17.33
C ASN E 444 -36.40 -24.24 17.70
N GLU E 445 -35.18 -24.68 17.43
CA GLU E 445 -34.80 -26.06 17.72
C GLU E 445 -34.71 -26.29 19.23
N ARG E 446 -33.78 -25.62 19.90
CA ARG E 446 -33.50 -25.88 21.31
C ARG E 446 -34.25 -24.94 22.25
N ARG E 447 -34.63 -23.75 21.77
CA ARG E 447 -35.45 -22.80 22.53
C ARG E 447 -34.83 -22.51 23.90
N TYR E 448 -33.55 -22.16 23.89
CA TYR E 448 -32.87 -21.84 25.13
C TYR E 448 -33.37 -20.51 25.69
N TYR E 449 -33.33 -20.40 27.02
CA TYR E 449 -33.74 -19.17 27.70
C TYR E 449 -33.02 -19.05 29.03
N ARG E 450 -32.96 -17.81 29.55
CA ARG E 450 -32.37 -17.51 30.84
C ARG E 450 -33.44 -17.62 31.92
N THR E 451 -33.13 -18.30 33.05
CA THR E 451 -34.05 -18.35 34.19
C THR E 451 -33.43 -17.57 35.33
N TYR E 452 -33.93 -16.35 35.57
CA TYR E 452 -33.46 -15.53 36.68
C TYR E 452 -34.11 -16.00 37.99
N GLN E 453 -33.29 -16.28 38.99
CA GLN E 453 -33.81 -16.85 40.23
C GLN E 453 -32.87 -16.51 41.38
N PRO F 2 50.31 1.21 -34.41
CA PRO F 2 49.27 2.19 -34.75
C PRO F 2 49.85 3.52 -35.23
N GLY F 3 51.14 3.75 -34.98
CA GLY F 3 51.78 4.93 -35.51
C GLY F 3 51.76 4.92 -37.04
N MET F 4 51.56 6.10 -37.61
CA MET F 4 51.59 6.30 -39.07
C MET F 4 52.55 7.44 -39.39
N LYS F 5 53.76 7.09 -39.84
CA LYS F 5 54.80 8.07 -40.15
C LYS F 5 54.64 8.61 -41.57
N ILE F 6 54.69 9.92 -41.72
CA ILE F 6 54.71 10.56 -43.03
C ILE F 6 55.99 11.41 -43.13
N ASN F 7 56.72 11.26 -44.23
CA ASN F 7 57.94 12.02 -44.51
C ASN F 7 57.62 13.11 -45.51
N THR F 8 57.90 14.36 -45.13
CA THR F 8 57.70 15.49 -46.03
C THR F 8 58.99 16.30 -46.14
N THR F 9 59.02 17.17 -47.16
CA THR F 9 60.16 18.05 -47.37
C THR F 9 60.49 18.86 -46.11
N GLY F 10 59.49 19.13 -45.28
CA GLY F 10 59.68 19.84 -44.03
C GLY F 10 60.10 19.02 -42.84
N GLY F 11 60.21 17.70 -42.99
CA GLY F 11 60.47 16.84 -41.86
C GLY F 11 59.49 15.68 -41.76
N GLN F 12 59.12 15.30 -40.54
CA GLN F 12 58.26 14.15 -40.34
C GLN F 12 57.00 14.55 -39.59
N ILE F 13 55.94 13.76 -39.78
CA ILE F 13 54.69 13.97 -39.06
C ILE F 13 54.15 12.59 -38.67
N HIS F 14 53.82 12.44 -37.39
CA HIS F 14 53.45 11.16 -36.80
C HIS F 14 51.96 11.23 -36.44
N GLY F 15 51.14 10.42 -37.11
CA GLY F 15 49.74 10.31 -36.77
C GLY F 15 49.36 8.89 -36.43
N ILE F 16 48.08 8.56 -36.54
CA ILE F 16 47.54 7.30 -36.04
C ILE F 16 46.80 6.59 -37.17
N THR F 17 47.11 5.30 -37.37
CA THR F 17 46.30 4.41 -38.20
C THR F 17 45.33 3.67 -37.27
N GLN F 18 44.04 3.81 -37.53
CA GLN F 18 43.03 2.99 -36.86
C GLN F 18 41.85 2.79 -37.80
N ASP F 19 41.27 1.59 -37.73
CA ASP F 19 40.13 1.20 -38.56
C ASP F 19 40.28 1.65 -40.01
N GLY F 20 41.47 1.54 -40.58
CA GLY F 20 41.61 1.82 -42.00
C GLY F 20 41.65 3.28 -42.39
N LEU F 21 41.69 4.20 -41.41
CA LEU F 21 41.94 5.61 -41.67
C LEU F 21 43.29 6.01 -41.11
N ASP F 22 43.87 7.06 -41.70
CA ASP F 22 45.03 7.74 -41.15
C ASP F 22 44.54 9.07 -40.59
N ILE F 23 44.80 9.32 -39.30
CA ILE F 23 44.34 10.52 -38.60
C ILE F 23 45.54 11.32 -38.14
N PHE F 24 45.48 12.63 -38.38
CA PHE F 24 46.56 13.56 -38.05
C PHE F 24 45.93 14.74 -37.35
N LEU F 25 46.31 14.94 -36.09
CA LEU F 25 45.68 15.88 -35.19
C LEU F 25 46.71 16.95 -34.81
N GLY F 26 46.34 18.22 -34.95
CA GLY F 26 47.12 19.30 -34.36
C GLY F 26 48.44 19.61 -35.03
N ILE F 27 48.54 19.40 -36.34
CA ILE F 27 49.69 19.80 -37.16
C ILE F 27 49.77 21.33 -37.17
N PRO F 28 50.85 21.93 -36.68
CA PRO F 28 50.98 23.39 -36.74
C PRO F 28 51.35 23.84 -38.15
N TYR F 29 50.53 24.69 -38.74
CA TYR F 29 50.73 25.14 -40.12
C TYR F 29 51.31 26.53 -40.20
N ALA F 30 51.72 27.11 -39.08
CA ALA F 30 52.16 28.49 -39.03
C ALA F 30 52.87 28.70 -37.70
N GLU F 31 53.55 29.81 -37.59
CA GLU F 31 54.12 30.14 -36.30
C GLU F 31 53.01 30.61 -35.35
N PRO F 32 53.08 30.26 -34.07
CA PRO F 32 52.09 30.77 -33.10
C PRO F 32 51.97 32.28 -33.20
N PRO F 33 50.74 32.80 -33.32
CA PRO F 33 50.50 34.27 -33.34
C PRO F 33 50.51 34.82 -31.93
N VAL F 34 51.70 34.82 -31.35
CA VAL F 34 51.95 35.39 -30.03
C VAL F 34 53.27 36.14 -30.08
N HIS F 35 53.66 36.73 -28.95
CA HIS F 35 54.92 37.48 -28.83
C HIS F 35 55.12 38.39 -30.04
N ASP F 36 56.28 38.28 -30.71
CA ASP F 36 56.55 39.15 -31.84
C ASP F 36 55.51 38.98 -32.95
N ASN F 37 54.87 37.81 -33.06
CA ASN F 37 53.96 37.53 -34.16
C ASN F 37 52.52 37.88 -33.82
N ARG F 38 52.28 38.55 -32.71
CA ARG F 38 50.92 38.76 -32.24
C ARG F 38 50.30 39.97 -32.92
N PHE F 39 49.01 39.86 -33.22
CA PHE F 39 48.25 40.87 -33.96
C PHE F 39 48.75 41.04 -35.40
N LYS F 40 49.68 40.20 -35.85
CA LYS F 40 50.17 40.29 -37.22
C LYS F 40 49.72 39.08 -38.03
N HIS F 41 49.70 39.27 -39.36
CA HIS F 41 49.49 38.17 -40.31
C HIS F 41 50.43 37.02 -39.98
N SER F 42 49.95 35.79 -40.18
CA SER F 42 50.70 34.62 -39.72
C SER F 42 51.77 34.23 -40.72
N THR F 43 52.84 33.65 -40.22
CA THR F 43 53.96 33.20 -41.03
C THR F 43 53.87 31.69 -41.20
N LEU F 44 53.81 31.25 -42.45
CA LEU F 44 53.55 29.85 -42.77
C LEU F 44 54.73 28.96 -42.39
N LYS F 45 54.45 27.75 -41.92
CA LYS F 45 55.48 26.87 -41.37
C LYS F 45 55.87 25.78 -42.39
N THR F 46 57.15 25.80 -42.82
CA THR F 46 57.64 24.86 -43.81
C THR F 46 58.67 23.88 -43.29
N GLN F 47 59.23 24.13 -42.11
CA GLN F 47 60.25 23.23 -41.58
C GLN F 47 60.04 23.09 -40.08
N TRP F 48 60.55 21.98 -39.54
CA TRP F 48 60.51 21.72 -38.11
C TRP F 48 61.65 20.78 -37.76
N SER F 49 62.40 21.13 -36.71
CA SER F 49 63.58 20.37 -36.34
C SER F 49 63.26 19.00 -35.76
N GLU F 50 62.05 18.82 -35.21
CA GLU F 50 61.66 17.56 -34.60
C GLU F 50 60.35 17.08 -35.21
N PRO F 51 60.18 15.77 -35.36
CA PRO F 51 58.95 15.24 -35.95
C PRO F 51 57.71 15.82 -35.29
N ILE F 52 56.74 16.21 -36.11
CA ILE F 52 55.51 16.82 -35.60
C ILE F 52 54.64 15.71 -35.02
N ASP F 53 54.60 15.62 -33.70
CA ASP F 53 53.66 14.72 -33.02
C ASP F 53 52.24 15.16 -33.36
N ALA F 54 51.54 14.36 -34.15
CA ALA F 54 50.19 14.66 -34.59
C ALA F 54 49.19 13.65 -34.05
N THR F 55 49.24 13.35 -32.76
CA THR F 55 48.34 12.36 -32.17
C THR F 55 47.31 12.97 -31.24
N GLU F 56 47.39 14.26 -30.95
CA GLU F 56 46.47 14.89 -30.03
C GLU F 56 45.87 16.12 -30.70
N ILE F 57 44.60 16.39 -30.37
CA ILE F 57 44.05 17.73 -30.58
C ILE F 57 44.91 18.75 -29.83
N GLN F 58 45.08 19.92 -30.44
CA GLN F 58 45.86 21.05 -29.98
C GLN F 58 44.93 22.19 -29.59
N PRO F 59 45.45 23.26 -28.96
CA PRO F 59 44.57 24.34 -28.51
C PRO F 59 43.77 24.98 -29.63
N ILE F 60 42.53 25.32 -29.32
CA ILE F 60 41.59 25.98 -30.20
C ILE F 60 41.64 27.48 -29.86
N PRO F 61 41.02 28.36 -30.65
CA PRO F 61 41.24 29.79 -30.45
C PRO F 61 40.35 30.39 -29.37
N PRO F 62 40.83 31.44 -28.69
CA PRO F 62 40.03 32.04 -27.60
C PRO F 62 38.73 32.62 -28.12
N GLN F 63 37.65 32.41 -27.36
CA GLN F 63 36.31 32.75 -27.84
C GLN F 63 35.27 32.74 -26.73
N PRO F 64 34.19 33.51 -26.86
CA PRO F 64 33.09 33.42 -25.89
C PRO F 64 32.45 32.05 -25.94
N ASP F 65 31.51 31.83 -25.04
CA ASP F 65 30.84 30.54 -24.98
C ASP F 65 29.99 30.35 -26.22
N ASN F 66 30.36 29.37 -27.03
CA ASN F 66 29.55 28.99 -28.17
C ASN F 66 28.35 28.22 -27.66
N LYS F 67 27.18 28.86 -27.66
CA LYS F 67 26.04 28.25 -27.00
C LYS F 67 25.52 27.04 -27.78
N LEU F 68 25.70 27.03 -29.12
CA LEU F 68 25.19 25.99 -29.98
C LEU F 68 26.04 24.74 -29.99
N GLU F 69 27.20 24.74 -29.34
CA GLU F 69 28.13 23.64 -29.60
C GLU F 69 27.71 22.37 -28.90
N ASP F 70 27.25 22.46 -27.65
CA ASP F 70 26.69 21.27 -27.02
C ASP F 70 25.53 20.74 -27.85
N PHE F 71 24.68 21.64 -28.35
CA PHE F 71 23.55 21.17 -29.14
C PHE F 71 24.04 20.40 -30.36
N PHE F 72 25.00 20.94 -31.12
CA PHE F 72 25.53 20.20 -32.26
C PHE F 72 26.64 19.24 -31.86
N SER F 73 26.42 18.47 -30.80
CA SER F 73 27.39 17.49 -30.30
C SER F 73 26.62 16.34 -29.68
N SER F 74 27.33 15.25 -29.41
CA SER F 74 26.67 14.02 -28.97
C SER F 74 27.22 13.48 -27.66
N GLN F 75 28.14 14.21 -27.03
CA GLN F 75 28.94 13.68 -25.95
C GLN F 75 29.82 14.81 -25.44
N SER F 76 30.21 14.69 -24.18
CA SER F 76 30.91 15.77 -23.50
C SER F 76 32.39 15.78 -23.88
N THR F 77 32.90 16.96 -24.19
CA THR F 77 34.27 17.13 -24.65
C THR F 77 34.86 18.36 -23.98
N THR F 78 36.19 18.42 -23.91
CA THR F 78 36.84 19.58 -23.31
C THR F 78 38.01 20.03 -24.18
N PHE F 79 38.04 21.32 -24.55
CA PHE F 79 39.04 21.88 -25.45
C PHE F 79 39.81 23.00 -24.77
N THR F 80 41.13 22.95 -24.90
CA THR F 80 42.00 24.03 -24.46
C THR F 80 41.91 25.21 -25.42
N GLU F 81 41.76 26.42 -24.87
CA GLU F 81 41.77 27.66 -25.64
C GLU F 81 43.06 28.40 -25.36
N HIS F 82 43.89 28.56 -26.39
CA HIS F 82 45.14 29.32 -26.33
C HIS F 82 45.22 30.22 -27.56
N GLU F 83 45.83 31.39 -27.38
CA GLU F 83 46.11 32.23 -28.55
C GLU F 83 46.96 31.48 -29.57
N ASP F 84 47.85 30.62 -29.08
CA ASP F 84 48.63 29.69 -29.89
C ASP F 84 47.66 28.58 -30.28
N CYS F 85 46.97 28.76 -31.40
CA CYS F 85 45.93 27.83 -31.82
C CYS F 85 45.97 27.44 -33.29
N LEU F 86 46.90 27.99 -34.09
CA LEU F 86 46.91 27.72 -35.51
C LEU F 86 47.35 26.29 -35.82
N TYR F 87 46.41 25.34 -35.79
CA TYR F 87 46.69 23.96 -36.15
C TYR F 87 45.66 23.48 -37.16
N LEU F 88 46.00 22.41 -37.86
CA LEU F 88 45.07 21.78 -38.77
C LEU F 88 45.11 20.28 -38.54
N ASN F 89 44.08 19.61 -39.03
CA ASN F 89 43.92 18.18 -38.87
C ASN F 89 43.53 17.57 -40.20
N ILE F 90 43.94 16.32 -40.42
CA ILE F 90 43.81 15.66 -41.71
C ILE F 90 43.29 14.24 -41.56
N TRP F 91 42.17 13.97 -42.22
CA TRP F 91 41.59 12.63 -42.29
C TRP F 91 41.76 12.08 -43.70
N LYS F 92 42.18 10.82 -43.80
CA LYS F 92 42.35 10.19 -45.09
C LYS F 92 42.30 8.68 -44.92
N GLN F 93 41.86 7.99 -45.98
CA GLN F 93 41.87 6.54 -45.97
C GLN F 93 43.29 6.02 -45.93
N HIS F 94 43.47 4.85 -45.32
CA HIS F 94 44.78 4.21 -45.24
C HIS F 94 44.93 3.24 -46.40
N ASN F 95 45.53 3.72 -47.49
CA ASN F 95 45.83 2.88 -48.65
C ASN F 95 46.96 3.56 -49.44
N ASP F 96 47.37 2.93 -50.55
CA ASP F 96 48.47 3.49 -51.34
C ASP F 96 47.99 4.35 -52.51
N GLN F 97 46.69 4.53 -52.70
CA GLN F 97 46.22 5.43 -53.75
C GLN F 97 46.78 6.82 -53.55
N THR F 98 47.07 7.49 -54.66
CA THR F 98 47.59 8.86 -54.68
C THR F 98 46.65 9.77 -55.47
N LYS F 99 47.04 11.04 -55.61
CA LYS F 99 46.28 12.05 -56.36
C LYS F 99 44.83 12.11 -55.90
N LYS F 100 44.59 11.85 -54.59
CA LYS F 100 43.25 11.91 -54.04
C LYS F 100 42.74 13.35 -54.07
N PRO F 101 41.47 13.55 -54.36
CA PRO F 101 40.88 14.88 -54.19
C PRO F 101 40.99 15.32 -52.73
N VAL F 102 41.16 16.63 -52.54
CA VAL F 102 41.48 17.20 -51.24
C VAL F 102 40.46 18.28 -50.93
N ILE F 103 39.85 18.21 -49.75
CA ILE F 103 38.87 19.18 -49.28
C ILE F 103 39.43 19.86 -48.03
N ILE F 104 39.41 21.18 -48.02
CA ILE F 104 39.75 22.00 -46.87
C ILE F 104 38.44 22.61 -46.38
N TYR F 105 38.17 22.47 -45.09
CA TYR F 105 36.94 22.95 -44.50
C TYR F 105 37.20 24.17 -43.63
N PHE F 106 36.30 25.15 -43.69
CA PHE F 106 36.41 26.39 -42.93
C PHE F 106 35.12 26.58 -42.16
N TYR F 107 35.19 26.43 -40.82
CA TYR F 107 33.99 26.51 -40.00
C TYR F 107 33.41 27.93 -40.01
N GLY F 108 32.11 28.01 -39.76
CA GLY F 108 31.46 29.28 -39.55
C GLY F 108 31.34 29.57 -38.06
N GLY F 109 30.65 30.66 -37.74
CA GLY F 109 30.50 31.05 -36.35
C GLY F 109 30.78 32.51 -36.12
N SER F 110 30.33 33.33 -37.07
CA SER F 110 30.39 34.79 -37.04
C SER F 110 31.81 35.32 -36.89
N PHE F 111 32.82 34.53 -37.29
CA PHE F 111 34.22 34.84 -36.97
C PHE F 111 34.42 35.11 -35.47
N GLU F 112 33.55 34.57 -34.61
CA GLU F 112 33.73 34.66 -33.16
C GLU F 112 34.02 33.31 -32.51
N ASN F 113 33.28 32.26 -32.83
CA ASN F 113 33.65 30.96 -32.30
C ASN F 113 33.64 29.93 -33.43
N GLY F 114 33.94 28.69 -33.05
CA GLY F 114 34.20 27.63 -33.98
C GLY F 114 35.63 27.17 -33.80
N HIS F 115 35.94 25.96 -34.26
CA HIS F 115 37.28 25.42 -34.22
C HIS F 115 37.30 24.15 -35.04
N GLY F 116 38.49 23.82 -35.54
CA GLY F 116 38.56 22.74 -36.51
C GLY F 116 38.27 21.37 -35.96
N THR F 117 38.19 21.22 -34.64
CA THR F 117 38.12 19.91 -34.05
C THR F 117 36.78 19.64 -33.40
N ALA F 118 35.81 20.51 -33.61
CA ALA F 118 34.48 20.25 -33.12
C ALA F 118 33.89 19.01 -33.79
N GLU F 119 32.98 18.35 -33.06
CA GLU F 119 32.38 17.11 -33.55
C GLU F 119 31.67 17.36 -34.88
N LEU F 120 31.01 18.50 -35.00
CA LEU F 120 30.28 18.83 -36.21
C LEU F 120 31.17 18.84 -37.46
N TYR F 121 32.49 18.88 -37.29
CA TYR F 121 33.42 18.96 -38.40
C TYR F 121 34.44 17.83 -38.40
N GLN F 122 34.30 16.86 -37.51
CA GLN F 122 35.14 15.68 -37.67
C GLN F 122 34.61 14.85 -38.83
N PRO F 123 35.29 14.79 -40.00
CA PRO F 123 34.72 14.14 -41.18
C PRO F 123 35.12 12.68 -41.36
N ALA F 124 35.37 11.96 -40.27
CA ALA F 124 35.81 10.58 -40.40
C ALA F 124 34.77 9.67 -41.06
N HIS F 125 33.48 10.01 -41.00
CA HIS F 125 32.48 9.18 -41.68
C HIS F 125 32.56 9.40 -43.19
N LEU F 126 32.74 10.65 -43.59
CA LEU F 126 32.89 11.00 -44.99
C LEU F 126 34.06 10.25 -45.61
N VAL F 127 35.25 10.44 -45.05
CA VAL F 127 36.46 9.84 -45.58
C VAL F 127 36.31 8.32 -45.68
N GLN F 128 35.69 7.72 -44.66
CA GLN F 128 35.54 6.28 -44.64
C GLN F 128 34.72 5.77 -45.82
N ASN F 129 33.76 6.56 -46.31
CA ASN F 129 32.93 6.15 -47.44
C ASN F 129 33.48 6.60 -48.78
N ASN F 130 34.27 7.68 -48.83
CA ASN F 130 34.73 8.23 -50.10
C ASN F 130 36.20 8.56 -49.97
N ASP F 131 37.02 8.01 -50.87
CA ASP F 131 38.47 8.07 -50.70
C ASP F 131 38.98 9.44 -51.12
N ILE F 132 38.62 10.44 -50.31
CA ILE F 132 39.18 11.77 -50.46
C ILE F 132 40.03 12.06 -49.24
N ILE F 133 40.57 13.28 -49.19
CA ILE F 133 41.32 13.81 -48.05
C ILE F 133 40.58 15.05 -47.61
N VAL F 134 40.19 15.09 -46.33
CA VAL F 134 39.42 16.20 -45.76
C VAL F 134 40.22 16.82 -44.63
N ILE F 135 40.33 18.14 -44.65
CA ILE F 135 41.21 18.86 -43.75
C ILE F 135 40.38 19.92 -43.04
N THR F 136 40.55 20.00 -41.72
CA THR F 136 40.00 21.05 -40.88
C THR F 136 41.16 21.79 -40.21
N CYS F 137 40.88 23.00 -39.74
CA CYS F 137 41.92 23.89 -39.25
C CYS F 137 41.34 24.83 -38.21
N ASN F 138 42.21 25.53 -37.50
CA ASN F 138 41.81 26.69 -36.70
C ASN F 138 42.33 27.96 -37.37
N TYR F 139 41.49 28.99 -37.38
CA TYR F 139 41.92 30.34 -37.73
C TYR F 139 41.44 31.32 -36.68
N ARG F 140 42.22 32.37 -36.45
CA ARG F 140 41.94 33.32 -35.35
C ARG F 140 40.55 33.92 -35.49
N LEU F 141 39.94 34.23 -34.35
CA LEU F 141 38.57 34.74 -34.36
C LEU F 141 38.43 35.86 -33.35
N GLY F 142 37.33 36.58 -33.48
CA GLY F 142 37.18 37.78 -32.71
C GLY F 142 38.42 38.65 -32.86
N ALA F 143 38.67 39.46 -31.82
CA ALA F 143 39.66 40.52 -31.91
C ALA F 143 40.94 40.08 -32.57
N LEU F 144 41.53 39.03 -32.04
CA LEU F 144 42.78 38.49 -32.51
C LEU F 144 42.72 38.12 -33.99
N GLY F 145 41.50 37.92 -34.51
CA GLY F 145 41.28 37.58 -35.89
C GLY F 145 40.93 38.74 -36.82
N TYR F 146 40.00 39.63 -36.42
CA TYR F 146 39.43 40.52 -37.41
C TYR F 146 39.25 41.98 -36.96
N LEU F 147 39.80 42.39 -35.82
CA LEU F 147 39.87 43.81 -35.51
C LEU F 147 41.06 44.43 -36.23
N ASP F 148 40.90 45.69 -36.63
CA ASP F 148 41.93 46.36 -37.43
C ASP F 148 43.06 46.81 -36.50
N TRP F 149 43.93 45.86 -36.16
CA TRP F 149 45.07 46.11 -35.28
C TRP F 149 46.10 47.05 -35.87
N SER F 150 46.03 47.34 -37.17
CA SER F 150 46.90 48.36 -37.75
C SER F 150 46.60 49.74 -37.17
N TYR F 151 45.37 49.95 -36.71
CA TYR F 151 44.96 51.23 -36.14
C TYR F 151 45.78 51.62 -34.91
N PHE F 152 46.36 50.65 -34.21
CA PHE F 152 47.14 50.88 -33.01
C PHE F 152 48.63 50.95 -33.29
N ASN F 153 49.14 50.05 -34.14
CA ASN F 153 50.53 50.06 -34.55
C ASN F 153 50.56 49.67 -36.03
N LYS F 154 51.21 50.51 -36.84
CA LYS F 154 51.36 50.26 -38.27
C LYS F 154 51.98 48.90 -38.58
N ASP F 155 52.56 48.23 -37.59
CA ASP F 155 53.19 46.92 -37.80
C ASP F 155 52.23 45.76 -37.57
N PHE F 156 51.11 46.01 -36.88
CA PHE F 156 50.04 45.02 -36.74
C PHE F 156 49.07 45.12 -37.91
N HIS F 157 48.28 44.07 -38.13
CA HIS F 157 47.51 43.93 -39.36
C HIS F 157 46.04 43.62 -39.11
N SER F 158 45.22 44.01 -40.09
CA SER F 158 43.81 43.64 -40.13
C SER F 158 43.67 42.28 -40.82
N ASN F 159 42.42 41.83 -40.99
CA ASN F 159 42.08 40.61 -41.74
C ASN F 159 42.98 39.46 -41.32
N ASN F 160 43.24 39.37 -40.02
CA ASN F 160 44.26 38.47 -39.50
C ASN F 160 43.85 37.02 -39.63
N GLY F 161 42.61 36.71 -39.27
CA GLY F 161 42.14 35.34 -39.40
C GLY F 161 42.06 34.92 -40.85
N LEU F 162 41.77 35.87 -41.74
CA LEU F 162 41.86 35.62 -43.17
C LEU F 162 43.26 35.19 -43.54
N SER F 163 44.27 35.81 -42.93
CA SER F 163 45.65 35.46 -43.24
C SER F 163 46.00 34.06 -42.77
N ASP F 164 45.33 33.58 -41.71
CA ASP F 164 45.54 32.20 -41.28
C ASP F 164 44.90 31.23 -42.27
N GLN F 165 43.71 31.58 -42.78
CA GLN F 165 43.06 30.73 -43.79
C GLN F 165 43.93 30.57 -45.03
N ILE F 166 44.55 31.67 -45.48
CA ILE F 166 45.48 31.63 -46.60
C ILE F 166 46.61 30.66 -46.33
N ASN F 167 47.14 30.67 -45.11
CA ASN F 167 48.29 29.82 -44.83
C ASN F 167 47.91 28.36 -44.69
N VAL F 168 46.67 28.07 -44.25
CA VAL F 168 46.21 26.69 -44.32
C VAL F 168 46.26 26.20 -45.75
N ILE F 169 45.75 27.03 -46.66
CA ILE F 169 45.72 26.67 -48.07
C ILE F 169 47.13 26.46 -48.60
N LYS F 170 48.03 27.40 -48.29
CA LYS F 170 49.41 27.28 -48.76
C LYS F 170 50.11 26.09 -48.12
N TRP F 171 49.82 25.79 -46.85
CA TRP F 171 50.42 24.61 -46.22
C TRP F 171 49.99 23.34 -46.94
N VAL F 172 48.72 23.25 -47.30
CA VAL F 172 48.22 22.07 -47.99
C VAL F 172 48.92 21.91 -49.33
N HIS F 173 49.10 23.02 -50.05
CA HIS F 173 49.71 22.95 -51.37
C HIS F 173 51.11 22.38 -51.30
N GLN F 174 51.90 22.80 -50.32
CA GLN F 174 53.27 22.35 -50.22
C GLN F 174 53.36 20.88 -49.84
N PHE F 175 52.46 20.43 -48.95
CA PHE F 175 52.68 19.18 -48.26
C PHE F 175 51.63 18.09 -48.51
N ILE F 176 50.42 18.43 -48.96
CA ILE F 176 49.39 17.41 -48.96
C ILE F 176 49.72 16.28 -49.94
N GLU F 177 50.56 16.53 -50.94
N GLU F 177 50.56 16.54 -50.94
CA GLU F 177 50.97 15.48 -51.87
CA GLU F 177 50.97 15.48 -51.86
C GLU F 177 51.68 14.35 -51.12
C GLU F 177 51.68 14.36 -51.13
N SER F 178 52.45 14.69 -50.09
CA SER F 178 53.09 13.69 -49.25
C SER F 178 52.08 12.76 -48.56
N PHE F 179 50.82 13.21 -48.39
CA PHE F 179 49.79 12.36 -47.81
C PHE F 179 48.96 11.63 -48.87
N GLY F 180 49.39 11.64 -50.13
CA GLY F 180 48.62 11.06 -51.20
C GLY F 180 47.58 11.97 -51.77
N GLY F 181 47.64 13.27 -51.45
CA GLY F 181 46.68 14.21 -51.98
C GLY F 181 47.04 14.67 -53.37
N ASP F 182 46.12 15.40 -53.99
CA ASP F 182 46.38 16.02 -55.28
C ASP F 182 46.38 17.52 -55.03
N ALA F 183 47.59 18.09 -54.87
CA ALA F 183 47.74 19.52 -54.69
C ALA F 183 47.15 20.30 -55.85
N ASN F 184 46.93 19.65 -56.99
CA ASN F 184 46.26 20.27 -58.13
C ASN F 184 44.76 20.12 -58.09
N ASN F 185 44.19 19.54 -57.02
CA ASN F 185 42.73 19.33 -56.95
C ASN F 185 42.29 19.60 -55.50
N ILE F 186 42.17 20.88 -55.15
CA ILE F 186 41.88 21.31 -53.79
C ILE F 186 40.52 22.00 -53.81
N THR F 187 39.60 21.52 -52.98
CA THR F 187 38.28 22.13 -52.83
C THR F 187 38.23 22.87 -51.50
N LEU F 188 37.83 24.14 -51.55
CA LEU F 188 37.52 24.91 -50.34
C LEU F 188 36.05 24.69 -50.00
N MET F 189 35.77 24.36 -48.74
CA MET F 189 34.39 24.16 -48.32
C MET F 189 34.15 24.90 -47.01
N GLY F 190 33.15 25.75 -47.02
CA GLY F 190 32.95 26.62 -45.89
C GLY F 190 31.48 26.75 -45.66
N GLN F 191 31.13 26.86 -44.39
CA GLN F 191 29.77 27.09 -43.96
C GLN F 191 29.73 28.44 -43.24
N SER F 192 28.72 29.24 -43.59
CA SER F 192 28.44 30.54 -42.97
C SER F 192 29.66 31.46 -43.09
N ALA F 193 30.26 31.88 -41.98
CA ALA F 193 31.44 32.74 -42.07
C ALA F 193 32.57 32.07 -42.85
N GLY F 194 32.69 30.74 -42.72
CA GLY F 194 33.71 30.02 -43.46
C GLY F 194 33.39 29.98 -44.93
N SER F 195 32.10 29.99 -45.27
CA SER F 195 31.70 30.23 -46.64
C SER F 195 32.04 31.65 -47.05
N MET F 196 31.72 32.61 -46.19
CA MET F 196 32.05 34.01 -46.47
C MET F 196 33.54 34.19 -46.70
N SER F 197 34.37 33.48 -45.94
CA SER F 197 35.81 33.57 -46.13
C SER F 197 36.21 33.12 -47.53
N ILE F 198 35.56 32.05 -48.03
CA ILE F 198 35.94 31.53 -49.34
C ILE F 198 35.62 32.56 -50.43
N LEU F 199 34.49 33.25 -50.33
CA LEU F 199 34.17 34.33 -51.27
C LEU F 199 35.28 35.37 -51.30
N THR F 200 35.74 35.79 -50.12
CA THR F 200 36.85 36.74 -50.03
C THR F 200 38.13 36.14 -50.62
N LEU F 201 38.38 34.85 -50.35
CA LEU F 201 39.60 34.27 -50.88
C LEU F 201 39.59 34.21 -52.41
N LEU F 202 38.41 34.04 -53.01
CA LEU F 202 38.31 34.03 -54.46
C LEU F 202 38.81 35.34 -55.05
N LYS F 203 38.81 36.41 -54.27
CA LYS F 203 39.22 37.72 -54.79
C LYS F 203 40.60 38.13 -54.34
N ILE F 204 41.39 37.19 -53.82
CA ILE F 204 42.80 37.46 -53.51
C ILE F 204 43.67 36.79 -54.56
N PRO F 205 44.15 37.53 -55.58
CA PRO F 205 44.93 36.90 -56.66
C PRO F 205 46.21 36.21 -56.17
N ASP F 206 46.60 36.43 -54.92
CA ASP F 206 47.75 35.76 -54.32
C ASP F 206 47.45 34.30 -53.95
N ILE F 207 46.22 34.01 -53.49
CA ILE F 207 45.87 32.69 -53.01
C ILE F 207 44.96 31.92 -53.97
N GLU F 208 44.18 32.61 -54.80
CA GLU F 208 43.20 31.97 -55.68
C GLU F 208 43.75 30.83 -56.55
N PRO F 209 44.90 30.96 -57.22
CA PRO F 209 45.38 29.85 -58.07
C PRO F 209 45.65 28.55 -57.32
N TYR F 210 45.65 28.60 -55.99
CA TYR F 210 45.99 27.46 -55.14
C TYR F 210 44.84 26.48 -54.95
N PHE F 211 43.59 26.91 -55.10
CA PHE F 211 42.45 26.02 -55.00
C PHE F 211 41.66 26.06 -56.32
N HIS F 212 40.89 25.00 -56.55
CA HIS F 212 40.31 24.73 -57.87
C HIS F 212 38.81 24.51 -57.84
N LYS F 213 38.21 24.26 -56.68
CA LYS F 213 36.77 24.08 -56.51
C LYS F 213 36.37 24.72 -55.19
N VAL F 214 35.10 25.14 -55.10
CA VAL F 214 34.56 25.67 -53.85
C VAL F 214 33.16 25.08 -53.61
N VAL F 215 32.84 24.92 -52.33
CA VAL F 215 31.53 24.52 -51.82
C VAL F 215 31.09 25.55 -50.79
N LEU F 216 30.01 26.26 -51.08
CA LEU F 216 29.56 27.38 -50.26
C LEU F 216 28.24 27.01 -49.58
N LEU F 217 28.26 26.83 -48.26
CA LEU F 217 27.08 26.47 -47.48
C LEU F 217 26.61 27.67 -46.68
N SER F 218 25.45 28.21 -47.02
CA SER F 218 24.74 29.21 -46.22
C SER F 218 25.63 30.39 -45.84
N GLY F 219 26.10 31.12 -46.84
CA GLY F 219 26.92 32.28 -46.53
C GLY F 219 27.22 33.23 -47.68
N ALA F 220 26.74 34.46 -47.60
CA ALA F 220 27.03 35.44 -48.63
C ALA F 220 28.12 36.38 -48.13
N LEU F 221 28.75 37.09 -49.07
CA LEU F 221 29.84 38.00 -48.76
C LEU F 221 29.26 39.34 -48.34
N ARG F 222 29.60 39.77 -47.13
CA ARG F 222 29.31 41.12 -46.65
C ARG F 222 30.63 41.64 -46.09
N LEU F 223 31.36 42.40 -46.89
CA LEU F 223 32.69 42.83 -46.51
C LEU F 223 32.60 44.12 -45.70
N ASP F 224 33.17 44.10 -44.50
CA ASP F 224 33.29 45.29 -43.67
C ASP F 224 34.10 46.36 -44.40
N THR F 225 33.72 47.62 -44.21
CA THR F 225 34.40 48.73 -44.86
C THR F 225 35.63 49.18 -44.07
N LEU F 226 36.51 49.94 -44.74
CA LEU F 226 37.61 50.58 -44.04
C LEU F 226 37.11 51.53 -42.96
N GLU F 227 35.94 52.12 -43.19
CA GLU F 227 35.38 53.09 -42.25
C GLU F 227 34.79 52.40 -41.02
N SER F 228 33.92 51.40 -41.23
CA SER F 228 33.39 50.62 -40.12
C SER F 228 34.51 50.01 -39.28
N ALA F 229 35.56 49.53 -39.94
CA ALA F 229 36.67 48.89 -39.23
C ALA F 229 37.37 49.89 -38.30
N ARG F 230 37.81 51.03 -38.85
CA ARG F 230 38.42 52.06 -38.02
C ARG F 230 37.50 52.43 -36.86
N ASN F 231 36.21 52.57 -37.14
CA ASN F 231 35.23 52.91 -36.11
C ASN F 231 35.24 51.88 -35.00
N LYS F 232 35.23 50.59 -35.37
CA LYS F 232 35.27 49.53 -34.36
C LYS F 232 36.59 49.53 -33.62
N ALA F 233 37.68 49.87 -34.31
CA ALA F 233 38.97 49.97 -33.65
C ALA F 233 38.95 51.04 -32.55
N GLN F 234 38.41 52.22 -32.87
CA GLN F 234 38.29 53.29 -31.88
C GLN F 234 37.45 52.83 -30.68
N HIS F 235 36.24 52.32 -30.94
CA HIS F 235 35.37 51.83 -29.87
C HIS F 235 36.10 50.82 -29.00
N PHE F 236 36.95 49.99 -29.60
CA PHE F 236 37.78 49.09 -28.81
C PHE F 236 38.78 49.87 -27.98
N GLN F 237 39.43 50.87 -28.58
CA GLN F 237 40.39 51.65 -27.83
C GLN F 237 39.72 52.39 -26.67
N LYS F 238 38.53 52.97 -26.92
CA LYS F 238 37.79 53.62 -25.86
C LYS F 238 37.58 52.67 -24.69
N MET F 239 37.06 51.47 -24.99
CA MET F 239 36.81 50.48 -23.95
C MET F 239 38.11 50.01 -23.33
N MET F 240 39.23 50.11 -24.05
CA MET F 240 40.50 49.69 -23.48
C MET F 240 40.98 50.68 -22.42
N LEU F 241 40.57 51.94 -22.52
CA LEU F 241 40.85 52.92 -21.49
C LEU F 241 39.80 52.89 -20.38
N ASP F 242 38.51 52.94 -20.75
CA ASP F 242 37.44 53.06 -19.77
C ASP F 242 37.40 51.87 -18.83
N TYR F 243 37.86 50.70 -19.28
CA TYR F 243 37.73 49.47 -18.51
C TYR F 243 39.05 48.96 -17.96
N LEU F 244 40.18 49.30 -18.57
CA LEU F 244 41.43 48.68 -18.20
C LEU F 244 42.57 49.67 -17.98
N ASP F 245 42.32 50.98 -18.11
CA ASP F 245 43.33 52.01 -17.84
C ASP F 245 44.63 51.74 -18.58
N THR F 246 44.51 51.31 -19.83
CA THR F 246 45.67 51.02 -20.67
C THR F 246 45.34 51.44 -22.08
N ASP F 247 46.39 51.78 -22.82
CA ASP F 247 46.28 52.10 -24.23
C ASP F 247 47.25 51.28 -25.06
N ASP F 248 47.88 50.26 -24.48
CA ASP F 248 48.87 49.41 -25.13
C ASP F 248 48.22 48.06 -25.40
N VAL F 249 47.92 47.79 -26.68
CA VAL F 249 47.30 46.49 -26.99
C VAL F 249 48.25 45.34 -26.66
N THR F 250 49.56 45.60 -26.69
CA THR F 250 50.51 44.56 -26.29
C THR F 250 50.39 44.22 -24.81
N SER F 251 49.68 45.02 -24.03
CA SER F 251 49.56 44.76 -22.61
C SER F 251 48.38 43.84 -22.25
N LEU F 252 47.35 43.73 -23.10
CA LEU F 252 46.21 42.90 -22.71
C LEU F 252 46.54 41.42 -22.84
N SER F 253 46.07 40.63 -21.89
CA SER F 253 46.23 39.19 -22.04
C SER F 253 44.99 38.64 -22.74
N THR F 254 45.01 37.34 -23.03
CA THR F 254 43.90 36.74 -23.77
C THR F 254 42.55 37.08 -23.13
N ASN F 255 42.47 37.02 -21.79
CA ASN F 255 41.18 37.21 -21.12
C ASN F 255 40.70 38.66 -21.19
N ASP F 256 41.63 39.62 -21.21
CA ASP F 256 41.26 41.02 -21.32
C ASP F 256 40.45 41.29 -22.59
N ILE F 257 41.02 40.89 -23.73
CA ILE F 257 40.31 41.02 -25.00
C ILE F 257 38.95 40.35 -24.95
N LEU F 258 38.91 39.10 -24.47
CA LEU F 258 37.64 38.41 -24.37
C LEU F 258 36.65 39.24 -23.59
N MET F 259 37.13 39.92 -22.56
CA MET F 259 36.25 40.74 -21.72
C MET F 259 35.73 41.94 -22.50
N LEU F 260 36.63 42.67 -23.14
CA LEU F 260 36.20 43.84 -23.92
C LEU F 260 35.24 43.44 -25.02
N MET F 261 35.53 42.33 -25.70
CA MET F 261 34.61 41.78 -26.69
C MET F 261 33.20 41.67 -26.13
N ALA F 262 33.07 41.13 -24.91
CA ALA F 262 31.76 40.96 -24.31
C ALA F 262 31.05 42.30 -24.15
N LYS F 263 31.72 43.29 -23.55
CA LYS F 263 31.08 44.60 -23.37
C LYS F 263 30.71 45.20 -24.72
N LEU F 264 31.57 45.01 -25.72
CA LEU F 264 31.29 45.54 -27.04
C LEU F 264 29.99 45.01 -27.61
N LYS F 265 29.67 43.72 -27.35
CA LYS F 265 28.40 43.17 -27.83
C LYS F 265 27.21 43.75 -27.07
N GLN F 266 27.24 43.67 -25.73
CA GLN F 266 26.15 44.23 -24.94
C GLN F 266 25.92 45.69 -25.29
N SER F 267 27.01 46.43 -25.55
CA SER F 267 26.91 47.84 -25.90
C SER F 267 26.10 48.04 -27.17
N ARG F 268 26.33 47.21 -28.20
CA ARG F 268 25.55 47.35 -29.42
C ARG F 268 24.20 46.66 -29.30
N GLY F 269 24.10 45.58 -28.54
CA GLY F 269 22.85 44.86 -28.39
C GLY F 269 22.88 43.50 -29.06
N PRO F 270 21.88 42.67 -28.78
CA PRO F 270 21.95 41.27 -29.21
C PRO F 270 21.79 41.10 -30.71
N SER F 271 22.18 39.91 -31.22
CA SER F 271 22.15 39.72 -32.67
C SER F 271 21.97 38.27 -33.10
N LYS F 272 22.16 37.34 -32.16
CA LYS F 272 22.10 35.91 -32.45
C LYS F 272 23.10 35.53 -33.54
N GLY F 273 24.19 36.30 -33.66
CA GLY F 273 25.21 36.10 -34.67
C GLY F 273 25.12 37.06 -35.84
N LEU F 274 23.95 37.67 -36.08
CA LEU F 274 23.72 38.45 -37.29
C LEU F 274 24.61 39.70 -37.36
N ASP F 275 24.99 40.26 -36.21
CA ASP F 275 25.89 41.39 -36.18
C ASP F 275 27.30 40.85 -36.26
N LEU F 276 27.88 40.88 -37.45
CA LEU F 276 29.25 40.42 -37.63
C LEU F 276 30.15 41.50 -37.03
N ILE F 277 30.25 41.46 -35.70
CA ILE F 277 31.23 42.30 -35.01
C ILE F 277 32.58 42.13 -35.68
N TYR F 278 32.95 40.87 -35.95
CA TYR F 278 34.23 40.58 -36.58
C TYR F 278 34.01 40.01 -37.96
N ALA F 279 34.82 40.47 -38.92
CA ALA F 279 34.61 40.12 -40.31
C ALA F 279 35.79 40.56 -41.16
N PRO F 280 36.03 39.88 -42.29
CA PRO F 280 36.98 40.41 -43.26
C PRO F 280 36.60 41.85 -43.61
N ILE F 281 37.63 42.73 -43.69
CA ILE F 281 37.47 44.12 -44.15
C ILE F 281 37.97 44.20 -45.58
N LYS F 282 37.36 45.06 -46.39
CA LYS F 282 37.78 45.19 -47.79
C LYS F 282 39.03 46.06 -47.85
N THR F 283 40.04 45.57 -48.55
CA THR F 283 41.35 46.21 -48.58
C THR F 283 41.85 46.27 -50.01
N ASP F 284 43.09 46.76 -50.15
CA ASP F 284 43.67 46.92 -51.49
C ASP F 284 43.90 45.58 -52.18
N TYR F 285 44.17 44.51 -51.44
CA TYR F 285 44.38 43.22 -52.08
C TYR F 285 43.08 42.43 -52.31
N ILE F 286 41.92 43.02 -52.03
CA ILE F 286 40.63 42.38 -52.28
C ILE F 286 40.06 42.94 -53.58
N GLN F 287 40.06 42.12 -54.63
CA GLN F 287 39.50 42.55 -55.91
C GLN F 287 37.98 42.66 -55.80
N ASN F 288 37.39 43.33 -56.79
CA ASN F 288 35.95 43.52 -56.83
C ASN F 288 35.22 42.36 -57.47
N ASN F 289 35.87 41.67 -58.41
CA ASN F 289 35.21 40.69 -59.25
C ASN F 289 35.75 39.30 -58.97
N TYR F 290 34.84 38.33 -58.98
CA TYR F 290 35.11 36.92 -58.71
C TYR F 290 35.70 36.25 -59.94
N PRO F 291 36.60 35.29 -59.75
CA PRO F 291 36.96 34.40 -60.85
C PRO F 291 35.83 33.47 -61.19
N THR F 292 35.82 33.02 -62.44
CA THR F 292 34.83 32.08 -62.93
C THR F 292 35.43 30.77 -63.38
N THR F 293 36.71 30.52 -63.04
CA THR F 293 37.43 29.37 -63.52
C THR F 293 37.20 28.09 -62.70
N LYS F 294 36.52 28.19 -61.56
CA LYS F 294 36.33 27.05 -60.68
C LYS F 294 34.85 26.69 -60.62
N PRO F 295 34.53 25.39 -60.59
CA PRO F 295 33.14 24.98 -60.30
C PRO F 295 32.73 25.37 -58.89
N ILE F 296 31.47 25.80 -58.75
CA ILE F 296 30.91 26.25 -57.49
C ILE F 296 29.64 25.46 -57.22
N PHE F 297 29.59 24.77 -56.08
CA PHE F 297 28.35 24.22 -55.53
C PHE F 297 27.93 25.09 -54.35
N ALA F 298 26.73 25.67 -54.45
CA ALA F 298 26.18 26.47 -53.37
C ALA F 298 24.97 25.76 -52.79
N CYS F 299 24.71 26.00 -51.51
CA CYS F 299 23.61 25.37 -50.81
C CYS F 299 23.20 26.27 -49.65
N TYR F 300 21.92 26.21 -49.33
CA TYR F 300 21.37 26.86 -48.15
C TYR F 300 20.31 25.94 -47.56
N THR F 301 19.77 26.32 -46.41
CA THR F 301 18.69 25.56 -45.79
C THR F 301 17.36 26.24 -46.04
N LYS F 302 16.30 25.42 -46.04
CA LYS F 302 14.99 25.92 -46.42
C LYS F 302 14.48 26.97 -45.43
N ASP F 303 14.76 26.76 -44.15
CA ASP F 303 14.28 27.64 -43.08
C ASP F 303 15.46 28.12 -42.23
N GLU F 304 16.46 28.72 -42.89
CA GLU F 304 17.69 29.19 -42.26
C GLU F 304 17.46 29.80 -40.88
N GLY F 305 16.74 30.92 -40.84
CA GLY F 305 16.62 31.72 -39.62
C GLY F 305 15.92 31.03 -38.47
N ASP F 306 15.34 29.85 -38.69
CA ASP F 306 14.58 29.23 -37.62
C ASP F 306 15.43 29.00 -36.38
N ILE F 307 16.74 28.84 -36.54
CA ILE F 307 17.63 28.71 -35.39
C ILE F 307 18.14 30.06 -34.91
N TYR F 308 17.77 31.16 -35.58
CA TYR F 308 18.03 32.49 -35.07
C TYR F 308 16.85 33.01 -34.25
N ILE F 309 15.69 33.16 -34.88
CA ILE F 309 14.45 33.52 -34.18
C ILE F 309 13.77 32.21 -33.81
N THR F 310 14.29 31.57 -32.76
CA THR F 310 13.91 30.19 -32.44
C THR F 310 12.51 30.10 -31.81
N SER F 311 12.22 30.95 -30.83
CA SER F 311 10.90 30.97 -30.20
C SER F 311 10.43 32.41 -30.19
N GLU F 312 9.10 32.62 -30.14
CA GLU F 312 8.63 34.00 -30.09
C GLU F 312 8.94 34.66 -28.76
N GLN F 313 9.23 33.88 -27.71
CA GLN F 313 9.82 34.44 -26.51
C GLN F 313 11.29 34.78 -26.71
N LYS F 314 11.88 34.39 -27.85
CA LYS F 314 13.26 34.71 -28.18
C LYS F 314 13.38 35.59 -29.42
N LYS F 315 12.27 36.12 -29.93
CA LYS F 315 12.31 37.02 -31.08
C LYS F 315 13.10 38.27 -30.74
N LEU F 316 13.97 38.68 -31.66
CA LEU F 316 14.68 39.95 -31.47
C LEU F 316 13.68 41.10 -31.46
N SER F 317 13.90 42.05 -30.53
CA SER F 317 13.12 43.28 -30.42
C SER F 317 12.85 43.82 -31.82
N PRO F 318 11.58 44.06 -32.18
CA PRO F 318 11.26 44.32 -33.60
C PRO F 318 12.11 45.39 -34.26
N GLN F 319 12.36 46.52 -33.59
CA GLN F 319 13.13 47.59 -34.20
C GLN F 319 14.60 47.24 -34.32
N ARG F 320 15.19 46.63 -33.27
CA ARG F 320 16.57 46.17 -33.34
C ARG F 320 16.79 45.19 -34.49
N PHE F 321 15.73 44.51 -34.94
CA PHE F 321 15.86 43.67 -36.13
C PHE F 321 16.04 44.52 -37.38
N ILE F 322 15.24 45.58 -37.53
CA ILE F 322 15.38 46.45 -38.69
C ILE F 322 16.77 47.05 -38.73
N ASP F 323 17.31 47.45 -37.57
CA ASP F 323 18.64 48.05 -37.53
C ASP F 323 19.72 47.03 -37.92
N ILE F 324 19.66 45.82 -37.35
CA ILE F 324 20.67 44.80 -37.68
C ILE F 324 20.64 44.47 -39.16
N MET F 325 19.44 44.34 -39.73
CA MET F 325 19.36 44.13 -41.17
C MET F 325 19.94 45.31 -41.94
N GLU F 326 19.77 46.52 -41.43
CA GLU F 326 20.40 47.68 -42.07
C GLU F 326 21.92 47.53 -42.08
N LEU F 327 22.51 47.18 -40.92
CA LEU F 327 23.95 46.98 -40.81
C LEU F 327 24.49 45.96 -41.82
N ASN F 328 23.65 45.05 -42.29
CA ASN F 328 24.01 44.08 -43.31
C ASN F 328 23.52 44.48 -44.70
N ASP F 329 23.29 45.77 -44.92
CA ASP F 329 22.82 46.30 -46.20
C ASP F 329 21.50 45.65 -46.64
N ILE F 330 20.63 45.33 -45.69
CA ILE F 330 19.33 44.75 -45.96
C ILE F 330 18.27 45.75 -45.49
N PRO F 331 17.50 46.34 -46.39
CA PRO F 331 16.36 47.15 -45.96
C PRO F 331 15.22 46.25 -45.49
N LEU F 332 14.60 46.64 -44.38
CA LEU F 332 13.46 45.88 -43.85
C LEU F 332 12.52 46.82 -43.14
N LYS F 333 11.23 46.70 -43.42
CA LYS F 333 10.22 47.57 -42.82
C LYS F 333 9.81 47.06 -41.44
N TYR F 334 9.85 47.94 -40.43
CA TYR F 334 9.64 47.54 -39.04
C TYR F 334 8.28 46.89 -38.82
N GLU F 335 7.25 47.32 -39.55
CA GLU F 335 5.93 46.72 -39.39
C GLU F 335 5.90 45.28 -39.90
N ASP F 336 6.64 44.98 -40.97
CA ASP F 336 6.72 43.63 -41.52
C ASP F 336 7.82 42.79 -40.87
N VAL F 337 8.18 43.09 -39.62
CA VAL F 337 9.12 42.28 -38.85
C VAL F 337 8.55 42.11 -37.45
N GLN F 338 7.22 42.10 -37.35
CA GLN F 338 6.54 41.98 -36.06
C GLN F 338 6.48 40.54 -35.59
N THR F 339 5.87 39.67 -36.39
CA THR F 339 5.84 38.25 -36.07
C THR F 339 7.26 37.68 -35.97
N ALA F 340 7.45 36.73 -35.05
CA ALA F 340 8.73 36.02 -34.98
C ALA F 340 8.99 35.25 -36.27
N LYS F 341 7.97 34.55 -36.76
CA LYS F 341 8.10 33.89 -38.04
C LYS F 341 8.34 34.90 -39.16
N GLN F 342 7.83 36.12 -39.01
CA GLN F 342 8.16 37.17 -39.97
C GLN F 342 9.65 37.50 -39.93
N GLN F 343 10.22 37.56 -38.73
CA GLN F 343 11.66 37.81 -38.60
C GLN F 343 12.47 36.69 -39.24
N SER F 344 12.16 35.43 -38.89
CA SER F 344 12.98 34.30 -39.35
C SER F 344 12.92 34.13 -40.86
N LEU F 345 11.76 34.36 -41.48
CA LEU F 345 11.68 34.24 -42.93
C LEU F 345 12.44 35.37 -43.62
N ALA F 346 12.56 36.53 -42.96
CA ALA F 346 13.36 37.62 -43.51
C ALA F 346 14.85 37.29 -43.46
N ILE F 347 15.29 36.57 -42.42
CA ILE F 347 16.68 36.12 -42.36
C ILE F 347 16.95 35.14 -43.50
N THR F 348 16.10 34.13 -43.66
CA THR F 348 16.29 33.16 -44.73
C THR F 348 16.29 33.84 -46.09
N HIS F 349 15.27 34.66 -46.36
CA HIS F 349 15.16 35.36 -47.62
C HIS F 349 16.33 36.31 -47.86
N CYS F 350 16.42 37.39 -47.08
CA CYS F 350 17.25 38.52 -47.46
C CYS F 350 18.71 38.35 -47.04
N TYR F 351 18.97 37.56 -45.99
CA TYR F 351 20.33 37.39 -45.50
C TYR F 351 21.01 36.18 -46.12
N PHE F 352 20.23 35.18 -46.55
CA PHE F 352 20.79 33.95 -47.11
C PHE F 352 20.34 33.73 -48.55
N LYS F 353 19.04 33.50 -48.80
CA LYS F 353 18.61 32.92 -50.07
C LYS F 353 18.80 33.90 -51.23
N GLN F 354 18.23 35.11 -51.11
CA GLN F 354 18.38 36.11 -52.17
C GLN F 354 19.82 36.47 -52.48
N PRO F 355 20.70 36.76 -51.51
CA PRO F 355 22.07 37.16 -51.90
C PRO F 355 22.87 36.04 -52.57
N MET F 356 22.71 34.78 -52.12
CA MET F 356 23.49 33.71 -52.72
C MET F 356 23.07 33.43 -54.15
N LYS F 357 21.77 33.42 -54.41
CA LYS F 357 21.28 33.23 -55.77
C LYS F 357 21.68 34.41 -56.65
N GLN F 358 21.64 35.64 -56.10
CA GLN F 358 22.07 36.81 -56.85
C GLN F 358 23.54 36.72 -57.20
N PHE F 359 24.35 36.13 -56.31
CA PHE F 359 25.77 35.93 -56.59
C PHE F 359 25.97 34.92 -57.72
N LEU F 360 25.17 33.87 -57.74
CA LEU F 360 25.27 32.86 -58.80
C LEU F 360 24.89 33.42 -60.17
N GLN F 361 23.89 34.30 -60.20
CA GLN F 361 23.46 34.86 -61.47
C GLN F 361 24.54 35.73 -62.09
N GLN F 362 25.15 36.60 -61.28
CA GLN F 362 26.23 37.46 -61.77
C GLN F 362 27.32 36.63 -62.45
N LEU F 363 27.68 35.50 -61.85
CA LEU F 363 28.74 34.69 -62.43
C LEU F 363 28.31 34.09 -63.76
N ASN F 364 27.02 33.75 -63.91
CA ASN F 364 26.51 33.35 -65.21
C ASN F 364 26.56 34.50 -66.19
N ILE F 365 26.25 35.72 -65.74
CA ILE F 365 26.28 36.86 -66.65
C ILE F 365 27.71 37.19 -67.03
N GLN F 366 28.67 36.89 -66.15
CA GLN F 366 30.06 37.20 -66.47
C GLN F 366 30.72 36.15 -67.34
N ASP F 367 30.27 34.90 -67.22
CA ASP F 367 30.93 33.77 -67.86
C ASP F 367 29.86 32.79 -68.33
N SER F 368 29.79 32.57 -69.65
CA SER F 368 28.84 31.63 -70.21
C SER F 368 29.26 30.19 -69.96
N ASN F 369 30.53 29.96 -69.62
CA ASN F 369 30.98 28.64 -69.21
C ASN F 369 31.08 28.53 -67.69
N ALA F 370 30.22 29.24 -66.96
CA ALA F 370 30.17 29.11 -65.52
C ALA F 370 29.56 27.78 -65.13
N GLN F 371 30.23 27.07 -64.22
CA GLN F 371 29.80 25.75 -63.74
C GLN F 371 29.32 25.91 -62.30
N LEU F 372 28.05 26.27 -62.15
CA LEU F 372 27.43 26.52 -60.85
C LEU F 372 26.35 25.47 -60.57
N TRP F 373 26.05 25.30 -59.29
CA TRP F 373 25.08 24.31 -58.85
C TRP F 373 24.51 24.77 -57.52
N LEU F 374 23.17 24.84 -57.44
CA LEU F 374 22.49 25.31 -56.25
C LEU F 374 21.71 24.15 -55.64
N ALA F 375 21.65 24.13 -54.31
CA ALA F 375 20.83 23.13 -53.65
C ALA F 375 20.21 23.73 -52.39
N GLU F 376 19.06 23.19 -52.03
CA GLU F 376 18.36 23.57 -50.81
C GLU F 376 18.32 22.34 -49.93
N PHE F 377 18.89 22.45 -48.73
CA PHE F 377 18.76 21.41 -47.73
C PHE F 377 17.44 21.61 -47.01
N ALA F 378 16.58 20.60 -47.01
CA ALA F 378 15.24 20.80 -46.46
C ALA F 378 14.76 19.68 -45.56
N TRP F 379 15.61 18.74 -45.18
CA TRP F 379 15.13 17.64 -44.33
C TRP F 379 14.79 18.15 -42.93
N HIS F 380 13.73 17.59 -42.37
CA HIS F 380 13.25 17.94 -41.04
C HIS F 380 12.17 16.94 -40.69
N ASP F 381 11.41 17.24 -39.62
CA ASP F 381 10.36 16.37 -39.14
C ASP F 381 9.59 17.17 -38.08
N THR F 382 8.33 17.49 -38.36
CA THR F 382 7.60 18.39 -37.49
C THR F 382 7.18 17.72 -36.18
N SER F 383 7.19 16.39 -36.15
CA SER F 383 6.89 15.66 -34.93
C SER F 383 8.10 15.57 -33.99
N SER F 384 9.29 15.90 -34.48
CA SER F 384 10.53 15.79 -33.72
C SER F 384 10.59 16.82 -32.60
N ALA F 385 11.49 16.57 -31.64
CA ALA F 385 11.63 17.46 -30.48
C ALA F 385 12.58 18.62 -30.74
N HIS F 386 13.38 18.56 -31.77
CA HIS F 386 14.32 19.64 -32.04
C HIS F 386 14.45 19.99 -33.51
N TYR F 387 14.36 18.98 -34.40
CA TYR F 387 14.69 19.11 -35.81
C TYR F 387 13.40 19.29 -36.61
N ARG F 388 12.67 20.35 -36.27
CA ARG F 388 11.35 20.55 -36.83
C ARG F 388 11.37 21.31 -38.15
N SER F 389 12.44 22.02 -38.47
CA SER F 389 12.56 22.64 -39.78
C SER F 389 14.03 22.60 -40.19
N ALA F 390 14.28 22.95 -41.44
CA ALA F 390 15.64 22.91 -41.97
C ALA F 390 16.28 24.26 -41.68
N TYR F 391 16.92 24.38 -40.52
CA TYR F 391 17.46 25.65 -40.07
C TYR F 391 18.96 25.70 -40.26
N HIS F 392 19.49 26.92 -40.22
CA HIS F 392 20.90 27.21 -40.42
C HIS F 392 21.77 26.20 -39.69
N ILE F 393 22.88 25.80 -40.34
CA ILE F 393 23.68 24.66 -39.94
C ILE F 393 23.44 23.16 -39.91
N LEU F 394 22.17 22.77 -39.73
CA LEU F 394 21.77 21.33 -39.62
C LEU F 394 22.34 20.50 -40.77
N ASP F 395 22.50 21.12 -41.92
CA ASP F 395 22.90 20.35 -43.09
C ASP F 395 24.30 19.78 -42.92
N MET F 396 25.13 20.44 -42.12
CA MET F 396 26.48 19.92 -41.90
C MET F 396 26.49 18.63 -41.12
N VAL F 397 25.48 18.39 -40.28
CA VAL F 397 25.38 17.07 -39.69
C VAL F 397 25.32 16.03 -40.80
N PHE F 398 24.63 16.35 -41.90
CA PHE F 398 24.43 15.37 -42.95
C PHE F 398 25.61 15.31 -43.90
N TRP F 399 26.16 16.47 -44.29
CA TRP F 399 27.29 16.51 -45.21
C TRP F 399 28.45 15.65 -44.71
N PHE F 400 28.69 15.63 -43.41
CA PHE F 400 29.80 14.89 -42.84
C PHE F 400 29.36 13.60 -42.16
N GLY F 401 28.10 13.21 -42.31
CA GLY F 401 27.60 11.96 -41.75
C GLY F 401 27.69 11.81 -40.23
N ASN F 402 27.46 12.88 -39.49
CA ASN F 402 27.51 12.85 -38.01
C ASN F 402 26.12 12.78 -37.41
N LEU F 403 25.33 11.80 -37.88
CA LEU F 403 23.93 11.68 -37.48
C LEU F 403 23.76 11.36 -35.98
N GLN F 404 24.81 10.83 -35.35
CA GLN F 404 24.80 10.63 -33.90
C GLN F 404 24.43 11.91 -33.15
N ILE F 405 24.68 13.07 -33.75
CA ILE F 405 24.28 14.32 -33.12
C ILE F 405 22.77 14.36 -32.99
N LEU F 406 22.05 13.93 -34.02
CA LEU F 406 20.59 13.98 -33.96
C LEU F 406 20.07 13.03 -32.89
N ALA F 407 20.62 11.82 -32.82
CA ALA F 407 20.17 10.86 -31.82
C ALA F 407 20.57 11.30 -30.41
N ALA F 408 21.56 12.16 -30.26
CA ALA F 408 21.77 12.71 -28.92
C ALA F 408 20.73 13.76 -28.57
N HIS F 409 19.82 14.08 -29.48
CA HIS F 409 18.72 15.00 -29.21
C HIS F 409 17.41 14.35 -29.58
N GLN F 410 17.25 13.14 -29.05
CA GLN F 410 16.04 12.31 -29.14
C GLN F 410 15.52 12.19 -30.57
N TYR F 411 16.44 12.08 -31.54
CA TYR F 411 16.08 11.73 -32.92
C TYR F 411 16.90 10.55 -33.40
N PRO F 412 16.44 9.32 -33.15
CA PRO F 412 17.19 8.13 -33.55
C PRO F 412 17.44 8.09 -35.03
N THR F 413 18.57 7.50 -35.41
CA THR F 413 18.91 7.36 -36.82
C THR F 413 17.97 6.38 -37.49
N THR F 414 17.39 6.77 -38.62
CA THR F 414 16.53 5.86 -39.38
C THR F 414 17.17 5.52 -40.73
N ALA F 415 16.45 4.75 -41.53
CA ALA F 415 16.95 4.35 -42.84
C ALA F 415 17.00 5.53 -43.80
N HIS F 416 15.91 6.30 -43.88
CA HIS F 416 15.89 7.46 -44.75
C HIS F 416 16.99 8.45 -44.40
N LEU F 417 17.19 8.69 -43.09
CA LEU F 417 18.24 9.61 -42.67
C LEU F 417 19.61 9.10 -43.06
N LYS F 418 19.86 7.80 -42.93
CA LYS F 418 21.15 7.27 -43.33
C LYS F 418 21.35 7.45 -44.83
N PHE F 419 20.34 7.07 -45.63
CA PHE F 419 20.50 7.17 -47.08
C PHE F 419 20.62 8.61 -47.54
N LEU F 420 19.87 9.53 -46.91
CA LEU F 420 19.96 10.92 -47.33
C LEU F 420 21.34 11.49 -47.04
N SER F 421 21.95 11.11 -45.92
CA SER F 421 23.26 11.65 -45.61
C SER F 421 24.36 11.02 -46.44
N ARG F 422 24.32 9.70 -46.62
CA ARG F 422 25.27 9.02 -47.49
C ARG F 422 25.24 9.64 -48.89
N GLN F 423 24.04 10.01 -49.36
CA GLN F 423 23.95 10.66 -50.67
C GLN F 423 24.65 12.00 -50.67
N MET F 424 24.46 12.80 -49.62
CA MET F 424 25.14 14.08 -49.66
C MET F 424 26.64 13.91 -49.49
N GLN F 425 27.08 12.98 -48.65
CA GLN F 425 28.50 12.66 -48.59
C GLN F 425 29.02 12.31 -49.98
N ASN F 426 28.21 11.59 -50.76
CA ASN F 426 28.62 11.15 -52.09
C ASN F 426 28.65 12.32 -53.07
N ASP F 427 27.60 13.13 -53.11
CA ASP F 427 27.59 14.33 -53.94
C ASP F 427 28.85 15.16 -53.67
N LEU F 428 29.03 15.54 -52.40
CA LEU F 428 30.15 16.38 -52.03
C LEU F 428 31.48 15.82 -52.52
N ALA F 429 31.73 14.53 -52.29
CA ALA F 429 33.01 13.95 -52.68
C ALA F 429 33.12 13.86 -54.19
N ASN F 430 32.05 13.40 -54.86
CA ASN F 430 32.02 13.37 -56.30
C ASN F 430 32.21 14.74 -56.89
N PHE F 431 31.76 15.78 -56.18
CA PHE F 431 32.07 17.14 -56.64
C PHE F 431 33.56 17.42 -56.53
N ALA F 432 34.15 17.12 -55.37
CA ALA F 432 35.59 17.31 -55.27
C ALA F 432 36.32 16.50 -56.33
N LYS F 433 35.80 15.33 -56.71
CA LYS F 433 36.49 14.52 -57.70
C LYS F 433 36.34 15.11 -59.10
N SER F 434 35.12 15.51 -59.47
CA SER F 434 34.80 15.77 -60.87
C SER F 434 34.21 17.14 -61.16
N GLY F 435 34.10 18.03 -60.17
CA GLY F 435 33.58 19.35 -60.45
C GLY F 435 32.13 19.39 -60.91
N LYS F 436 31.35 18.35 -60.68
CA LYS F 436 29.97 18.32 -61.17
C LYS F 436 29.04 17.73 -60.12
N MET F 437 27.76 18.07 -60.22
CA MET F 437 26.71 17.53 -59.35
C MET F 437 25.66 16.74 -60.15
N PRO F 438 25.03 15.73 -59.53
CA PRO F 438 24.08 14.88 -60.28
C PRO F 438 22.76 15.53 -60.63
N TRP F 439 22.75 16.80 -61.01
CA TRP F 439 21.49 17.49 -61.29
C TRP F 439 21.81 18.74 -62.10
N PRO F 440 20.79 19.40 -62.67
CA PRO F 440 21.06 20.46 -63.65
C PRO F 440 21.89 21.60 -63.09
N MET F 441 22.59 22.29 -64.00
CA MET F 441 23.35 23.47 -63.61
C MET F 441 22.45 24.66 -63.35
N TYR F 442 22.87 25.50 -62.40
CA TYR F 442 22.11 26.70 -62.10
C TYR F 442 22.32 27.70 -63.22
N HIS F 443 21.28 27.90 -64.01
CA HIS F 443 21.27 28.86 -65.09
C HIS F 443 20.19 29.89 -64.82
N ASN F 444 20.36 31.09 -65.34
CA ASN F 444 19.51 32.17 -64.92
C ASN F 444 18.13 32.12 -65.56
N GLU F 445 17.91 31.18 -66.49
CA GLU F 445 16.61 31.06 -67.15
C GLU F 445 15.62 30.27 -66.29
N ARG F 446 15.96 29.02 -65.99
CA ARG F 446 15.10 28.15 -65.21
C ARG F 446 15.58 27.94 -63.77
N ARG F 447 16.79 28.41 -63.45
CA ARG F 447 17.34 28.43 -62.08
C ARG F 447 17.00 27.15 -61.31
N TYR F 448 17.34 26.01 -61.91
CA TYR F 448 17.11 24.71 -61.31
C TYR F 448 18.01 24.47 -60.12
N TYR F 449 17.49 23.73 -59.15
CA TYR F 449 18.23 23.44 -57.94
C TYR F 449 17.74 22.12 -57.36
N ARG F 450 18.62 21.48 -56.60
CA ARG F 450 18.30 20.23 -55.91
C ARG F 450 17.73 20.57 -54.54
N THR F 451 16.64 19.87 -54.17
CA THR F 451 16.08 20.01 -52.81
C THR F 451 16.29 18.68 -52.10
N TYR F 452 17.29 18.64 -51.22
CA TYR F 452 17.55 17.46 -50.42
C TYR F 452 16.52 17.35 -49.32
N GLN F 453 15.73 16.28 -49.32
CA GLN F 453 14.98 15.97 -48.10
C GLN F 453 14.54 14.53 -48.06
N PRO G 2 -14.23 16.56 -28.96
CA PRO G 2 -13.90 15.19 -28.55
C PRO G 2 -13.85 14.17 -29.70
N GLY G 3 -14.92 14.07 -30.49
CA GLY G 3 -14.98 13.04 -31.52
C GLY G 3 -13.92 13.22 -32.60
N MET G 4 -13.68 12.14 -33.34
CA MET G 4 -12.72 12.14 -34.45
C MET G 4 -13.32 11.58 -35.73
N LYS G 5 -13.16 12.33 -36.82
CA LYS G 5 -13.67 11.95 -38.13
C LYS G 5 -12.54 11.40 -39.00
N ILE G 6 -12.63 10.12 -39.35
CA ILE G 6 -11.72 9.48 -40.29
C ILE G 6 -12.45 9.31 -41.62
N ASN G 7 -11.85 9.81 -42.70
CA ASN G 7 -12.39 9.68 -44.05
C ASN G 7 -11.82 8.45 -44.75
N THR G 8 -12.70 7.70 -45.43
CA THR G 8 -12.27 6.55 -46.22
C THR G 8 -13.06 6.51 -47.52
N THR G 9 -12.58 5.64 -48.41
CA THR G 9 -13.22 5.34 -49.69
C THR G 9 -14.58 4.67 -49.51
N GLY G 10 -15.07 4.59 -48.29
CA GLY G 10 -16.36 3.95 -48.04
C GLY G 10 -17.33 4.86 -47.31
N GLY G 11 -16.87 6.06 -47.00
CA GLY G 11 -17.61 6.97 -46.14
C GLY G 11 -16.87 7.23 -44.84
N GLN G 12 -17.47 8.08 -44.03
CA GLN G 12 -16.80 8.55 -42.82
C GLN G 12 -16.92 7.52 -41.70
N ILE G 13 -15.95 7.54 -40.78
CA ILE G 13 -15.98 6.77 -39.56
C ILE G 13 -15.73 7.72 -38.39
N HIS G 14 -16.58 7.67 -37.37
CA HIS G 14 -16.57 8.62 -36.26
C HIS G 14 -16.20 7.89 -34.96
N GLY G 15 -15.04 8.23 -34.41
CA GLY G 15 -14.62 7.68 -33.14
C GLY G 15 -14.39 8.77 -32.11
N ILE G 16 -13.73 8.43 -31.00
CA ILE G 16 -13.53 9.37 -29.90
C ILE G 16 -12.03 9.58 -29.70
N THR G 17 -11.65 10.84 -29.45
CA THR G 17 -10.30 11.17 -29.00
C THR G 17 -10.34 11.39 -27.49
N GLN G 18 -9.68 10.51 -26.75
CA GLN G 18 -9.55 10.64 -25.31
C GLN G 18 -8.08 10.39 -24.95
N ASP G 19 -7.49 11.32 -24.21
CA ASP G 19 -6.20 11.08 -23.59
C ASP G 19 -5.12 10.72 -24.60
N GLY G 20 -5.03 11.47 -25.69
CA GLY G 20 -4.01 11.12 -26.67
C GLY G 20 -4.23 9.83 -27.44
N LEU G 21 -5.35 9.14 -27.23
CA LEU G 21 -5.72 7.96 -28.01
C LEU G 21 -6.89 8.29 -28.91
N ASP G 22 -6.89 7.72 -30.12
CA ASP G 22 -8.08 7.68 -30.97
C ASP G 22 -8.65 6.26 -30.91
N ILE G 23 -9.87 6.14 -30.39
CA ILE G 23 -10.52 4.85 -30.24
C ILE G 23 -11.78 4.81 -31.09
N PHE G 24 -11.98 3.70 -31.80
CA PHE G 24 -13.14 3.48 -32.66
C PHE G 24 -13.73 2.13 -32.27
N LEU G 25 -14.96 2.14 -31.77
CA LEU G 25 -15.62 0.93 -31.28
C LEU G 25 -16.77 0.52 -32.18
N GLY G 26 -16.91 -0.78 -32.39
CA GLY G 26 -18.09 -1.28 -33.09
C GLY G 26 -18.18 -0.93 -34.56
N ILE G 27 -17.04 -0.89 -35.26
CA ILE G 27 -17.06 -0.70 -36.71
C ILE G 27 -17.59 -1.99 -37.34
N PRO G 28 -18.66 -1.95 -38.14
CA PRO G 28 -19.13 -3.17 -38.80
C PRO G 28 -18.30 -3.44 -40.05
N TYR G 29 -17.44 -4.45 -39.97
CA TYR G 29 -16.56 -4.75 -41.10
C TYR G 29 -17.25 -5.57 -42.17
N ALA G 30 -18.21 -6.41 -41.79
CA ALA G 30 -18.92 -7.28 -42.71
C ALA G 30 -20.42 -7.11 -42.54
N GLU G 31 -21.19 -7.68 -43.47
CA GLU G 31 -22.63 -7.56 -43.37
C GLU G 31 -23.14 -8.48 -42.25
N PRO G 32 -24.24 -8.14 -41.61
CA PRO G 32 -24.76 -8.98 -40.52
C PRO G 32 -25.15 -10.33 -41.05
N PRO G 33 -24.65 -11.41 -40.45
CA PRO G 33 -24.99 -12.76 -40.93
C PRO G 33 -26.36 -13.15 -40.36
N VAL G 34 -27.39 -12.56 -40.95
CA VAL G 34 -28.77 -12.77 -40.57
C VAL G 34 -29.58 -13.04 -41.84
N HIS G 35 -30.84 -13.42 -41.64
CA HIS G 35 -31.79 -13.66 -42.72
C HIS G 35 -31.14 -14.46 -43.84
N ASP G 36 -31.11 -13.91 -45.05
CA ASP G 36 -30.49 -14.72 -46.11
C ASP G 36 -28.94 -14.81 -45.98
N ASN G 37 -28.35 -14.41 -44.84
CA ASN G 37 -26.91 -14.58 -44.59
C ASN G 37 -26.63 -15.51 -43.42
N ARG G 38 -27.67 -15.97 -42.72
CA ARG G 38 -27.51 -17.01 -41.71
C ARG G 38 -26.87 -18.25 -42.30
N PHE G 39 -25.84 -18.76 -41.61
CA PHE G 39 -25.18 -20.03 -41.92
C PHE G 39 -24.27 -19.98 -43.15
N LYS G 40 -23.92 -18.78 -43.60
CA LYS G 40 -23.14 -18.61 -44.81
C LYS G 40 -21.84 -17.86 -44.50
N HIS G 41 -20.98 -17.81 -45.51
CA HIS G 41 -19.78 -16.98 -45.44
C HIS G 41 -20.18 -15.51 -45.43
N SER G 42 -19.54 -14.72 -44.57
CA SER G 42 -19.89 -13.31 -44.47
C SER G 42 -19.42 -12.55 -45.72
N THR G 43 -20.16 -11.49 -46.03
CA THR G 43 -19.79 -10.59 -47.13
C THR G 43 -19.14 -9.33 -46.58
N LEU G 44 -17.96 -9.01 -47.10
CA LEU G 44 -17.20 -7.85 -46.63
C LEU G 44 -17.97 -6.55 -46.89
N LYS G 45 -17.98 -5.67 -45.89
CA LYS G 45 -18.59 -4.36 -46.02
C LYS G 45 -17.52 -3.39 -46.51
N THR G 46 -17.78 -2.74 -47.63
CA THR G 46 -16.81 -1.81 -48.21
C THR G 46 -17.40 -0.42 -48.50
N GLN G 47 -18.69 -0.22 -48.29
CA GLN G 47 -19.27 1.10 -48.42
C GLN G 47 -20.41 1.24 -47.41
N TRP G 48 -20.74 2.48 -47.09
CA TRP G 48 -21.86 2.74 -46.20
C TRP G 48 -22.50 4.06 -46.61
N SER G 49 -23.83 4.09 -46.57
CA SER G 49 -24.57 5.30 -46.90
C SER G 49 -24.31 6.40 -45.88
N GLU G 50 -24.14 6.03 -44.61
CA GLU G 50 -24.06 7.02 -43.57
C GLU G 50 -22.76 6.88 -42.80
N PRO G 51 -22.24 7.98 -42.27
CA PRO G 51 -21.00 7.90 -41.47
C PRO G 51 -21.18 6.92 -40.31
N ILE G 52 -20.22 6.01 -40.18
CA ILE G 52 -20.27 4.98 -39.15
C ILE G 52 -20.12 5.64 -37.78
N ASP G 53 -21.04 5.34 -36.87
CA ASP G 53 -20.94 5.82 -35.49
C ASP G 53 -20.16 4.76 -34.73
N ALA G 54 -18.89 5.04 -34.46
CA ALA G 54 -17.99 4.07 -33.85
C ALA G 54 -17.65 4.46 -32.41
N THR G 55 -18.63 4.97 -31.68
CA THR G 55 -18.39 5.43 -30.31
C THR G 55 -18.88 4.43 -29.27
N GLU G 56 -19.59 3.38 -29.66
CA GLU G 56 -20.18 2.49 -28.68
C GLU G 56 -19.92 1.05 -29.06
N ILE G 57 -19.80 0.22 -28.03
CA ILE G 57 -19.60 -1.22 -28.19
C ILE G 57 -20.87 -1.83 -28.79
N GLN G 58 -20.70 -2.59 -29.86
CA GLN G 58 -21.79 -3.25 -30.55
C GLN G 58 -21.96 -4.65 -30.01
N PRO G 59 -23.02 -5.35 -30.41
CA PRO G 59 -23.28 -6.69 -29.87
C PRO G 59 -22.17 -7.68 -30.19
N ILE G 60 -22.16 -8.74 -29.39
CA ILE G 60 -21.15 -9.78 -29.42
C ILE G 60 -21.84 -11.07 -29.85
N PRO G 61 -21.12 -12.04 -30.40
CA PRO G 61 -21.79 -13.25 -30.90
C PRO G 61 -22.38 -14.03 -29.75
N PRO G 62 -23.60 -14.58 -29.93
CA PRO G 62 -24.22 -15.33 -28.84
C PRO G 62 -23.35 -16.52 -28.48
N GLN G 63 -23.36 -16.85 -27.20
CA GLN G 63 -22.44 -17.84 -26.66
C GLN G 63 -22.99 -18.30 -25.32
N PRO G 64 -22.69 -19.52 -24.89
CA PRO G 64 -23.03 -19.92 -23.53
C PRO G 64 -22.27 -19.07 -22.53
N ASP G 65 -22.46 -19.30 -21.25
CA ASP G 65 -21.86 -18.43 -20.25
C ASP G 65 -20.35 -18.66 -20.20
N ASN G 66 -19.60 -17.57 -20.03
CA ASN G 66 -18.15 -17.62 -20.02
C ASN G 66 -17.69 -17.65 -18.57
N LYS G 67 -17.54 -18.86 -18.02
CA LYS G 67 -17.12 -19.02 -16.64
C LYS G 67 -15.82 -18.29 -16.34
N LEU G 68 -14.99 -18.05 -17.35
CA LEU G 68 -13.72 -17.40 -17.10
C LEU G 68 -13.76 -15.88 -17.27
N GLU G 69 -14.87 -15.32 -17.76
CA GLU G 69 -14.92 -13.90 -18.07
C GLU G 69 -14.71 -13.05 -16.82
N ASP G 70 -15.50 -13.30 -15.78
CA ASP G 70 -15.35 -12.56 -14.53
C ASP G 70 -13.92 -12.63 -14.02
N PHE G 71 -13.30 -13.81 -14.10
CA PHE G 71 -11.93 -13.94 -13.62
C PHE G 71 -10.96 -13.01 -14.36
N PHE G 72 -11.14 -12.86 -15.67
CA PHE G 72 -10.26 -11.97 -16.43
C PHE G 72 -10.89 -10.61 -16.62
N SER G 73 -11.54 -10.11 -15.57
CA SER G 73 -12.27 -8.86 -15.57
C SER G 73 -11.98 -8.11 -14.28
N SER G 74 -12.03 -6.80 -14.35
CA SER G 74 -11.73 -5.94 -13.22
C SER G 74 -12.94 -5.19 -12.69
N GLN G 75 -14.08 -5.31 -13.35
CA GLN G 75 -15.22 -4.47 -13.09
C GLN G 75 -16.43 -5.15 -13.70
N SER G 76 -17.60 -4.89 -13.13
CA SER G 76 -18.81 -5.47 -13.68
C SER G 76 -19.16 -4.81 -15.01
N THR G 77 -19.51 -5.64 -15.99
CA THR G 77 -19.86 -5.19 -17.32
C THR G 77 -21.05 -5.98 -17.79
N THR G 78 -21.78 -5.41 -18.74
CA THR G 78 -22.91 -6.11 -19.35
C THR G 78 -22.82 -5.90 -20.85
N PHE G 79 -22.75 -7.00 -21.61
CA PHE G 79 -22.67 -6.94 -23.05
C PHE G 79 -23.92 -7.55 -23.69
N THR G 80 -24.36 -6.91 -24.77
CA THR G 80 -25.44 -7.42 -25.59
C THR G 80 -24.92 -8.52 -26.52
N GLU G 81 -25.59 -9.67 -26.54
CA GLU G 81 -25.31 -10.75 -27.48
C GLU G 81 -26.40 -10.75 -28.55
N HIS G 82 -25.98 -10.74 -29.82
CA HIS G 82 -26.92 -10.75 -30.95
C HIS G 82 -26.29 -11.54 -32.08
N GLU G 83 -27.14 -12.08 -32.96
CA GLU G 83 -26.63 -12.72 -34.17
C GLU G 83 -25.88 -11.71 -35.02
N ASP G 84 -26.34 -10.45 -35.04
CA ASP G 84 -25.64 -9.36 -35.70
C ASP G 84 -24.54 -8.91 -34.75
N CYS G 85 -23.30 -9.33 -35.04
CA CYS G 85 -22.19 -9.12 -34.12
C CYS G 85 -20.85 -8.97 -34.83
N LEU G 86 -20.82 -8.73 -36.13
CA LEU G 86 -19.55 -8.69 -36.87
C LEU G 86 -19.01 -7.26 -36.84
N TYR G 87 -18.34 -6.93 -35.73
CA TYR G 87 -17.76 -5.62 -35.54
C TYR G 87 -16.33 -5.74 -35.05
N LEU G 88 -15.54 -4.73 -35.35
CA LEU G 88 -14.14 -4.65 -34.96
C LEU G 88 -13.89 -3.27 -34.39
N ASN G 89 -12.77 -3.14 -33.68
CA ASN G 89 -12.47 -1.96 -32.89
C ASN G 89 -11.02 -1.55 -33.14
N ILE G 90 -10.76 -0.25 -33.17
CA ILE G 90 -9.43 0.26 -33.49
C ILE G 90 -8.95 1.18 -32.38
N TRP G 91 -7.72 0.99 -31.95
CA TRP G 91 -7.02 1.83 -30.98
C TRP G 91 -5.75 2.36 -31.65
N LYS G 92 -5.56 3.68 -31.64
CA LYS G 92 -4.28 4.26 -32.08
C LYS G 92 -3.98 5.54 -31.30
N GLN G 93 -2.72 5.95 -31.34
CA GLN G 93 -2.32 7.25 -30.81
C GLN G 93 -2.81 8.37 -31.72
N HIS G 94 -3.13 9.50 -31.09
CA HIS G 94 -3.62 10.68 -31.80
C HIS G 94 -2.42 11.52 -32.21
N ASN G 95 -1.88 11.24 -33.39
CA ASN G 95 -0.79 12.04 -33.90
C ASN G 95 -0.84 12.04 -35.42
N ASP G 96 0.22 12.58 -36.03
CA ASP G 96 0.31 12.76 -37.47
C ASP G 96 1.25 11.74 -38.09
N GLN G 97 1.69 10.74 -37.34
CA GLN G 97 2.49 9.68 -37.93
C GLN G 97 1.62 8.80 -38.82
N THR G 98 2.28 8.10 -39.74
CA THR G 98 1.63 7.19 -40.67
C THR G 98 2.51 5.96 -40.83
N LYS G 99 2.05 5.00 -41.63
CA LYS G 99 2.80 3.77 -41.89
C LYS G 99 3.09 3.04 -40.57
N LYS G 100 2.09 3.07 -39.65
CA LYS G 100 2.24 2.45 -38.35
C LYS G 100 1.99 0.95 -38.46
N PRO G 101 2.81 0.12 -37.81
CA PRO G 101 2.53 -1.31 -37.78
C PRO G 101 1.16 -1.59 -37.17
N VAL G 102 0.51 -2.65 -37.66
CA VAL G 102 -0.85 -3.00 -37.28
C VAL G 102 -0.90 -4.42 -36.70
N ILE G 103 -1.48 -4.56 -35.51
CA ILE G 103 -1.78 -5.87 -34.93
C ILE G 103 -3.27 -6.11 -34.97
N ILE G 104 -3.68 -7.25 -35.50
CA ILE G 104 -5.06 -7.70 -35.46
C ILE G 104 -5.14 -8.88 -34.51
N TYR G 105 -6.03 -8.77 -33.53
CA TYR G 105 -6.14 -9.75 -32.45
C TYR G 105 -7.33 -10.67 -32.64
N PHE G 106 -7.10 -11.95 -32.38
CA PHE G 106 -8.11 -13.00 -32.46
C PHE G 106 -8.14 -13.71 -31.11
N TYR G 107 -9.27 -13.59 -30.42
CA TYR G 107 -9.44 -14.24 -29.13
C TYR G 107 -9.72 -15.73 -29.30
N GLY G 108 -9.34 -16.50 -28.30
CA GLY G 108 -9.68 -17.89 -28.21
C GLY G 108 -10.91 -18.09 -27.35
N GLY G 109 -11.06 -19.32 -26.84
CA GLY G 109 -12.22 -19.66 -26.05
C GLY G 109 -12.90 -20.87 -26.66
N SER G 110 -12.07 -21.79 -27.17
CA SER G 110 -12.52 -23.06 -27.69
C SER G 110 -13.56 -22.90 -28.78
N PHE G 111 -13.42 -21.84 -29.60
CA PHE G 111 -14.36 -21.55 -30.69
C PHE G 111 -15.81 -21.52 -30.19
N GLU G 112 -16.00 -21.31 -28.88
CA GLU G 112 -17.31 -21.28 -28.27
C GLU G 112 -17.70 -19.94 -27.65
N ASN G 113 -16.74 -19.14 -27.18
CA ASN G 113 -17.10 -17.81 -26.70
C ASN G 113 -15.90 -16.86 -26.84
N GLY G 114 -16.09 -15.63 -26.35
CA GLY G 114 -15.17 -14.53 -26.54
C GLY G 114 -15.81 -13.38 -27.30
N HIS G 115 -15.09 -12.26 -27.29
CA HIS G 115 -15.43 -11.10 -28.10
C HIS G 115 -14.25 -10.14 -28.00
N GLY G 116 -14.14 -9.25 -29.00
CA GLY G 116 -13.01 -8.33 -29.05
C GLY G 116 -13.13 -7.16 -28.09
N THR G 117 -14.25 -7.05 -27.38
CA THR G 117 -14.50 -5.98 -26.44
C THR G 117 -14.15 -6.38 -25.01
N ALA G 118 -14.04 -7.67 -24.74
CA ALA G 118 -13.68 -8.13 -23.40
C ALA G 118 -12.46 -7.38 -22.89
N GLU G 119 -12.54 -6.94 -21.63
CA GLU G 119 -11.49 -6.14 -21.02
C GLU G 119 -10.12 -6.74 -21.28
N LEU G 120 -10.04 -8.08 -21.25
CA LEU G 120 -8.77 -8.78 -21.40
C LEU G 120 -8.11 -8.46 -22.72
N TYR G 121 -8.90 -8.16 -23.75
CA TYR G 121 -8.36 -7.93 -25.07
C TYR G 121 -8.27 -6.46 -25.41
N GLN G 122 -8.69 -5.60 -24.51
CA GLN G 122 -8.61 -4.17 -24.75
C GLN G 122 -7.15 -3.75 -24.63
N PRO G 123 -6.57 -3.12 -25.65
CA PRO G 123 -5.12 -2.86 -25.68
C PRO G 123 -4.73 -1.40 -25.53
N ALA G 124 -5.61 -0.58 -24.98
CA ALA G 124 -5.30 0.85 -24.83
C ALA G 124 -3.96 1.01 -24.13
N HIS G 125 -3.68 0.18 -23.13
CA HIS G 125 -2.40 0.30 -22.41
C HIS G 125 -1.22 0.03 -23.33
N LEU G 126 -1.35 -0.95 -24.22
CA LEU G 126 -0.26 -1.23 -25.14
C LEU G 126 -0.05 -0.08 -26.09
N VAL G 127 -1.14 0.53 -26.55
CA VAL G 127 -1.05 1.56 -27.57
C VAL G 127 -0.48 2.85 -26.96
N GLN G 128 -0.85 3.15 -25.71
CA GLN G 128 -0.34 4.35 -25.06
C GLN G 128 1.18 4.33 -24.99
N ASN G 129 1.77 3.15 -24.81
CA ASN G 129 3.22 3.00 -24.66
C ASN G 129 3.95 2.77 -25.98
N ASN G 130 3.25 2.41 -27.06
CA ASN G 130 3.90 2.02 -28.31
C ASN G 130 3.04 2.48 -29.47
N ASP G 131 3.66 3.13 -30.45
CA ASP G 131 2.86 3.81 -31.49
C ASP G 131 2.50 2.84 -32.61
N ILE G 132 1.66 1.86 -32.27
CA ILE G 132 1.12 0.93 -33.23
C ILE G 132 -0.39 1.02 -33.18
N ILE G 133 -1.04 0.35 -34.11
CA ILE G 133 -2.49 0.27 -34.15
C ILE G 133 -2.89 -1.17 -33.88
N VAL G 134 -3.82 -1.34 -32.95
CA VAL G 134 -4.29 -2.66 -32.55
C VAL G 134 -5.78 -2.73 -32.84
N ILE G 135 -6.20 -3.85 -33.45
CA ILE G 135 -7.59 -4.09 -33.77
C ILE G 135 -8.01 -5.39 -33.10
N THR G 136 -9.20 -5.37 -32.49
CA THR G 136 -9.88 -6.57 -32.03
C THR G 136 -11.19 -6.68 -32.79
N CYS G 137 -11.85 -7.83 -32.66
CA CYS G 137 -13.02 -8.07 -33.48
C CYS G 137 -13.87 -9.17 -32.87
N ASN G 138 -15.11 -9.28 -33.36
CA ASN G 138 -15.93 -10.44 -33.13
C ASN G 138 -15.96 -11.31 -34.38
N TYR G 139 -16.18 -12.60 -34.18
CA TYR G 139 -16.43 -13.54 -35.27
C TYR G 139 -17.34 -14.62 -34.72
N ARG G 140 -18.14 -15.23 -35.60
CA ARG G 140 -19.18 -16.14 -35.13
C ARG G 140 -18.55 -17.30 -34.35
N LEU G 141 -19.29 -17.80 -33.35
CA LEU G 141 -18.79 -18.83 -32.46
C LEU G 141 -19.81 -19.97 -32.36
N GLY G 142 -19.36 -21.06 -31.74
CA GLY G 142 -20.18 -22.22 -31.44
C GLY G 142 -20.64 -22.95 -32.69
N ALA G 143 -21.87 -23.47 -32.62
CA ALA G 143 -22.48 -24.02 -33.82
C ALA G 143 -22.51 -22.98 -34.93
N LEU G 144 -23.02 -21.77 -34.63
CA LEU G 144 -23.15 -20.72 -35.63
C LEU G 144 -21.80 -20.39 -36.28
N GLY G 145 -20.71 -20.58 -35.54
CA GLY G 145 -19.41 -20.33 -36.10
C GLY G 145 -18.83 -21.46 -36.92
N TYR G 146 -19.15 -22.73 -36.58
CA TYR G 146 -18.29 -23.82 -37.06
C TYR G 146 -18.99 -25.16 -37.32
N LEU G 147 -20.26 -25.31 -36.97
CA LEU G 147 -20.91 -26.56 -37.34
C LEU G 147 -21.07 -26.61 -38.86
N ASP G 148 -21.13 -27.83 -39.40
CA ASP G 148 -21.12 -28.00 -40.85
C ASP G 148 -22.53 -27.82 -41.39
N TRP G 149 -22.85 -26.59 -41.79
CA TRP G 149 -24.19 -26.28 -42.28
C TRP G 149 -24.44 -26.76 -43.72
N SER G 150 -23.39 -27.04 -44.49
CA SER G 150 -23.60 -27.67 -45.78
C SER G 150 -24.22 -29.06 -45.65
N TYR G 151 -24.11 -29.69 -44.46
CA TYR G 151 -24.85 -30.93 -44.23
C TYR G 151 -26.35 -30.72 -44.28
N PHE G 152 -26.82 -29.54 -43.92
CA PHE G 152 -28.25 -29.29 -43.91
C PHE G 152 -28.75 -28.63 -45.18
N ASN G 153 -27.90 -27.87 -45.87
CA ASN G 153 -28.36 -27.13 -47.04
C ASN G 153 -27.14 -26.70 -47.83
N LYS G 154 -27.09 -27.08 -49.11
CA LYS G 154 -25.92 -26.83 -49.95
C LYS G 154 -25.59 -25.34 -50.04
N ASP G 155 -26.57 -24.47 -49.84
CA ASP G 155 -26.31 -23.03 -49.85
C ASP G 155 -25.59 -22.56 -48.60
N PHE G 156 -25.66 -23.33 -47.52
CA PHE G 156 -25.07 -22.94 -46.25
C PHE G 156 -23.68 -23.52 -46.12
N HIS G 157 -22.80 -22.77 -45.46
CA HIS G 157 -21.38 -23.10 -45.46
C HIS G 157 -20.92 -23.53 -44.07
N SER G 158 -19.82 -24.28 -44.05
CA SER G 158 -19.06 -24.55 -42.85
C SER G 158 -17.98 -23.48 -42.68
N ASN G 159 -17.18 -23.61 -41.62
CA ASN G 159 -16.03 -22.74 -41.41
C ASN G 159 -16.42 -21.26 -41.43
N ASN G 160 -17.56 -20.95 -40.82
CA ASN G 160 -18.06 -19.59 -40.85
C ASN G 160 -17.26 -18.66 -39.92
N GLY G 161 -16.82 -19.15 -38.76
CA GLY G 161 -15.89 -18.37 -37.95
C GLY G 161 -14.61 -18.00 -38.70
N LEU G 162 -14.18 -18.86 -39.62
CA LEU G 162 -13.00 -18.59 -40.45
C LEU G 162 -13.32 -17.50 -41.47
N SER G 163 -14.44 -17.65 -42.16
CA SER G 163 -15.00 -16.63 -43.03
C SER G 163 -14.92 -15.23 -42.42
N ASP G 164 -15.28 -15.11 -41.15
CA ASP G 164 -15.35 -13.78 -40.54
C ASP G 164 -13.95 -13.21 -40.28
N GLN G 165 -13.08 -14.03 -39.66
CA GLN G 165 -11.68 -13.63 -39.46
C GLN G 165 -11.01 -13.26 -40.78
N ILE G 166 -11.34 -13.97 -41.88
CA ILE G 166 -10.76 -13.60 -43.17
C ILE G 166 -11.18 -12.19 -43.56
N ASN G 167 -12.45 -11.84 -43.31
CA ASN G 167 -12.91 -10.49 -43.62
C ASN G 167 -12.39 -9.43 -42.64
N VAL G 168 -12.00 -9.79 -41.42
CA VAL G 168 -11.36 -8.78 -40.56
C VAL G 168 -10.05 -8.35 -41.20
N ILE G 169 -9.28 -9.33 -41.68
CA ILE G 169 -8.02 -9.03 -42.35
C ILE G 169 -8.28 -8.22 -43.61
N LYS G 170 -9.28 -8.61 -44.39
CA LYS G 170 -9.56 -7.85 -45.62
C LYS G 170 -9.95 -6.41 -45.29
N TRP G 171 -10.84 -6.23 -44.32
CA TRP G 171 -11.26 -4.87 -43.98
C TRP G 171 -10.07 -4.01 -43.61
N VAL G 172 -9.16 -4.53 -42.78
CA VAL G 172 -7.97 -3.77 -42.40
C VAL G 172 -7.14 -3.44 -43.63
N HIS G 173 -7.00 -4.39 -44.55
CA HIS G 173 -6.10 -4.19 -45.69
C HIS G 173 -6.62 -3.10 -46.63
N GLN G 174 -7.94 -2.94 -46.70
CA GLN G 174 -8.55 -1.95 -47.57
C GLN G 174 -8.56 -0.56 -46.97
N PHE G 175 -8.60 -0.46 -45.64
CA PHE G 175 -9.01 0.77 -44.97
C PHE G 175 -8.03 1.31 -43.94
N ILE G 176 -7.14 0.49 -43.40
CA ILE G 176 -6.37 0.88 -42.22
C ILE G 176 -5.40 2.01 -42.51
N GLU G 177 -5.05 2.24 -43.78
N GLU G 177 -5.07 2.24 -43.78
CA GLU G 177 -4.14 3.33 -44.11
CA GLU G 177 -4.16 3.31 -44.14
C GLU G 177 -4.77 4.69 -43.83
C GLU G 177 -4.76 4.68 -43.87
N SER G 178 -6.08 4.83 -44.04
CA SER G 178 -6.74 6.09 -43.71
C SER G 178 -6.62 6.42 -42.23
N PHE G 179 -6.36 5.43 -41.41
CA PHE G 179 -6.12 5.58 -39.97
C PHE G 179 -4.64 5.80 -39.68
N GLY G 180 -3.83 6.05 -40.71
CA GLY G 180 -2.41 6.07 -40.54
C GLY G 180 -1.77 4.70 -40.45
N GLY G 181 -2.51 3.64 -40.72
CA GLY G 181 -1.93 2.32 -40.72
C GLY G 181 -1.07 2.06 -41.94
N ASP G 182 -0.28 1.00 -41.84
CA ASP G 182 0.56 0.48 -42.92
C ASP G 182 -0.03 -0.86 -43.38
N ALA G 183 -0.84 -0.83 -44.43
CA ALA G 183 -1.38 -2.05 -45.02
C ALA G 183 -0.28 -3.04 -45.40
N ASN G 184 0.96 -2.59 -45.54
CA ASN G 184 2.06 -3.46 -45.92
C ASN G 184 2.71 -4.13 -44.72
N ASN G 185 2.22 -3.85 -43.49
CA ASN G 185 2.82 -4.38 -42.26
C ASN G 185 1.72 -4.78 -41.26
N ILE G 186 1.06 -5.91 -41.52
CA ILE G 186 -0.05 -6.34 -40.67
C ILE G 186 0.36 -7.60 -39.94
N THR G 187 0.37 -7.54 -38.60
CA THR G 187 0.62 -8.70 -37.76
C THR G 187 -0.69 -9.28 -37.25
N LEU G 188 -0.85 -10.59 -37.36
CA LEU G 188 -1.96 -11.29 -36.75
C LEU G 188 -1.50 -11.82 -35.41
N MET G 189 -2.32 -11.61 -34.38
CA MET G 189 -2.07 -12.10 -33.03
C MET G 189 -3.29 -12.88 -32.55
N GLY G 190 -3.04 -14.03 -31.94
CA GLY G 190 -4.11 -14.93 -31.55
C GLY G 190 -3.71 -15.77 -30.36
N GLN G 191 -4.66 -16.05 -29.48
CA GLN G 191 -4.42 -16.91 -28.34
C GLN G 191 -5.43 -18.05 -28.37
N SER G 192 -4.96 -19.28 -28.07
CA SER G 192 -5.76 -20.50 -28.09
C SER G 192 -6.45 -20.68 -29.44
N ALA G 193 -7.78 -20.71 -29.44
CA ALA G 193 -8.52 -20.80 -30.70
C ALA G 193 -8.19 -19.64 -31.65
N GLY G 194 -7.69 -18.52 -31.12
CA GLY G 194 -7.21 -17.45 -31.99
C GLY G 194 -5.93 -17.84 -32.71
N SER G 195 -4.99 -18.45 -31.97
CA SER G 195 -3.78 -18.97 -32.60
C SER G 195 -4.08 -20.13 -33.56
N MET G 196 -4.93 -21.08 -33.15
CA MET G 196 -5.32 -22.14 -34.08
C MET G 196 -5.95 -21.52 -35.34
N SER G 197 -6.70 -20.44 -35.17
CA SER G 197 -7.27 -19.76 -36.33
C SER G 197 -6.16 -19.27 -37.24
N ILE G 198 -5.21 -18.50 -36.70
CA ILE G 198 -4.19 -17.89 -37.55
C ILE G 198 -3.38 -18.95 -38.31
N LEU G 199 -3.08 -20.07 -37.67
CA LEU G 199 -2.42 -21.16 -38.39
C LEU G 199 -3.27 -21.69 -39.52
N THR G 200 -4.59 -21.60 -39.36
CA THR G 200 -5.50 -21.94 -40.46
C THR G 200 -5.50 -20.86 -41.52
N LEU G 201 -5.45 -19.58 -41.11
CA LEU G 201 -5.34 -18.51 -42.10
C LEU G 201 -4.05 -18.63 -42.91
N LEU G 202 -2.93 -19.00 -42.25
CA LEU G 202 -1.66 -19.10 -42.96
C LEU G 202 -1.76 -20.09 -44.12
N LYS G 203 -2.69 -21.04 -44.04
CA LYS G 203 -2.85 -22.10 -45.02
C LYS G 203 -3.97 -21.82 -46.04
N ILE G 204 -4.39 -20.58 -46.21
CA ILE G 204 -5.44 -20.22 -47.15
C ILE G 204 -4.88 -19.23 -48.14
N PRO G 205 -4.41 -19.71 -49.31
CA PRO G 205 -3.68 -18.84 -50.26
C PRO G 205 -4.37 -17.54 -50.65
N ASP G 206 -5.71 -17.50 -50.63
CA ASP G 206 -6.37 -16.26 -51.00
C ASP G 206 -6.21 -15.18 -49.92
N ILE G 207 -5.97 -15.54 -48.67
CA ILE G 207 -5.87 -14.54 -47.62
C ILE G 207 -4.44 -14.36 -47.10
N GLU G 208 -3.59 -15.38 -47.20
CA GLU G 208 -2.23 -15.33 -46.66
C GLU G 208 -1.46 -14.06 -47.07
N PRO G 209 -1.52 -13.57 -48.30
CA PRO G 209 -0.72 -12.39 -48.64
C PRO G 209 -1.21 -11.09 -48.01
N TYR G 210 -2.32 -11.10 -47.27
CA TYR G 210 -2.78 -9.84 -46.69
C TYR G 210 -2.04 -9.45 -45.41
N PHE G 211 -1.48 -10.42 -44.69
CA PHE G 211 -0.76 -10.15 -43.46
C PHE G 211 0.69 -10.62 -43.59
N HIS G 212 1.55 -10.09 -42.71
CA HIS G 212 2.99 -10.17 -42.94
C HIS G 212 3.81 -10.69 -41.77
N LYS G 213 3.20 -10.85 -40.60
CA LYS G 213 3.83 -11.34 -39.38
C LYS G 213 2.75 -11.99 -38.53
N VAL G 214 3.17 -12.92 -37.69
CA VAL G 214 2.24 -13.74 -36.92
C VAL G 214 2.77 -13.89 -35.50
N VAL G 215 1.85 -13.84 -34.54
CA VAL G 215 2.12 -14.02 -33.11
C VAL G 215 1.16 -15.07 -32.59
N LEU G 216 1.70 -16.17 -32.08
CA LEU G 216 0.93 -17.36 -31.74
C LEU G 216 1.10 -17.69 -30.27
N LEU G 217 0.05 -17.42 -29.49
CA LEU G 217 0.03 -17.66 -28.06
C LEU G 217 -0.82 -18.89 -27.75
N SER G 218 -0.18 -19.90 -27.16
CA SER G 218 -0.85 -21.03 -26.51
C SER G 218 -1.91 -21.66 -27.42
N GLY G 219 -1.44 -22.22 -28.53
CA GLY G 219 -2.33 -22.84 -29.50
C GLY G 219 -1.62 -23.54 -30.63
N ALA G 220 -2.01 -24.80 -30.90
CA ALA G 220 -1.55 -25.56 -32.05
C ALA G 220 -2.75 -25.96 -32.87
N LEU G 221 -2.58 -25.91 -34.19
CA LEU G 221 -3.64 -26.28 -35.13
C LEU G 221 -4.01 -27.75 -35.00
N ARG G 222 -5.28 -28.01 -34.71
CA ARG G 222 -5.83 -29.36 -34.59
C ARG G 222 -7.11 -29.38 -35.40
N LEU G 223 -6.97 -29.55 -36.71
CA LEU G 223 -8.11 -29.42 -37.61
C LEU G 223 -9.04 -30.62 -37.50
N ASP G 224 -10.33 -30.35 -37.32
CA ASP G 224 -11.34 -31.39 -37.43
C ASP G 224 -11.41 -31.89 -38.89
N THR G 225 -12.06 -33.03 -39.08
CA THR G 225 -12.03 -33.69 -40.39
C THR G 225 -13.40 -33.69 -41.06
N LEU G 226 -13.39 -34.05 -42.34
CA LEU G 226 -14.63 -34.13 -43.12
C LEU G 226 -15.63 -35.06 -42.44
N GLU G 227 -15.17 -36.25 -42.04
CA GLU G 227 -16.07 -37.27 -41.50
C GLU G 227 -16.53 -36.96 -40.08
N SER G 228 -15.82 -36.08 -39.35
CA SER G 228 -16.29 -35.69 -38.03
C SER G 228 -17.23 -34.49 -38.07
N ALA G 229 -16.97 -33.56 -39.00
CA ALA G 229 -17.91 -32.46 -39.25
C ALA G 229 -19.29 -33.00 -39.57
N ARG G 230 -19.40 -33.88 -40.58
CA ARG G 230 -20.68 -34.49 -40.92
C ARG G 230 -21.24 -35.29 -39.75
N ASN G 231 -20.37 -35.98 -38.99
CA ASN G 231 -20.82 -36.79 -37.86
C ASN G 231 -21.53 -35.93 -36.81
N LYS G 232 -20.90 -34.82 -36.39
CA LYS G 232 -21.55 -33.99 -35.38
C LYS G 232 -22.71 -33.22 -35.96
N ALA G 233 -22.67 -32.90 -37.27
CA ALA G 233 -23.82 -32.31 -37.93
C ALA G 233 -24.99 -33.27 -37.98
N GLN G 234 -24.72 -34.57 -38.12
CA GLN G 234 -25.80 -35.56 -38.02
C GLN G 234 -26.30 -35.69 -36.59
N HIS G 235 -25.41 -35.52 -35.61
CA HIS G 235 -25.81 -35.53 -34.20
C HIS G 235 -26.63 -34.30 -33.84
N PHE G 236 -26.27 -33.14 -34.41
CA PHE G 236 -27.07 -31.93 -34.23
C PHE G 236 -28.49 -32.16 -34.73
N GLN G 237 -28.63 -32.66 -35.96
CA GLN G 237 -29.95 -32.87 -36.54
C GLN G 237 -30.79 -33.82 -35.71
N LYS G 238 -30.15 -34.79 -35.03
CA LYS G 238 -30.90 -35.72 -34.20
C LYS G 238 -31.58 -35.01 -33.05
N MET G 239 -30.91 -34.02 -32.46
CA MET G 239 -31.45 -33.32 -31.29
C MET G 239 -32.27 -32.08 -31.64
N MET G 240 -32.34 -31.69 -32.92
CA MET G 240 -33.31 -30.68 -33.33
C MET G 240 -34.70 -31.26 -33.39
N LEU G 241 -34.82 -32.51 -33.83
CA LEU G 241 -36.13 -33.15 -33.89
C LEU G 241 -36.55 -33.64 -32.51
N ASP G 242 -35.60 -34.14 -31.72
CA ASP G 242 -35.87 -34.55 -30.35
C ASP G 242 -36.48 -33.41 -29.54
N TYR G 243 -35.68 -32.40 -29.23
CA TYR G 243 -36.07 -31.35 -28.30
C TYR G 243 -36.89 -30.24 -28.94
N LEU G 244 -37.05 -30.25 -30.26
CA LEU G 244 -37.75 -29.17 -30.94
C LEU G 244 -38.72 -29.63 -32.02
N ASP G 245 -38.69 -30.90 -32.43
CA ASP G 245 -39.62 -31.42 -33.44
C ASP G 245 -39.54 -30.62 -34.73
N THR G 246 -38.32 -30.37 -35.19
CA THR G 246 -38.15 -29.65 -36.44
C THR G 246 -36.93 -30.18 -37.17
N ASP G 247 -36.99 -30.17 -38.50
CA ASP G 247 -35.87 -30.50 -39.34
C ASP G 247 -35.36 -29.30 -40.14
N ASP G 248 -36.01 -28.13 -40.02
CA ASP G 248 -35.61 -26.92 -40.75
C ASP G 248 -34.67 -26.08 -39.89
N VAL G 249 -33.59 -25.60 -40.51
CA VAL G 249 -32.60 -24.83 -39.76
C VAL G 249 -32.84 -23.32 -39.84
N THR G 250 -33.66 -22.84 -40.77
CA THR G 250 -34.03 -21.44 -40.76
C THR G 250 -35.15 -21.15 -39.78
N SER G 251 -35.81 -22.19 -39.26
CA SER G 251 -36.80 -22.03 -38.21
C SER G 251 -36.18 -22.00 -36.81
N LEU G 252 -34.86 -22.14 -36.71
CA LEU G 252 -34.22 -22.16 -35.41
C LEU G 252 -34.08 -20.74 -34.86
N SER G 253 -34.16 -20.63 -33.53
CA SER G 253 -33.95 -19.37 -32.84
C SER G 253 -32.51 -19.27 -32.34
N THR G 254 -32.07 -18.03 -32.08
CA THR G 254 -30.78 -17.85 -31.44
C THR G 254 -30.71 -18.67 -30.16
N ASN G 255 -31.73 -18.56 -29.32
CA ASN G 255 -31.82 -19.35 -28.11
C ASN G 255 -31.95 -20.85 -28.38
N ASP G 256 -32.45 -21.22 -29.54
CA ASP G 256 -32.62 -22.65 -29.83
C ASP G 256 -31.27 -23.31 -30.09
N ILE G 257 -30.40 -22.60 -30.79
CA ILE G 257 -29.08 -23.14 -31.10
C ILE G 257 -28.25 -23.25 -29.82
N LEU G 258 -28.34 -22.26 -28.93
CA LEU G 258 -27.64 -22.34 -27.65
C LEU G 258 -28.05 -23.59 -26.87
N MET G 259 -29.36 -23.78 -26.64
CA MET G 259 -29.84 -24.96 -25.92
C MET G 259 -29.28 -26.24 -26.52
N LEU G 260 -29.40 -26.38 -27.84
CA LEU G 260 -28.98 -27.61 -28.49
C LEU G 260 -27.48 -27.83 -28.36
N MET G 261 -26.68 -26.74 -28.36
CA MET G 261 -25.26 -26.85 -28.06
C MET G 261 -25.03 -27.48 -26.69
N ALA G 262 -25.65 -26.88 -25.65
CA ALA G 262 -25.48 -27.40 -24.30
C ALA G 262 -25.85 -28.88 -24.24
N LYS G 263 -26.94 -29.27 -24.89
CA LYS G 263 -27.34 -30.67 -24.88
C LYS G 263 -26.27 -31.54 -25.54
N LEU G 264 -25.63 -31.03 -26.59
CA LEU G 264 -24.56 -31.79 -27.24
C LEU G 264 -23.33 -31.90 -26.33
N LYS G 265 -22.95 -30.80 -25.66
CA LYS G 265 -21.82 -30.86 -24.73
C LYS G 265 -22.09 -31.87 -23.62
N GLN G 266 -23.30 -31.84 -23.06
CA GLN G 266 -23.70 -32.83 -22.06
C GLN G 266 -23.64 -34.24 -22.63
N SER G 267 -24.01 -34.41 -23.90
CA SER G 267 -24.01 -35.72 -24.54
C SER G 267 -22.60 -36.28 -24.74
N ARG G 268 -21.55 -35.48 -24.57
CA ARG G 268 -20.18 -35.98 -24.71
C ARG G 268 -19.35 -35.90 -23.43
N GLY G 269 -19.84 -35.22 -22.39
CA GLY G 269 -19.14 -35.23 -21.12
C GLY G 269 -18.17 -34.08 -20.93
N PRO G 270 -17.65 -33.96 -19.71
CA PRO G 270 -16.83 -32.78 -19.39
C PRO G 270 -15.49 -32.77 -20.10
N SER G 271 -15.06 -31.56 -20.47
CA SER G 271 -13.88 -31.35 -21.29
C SER G 271 -12.94 -30.29 -20.74
N LYS G 272 -13.39 -29.47 -19.80
CA LYS G 272 -12.69 -28.23 -19.41
C LYS G 272 -12.36 -27.41 -20.64
N GLY G 273 -13.22 -27.46 -21.66
CA GLY G 273 -12.94 -26.82 -22.92
C GLY G 273 -11.91 -27.51 -23.80
N LEU G 274 -11.39 -28.66 -23.39
CA LEU G 274 -10.37 -29.34 -24.18
C LEU G 274 -10.95 -30.17 -25.32
N ASP G 275 -12.25 -30.42 -25.30
CA ASP G 275 -12.94 -31.09 -26.41
C ASP G 275 -13.40 -29.99 -27.35
N LEU G 276 -12.63 -29.75 -28.40
CA LEU G 276 -13.01 -28.77 -29.42
C LEU G 276 -14.18 -29.33 -30.20
N ILE G 277 -15.37 -29.29 -29.56
CA ILE G 277 -16.59 -29.71 -30.27
C ILE G 277 -16.75 -28.89 -31.55
N TYR G 278 -16.32 -27.63 -31.51
CA TYR G 278 -16.34 -26.75 -32.67
C TYR G 278 -14.91 -26.33 -33.00
N ALA G 279 -14.55 -26.51 -34.26
CA ALA G 279 -13.20 -26.27 -34.76
C ALA G 279 -13.28 -26.00 -36.25
N PRO G 280 -12.23 -25.42 -36.84
CA PRO G 280 -12.20 -25.31 -38.31
C PRO G 280 -12.11 -26.69 -38.98
N ILE G 281 -12.89 -26.85 -40.05
CA ILE G 281 -12.91 -28.12 -40.79
C ILE G 281 -11.87 -28.05 -41.89
N LYS G 282 -11.07 -29.11 -42.00
CA LYS G 282 -10.14 -29.19 -43.12
C LYS G 282 -10.93 -29.25 -44.43
N THR G 283 -10.70 -28.28 -45.30
CA THR G 283 -11.40 -28.18 -46.57
C THR G 283 -10.39 -28.17 -47.72
N ASP G 284 -10.90 -28.08 -48.94
CA ASP G 284 -10.01 -28.02 -50.10
C ASP G 284 -9.31 -26.68 -50.25
N TYR G 285 -9.74 -25.64 -49.53
CA TYR G 285 -9.09 -24.34 -49.62
C TYR G 285 -8.06 -24.14 -48.53
N ILE G 286 -7.69 -25.19 -47.80
CA ILE G 286 -6.65 -25.14 -46.77
C ILE G 286 -5.52 -26.05 -47.25
N GLN G 287 -4.42 -25.46 -47.69
CA GLN G 287 -3.26 -26.23 -48.10
C GLN G 287 -2.80 -27.15 -46.97
N ASN G 288 -2.17 -28.26 -47.35
CA ASN G 288 -1.62 -29.16 -46.35
C ASN G 288 -0.43 -28.56 -45.63
N ASN G 289 0.23 -27.59 -46.24
CA ASN G 289 1.54 -27.17 -45.82
C ASN G 289 1.57 -25.67 -45.56
N TYR G 290 2.46 -25.29 -44.67
CA TYR G 290 2.65 -23.95 -44.13
C TYR G 290 3.53 -23.11 -45.05
N PRO G 291 3.17 -21.87 -45.33
CA PRO G 291 4.15 -20.94 -45.90
C PRO G 291 5.11 -20.53 -44.81
N THR G 292 6.39 -20.40 -45.18
CA THR G 292 7.44 -19.98 -44.28
C THR G 292 7.85 -18.51 -44.49
N THR G 293 7.04 -17.74 -45.23
CA THR G 293 7.41 -16.38 -45.61
C THR G 293 7.36 -15.39 -44.43
N LYS G 294 6.61 -15.69 -43.37
CA LYS G 294 6.38 -14.65 -42.39
C LYS G 294 7.12 -14.93 -41.08
N PRO G 295 7.69 -13.90 -40.46
CA PRO G 295 8.29 -14.09 -39.13
C PRO G 295 7.24 -14.51 -38.11
N ILE G 296 7.62 -15.45 -37.24
CA ILE G 296 6.72 -16.07 -36.27
C ILE G 296 7.24 -15.85 -34.86
N PHE G 297 6.36 -15.43 -33.96
CA PHE G 297 6.64 -15.41 -32.54
C PHE G 297 5.66 -16.36 -31.86
N ALA G 298 6.18 -17.41 -31.26
CA ALA G 298 5.39 -18.38 -30.52
C ALA G 298 5.73 -18.26 -29.03
N CYS G 299 4.69 -18.34 -28.20
CA CYS G 299 4.84 -18.36 -26.74
C CYS G 299 3.81 -19.33 -26.18
N TYR G 300 4.20 -19.98 -25.10
CA TYR G 300 3.28 -20.76 -24.28
C TYR G 300 3.54 -20.42 -22.82
N THR G 301 2.60 -20.80 -21.96
CA THR G 301 2.71 -20.55 -20.53
C THR G 301 3.26 -21.79 -19.84
N LYS G 302 3.94 -21.56 -18.71
CA LYS G 302 4.66 -22.65 -18.05
C LYS G 302 3.73 -23.76 -17.57
N ASP G 303 2.53 -23.40 -17.14
CA ASP G 303 1.62 -24.34 -16.50
C ASP G 303 0.24 -24.26 -17.11
N GLU G 304 0.20 -24.22 -18.45
CA GLU G 304 -1.01 -24.19 -19.26
C GLU G 304 -2.20 -24.89 -18.61
N GLY G 305 -2.00 -26.14 -18.18
CA GLY G 305 -3.13 -26.97 -17.76
C GLY G 305 -3.73 -26.60 -16.42
N ASP G 306 -3.00 -25.86 -15.58
CA ASP G 306 -3.41 -25.66 -14.20
C ASP G 306 -4.78 -24.96 -14.11
N ILE G 307 -5.13 -24.13 -15.09
CA ILE G 307 -6.47 -23.54 -15.14
C ILE G 307 -7.48 -24.48 -15.77
N TYR G 308 -7.02 -25.57 -16.38
CA TYR G 308 -7.92 -26.59 -16.88
C TYR G 308 -8.25 -27.61 -15.80
N ILE G 309 -7.23 -28.17 -15.15
CA ILE G 309 -7.38 -29.09 -14.03
C ILE G 309 -6.98 -28.36 -12.76
N THR G 310 -7.96 -27.72 -12.11
CA THR G 310 -7.69 -26.77 -11.03
C THR G 310 -7.54 -27.43 -9.67
N SER G 311 -7.96 -28.68 -9.51
CA SER G 311 -7.89 -29.35 -8.22
C SER G 311 -8.28 -30.83 -8.37
N GLU G 312 -7.85 -31.63 -7.40
CA GLU G 312 -8.08 -33.06 -7.47
C GLU G 312 -9.57 -33.42 -7.48
N GLN G 313 -10.43 -32.52 -7.02
CA GLN G 313 -11.89 -32.69 -7.12
C GLN G 313 -12.47 -32.20 -8.45
N LYS G 314 -11.90 -31.14 -9.03
CA LYS G 314 -12.38 -30.52 -10.26
C LYS G 314 -11.73 -31.12 -11.51
N LYS G 315 -11.05 -32.26 -11.38
CA LYS G 315 -10.38 -32.88 -12.51
C LYS G 315 -11.35 -33.63 -13.41
N LEU G 316 -10.84 -34.52 -14.24
CA LEU G 316 -11.66 -35.41 -15.05
C LEU G 316 -11.42 -36.85 -14.59
N SER G 317 -12.30 -37.75 -15.01
CA SER G 317 -12.08 -39.15 -14.71
C SER G 317 -10.87 -39.64 -15.49
N PRO G 318 -10.13 -40.62 -14.94
CA PRO G 318 -8.99 -41.17 -15.69
C PRO G 318 -9.34 -41.49 -17.14
N GLN G 319 -10.54 -42.02 -17.38
CA GLN G 319 -10.95 -42.42 -18.71
C GLN G 319 -11.56 -41.29 -19.53
N ARG G 320 -12.22 -40.32 -18.87
CA ARG G 320 -12.65 -39.13 -19.58
C ARG G 320 -11.48 -38.46 -20.27
N PHE G 321 -10.41 -38.21 -19.50
CA PHE G 321 -9.19 -37.63 -20.05
C PHE G 321 -8.71 -38.39 -21.27
N ILE G 322 -8.64 -39.73 -21.17
CA ILE G 322 -8.08 -40.54 -22.25
C ILE G 322 -8.85 -40.29 -23.55
N ASP G 323 -10.18 -40.32 -23.49
CA ASP G 323 -10.98 -40.05 -24.67
C ASP G 323 -10.68 -38.69 -25.25
N ILE G 324 -10.62 -37.67 -24.36
CA ILE G 324 -10.36 -36.29 -24.76
C ILE G 324 -9.12 -36.21 -25.62
N MET G 325 -7.99 -36.68 -25.09
CA MET G 325 -6.71 -36.52 -25.76
C MET G 325 -6.64 -37.37 -27.02
N GLU G 326 -7.22 -38.58 -26.99
CA GLU G 326 -7.22 -39.40 -28.19
C GLU G 326 -7.96 -38.73 -29.33
N LEU G 327 -9.03 -37.99 -29.01
CA LEU G 327 -9.72 -37.21 -30.03
C LEU G 327 -8.74 -36.27 -30.74
N ASN G 328 -7.97 -35.49 -29.96
CA ASN G 328 -6.94 -34.60 -30.50
C ASN G 328 -5.67 -35.33 -30.91
N ASP G 329 -5.74 -36.66 -31.03
CA ASP G 329 -4.63 -37.51 -31.45
C ASP G 329 -3.48 -37.44 -30.46
N ILE G 330 -3.81 -37.60 -29.18
CA ILE G 330 -2.80 -37.66 -28.13
C ILE G 330 -3.10 -38.85 -27.24
N PRO G 331 -2.81 -40.08 -27.67
CA PRO G 331 -3.14 -41.25 -26.83
C PRO G 331 -2.27 -41.29 -25.59
N LEU G 332 -2.91 -41.29 -24.43
CA LEU G 332 -2.23 -41.40 -23.13
C LEU G 332 -2.46 -42.80 -22.58
N LYS G 333 -1.85 -43.07 -21.43
CA LYS G 333 -2.06 -44.32 -20.70
C LYS G 333 -2.90 -44.06 -19.46
N TYR G 334 -3.74 -45.05 -19.10
CA TYR G 334 -4.66 -44.86 -17.97
C TYR G 334 -3.91 -44.50 -16.71
N GLU G 335 -2.85 -45.24 -16.39
CA GLU G 335 -2.12 -45.01 -15.14
C GLU G 335 -1.43 -43.66 -15.11
N ASP G 336 -1.30 -42.99 -16.26
CA ASP G 336 -0.59 -41.71 -16.38
C ASP G 336 -1.52 -40.51 -16.38
N VAL G 337 -2.78 -40.68 -15.98
CA VAL G 337 -3.75 -39.58 -15.99
C VAL G 337 -4.70 -39.68 -14.81
N GLN G 338 -4.17 -40.12 -13.65
CA GLN G 338 -5.00 -40.45 -12.49
C GLN G 338 -5.05 -39.36 -11.43
N THR G 339 -4.02 -38.52 -11.30
CA THR G 339 -4.07 -37.43 -10.32
C THR G 339 -4.29 -36.11 -11.03
N ALA G 340 -4.58 -35.07 -10.24
CA ALA G 340 -4.76 -33.74 -10.79
C ALA G 340 -3.51 -33.27 -11.52
N LYS G 341 -2.36 -33.33 -10.83
CA LYS G 341 -1.10 -32.90 -11.40
C LYS G 341 -0.71 -33.74 -12.62
N GLN G 342 -1.08 -35.01 -12.66
CA GLN G 342 -0.83 -35.84 -13.83
C GLN G 342 -1.50 -35.27 -15.07
N GLN G 343 -2.78 -34.89 -14.95
CA GLN G 343 -3.52 -34.39 -16.09
C GLN G 343 -2.97 -33.05 -16.53
N SER G 344 -3.04 -32.04 -15.66
CA SER G 344 -2.62 -30.68 -16.01
C SER G 344 -1.32 -30.67 -16.82
N LEU G 345 -0.30 -31.34 -16.28
CA LEU G 345 0.97 -31.53 -16.98
C LEU G 345 0.72 -32.08 -18.38
N ALA G 346 -0.15 -33.08 -18.49
CA ALA G 346 -0.39 -33.70 -19.79
C ALA G 346 -1.04 -32.72 -20.78
N ILE G 347 -1.95 -31.85 -20.30
CA ILE G 347 -2.41 -30.77 -21.16
C ILE G 347 -1.24 -29.87 -21.54
N THR G 348 -0.41 -29.51 -20.57
CA THR G 348 0.68 -28.58 -20.83
C THR G 348 1.67 -29.18 -21.84
N HIS G 349 2.13 -30.40 -21.57
CA HIS G 349 3.16 -31.02 -22.39
C HIS G 349 2.62 -31.43 -23.77
N CYS G 350 1.50 -32.14 -23.81
CA CYS G 350 1.03 -32.80 -25.04
C CYS G 350 0.07 -31.96 -25.88
N TYR G 351 -0.68 -31.05 -25.26
CA TYR G 351 -1.68 -30.28 -25.98
C TYR G 351 -1.19 -28.90 -26.38
N PHE G 352 -0.11 -28.42 -25.77
CA PHE G 352 0.34 -27.04 -25.97
C PHE G 352 1.82 -26.95 -26.32
N LYS G 353 2.69 -27.27 -25.36
CA LYS G 353 4.13 -27.07 -25.54
C LYS G 353 4.67 -27.95 -26.69
N GLN G 354 4.57 -29.26 -26.56
CA GLN G 354 5.19 -30.15 -27.56
C GLN G 354 4.64 -29.96 -28.97
N PRO G 355 3.34 -29.77 -29.20
CA PRO G 355 2.90 -29.43 -30.57
C PRO G 355 3.52 -28.15 -31.09
N MET G 356 3.56 -27.13 -30.25
CA MET G 356 4.12 -25.86 -30.67
C MET G 356 5.59 -25.99 -31.07
N LYS G 357 6.39 -26.67 -30.26
CA LYS G 357 7.79 -26.91 -30.61
C LYS G 357 7.91 -27.74 -31.90
N GLN G 358 7.01 -28.73 -32.09
CA GLN G 358 7.03 -29.51 -33.33
C GLN G 358 6.70 -28.66 -34.54
N PHE G 359 5.68 -27.79 -34.43
CA PHE G 359 5.32 -26.90 -35.52
C PHE G 359 6.49 -26.02 -35.94
N LEU G 360 7.12 -25.35 -34.97
CA LEU G 360 8.28 -24.52 -35.30
C LEU G 360 9.42 -25.37 -35.89
N GLN G 361 9.68 -26.54 -35.30
CA GLN G 361 10.80 -27.39 -35.72
C GLN G 361 10.59 -27.89 -37.14
N GLN G 362 9.35 -28.20 -37.51
CA GLN G 362 9.08 -28.54 -38.90
C GLN G 362 9.36 -27.37 -39.84
N LEU G 363 9.12 -26.14 -39.36
CA LEU G 363 9.29 -24.97 -40.23
C LEU G 363 10.76 -24.69 -40.50
N ASN G 364 11.59 -24.77 -39.45
CA ASN G 364 13.04 -24.73 -39.62
C ASN G 364 13.50 -25.73 -40.67
N ILE G 365 12.92 -26.93 -40.68
CA ILE G 365 13.39 -27.99 -41.57
C ILE G 365 12.98 -27.66 -43.02
N GLN G 366 11.78 -27.10 -43.22
CA GLN G 366 11.38 -26.73 -44.57
C GLN G 366 12.01 -25.43 -45.05
N ASP G 367 12.59 -24.63 -44.17
CA ASP G 367 13.16 -23.34 -44.56
C ASP G 367 14.37 -22.99 -43.69
N SER G 368 15.54 -22.91 -44.33
CA SER G 368 16.79 -22.46 -43.70
C SER G 368 16.75 -21.01 -43.27
N ASN G 369 15.87 -20.19 -43.87
CA ASN G 369 15.81 -18.75 -43.64
C ASN G 369 14.55 -18.31 -42.85
N ALA G 370 13.84 -19.25 -42.22
CA ALA G 370 12.64 -18.85 -41.48
C ALA G 370 13.03 -18.07 -40.23
N GLN G 371 12.17 -17.15 -39.83
CA GLN G 371 12.42 -16.28 -38.69
C GLN G 371 11.50 -16.69 -37.55
N LEU G 372 12.02 -17.53 -36.64
CA LEU G 372 11.20 -18.14 -35.59
C LEU G 372 11.73 -17.80 -34.20
N TRP G 373 10.85 -17.34 -33.31
CA TRP G 373 11.18 -17.15 -31.89
C TRP G 373 10.16 -17.84 -30.98
N LEU G 374 10.68 -18.50 -29.95
CA LEU G 374 9.87 -19.21 -28.97
C LEU G 374 10.08 -18.59 -27.58
N ALA G 375 8.99 -18.36 -26.85
CA ALA G 375 9.07 -17.82 -25.50
C ALA G 375 8.23 -18.67 -24.55
N GLU G 376 8.64 -18.69 -23.28
CA GLU G 376 7.85 -19.31 -22.21
C GLU G 376 7.44 -18.22 -21.25
N PHE G 377 6.12 -18.05 -21.06
CA PHE G 377 5.61 -17.15 -20.03
C PHE G 377 5.54 -17.93 -18.73
N ALA G 378 6.35 -17.54 -17.75
CA ALA G 378 6.48 -18.30 -16.52
C ALA G 378 6.24 -17.45 -15.27
N TRP G 379 5.59 -16.30 -15.39
CA TRP G 379 5.31 -15.51 -14.20
C TRP G 379 4.26 -16.17 -13.33
N HIS G 380 4.50 -16.19 -12.02
CA HIS G 380 3.55 -16.70 -11.04
C HIS G 380 3.99 -16.22 -9.67
N ASP G 381 3.16 -16.49 -8.67
CA ASP G 381 3.50 -16.23 -7.28
C ASP G 381 2.77 -17.26 -6.42
N THR G 382 3.49 -18.29 -5.99
CA THR G 382 2.92 -19.34 -5.16
C THR G 382 2.26 -18.78 -3.90
N SER G 383 2.79 -17.68 -3.35
CA SER G 383 2.21 -17.05 -2.17
C SER G 383 0.87 -16.39 -2.44
N SER G 384 0.54 -16.13 -3.71
CA SER G 384 -0.72 -15.51 -4.08
C SER G 384 -1.91 -16.46 -3.87
N ALA G 385 -3.09 -15.92 -4.08
CA ALA G 385 -4.31 -16.71 -4.01
C ALA G 385 -4.77 -17.20 -5.37
N HIS G 386 -4.64 -16.37 -6.40
CA HIS G 386 -5.28 -16.60 -7.69
C HIS G 386 -4.32 -16.61 -8.87
N TYR G 387 -3.02 -16.45 -8.66
CA TYR G 387 -2.06 -16.55 -9.75
C TYR G 387 -0.89 -17.42 -9.34
N ARG G 388 -1.20 -18.63 -8.89
CA ARG G 388 -0.24 -19.44 -8.17
C ARG G 388 0.72 -20.19 -9.08
N SER G 389 0.35 -20.36 -10.35
CA SER G 389 1.25 -20.89 -11.37
C SER G 389 0.97 -20.15 -12.66
N ALA G 390 1.81 -20.39 -13.68
CA ALA G 390 1.68 -19.68 -14.96
C ALA G 390 0.77 -20.50 -15.85
N TYR G 391 -0.52 -20.31 -15.74
CA TYR G 391 -1.47 -21.15 -16.45
C TYR G 391 -1.96 -20.44 -17.70
N HIS G 392 -2.66 -21.22 -18.52
CA HIS G 392 -3.27 -20.75 -19.77
C HIS G 392 -4.01 -19.43 -19.54
N ILE G 393 -3.82 -18.49 -20.49
CA ILE G 393 -4.47 -17.18 -20.65
C ILE G 393 -3.77 -16.07 -19.87
N LEU G 394 -3.09 -16.42 -18.78
CA LEU G 394 -2.56 -15.38 -17.90
C LEU G 394 -1.60 -14.44 -18.63
N ASP G 395 -0.83 -14.97 -19.59
CA ASP G 395 0.13 -14.13 -20.28
C ASP G 395 -0.54 -12.98 -21.01
N MET G 396 -1.78 -13.18 -21.47
CA MET G 396 -2.48 -12.11 -22.19
C MET G 396 -2.67 -10.90 -21.30
N VAL G 397 -2.83 -11.12 -19.98
CA VAL G 397 -2.92 -10.00 -19.05
C VAL G 397 -1.72 -9.08 -19.25
N PHE G 398 -0.53 -9.66 -19.39
CA PHE G 398 0.69 -8.88 -19.49
C PHE G 398 0.90 -8.30 -20.88
N TRP G 399 0.47 -9.01 -21.94
CA TRP G 399 0.72 -8.52 -23.29
C TRP G 399 0.03 -7.18 -23.55
N PHE G 400 -1.17 -6.99 -23.00
CA PHE G 400 -1.89 -5.75 -23.26
C PHE G 400 -1.83 -4.79 -22.07
N GLY G 401 -1.04 -5.13 -21.05
CA GLY G 401 -0.84 -4.28 -19.89
C GLY G 401 -2.10 -4.06 -19.07
N ASN G 402 -2.92 -5.09 -18.91
CA ASN G 402 -4.18 -4.98 -18.15
C ASN G 402 -3.98 -5.48 -16.71
N LEU G 403 -3.01 -4.90 -16.01
CA LEU G 403 -2.66 -5.35 -14.67
C LEU G 403 -3.82 -5.17 -13.69
N GLN G 404 -4.72 -4.24 -13.96
CA GLN G 404 -5.87 -4.07 -13.08
C GLN G 404 -6.67 -5.34 -12.95
N ILE G 405 -6.56 -6.29 -13.89
CA ILE G 405 -7.21 -7.59 -13.67
C ILE G 405 -6.56 -8.31 -12.49
N LEU G 406 -5.24 -8.24 -12.37
CA LEU G 406 -4.57 -8.90 -11.25
C LEU G 406 -4.93 -8.24 -9.93
N ALA G 407 -5.01 -6.90 -9.91
CA ALA G 407 -5.34 -6.16 -8.70
C ALA G 407 -6.78 -6.35 -8.28
N ALA G 408 -7.66 -6.76 -9.21
CA ALA G 408 -9.04 -7.04 -8.82
C ALA G 408 -9.22 -8.41 -8.22
N HIS G 409 -8.20 -9.25 -8.21
CA HIS G 409 -8.26 -10.58 -7.59
C HIS G 409 -7.12 -10.74 -6.61
N GLN G 410 -6.90 -9.70 -5.79
CA GLN G 410 -6.06 -9.70 -4.60
C GLN G 410 -4.58 -9.74 -4.90
N TYR G 411 -4.17 -9.42 -6.13
CA TYR G 411 -2.76 -9.28 -6.45
C TYR G 411 -2.54 -7.85 -6.94
N PRO G 412 -2.31 -6.91 -6.03
CA PRO G 412 -2.06 -5.53 -6.46
C PRO G 412 -0.83 -5.42 -7.36
N THR G 413 -0.76 -4.30 -8.05
CA THR G 413 0.34 -4.03 -8.98
C THR G 413 1.62 -3.77 -8.21
N THR G 414 2.75 -4.28 -8.73
CA THR G 414 4.07 -4.02 -8.16
C THR G 414 5.03 -3.57 -9.27
N ALA G 415 6.25 -3.19 -8.85
CA ALA G 415 7.24 -2.68 -9.78
C ALA G 415 7.66 -3.76 -10.77
N HIS G 416 7.87 -4.98 -10.29
CA HIS G 416 8.28 -6.05 -11.18
C HIS G 416 7.19 -6.37 -12.19
N LEU G 417 5.92 -6.41 -11.75
CA LEU G 417 4.83 -6.64 -12.69
C LEU G 417 4.76 -5.56 -13.75
N LYS G 418 4.89 -4.31 -13.32
CA LYS G 418 4.86 -3.18 -14.23
C LYS G 418 5.95 -3.27 -15.26
N PHE G 419 7.19 -3.53 -14.85
CA PHE G 419 8.32 -3.55 -15.78
C PHE G 419 8.24 -4.76 -16.69
N LEU G 420 7.59 -5.84 -16.24
CA LEU G 420 7.51 -7.06 -17.04
C LEU G 420 6.44 -6.94 -18.10
N SER G 421 5.26 -6.45 -17.73
CA SER G 421 4.24 -6.18 -18.74
C SER G 421 4.76 -5.18 -19.78
N ARG G 422 5.34 -4.06 -19.32
CA ARG G 422 5.80 -3.05 -20.26
C ARG G 422 6.90 -3.59 -21.18
N GLN G 423 7.72 -4.52 -20.71
CA GLN G 423 8.70 -5.10 -21.61
C GLN G 423 8.03 -6.08 -22.59
N MET G 424 7.00 -6.82 -22.13
CA MET G 424 6.33 -7.74 -23.05
C MET G 424 5.56 -6.94 -24.08
N GLN G 425 4.96 -5.82 -23.64
CA GLN G 425 4.35 -4.89 -24.59
C GLN G 425 5.39 -4.39 -25.58
N ASN G 426 6.60 -4.09 -25.10
CA ASN G 426 7.66 -3.56 -25.95
C ASN G 426 8.06 -4.58 -27.02
N ASP G 427 8.38 -5.80 -26.60
CA ASP G 427 8.74 -6.91 -27.47
C ASP G 427 7.66 -7.16 -28.51
N LEU G 428 6.39 -7.17 -28.08
CA LEU G 428 5.29 -7.36 -29.02
C LEU G 428 5.27 -6.26 -30.07
N ALA G 429 5.34 -4.98 -29.63
CA ALA G 429 5.26 -3.87 -30.56
C ALA G 429 6.49 -3.82 -31.47
N ASN G 430 7.68 -4.07 -30.91
CA ASN G 430 8.89 -4.10 -31.72
C ASN G 430 8.96 -5.32 -32.63
N PHE G 431 8.26 -6.40 -32.28
CA PHE G 431 8.14 -7.52 -33.21
C PHE G 431 7.24 -7.17 -34.38
N ALA G 432 6.11 -6.48 -34.13
CA ALA G 432 5.29 -6.01 -35.23
C ALA G 432 6.08 -5.07 -36.13
N LYS G 433 6.93 -4.23 -35.53
CA LYS G 433 7.66 -3.24 -36.31
C LYS G 433 8.76 -3.86 -37.15
N SER G 434 9.47 -4.85 -36.61
CA SER G 434 10.77 -5.25 -37.18
C SER G 434 10.89 -6.73 -37.49
N GLY G 435 9.99 -7.58 -37.01
CA GLY G 435 10.10 -8.99 -37.29
C GLY G 435 11.10 -9.74 -36.43
N LYS G 436 11.74 -9.08 -35.48
CA LYS G 436 12.70 -9.75 -34.60
C LYS G 436 12.34 -9.55 -33.13
N MET G 437 12.80 -10.49 -32.32
CA MET G 437 12.75 -10.58 -30.88
C MET G 437 14.16 -10.44 -30.32
N PRO G 438 14.35 -9.77 -29.13
CA PRO G 438 15.69 -9.57 -28.58
C PRO G 438 16.26 -10.79 -27.85
N TRP G 439 16.11 -11.95 -28.45
CA TRP G 439 16.73 -13.17 -27.94
C TRP G 439 17.01 -14.08 -29.13
N PRO G 440 17.82 -15.13 -28.95
CA PRO G 440 18.21 -15.94 -30.11
C PRO G 440 17.01 -16.62 -30.76
N MET G 441 17.13 -16.80 -32.07
CA MET G 441 16.14 -17.52 -32.86
C MET G 441 15.99 -18.97 -32.38
N TYR G 442 14.80 -19.51 -32.59
CA TYR G 442 14.57 -20.92 -32.30
C TYR G 442 15.08 -21.76 -33.47
N HIS G 443 16.11 -22.55 -33.23
CA HIS G 443 16.62 -23.50 -34.21
C HIS G 443 16.73 -24.86 -33.55
N ASN G 444 16.59 -25.91 -34.37
CA ASN G 444 16.38 -27.24 -33.82
C ASN G 444 17.58 -27.78 -33.07
N GLU G 445 18.76 -27.21 -33.27
CA GLU G 445 19.98 -27.71 -32.62
C GLU G 445 19.97 -27.34 -31.14
N ARG G 446 20.03 -26.05 -30.82
CA ARG G 446 20.13 -25.60 -29.43
C ARG G 446 18.76 -25.34 -28.81
N ARG G 447 17.77 -24.93 -29.60
CA ARG G 447 16.39 -24.79 -29.14
C ARG G 447 16.24 -23.70 -28.08
N TYR G 448 16.90 -22.57 -28.29
CA TYR G 448 16.84 -21.48 -27.33
C TYR G 448 15.43 -20.91 -27.24
N TYR G 449 15.05 -20.47 -26.04
CA TYR G 449 13.81 -19.71 -25.85
C TYR G 449 13.96 -18.70 -24.71
N ARG G 450 13.17 -17.63 -24.80
CA ARG G 450 13.03 -16.66 -23.71
C ARG G 450 12.02 -17.18 -22.67
N THR G 451 12.32 -16.96 -21.39
CA THR G 451 11.39 -17.23 -20.30
C THR G 451 11.04 -15.91 -19.61
N TYR G 452 9.81 -15.47 -19.78
CA TYR G 452 9.32 -14.26 -19.11
C TYR G 452 8.97 -14.60 -17.65
N GLN G 453 9.46 -13.80 -16.72
CA GLN G 453 9.24 -14.11 -15.30
C GLN G 453 9.62 -12.91 -14.44
#